data_2K7W
#
_entry.id   2K7W
#
loop_
_entity.id
_entity.type
_entity.pdbx_description
1 polymer 'Apoptosis regulator BAX'
2 polymer 'Bcl-2-like protein 11'
#
loop_
_entity_poly.entity_id
_entity_poly.type
_entity_poly.pdbx_seq_one_letter_code
_entity_poly.pdbx_strand_id
1 'polypeptide(L)'
;MDGSGEQPRGGGPTSSEQIMKTGALLLQGFIQDRAGRMGGEAPELALDPVPQDASTKKLSECLKRIGDELDSNMELQRMI
AAVDTDSPREVFFRVAADMFSDGNFNWGRVVALFYFASKLVLKALCTKVPELIRTIMGWTLDFLRERLLGWIQDQGGWDG
LLSYFGTPTWQTVTIFVAGVLTASLTIWKKMG
;
A
2 'polypeptide(L)' EIWIAQELRRIGDEFNAYYA B
#
# COMPACT_ATOMS: atom_id res chain seq x y z
N MET A 1 -9.65 28.68 26.04
CA MET A 1 -9.25 28.04 27.31
C MET A 1 -8.41 26.79 27.06
N ASP A 2 -8.94 25.88 26.26
CA ASP A 2 -8.24 24.64 25.94
C ASP A 2 -6.92 24.91 25.22
N GLY A 3 -6.94 25.87 24.31
CA GLY A 3 -5.74 26.22 23.57
C GLY A 3 -4.77 27.00 24.44
N SER A 4 -5.31 27.74 25.39
CA SER A 4 -4.51 28.53 26.30
C SER A 4 -3.82 27.62 27.32
N GLY A 5 -4.25 26.36 27.38
CA GLY A 5 -3.67 25.40 28.29
C GLY A 5 -2.29 24.97 27.84
N GLU A 6 -1.53 24.42 28.77
CA GLU A 6 -0.17 23.96 28.48
C GLU A 6 -0.16 22.74 27.58
N GLN A 7 0.45 22.88 26.42
CA GLN A 7 0.55 21.80 25.45
C GLN A 7 1.98 21.67 24.94
N PRO A 8 2.57 20.48 25.09
CA PRO A 8 3.95 20.22 24.65
C PRO A 8 4.06 20.11 23.12
N ARG A 9 4.27 21.26 22.47
CA ARG A 9 4.43 21.34 21.01
C ARG A 9 3.10 21.13 20.28
N GLY A 10 2.47 20.01 20.53
CA GLY A 10 1.20 19.70 19.89
C GLY A 10 0.22 19.10 20.87
N GLY A 11 -0.70 18.30 20.36
CA GLY A 11 -1.69 17.67 21.21
C GLY A 11 -1.79 16.18 20.97
N GLY A 12 -2.85 15.58 21.50
CA GLY A 12 -3.06 14.16 21.33
C GLY A 12 -4.49 13.85 20.95
N PRO A 13 -4.90 14.14 19.71
CA PRO A 13 -6.25 13.89 19.24
C PRO A 13 -6.40 12.46 18.73
N THR A 14 -7.64 12.05 18.49
CA THR A 14 -7.94 10.71 18.01
C THR A 14 -7.32 10.49 16.62
N SER A 15 -6.40 9.55 16.54
CA SER A 15 -5.74 9.24 15.28
C SER A 15 -6.17 7.88 14.75
N SER A 16 -7.12 7.26 15.44
CA SER A 16 -7.62 5.94 15.05
C SER A 16 -8.19 5.94 13.64
N GLU A 17 -9.24 6.73 13.41
CA GLU A 17 -9.85 6.82 12.10
C GLU A 17 -8.97 7.64 11.18
N GLN A 18 -8.20 8.55 11.77
CA GLN A 18 -7.28 9.40 11.02
C GLN A 18 -6.30 8.56 10.21
N ILE A 19 -5.70 7.58 10.86
CA ILE A 19 -4.74 6.68 10.21
C ILE A 19 -5.41 5.94 9.05
N MET A 20 -6.64 5.47 9.29
CA MET A 20 -7.40 4.76 8.28
C MET A 20 -7.62 5.64 7.07
N LYS A 21 -8.00 6.89 7.31
CA LYS A 21 -8.24 7.86 6.25
C LYS A 21 -6.95 8.13 5.48
N THR A 22 -5.83 8.14 6.18
CA THR A 22 -4.53 8.39 5.56
C THR A 22 -4.19 7.25 4.60
N GLY A 23 -4.56 6.03 4.97
CA GLY A 23 -4.30 4.88 4.14
C GLY A 23 -4.99 4.97 2.79
N ALA A 24 -6.23 5.45 2.81
CA ALA A 24 -7.01 5.60 1.59
C ALA A 24 -6.36 6.63 0.66
N LEU A 25 -5.76 7.66 1.27
CA LEU A 25 -5.09 8.70 0.52
C LEU A 25 -3.76 8.21 -0.05
N LEU A 26 -3.03 7.46 0.78
CA LEU A 26 -1.74 6.90 0.40
C LEU A 26 -1.88 5.99 -0.82
N LEU A 27 -2.87 5.12 -0.79
CA LEU A 27 -3.11 4.20 -1.90
C LEU A 27 -3.41 4.96 -3.20
N GLN A 28 -4.14 6.07 -3.07
CA GLN A 28 -4.47 6.88 -4.24
C GLN A 28 -3.22 7.44 -4.89
N GLY A 29 -2.40 8.12 -4.11
CA GLY A 29 -1.18 8.71 -4.61
C GLY A 29 -0.27 7.72 -5.32
N PHE A 30 -0.06 6.57 -4.68
CA PHE A 30 0.80 5.53 -5.25
C PHE A 30 0.25 5.01 -6.58
N ILE A 31 -1.06 4.80 -6.65
CA ILE A 31 -1.69 4.32 -7.87
C ILE A 31 -1.71 5.37 -8.96
N GLN A 32 -2.14 6.59 -8.62
CA GLN A 32 -2.22 7.69 -9.57
C GLN A 32 -0.86 7.97 -10.22
N ASP A 33 0.18 7.97 -9.40
CA ASP A 33 1.54 8.25 -9.88
C ASP A 33 2.01 7.23 -10.91
N ARG A 34 1.73 5.96 -10.66
CA ARG A 34 2.15 4.89 -11.56
C ARG A 34 1.20 4.73 -12.73
N ALA A 35 -0.05 5.13 -12.55
CA ALA A 35 -1.05 5.03 -13.62
C ALA A 35 -0.74 6.00 -14.76
N GLY A 36 0.00 7.05 -14.44
CA GLY A 36 0.36 8.04 -15.44
C GLY A 36 1.22 7.47 -16.55
N ARG A 37 1.82 6.30 -16.30
CA ARG A 37 2.66 5.65 -17.29
C ARG A 37 1.83 5.00 -18.40
N MET A 38 0.51 5.03 -18.23
CA MET A 38 -0.39 4.44 -19.22
C MET A 38 -0.94 5.52 -20.16
N GLY A 39 -0.77 6.78 -19.76
CA GLY A 39 -1.26 7.87 -20.57
C GLY A 39 -2.53 8.47 -19.99
N GLY A 40 -3.66 8.15 -20.61
CA GLY A 40 -4.93 8.67 -20.14
C GLY A 40 -6.02 8.52 -21.17
N GLU A 41 -6.92 9.50 -21.22
CA GLU A 41 -8.04 9.47 -22.15
C GLU A 41 -8.43 10.90 -22.55
N ALA A 42 -7.42 11.74 -22.74
CA ALA A 42 -7.63 13.14 -23.12
C ALA A 42 -8.34 13.92 -22.02
N PRO A 43 -7.56 14.51 -21.09
CA PRO A 43 -8.12 15.29 -19.99
C PRO A 43 -8.57 16.68 -20.44
N GLU A 44 -9.82 16.78 -20.84
CA GLU A 44 -10.39 18.03 -21.28
C GLU A 44 -10.77 18.86 -20.07
N LEU A 45 -11.25 18.17 -19.04
CA LEU A 45 -11.65 18.82 -17.79
C LEU A 45 -10.69 18.44 -16.67
N ALA A 46 -10.98 17.30 -16.04
CA ALA A 46 -10.16 16.76 -14.94
C ALA A 46 -10.21 17.63 -13.68
N LEU A 47 -10.00 17.01 -12.54
CA LEU A 47 -10.02 17.72 -11.28
C LEU A 47 -8.63 17.73 -10.64
N ASP A 48 -7.97 18.87 -10.69
CA ASP A 48 -6.63 18.99 -10.11
C ASP A 48 -6.60 20.07 -9.05
N PRO A 49 -6.88 19.70 -7.79
CA PRO A 49 -6.88 20.64 -6.68
C PRO A 49 -5.48 20.83 -6.09
N VAL A 50 -4.51 20.09 -6.64
CA VAL A 50 -3.12 20.13 -6.18
C VAL A 50 -2.98 19.59 -4.76
N PRO A 51 -2.27 18.46 -4.61
CA PRO A 51 -2.04 17.84 -3.30
C PRO A 51 -1.46 18.82 -2.29
N GLN A 52 -2.29 19.22 -1.32
CA GLN A 52 -1.89 20.17 -0.28
C GLN A 52 -1.01 19.49 0.76
N ASP A 53 -1.37 18.27 1.12
CA ASP A 53 -0.62 17.51 2.12
C ASP A 53 0.74 17.07 1.59
N ALA A 54 1.77 17.25 2.42
CA ALA A 54 3.12 16.88 2.06
C ALA A 54 3.50 15.53 2.67
N SER A 55 2.76 15.11 3.68
CA SER A 55 3.00 13.85 4.36
C SER A 55 2.86 12.67 3.40
N THR A 56 1.69 12.55 2.79
CA THR A 56 1.42 11.49 1.84
C THR A 56 2.31 11.63 0.61
N LYS A 57 2.60 12.88 0.26
CA LYS A 57 3.44 13.18 -0.89
C LYS A 57 4.84 12.59 -0.69
N LYS A 58 5.42 12.84 0.48
CA LYS A 58 6.75 12.33 0.80
C LYS A 58 6.74 10.81 0.88
N LEU A 59 5.71 10.25 1.51
CA LEU A 59 5.59 8.80 1.64
C LEU A 59 5.49 8.12 0.29
N SER A 60 4.69 8.69 -0.60
CA SER A 60 4.51 8.14 -1.93
C SER A 60 5.81 8.24 -2.73
N GLU A 61 6.60 9.26 -2.43
CA GLU A 61 7.88 9.47 -3.11
C GLU A 61 8.81 8.29 -2.87
N CYS A 62 9.08 7.99 -1.60
CA CYS A 62 9.96 6.88 -1.25
C CYS A 62 9.41 5.55 -1.73
N LEU A 63 8.10 5.36 -1.59
CA LEU A 63 7.45 4.12 -2.03
C LEU A 63 7.59 3.94 -3.53
N LYS A 64 7.36 5.02 -4.27
CA LYS A 64 7.44 4.99 -5.72
C LYS A 64 8.85 4.66 -6.20
N ARG A 65 9.85 5.33 -5.66
CA ARG A 65 11.23 5.11 -6.06
C ARG A 65 11.70 3.70 -5.71
N ILE A 66 11.36 3.24 -4.50
CA ILE A 66 11.75 1.90 -4.06
C ILE A 66 11.05 0.85 -4.90
N GLY A 67 9.75 1.02 -5.12
CA GLY A 67 9.00 0.08 -5.92
C GLY A 67 9.51 0.01 -7.34
N ASP A 68 9.90 1.17 -7.86
CA ASP A 68 10.44 1.26 -9.22
C ASP A 68 11.80 0.57 -9.30
N GLU A 69 12.59 0.72 -8.24
CA GLU A 69 13.91 0.11 -8.17
C GLU A 69 13.81 -1.41 -8.01
N LEU A 70 12.72 -1.87 -7.42
CA LEU A 70 12.50 -3.30 -7.21
C LEU A 70 12.06 -3.99 -8.50
N ASP A 71 12.07 -3.25 -9.61
CA ASP A 71 11.70 -3.81 -10.89
C ASP A 71 12.95 -3.99 -11.75
N SER A 72 14.08 -3.56 -11.23
CA SER A 72 15.36 -3.69 -11.94
C SER A 72 15.78 -5.15 -12.03
N ASN A 73 15.48 -5.89 -10.97
CA ASN A 73 15.81 -7.31 -10.92
C ASN A 73 14.87 -8.12 -11.79
N MET A 74 15.33 -8.45 -12.99
CA MET A 74 14.54 -9.22 -13.94
C MET A 74 14.24 -10.61 -13.42
N GLU A 75 15.06 -11.09 -12.48
CA GLU A 75 14.86 -12.40 -11.89
C GLU A 75 13.51 -12.46 -11.19
N LEU A 76 13.34 -11.59 -10.19
CA LEU A 76 12.09 -11.51 -9.44
C LEU A 76 10.95 -11.03 -10.33
N GLN A 77 11.29 -10.19 -11.31
CA GLN A 77 10.29 -9.66 -12.23
C GLN A 77 9.61 -10.79 -13.01
N ARG A 78 10.41 -11.70 -13.54
CA ARG A 78 9.89 -12.83 -14.31
C ARG A 78 9.13 -13.78 -13.39
N MET A 79 9.53 -13.82 -12.12
CA MET A 79 8.87 -14.67 -11.13
C MET A 79 7.44 -14.22 -10.91
N ILE A 80 7.23 -12.91 -10.91
CA ILE A 80 5.90 -12.34 -10.74
C ILE A 80 5.06 -12.63 -11.97
N ALA A 81 5.71 -12.62 -13.13
CA ALA A 81 5.02 -12.89 -14.40
C ALA A 81 4.67 -14.36 -14.53
N ALA A 82 5.11 -15.16 -13.56
CA ALA A 82 4.82 -16.59 -13.55
C ALA A 82 3.80 -16.92 -12.47
N VAL A 83 3.04 -15.91 -12.07
CA VAL A 83 2.01 -16.08 -11.05
C VAL A 83 0.72 -16.59 -11.69
N ASP A 84 -0.18 -17.13 -10.88
CA ASP A 84 -1.44 -17.65 -11.40
C ASP A 84 -2.58 -16.71 -11.06
N THR A 85 -2.99 -15.91 -12.02
CA THR A 85 -4.07 -14.95 -11.82
C THR A 85 -5.43 -15.61 -12.00
N ASP A 86 -5.67 -16.66 -11.23
CA ASP A 86 -6.93 -17.38 -11.28
C ASP A 86 -7.86 -16.88 -10.19
N SER A 87 -7.35 -16.86 -8.97
CA SER A 87 -8.11 -16.40 -7.81
C SER A 87 -7.44 -15.19 -7.17
N PRO A 88 -7.86 -13.97 -7.58
CA PRO A 88 -7.29 -12.72 -7.05
C PRO A 88 -7.39 -12.58 -5.54
N ARG A 89 -8.57 -12.84 -4.99
CA ARG A 89 -8.77 -12.72 -3.55
C ARG A 89 -7.96 -13.77 -2.78
N GLU A 90 -7.96 -15.00 -3.28
CA GLU A 90 -7.23 -16.09 -2.64
C GLU A 90 -5.73 -15.83 -2.62
N VAL A 91 -5.19 -15.34 -3.74
CA VAL A 91 -3.77 -15.04 -3.83
C VAL A 91 -3.40 -13.98 -2.80
N PHE A 92 -4.20 -12.92 -2.76
CA PHE A 92 -3.97 -11.82 -1.83
C PHE A 92 -4.12 -12.28 -0.38
N PHE A 93 -5.15 -13.08 -0.12
CA PHE A 93 -5.41 -13.58 1.22
C PHE A 93 -4.26 -14.48 1.70
N ARG A 94 -3.75 -15.31 0.79
CA ARG A 94 -2.64 -16.20 1.12
C ARG A 94 -1.42 -15.43 1.57
N VAL A 95 -0.95 -14.50 0.74
CA VAL A 95 0.23 -13.71 1.06
C VAL A 95 0.00 -12.82 2.29
N ALA A 96 -1.25 -12.49 2.55
CA ALA A 96 -1.60 -11.67 3.70
C ALA A 96 -1.43 -12.47 4.98
N ALA A 97 -1.90 -13.71 4.97
CA ALA A 97 -1.82 -14.58 6.12
C ALA A 97 -0.43 -15.21 6.24
N ASP A 98 0.19 -15.47 5.09
CA ASP A 98 1.53 -16.08 5.05
C ASP A 98 2.52 -15.33 5.92
N MET A 99 2.61 -14.02 5.70
CA MET A 99 3.53 -13.18 6.47
C MET A 99 2.93 -12.77 7.81
N PHE A 100 1.86 -13.44 8.22
CA PHE A 100 1.20 -13.14 9.48
C PHE A 100 1.29 -14.32 10.45
N SER A 101 1.44 -15.52 9.90
CA SER A 101 1.53 -16.75 10.69
C SER A 101 2.60 -16.66 11.77
N ASP A 102 3.76 -16.14 11.41
CA ASP A 102 4.88 -16.01 12.36
C ASP A 102 4.67 -14.85 13.32
N GLY A 103 3.88 -13.87 12.90
CA GLY A 103 3.61 -12.72 13.74
C GLY A 103 4.83 -11.81 13.85
N ASN A 104 5.69 -11.87 12.84
CA ASN A 104 6.90 -11.06 12.81
C ASN A 104 6.60 -9.61 12.43
N PHE A 105 6.72 -8.72 13.40
CA PHE A 105 6.48 -7.31 13.18
C PHE A 105 7.75 -6.62 12.69
N ASN A 106 8.29 -7.13 11.60
CA ASN A 106 9.52 -6.62 11.02
C ASN A 106 9.28 -5.41 10.11
N TRP A 107 8.00 -5.05 9.95
CA TRP A 107 7.59 -3.91 9.11
C TRP A 107 7.74 -4.20 7.61
N GLY A 108 8.80 -4.92 7.26
CA GLY A 108 9.06 -5.28 5.87
C GLY A 108 7.91 -6.04 5.23
N ARG A 109 7.18 -6.80 6.03
CA ARG A 109 6.04 -7.57 5.53
C ARG A 109 4.94 -6.66 4.98
N VAL A 110 5.00 -5.38 5.33
CA VAL A 110 4.01 -4.42 4.87
C VAL A 110 4.46 -3.79 3.55
N VAL A 111 5.70 -3.32 3.50
CA VAL A 111 6.24 -2.71 2.29
C VAL A 111 6.32 -3.72 1.15
N ALA A 112 6.59 -4.98 1.49
CA ALA A 112 6.66 -6.04 0.49
C ALA A 112 5.28 -6.29 -0.09
N LEU A 113 4.26 -6.20 0.77
CA LEU A 113 2.88 -6.39 0.34
C LEU A 113 2.47 -5.27 -0.61
N PHE A 114 2.97 -4.07 -0.35
CA PHE A 114 2.66 -2.92 -1.19
C PHE A 114 3.17 -3.12 -2.61
N TYR A 115 4.38 -3.69 -2.73
CA TYR A 115 4.97 -3.94 -4.04
C TYR A 115 4.19 -5.01 -4.78
N PHE A 116 3.73 -6.01 -4.05
CA PHE A 116 2.96 -7.10 -4.62
C PHE A 116 1.59 -6.58 -5.09
N ALA A 117 0.97 -5.77 -4.25
CA ALA A 117 -0.33 -5.19 -4.56
C ALA A 117 -0.27 -4.29 -5.80
N SER A 118 0.72 -3.42 -5.84
CA SER A 118 0.88 -2.49 -6.96
C SER A 118 1.11 -3.25 -8.27
N LYS A 119 1.84 -4.36 -8.19
CA LYS A 119 2.13 -5.17 -9.36
C LYS A 119 0.82 -5.74 -9.92
N LEU A 120 -0.07 -6.15 -9.02
CA LEU A 120 -1.37 -6.69 -9.41
C LEU A 120 -2.24 -5.59 -10.00
N VAL A 121 -2.19 -4.42 -9.36
CA VAL A 121 -2.97 -3.27 -9.83
C VAL A 121 -2.53 -2.87 -11.23
N LEU A 122 -1.23 -2.80 -11.44
CA LEU A 122 -0.67 -2.45 -12.74
C LEU A 122 -1.08 -3.47 -13.79
N LYS A 123 -1.05 -4.75 -13.41
CA LYS A 123 -1.42 -5.83 -14.30
C LYS A 123 -2.89 -5.68 -14.74
N ALA A 124 -3.76 -5.47 -13.75
CA ALA A 124 -5.19 -5.31 -14.01
C ALA A 124 -5.44 -4.06 -14.83
N LEU A 125 -4.64 -3.02 -14.60
CA LEU A 125 -4.76 -1.77 -15.33
C LEU A 125 -4.44 -1.99 -16.81
N CYS A 126 -3.50 -2.89 -17.07
CA CYS A 126 -3.11 -3.22 -18.43
C CYS A 126 -4.19 -4.05 -19.12
N THR A 127 -5.16 -4.51 -18.35
CA THR A 127 -6.26 -5.31 -18.88
C THR A 127 -7.48 -4.42 -19.13
N LYS A 128 -7.32 -3.13 -18.79
CA LYS A 128 -8.37 -2.14 -18.95
C LYS A 128 -9.62 -2.49 -18.14
N VAL A 129 -9.44 -2.76 -16.85
CA VAL A 129 -10.55 -3.08 -15.96
C VAL A 129 -10.48 -2.27 -14.67
N PRO A 130 -11.07 -1.07 -14.67
CA PRO A 130 -11.08 -0.16 -13.52
C PRO A 130 -11.81 -0.76 -12.31
N GLU A 131 -12.80 -1.61 -12.60
CA GLU A 131 -13.59 -2.25 -11.55
C GLU A 131 -12.67 -3.02 -10.60
N LEU A 132 -11.87 -3.92 -11.14
CA LEU A 132 -10.96 -4.74 -10.35
C LEU A 132 -9.96 -3.87 -9.58
N ILE A 133 -9.57 -2.74 -10.18
CA ILE A 133 -8.63 -1.82 -9.53
C ILE A 133 -9.20 -1.34 -8.20
N ARG A 134 -10.49 -1.12 -8.17
CA ARG A 134 -11.16 -0.65 -6.96
C ARG A 134 -11.32 -1.80 -5.97
N THR A 135 -11.45 -3.01 -6.49
CA THR A 135 -11.61 -4.20 -5.64
C THR A 135 -10.31 -4.49 -4.88
N ILE A 136 -9.19 -4.46 -5.59
CA ILE A 136 -7.88 -4.71 -4.97
C ILE A 136 -7.62 -3.71 -3.86
N MET A 137 -7.95 -2.45 -4.11
CA MET A 137 -7.77 -1.39 -3.12
C MET A 137 -8.61 -1.69 -1.88
N GLY A 138 -9.83 -2.17 -2.10
CA GLY A 138 -10.71 -2.51 -0.99
C GLY A 138 -10.14 -3.63 -0.15
N TRP A 139 -9.49 -4.59 -0.82
CA TRP A 139 -8.87 -5.72 -0.14
C TRP A 139 -7.66 -5.27 0.68
N THR A 140 -6.91 -4.34 0.12
CA THR A 140 -5.72 -3.82 0.78
C THR A 140 -6.11 -3.13 2.08
N LEU A 141 -7.16 -2.32 2.02
CA LEU A 141 -7.64 -1.62 3.20
C LEU A 141 -8.37 -2.58 4.14
N ASP A 142 -8.99 -3.61 3.56
CA ASP A 142 -9.73 -4.62 4.33
C ASP A 142 -8.83 -5.23 5.40
N PHE A 143 -7.68 -5.75 4.96
CA PHE A 143 -6.73 -6.36 5.88
C PHE A 143 -6.16 -5.33 6.85
N LEU A 144 -6.10 -4.08 6.40
CA LEU A 144 -5.59 -2.99 7.22
C LEU A 144 -6.53 -2.74 8.40
N ARG A 145 -7.83 -2.64 8.12
CA ARG A 145 -8.81 -2.42 9.17
C ARG A 145 -8.95 -3.67 10.04
N GLU A 146 -8.75 -4.83 9.41
CA GLU A 146 -8.85 -6.10 10.12
C GLU A 146 -7.90 -6.18 11.30
N ARG A 147 -6.60 -6.06 11.06
CA ARG A 147 -5.61 -6.15 12.15
C ARG A 147 -4.54 -5.07 12.11
N LEU A 148 -4.11 -4.69 10.91
CA LEU A 148 -3.05 -3.70 10.73
C LEU A 148 -3.24 -2.41 11.52
N LEU A 149 -4.47 -1.90 11.54
CA LEU A 149 -4.79 -0.66 12.25
C LEU A 149 -4.35 -0.72 13.72
N GLY A 150 -4.48 -1.88 14.34
CA GLY A 150 -4.11 -2.05 15.73
C GLY A 150 -2.62 -1.87 15.97
N TRP A 151 -1.82 -2.24 14.98
CA TRP A 151 -0.37 -2.12 15.10
C TRP A 151 0.09 -0.71 14.75
N ILE A 152 -0.58 -0.08 13.80
CA ILE A 152 -0.23 1.28 13.39
C ILE A 152 -0.57 2.28 14.48
N GLN A 153 -1.67 2.07 15.17
CA GLN A 153 -2.08 2.97 16.25
C GLN A 153 -1.09 2.89 17.41
N ASP A 154 -0.67 1.67 17.73
CA ASP A 154 0.26 1.44 18.83
C ASP A 154 1.59 2.19 18.64
N GLN A 155 2.10 2.18 17.43
CA GLN A 155 3.37 2.83 17.13
C GLN A 155 3.24 4.35 16.96
N GLY A 156 2.06 4.88 17.24
CA GLY A 156 1.85 6.31 17.13
C GLY A 156 1.67 6.78 15.71
N GLY A 157 0.89 6.05 14.94
CA GLY A 157 0.64 6.42 13.57
C GLY A 157 1.71 5.89 12.62
N TRP A 158 1.97 6.63 11.56
CA TRP A 158 2.97 6.22 10.57
C TRP A 158 4.37 6.65 11.00
N ASP A 159 4.53 6.98 12.28
CA ASP A 159 5.82 7.38 12.82
C ASP A 159 6.82 6.23 12.69
N GLY A 160 6.33 5.02 12.87
CA GLY A 160 7.18 3.84 12.77
C GLY A 160 7.73 3.69 11.36
N LEU A 161 6.87 3.94 10.38
CA LEU A 161 7.25 3.84 8.98
C LEU A 161 8.28 4.92 8.64
N LEU A 162 8.06 6.12 9.15
CA LEU A 162 8.96 7.24 8.92
C LEU A 162 10.33 6.99 9.57
N SER A 163 10.35 6.14 10.58
CA SER A 163 11.59 5.82 11.29
C SER A 163 12.23 4.56 10.71
N TYR A 164 11.44 3.78 9.99
CA TYR A 164 11.93 2.54 9.39
C TYR A 164 12.74 2.85 8.13
N PHE A 165 12.48 4.02 7.55
CA PHE A 165 13.19 4.45 6.35
C PHE A 165 14.64 4.78 6.69
N GLY A 166 15.52 3.83 6.43
CA GLY A 166 16.93 4.03 6.71
C GLY A 166 17.73 4.31 5.46
N THR A 167 19.03 4.07 5.52
CA THR A 167 19.90 4.30 4.38
C THR A 167 21.13 3.37 4.40
N PRO A 168 21.92 3.36 5.50
CA PRO A 168 23.10 2.50 5.60
C PRO A 168 22.74 1.02 5.51
N THR A 169 23.50 0.28 4.71
CA THR A 169 23.29 -1.15 4.52
C THR A 169 21.91 -1.44 3.91
N TRP A 170 21.43 -0.53 3.08
CA TRP A 170 20.13 -0.67 2.44
C TRP A 170 20.09 -1.88 1.50
N GLN A 171 21.27 -2.31 1.08
CA GLN A 171 21.40 -3.46 0.18
C GLN A 171 20.82 -4.71 0.83
N THR A 172 21.14 -4.92 2.10
CA THR A 172 20.63 -6.06 2.84
C THR A 172 19.12 -5.97 2.97
N VAL A 173 18.62 -4.75 3.12
CA VAL A 173 17.20 -4.50 3.25
C VAL A 173 16.50 -4.89 1.94
N THR A 174 17.17 -4.62 0.82
CA THR A 174 16.63 -4.95 -0.49
C THR A 174 16.51 -6.47 -0.62
N ILE A 175 17.54 -7.18 -0.17
CA ILE A 175 17.57 -8.64 -0.21
C ILE A 175 16.49 -9.20 0.73
N PHE A 176 16.29 -8.51 1.85
CA PHE A 176 15.30 -8.89 2.83
C PHE A 176 13.90 -8.88 2.21
N VAL A 177 13.56 -7.76 1.57
CA VAL A 177 12.26 -7.61 0.93
C VAL A 177 12.06 -8.66 -0.16
N ALA A 178 13.10 -8.84 -0.97
CA ALA A 178 13.05 -9.82 -2.06
C ALA A 178 12.85 -11.23 -1.50
N GLY A 179 13.58 -11.54 -0.45
CA GLY A 179 13.48 -12.86 0.17
C GLY A 179 12.09 -13.16 0.69
N VAL A 180 11.49 -12.18 1.38
CA VAL A 180 10.14 -12.35 1.92
C VAL A 180 9.14 -12.64 0.81
N LEU A 181 9.21 -11.87 -0.27
CA LEU A 181 8.32 -12.07 -1.41
C LEU A 181 8.56 -13.42 -2.05
N THR A 182 9.82 -13.80 -2.17
CA THR A 182 10.20 -15.07 -2.75
C THR A 182 9.65 -16.23 -1.93
N ALA A 183 9.75 -16.11 -0.60
CA ALA A 183 9.28 -17.14 0.31
C ALA A 183 7.80 -17.48 0.08
N SER A 184 6.95 -16.47 0.15
CA SER A 184 5.52 -16.67 -0.06
C SER A 184 5.23 -17.25 -1.44
N LEU A 185 5.97 -16.79 -2.45
CA LEU A 185 5.79 -17.26 -3.82
C LEU A 185 6.19 -18.73 -3.94
N THR A 186 7.19 -19.13 -3.16
CA THR A 186 7.67 -20.51 -3.17
C THR A 186 6.60 -21.46 -2.63
N ILE A 187 5.82 -20.97 -1.68
CA ILE A 187 4.75 -21.77 -1.08
C ILE A 187 3.52 -21.73 -1.98
N TRP A 188 3.41 -20.69 -2.80
CA TRP A 188 2.29 -20.54 -3.71
C TRP A 188 2.46 -21.42 -4.94
N LYS A 189 3.56 -21.24 -5.66
CA LYS A 189 3.82 -22.01 -6.87
C LYS A 189 4.39 -23.39 -6.54
N LYS A 190 3.59 -24.21 -5.90
CA LYS A 190 3.98 -25.57 -5.52
C LYS A 190 3.81 -26.53 -6.70
N MET A 191 4.64 -26.33 -7.73
CA MET A 191 4.62 -27.14 -8.96
C MET A 191 3.46 -26.71 -9.88
N GLY A 192 2.48 -26.05 -9.31
CA GLY A 192 1.33 -25.59 -10.05
C GLY A 192 0.30 -24.97 -9.14
N GLU B 1 -12.37 -8.99 5.84
CA GLU B 1 -13.82 -9.32 5.86
C GLU B 1 -14.43 -9.02 4.49
N ILE B 2 -15.75 -8.91 4.45
CA ILE B 2 -16.46 -8.62 3.21
C ILE B 2 -17.12 -7.25 3.31
N TRP B 3 -17.85 -7.06 4.40
CA TRP B 3 -18.56 -5.81 4.65
C TRP B 3 -17.55 -4.67 4.88
N ILE B 4 -16.53 -4.98 5.66
CA ILE B 4 -15.48 -3.99 5.98
C ILE B 4 -14.80 -3.51 4.70
N ALA B 5 -14.47 -4.46 3.83
CA ALA B 5 -13.81 -4.13 2.56
C ALA B 5 -14.66 -3.19 1.71
N GLN B 6 -15.98 -3.30 1.82
CA GLN B 6 -16.90 -2.45 1.07
C GLN B 6 -16.80 -1.01 1.54
N GLU B 7 -16.86 -0.81 2.85
CA GLU B 7 -16.77 0.52 3.42
C GLU B 7 -15.40 1.12 3.11
N LEU B 8 -14.36 0.33 3.25
CA LEU B 8 -13.01 0.78 2.97
C LEU B 8 -12.85 1.11 1.50
N ARG B 9 -13.51 0.34 0.64
CA ARG B 9 -13.48 0.57 -0.79
C ARG B 9 -14.06 1.95 -1.06
N ARG B 10 -15.11 2.29 -0.30
CA ARG B 10 -15.77 3.57 -0.42
C ARG B 10 -14.85 4.68 0.09
N ILE B 11 -14.12 4.40 1.16
CA ILE B 11 -13.18 5.36 1.74
C ILE B 11 -12.05 5.63 0.75
N GLY B 12 -11.59 4.57 0.10
CA GLY B 12 -10.54 4.70 -0.89
C GLY B 12 -10.96 5.59 -2.03
N ASP B 13 -12.23 5.51 -2.39
CA ASP B 13 -12.79 6.32 -3.47
C ASP B 13 -13.07 7.72 -2.94
N GLU B 14 -13.41 7.78 -1.66
CA GLU B 14 -13.72 9.03 -0.97
C GLU B 14 -12.53 9.98 -1.06
N PHE B 15 -11.34 9.45 -0.77
CA PHE B 15 -10.12 10.25 -0.82
C PHE B 15 -9.58 10.36 -2.23
N ASN B 16 -9.86 9.37 -3.07
CA ASN B 16 -9.40 9.38 -4.46
C ASN B 16 -9.95 10.57 -5.21
N ALA B 17 -11.28 10.72 -5.16
CA ALA B 17 -11.96 11.82 -5.85
C ALA B 17 -11.77 13.15 -5.13
N TYR B 18 -11.04 13.10 -4.03
CA TYR B 18 -10.78 14.30 -3.23
C TYR B 18 -9.55 15.01 -3.77
N TYR B 19 -8.71 14.28 -4.50
CA TYR B 19 -7.48 14.85 -5.05
C TYR B 19 -7.36 14.61 -6.56
N ALA B 20 -8.35 13.93 -7.14
CA ALA B 20 -8.34 13.63 -8.56
C ALA B 20 -9.76 13.57 -9.09
N MET A 1 -12.14 28.13 25.12
CA MET A 1 -11.52 28.10 26.46
C MET A 1 -10.47 26.99 26.58
N ASP A 2 -10.69 25.87 25.89
CA ASP A 2 -9.77 24.73 25.93
C ASP A 2 -8.39 25.10 25.42
N GLY A 3 -8.33 25.98 24.43
CA GLY A 3 -7.05 26.38 23.87
C GLY A 3 -6.31 27.34 24.78
N SER A 4 -7.05 28.03 25.63
CA SER A 4 -6.48 28.98 26.56
C SER A 4 -6.19 28.34 27.91
N GLY A 5 -6.35 27.03 27.98
CA GLY A 5 -6.10 26.32 29.22
C GLY A 5 -4.68 25.80 29.30
N GLU A 6 -4.54 24.53 29.63
CA GLU A 6 -3.23 23.90 29.74
C GLU A 6 -3.12 22.71 28.81
N GLN A 7 -2.41 22.90 27.71
CA GLN A 7 -2.23 21.84 26.73
C GLN A 7 -0.74 21.62 26.45
N PRO A 8 -0.29 20.36 26.44
CA PRO A 8 1.12 20.03 26.19
C PRO A 8 1.46 20.15 24.70
N ARG A 9 1.47 21.39 24.21
CA ARG A 9 1.78 21.70 22.82
C ARG A 9 0.65 21.25 21.89
N GLY A 10 0.61 19.96 21.63
CA GLY A 10 -0.42 19.41 20.77
C GLY A 10 -1.31 18.45 21.53
N GLY A 11 -2.62 18.67 21.42
CA GLY A 11 -3.57 17.81 22.09
C GLY A 11 -3.68 16.45 21.44
N GLY A 12 -4.32 15.51 22.11
CA GLY A 12 -4.46 14.19 21.55
C GLY A 12 -5.90 13.84 21.25
N PRO A 13 -6.37 14.12 20.02
CA PRO A 13 -7.74 13.82 19.61
C PRO A 13 -7.85 12.39 19.06
N THR A 14 -8.86 12.16 18.23
CA THR A 14 -9.07 10.84 17.64
C THR A 14 -7.92 10.48 16.70
N SER A 15 -7.34 9.31 16.90
CA SER A 15 -6.24 8.87 16.07
C SER A 15 -6.59 7.58 15.31
N SER A 16 -7.72 6.98 15.69
CA SER A 16 -8.18 5.74 15.08
C SER A 16 -8.51 5.94 13.60
N GLU A 17 -9.54 6.74 13.34
CA GLU A 17 -9.96 7.00 11.96
C GLU A 17 -8.98 7.96 11.28
N GLN A 18 -8.27 8.75 12.08
CA GLN A 18 -7.30 9.70 11.56
C GLN A 18 -6.23 9.00 10.72
N ILE A 19 -5.67 7.93 11.26
CA ILE A 19 -4.65 7.17 10.57
C ILE A 19 -5.23 6.48 9.33
N MET A 20 -6.47 6.02 9.46
CA MET A 20 -7.15 5.34 8.36
C MET A 20 -7.32 6.28 7.17
N LYS A 21 -7.70 7.52 7.44
CA LYS A 21 -7.88 8.52 6.39
C LYS A 21 -6.57 8.75 5.64
N THR A 22 -5.46 8.69 6.37
CA THR A 22 -4.14 8.88 5.78
C THR A 22 -3.84 7.73 4.82
N GLY A 23 -4.27 6.52 5.20
CA GLY A 23 -4.04 5.36 4.37
C GLY A 23 -4.77 5.45 3.04
N ALA A 24 -5.97 6.02 3.06
CA ALA A 24 -6.77 6.17 1.84
C ALA A 24 -6.07 7.09 0.85
N LEU A 25 -5.32 8.05 1.37
CA LEU A 25 -4.58 8.99 0.53
C LEU A 25 -3.29 8.36 0.02
N LEU A 26 -2.61 7.64 0.90
CA LEU A 26 -1.36 6.98 0.54
C LEU A 26 -1.57 5.98 -0.60
N LEU A 27 -2.62 5.17 -0.47
CA LEU A 27 -2.94 4.18 -1.50
C LEU A 27 -3.21 4.84 -2.84
N GLN A 28 -3.98 5.93 -2.81
CA GLN A 28 -4.32 6.66 -4.02
C GLN A 28 -3.08 7.23 -4.68
N GLY A 29 -2.22 7.84 -3.87
CA GLY A 29 -1.00 8.43 -4.38
C GLY A 29 -0.08 7.42 -5.04
N PHE A 30 0.13 6.30 -4.36
CA PHE A 30 0.99 5.24 -4.86
C PHE A 30 0.48 4.69 -6.20
N ILE A 31 -0.82 4.46 -6.28
CA ILE A 31 -1.43 3.93 -7.50
C ILE A 31 -1.38 4.96 -8.64
N GLN A 32 -1.87 6.16 -8.36
CA GLN A 32 -1.91 7.23 -9.35
C GLN A 32 -0.53 7.59 -9.89
N ASP A 33 0.48 7.50 -9.03
CA ASP A 33 1.85 7.82 -9.42
C ASP A 33 2.33 6.91 -10.54
N ARG A 34 2.21 5.60 -10.35
CA ARG A 34 2.66 4.65 -11.34
C ARG A 34 1.64 4.49 -12.48
N ALA A 35 0.40 4.84 -12.21
CA ALA A 35 -0.66 4.75 -13.22
C ALA A 35 -0.40 5.72 -14.36
N GLY A 36 0.36 6.78 -14.06
CA GLY A 36 0.68 7.78 -15.07
C GLY A 36 1.53 7.22 -16.19
N ARG A 37 2.10 6.03 -15.97
CA ARG A 37 2.93 5.37 -16.96
C ARG A 37 2.08 4.89 -18.15
N MET A 38 0.77 4.94 -17.98
CA MET A 38 -0.14 4.53 -19.03
C MET A 38 -0.59 5.72 -19.87
N GLY A 39 -0.10 6.90 -19.53
CA GLY A 39 -0.46 8.10 -20.25
C GLY A 39 -1.64 8.79 -19.61
N GLY A 40 -2.70 9.01 -20.37
CA GLY A 40 -3.88 9.66 -19.86
C GLY A 40 -5.03 9.58 -20.82
N GLU A 41 -6.20 10.07 -20.43
CA GLU A 41 -7.37 10.04 -21.28
C GLU A 41 -7.86 11.45 -21.60
N ALA A 42 -7.06 12.16 -22.41
CA ALA A 42 -7.38 13.52 -22.83
C ALA A 42 -7.61 14.47 -21.65
N PRO A 43 -6.53 14.95 -21.02
CA PRO A 43 -6.61 15.87 -19.88
C PRO A 43 -6.91 17.29 -20.32
N GLU A 44 -8.11 17.51 -20.86
CA GLU A 44 -8.52 18.82 -21.34
C GLU A 44 -8.79 19.76 -20.15
N LEU A 45 -9.26 19.18 -19.05
CA LEU A 45 -9.57 19.94 -17.85
C LEU A 45 -8.97 19.27 -16.62
N ALA A 46 -9.43 18.04 -16.36
CA ALA A 46 -8.96 17.25 -15.22
C ALA A 46 -9.17 17.98 -13.88
N LEU A 47 -8.58 17.43 -12.83
CA LEU A 47 -8.70 18.00 -11.51
C LEU A 47 -7.33 17.99 -10.82
N ASP A 48 -6.92 19.15 -10.31
CA ASP A 48 -5.65 19.27 -9.62
C ASP A 48 -5.79 20.15 -8.39
N PRO A 49 -6.23 19.57 -7.25
CA PRO A 49 -6.42 20.30 -6.01
C PRO A 49 -5.08 20.62 -5.33
N VAL A 50 -4.05 19.87 -5.71
CA VAL A 50 -2.71 20.03 -5.16
C VAL A 50 -2.63 19.55 -3.71
N PRO A 51 -1.94 18.42 -3.48
CA PRO A 51 -1.76 17.86 -2.14
C PRO A 51 -0.90 18.78 -1.28
N GLN A 52 -1.53 19.43 -0.31
CA GLN A 52 -0.83 20.35 0.57
C GLN A 52 -0.03 19.61 1.63
N ASP A 53 -0.32 18.33 1.81
CA ASP A 53 0.38 17.52 2.78
C ASP A 53 1.62 16.88 2.16
N ALA A 54 2.78 17.34 2.60
CA ALA A 54 4.04 16.81 2.07
C ALA A 54 4.38 15.47 2.70
N SER A 55 3.78 15.17 3.84
CA SER A 55 4.02 13.92 4.54
C SER A 55 3.69 12.73 3.65
N THR A 56 2.47 12.72 3.13
CA THR A 56 2.02 11.64 2.26
C THR A 56 2.81 11.63 0.95
N LYS A 57 3.10 12.82 0.43
CA LYS A 57 3.85 12.95 -0.80
C LYS A 57 5.25 12.36 -0.68
N LYS A 58 5.95 12.74 0.39
CA LYS A 58 7.30 12.24 0.63
C LYS A 58 7.27 10.73 0.87
N LEU A 59 6.26 10.27 1.61
CA LEU A 59 6.10 8.85 1.91
C LEU A 59 5.93 8.06 0.61
N SER A 60 5.17 8.64 -0.31
CA SER A 60 4.92 8.00 -1.59
C SER A 60 6.21 7.89 -2.42
N GLU A 61 7.10 8.87 -2.25
CA GLU A 61 8.36 8.87 -2.99
C GLU A 61 9.26 7.72 -2.54
N CYS A 62 9.46 7.59 -1.23
CA CYS A 62 10.30 6.53 -0.70
C CYS A 62 9.75 5.16 -1.07
N LEU A 63 8.42 5.02 -1.03
CA LEU A 63 7.79 3.76 -1.38
C LEU A 63 7.92 3.49 -2.87
N LYS A 64 7.73 4.54 -3.67
CA LYS A 64 7.83 4.44 -5.12
C LYS A 64 9.23 4.04 -5.56
N ARG A 65 10.24 4.69 -5.02
CA ARG A 65 11.62 4.40 -5.37
C ARG A 65 12.03 2.98 -4.99
N ILE A 66 11.50 2.49 -3.87
CA ILE A 66 11.81 1.13 -3.43
C ILE A 66 11.09 0.12 -4.32
N GLY A 67 9.82 0.39 -4.60
CA GLY A 67 9.04 -0.50 -5.44
C GLY A 67 9.57 -0.56 -6.86
N ASP A 68 9.99 0.59 -7.38
CA ASP A 68 10.53 0.67 -8.74
C ASP A 68 11.84 -0.09 -8.85
N GLU A 69 12.65 -0.03 -7.78
CA GLU A 69 13.93 -0.73 -7.77
C GLU A 69 13.71 -2.24 -7.69
N LEU A 70 12.53 -2.63 -7.20
CA LEU A 70 12.19 -4.04 -7.09
C LEU A 70 11.75 -4.59 -8.45
N ASP A 71 11.84 -3.75 -9.46
CA ASP A 71 11.48 -4.12 -10.82
C ASP A 71 12.75 -4.25 -11.67
N SER A 72 13.85 -3.75 -11.12
CA SER A 72 15.14 -3.81 -11.80
C SER A 72 15.64 -5.25 -11.89
N ASN A 73 15.24 -6.06 -10.90
CA ASN A 73 15.64 -7.46 -10.87
C ASN A 73 14.71 -8.30 -11.75
N MET A 74 15.22 -8.72 -12.89
CA MET A 74 14.47 -9.54 -13.84
C MET A 74 14.08 -10.89 -13.24
N GLU A 75 14.87 -11.34 -12.28
CA GLU A 75 14.64 -12.61 -11.62
C GLU A 75 13.30 -12.61 -10.88
N LEU A 76 13.08 -11.57 -10.09
CA LEU A 76 11.85 -11.43 -9.34
C LEU A 76 10.67 -11.16 -10.28
N GLN A 77 10.94 -10.34 -11.29
CA GLN A 77 9.93 -9.98 -12.27
C GLN A 77 9.40 -11.21 -13.02
N ARG A 78 10.32 -12.09 -13.41
CA ARG A 78 9.96 -13.30 -14.13
C ARG A 78 9.05 -14.19 -13.29
N MET A 79 9.32 -14.26 -12.00
CA MET A 79 8.53 -15.08 -11.08
C MET A 79 7.13 -14.49 -10.89
N ILE A 80 7.06 -13.16 -10.83
CA ILE A 80 5.78 -12.47 -10.66
C ILE A 80 4.86 -12.75 -11.84
N ALA A 81 5.43 -12.81 -13.04
CA ALA A 81 4.66 -13.06 -14.25
C ALA A 81 4.17 -14.51 -14.32
N ALA A 82 4.64 -15.33 -13.39
CA ALA A 82 4.24 -16.73 -13.35
C ALA A 82 3.27 -17.02 -12.21
N VAL A 83 2.85 -15.96 -11.52
CA VAL A 83 1.92 -16.11 -10.39
C VAL A 83 0.53 -16.55 -10.86
N ASP A 84 -0.11 -17.38 -10.04
CA ASP A 84 -1.44 -17.88 -10.32
C ASP A 84 -2.46 -16.75 -10.32
N THR A 85 -2.86 -16.31 -11.51
CA THR A 85 -3.83 -15.23 -11.62
C THR A 85 -5.25 -15.75 -11.79
N ASP A 86 -5.60 -16.75 -10.99
CA ASP A 86 -6.94 -17.34 -11.03
C ASP A 86 -7.87 -16.63 -10.07
N SER A 87 -7.56 -16.72 -8.79
CA SER A 87 -8.36 -16.07 -7.75
C SER A 87 -7.54 -15.01 -7.02
N PRO A 88 -7.64 -13.74 -7.46
CA PRO A 88 -6.89 -12.63 -6.86
C PRO A 88 -7.13 -12.50 -5.36
N ARG A 89 -8.38 -12.66 -4.94
CA ARG A 89 -8.74 -12.55 -3.52
C ARG A 89 -8.01 -13.59 -2.68
N GLU A 90 -8.12 -14.85 -3.08
CA GLU A 90 -7.49 -15.95 -2.39
C GLU A 90 -5.97 -15.77 -2.29
N VAL A 91 -5.35 -15.41 -3.41
CA VAL A 91 -3.91 -15.20 -3.45
C VAL A 91 -3.48 -14.03 -2.57
N PHE A 92 -4.15 -12.89 -2.72
CA PHE A 92 -3.84 -11.70 -1.95
C PHE A 92 -4.02 -11.93 -0.45
N PHE A 93 -5.16 -12.52 -0.07
CA PHE A 93 -5.44 -12.79 1.32
C PHE A 93 -4.45 -13.79 1.89
N ARG A 94 -4.03 -14.74 1.06
CA ARG A 94 -3.07 -15.75 1.48
C ARG A 94 -1.72 -15.14 1.80
N VAL A 95 -1.13 -14.44 0.83
CA VAL A 95 0.18 -13.82 1.03
C VAL A 95 0.18 -12.83 2.20
N ALA A 96 -0.96 -12.20 2.42
CA ALA A 96 -1.10 -11.25 3.51
C ALA A 96 -1.05 -11.95 4.86
N ALA A 97 -1.64 -13.16 4.89
CA ALA A 97 -1.68 -13.95 6.12
C ALA A 97 -0.42 -14.80 6.28
N ASP A 98 0.13 -15.27 5.17
CA ASP A 98 1.33 -16.10 5.19
C ASP A 98 2.52 -15.35 5.79
N MET A 99 2.52 -14.04 5.62
CA MET A 99 3.58 -13.20 6.15
C MET A 99 3.18 -12.65 7.52
N PHE A 100 2.09 -13.18 8.06
CA PHE A 100 1.59 -12.73 9.35
C PHE A 100 1.58 -13.86 10.38
N SER A 101 1.59 -15.10 9.89
CA SER A 101 1.57 -16.28 10.76
C SER A 101 2.79 -16.31 11.67
N ASP A 102 3.91 -15.79 11.18
CA ASP A 102 5.15 -15.76 11.96
C ASP A 102 5.06 -14.74 13.10
N GLY A 103 4.19 -13.75 12.92
CA GLY A 103 4.01 -12.72 13.93
C GLY A 103 5.21 -11.80 14.05
N ASN A 104 6.07 -11.82 13.04
CA ASN A 104 7.28 -11.00 13.04
C ASN A 104 7.07 -9.72 12.25
N PHE A 105 7.22 -8.58 12.91
CA PHE A 105 7.06 -7.29 12.28
C PHE A 105 8.41 -6.72 11.83
N ASN A 106 8.92 -7.27 10.74
CA ASN A 106 10.20 -6.85 10.19
C ASN A 106 10.06 -5.64 9.28
N TRP A 107 8.82 -5.16 9.13
CA TRP A 107 8.52 -4.00 8.27
C TRP A 107 8.63 -4.31 6.78
N GLY A 108 9.64 -5.09 6.39
CA GLY A 108 9.83 -5.45 5.00
C GLY A 108 8.62 -6.15 4.39
N ARG A 109 7.93 -6.94 5.21
CA ARG A 109 6.74 -7.66 4.75
C ARG A 109 5.61 -6.70 4.36
N VAL A 110 5.74 -5.43 4.74
CA VAL A 110 4.74 -4.43 4.42
C VAL A 110 5.00 -3.86 3.03
N VAL A 111 6.23 -3.43 2.79
CA VAL A 111 6.60 -2.87 1.48
C VAL A 111 6.52 -3.94 0.40
N ALA A 112 6.81 -5.19 0.79
CA ALA A 112 6.75 -6.31 -0.12
C ALA A 112 5.33 -6.51 -0.62
N LEU A 113 4.37 -6.29 0.28
CA LEU A 113 2.96 -6.43 -0.05
C LEU A 113 2.55 -5.34 -1.02
N PHE A 114 3.09 -4.14 -0.83
CA PHE A 114 2.79 -3.01 -1.70
C PHE A 114 3.25 -3.30 -3.12
N TYR A 115 4.41 -3.92 -3.24
CA TYR A 115 4.97 -4.28 -4.54
C TYR A 115 4.10 -5.32 -5.23
N PHE A 116 3.62 -6.28 -4.45
CA PHE A 116 2.78 -7.34 -4.98
C PHE A 116 1.43 -6.77 -5.42
N ALA A 117 0.88 -5.89 -4.58
CA ALA A 117 -0.40 -5.26 -4.87
C ALA A 117 -0.34 -4.40 -6.13
N SER A 118 0.72 -3.59 -6.25
CA SER A 118 0.88 -2.71 -7.41
C SER A 118 1.00 -3.52 -8.70
N LYS A 119 1.72 -4.63 -8.64
CA LYS A 119 1.89 -5.49 -9.81
C LYS A 119 0.56 -6.11 -10.21
N LEU A 120 -0.26 -6.45 -9.21
CA LEU A 120 -1.57 -7.02 -9.47
C LEU A 120 -2.49 -5.98 -10.11
N VAL A 121 -2.43 -4.76 -9.56
CA VAL A 121 -3.22 -3.65 -10.07
C VAL A 121 -2.83 -3.36 -11.53
N LEU A 122 -1.53 -3.37 -11.78
CA LEU A 122 -1.01 -3.11 -13.12
C LEU A 122 -1.49 -4.19 -14.10
N LYS A 123 -1.51 -5.43 -13.62
CA LYS A 123 -1.96 -6.57 -14.43
C LYS A 123 -3.41 -6.39 -14.81
N ALA A 124 -4.25 -6.03 -13.83
CA ALA A 124 -5.66 -5.83 -14.06
C ALA A 124 -5.90 -4.59 -14.92
N LEU A 125 -5.01 -3.61 -14.78
CA LEU A 125 -5.11 -2.37 -15.54
C LEU A 125 -4.93 -2.65 -17.04
N CYS A 126 -4.11 -3.64 -17.35
CA CYS A 126 -3.86 -4.02 -18.73
C CYS A 126 -5.08 -4.74 -19.31
N THR A 127 -5.99 -5.13 -18.43
CA THR A 127 -7.21 -5.82 -18.84
C THR A 127 -8.35 -4.80 -18.96
N LYS A 128 -8.08 -3.58 -18.49
CA LYS A 128 -9.04 -2.48 -18.53
C LYS A 128 -10.28 -2.75 -17.68
N VAL A 129 -10.05 -3.19 -16.45
CA VAL A 129 -11.15 -3.45 -15.53
C VAL A 129 -10.98 -2.64 -14.24
N PRO A 130 -11.48 -1.39 -14.25
CA PRO A 130 -11.37 -0.48 -13.10
C PRO A 130 -12.03 -1.02 -11.84
N GLU A 131 -13.15 -1.72 -12.02
CA GLU A 131 -13.87 -2.29 -10.89
C GLU A 131 -13.00 -3.25 -10.08
N LEU A 132 -12.18 -4.02 -10.78
CA LEU A 132 -11.30 -4.97 -10.10
C LEU A 132 -10.29 -4.21 -9.26
N ILE A 133 -9.82 -3.08 -9.78
CA ILE A 133 -8.85 -2.24 -9.08
C ILE A 133 -9.45 -1.76 -7.76
N ARG A 134 -10.71 -1.29 -7.84
CA ARG A 134 -11.40 -0.80 -6.66
C ARG A 134 -11.64 -1.94 -5.67
N THR A 135 -11.92 -3.12 -6.21
CA THR A 135 -12.16 -4.30 -5.38
C THR A 135 -10.91 -4.69 -4.60
N ILE A 136 -9.77 -4.72 -5.28
CA ILE A 136 -8.49 -5.06 -4.65
C ILE A 136 -8.16 -4.03 -3.57
N MET A 137 -8.33 -2.77 -3.91
CA MET A 137 -8.07 -1.67 -2.98
C MET A 137 -8.91 -1.81 -1.71
N GLY A 138 -10.17 -2.20 -1.89
CA GLY A 138 -11.05 -2.39 -0.77
C GLY A 138 -10.56 -3.46 0.19
N TRP A 139 -10.04 -4.54 -0.37
CA TRP A 139 -9.52 -5.64 0.44
C TRP A 139 -8.17 -5.27 1.06
N THR A 140 -7.42 -4.42 0.37
CA THR A 140 -6.13 -3.98 0.86
C THR A 140 -6.32 -3.16 2.13
N LEU A 141 -7.32 -2.29 2.10
CA LEU A 141 -7.64 -1.45 3.25
C LEU A 141 -8.32 -2.27 4.33
N ASP A 142 -9.00 -3.33 3.90
CA ASP A 142 -9.70 -4.23 4.82
C ASP A 142 -8.72 -4.90 5.78
N PHE A 143 -7.73 -5.58 5.24
CA PHE A 143 -6.73 -6.26 6.05
C PHE A 143 -5.98 -5.26 6.92
N LEU A 144 -5.86 -4.03 6.43
CA LEU A 144 -5.19 -2.98 7.15
C LEU A 144 -5.99 -2.62 8.41
N ARG A 145 -7.28 -2.39 8.23
CA ARG A 145 -8.16 -2.04 9.34
C ARG A 145 -8.36 -3.24 10.27
N GLU A 146 -8.12 -4.43 9.74
CA GLU A 146 -8.27 -5.66 10.51
C GLU A 146 -7.17 -5.82 11.56
N ARG A 147 -5.93 -5.49 11.22
CA ARG A 147 -4.82 -5.64 12.17
C ARG A 147 -3.77 -4.53 12.09
N LEU A 148 -3.35 -4.20 10.88
CA LEU A 148 -2.32 -3.18 10.66
C LEU A 148 -2.61 -1.85 11.36
N LEU A 149 -3.87 -1.45 11.38
CA LEU A 149 -4.28 -0.19 12.01
C LEU A 149 -3.78 -0.08 13.45
N GLY A 150 -3.93 -1.16 14.22
CA GLY A 150 -3.49 -1.14 15.60
C GLY A 150 -1.99 -0.95 15.73
N TRP A 151 -1.25 -1.58 14.83
CA TRP A 151 0.21 -1.49 14.84
C TRP A 151 0.67 -0.07 14.49
N ILE A 152 -0.02 0.56 13.56
CA ILE A 152 0.32 1.91 13.14
C ILE A 152 0.01 2.92 14.23
N GLN A 153 -1.08 2.70 14.96
CA GLN A 153 -1.47 3.59 16.04
C GLN A 153 -0.53 3.44 17.22
N ASP A 154 -0.09 2.21 17.47
CA ASP A 154 0.81 1.92 18.57
C ASP A 154 2.14 2.66 18.42
N GLN A 155 2.66 2.71 17.20
CA GLN A 155 3.92 3.40 16.94
C GLN A 155 3.76 4.93 16.92
N GLY A 156 2.52 5.40 16.89
CA GLY A 156 2.27 6.83 16.89
C GLY A 156 2.13 7.42 15.50
N GLY A 157 1.68 6.63 14.55
CA GLY A 157 1.50 7.10 13.20
C GLY A 157 2.39 6.37 12.21
N TRP A 158 2.57 6.95 11.03
CA TRP A 158 3.39 6.34 9.99
C TRP A 158 4.86 6.69 10.18
N ASP A 159 5.20 7.10 11.40
CA ASP A 159 6.57 7.47 11.74
C ASP A 159 7.52 6.30 11.54
N GLY A 160 7.04 5.09 11.83
CA GLY A 160 7.85 3.90 11.66
C GLY A 160 8.25 3.66 10.23
N LEU A 161 7.35 3.99 9.30
CA LEU A 161 7.63 3.82 7.90
C LEU A 161 8.66 4.84 7.43
N LEU A 162 8.52 6.07 7.93
CA LEU A 162 9.44 7.15 7.58
C LEU A 162 10.84 6.86 8.11
N SER A 163 10.91 6.30 9.31
CA SER A 163 12.17 5.97 9.93
C SER A 163 12.79 4.70 9.35
N TYR A 164 11.97 3.87 8.71
CA TYR A 164 12.45 2.63 8.12
C TYR A 164 13.25 2.92 6.85
N PHE A 165 12.93 4.03 6.20
CA PHE A 165 13.61 4.42 4.97
C PHE A 165 15.05 4.81 5.26
N GLY A 166 15.97 3.93 4.90
CA GLY A 166 17.37 4.20 5.12
C GLY A 166 18.10 4.53 3.83
N THR A 167 19.40 4.32 3.82
CA THR A 167 20.20 4.60 2.63
C THR A 167 21.40 3.65 2.51
N PRO A 168 22.28 3.58 3.53
CA PRO A 168 23.44 2.68 3.50
C PRO A 168 23.01 1.23 3.66
N THR A 169 23.73 0.34 2.98
CA THR A 169 23.44 -1.10 3.03
C THR A 169 22.04 -1.41 2.47
N TRP A 170 21.60 -0.58 1.53
CA TRP A 170 20.29 -0.74 0.91
C TRP A 170 20.18 -2.06 0.15
N GLN A 171 21.31 -2.55 -0.34
CA GLN A 171 21.36 -3.81 -1.08
C GLN A 171 20.78 -4.95 -0.25
N THR A 172 21.19 -5.00 1.01
CA THR A 172 20.72 -6.04 1.92
C THR A 172 19.20 -5.96 2.08
N VAL A 173 18.67 -4.74 2.05
CA VAL A 173 17.24 -4.52 2.18
C VAL A 173 16.51 -5.04 0.94
N THR A 174 17.08 -4.75 -0.23
CA THR A 174 16.50 -5.19 -1.49
C THR A 174 16.42 -6.72 -1.54
N ILE A 175 17.52 -7.37 -1.15
CA ILE A 175 17.57 -8.83 -1.13
C ILE A 175 16.58 -9.39 -0.13
N PHE A 176 16.46 -8.70 1.02
CA PHE A 176 15.55 -9.12 2.08
C PHE A 176 14.10 -9.12 1.56
N VAL A 177 13.67 -8.00 1.00
CA VAL A 177 12.31 -7.85 0.49
C VAL A 177 12.04 -8.88 -0.61
N ALA A 178 12.97 -9.01 -1.56
CA ALA A 178 12.84 -9.95 -2.65
C ALA A 178 12.77 -11.38 -2.12
N GLY A 179 13.61 -11.66 -1.13
CA GLY A 179 13.64 -12.99 -0.53
C GLY A 179 12.31 -13.38 0.06
N VAL A 180 11.68 -12.46 0.78
CA VAL A 180 10.38 -12.70 1.40
C VAL A 180 9.34 -13.05 0.34
N LEU A 181 9.26 -12.22 -0.70
CA LEU A 181 8.32 -12.43 -1.79
C LEU A 181 8.57 -13.78 -2.47
N THR A 182 9.84 -14.07 -2.72
CA THR A 182 10.22 -15.33 -3.36
C THR A 182 9.77 -16.52 -2.52
N ALA A 183 10.01 -16.46 -1.21
CA ALA A 183 9.63 -17.52 -0.31
C ALA A 183 8.13 -17.79 -0.36
N SER A 184 7.35 -16.72 -0.24
CA SER A 184 5.89 -16.83 -0.27
C SER A 184 5.39 -17.43 -1.58
N LEU A 185 5.97 -16.99 -2.70
CA LEU A 185 5.57 -17.47 -4.01
C LEU A 185 5.97 -18.93 -4.22
N THR A 186 7.07 -19.35 -3.56
CA THR A 186 7.54 -20.72 -3.66
C THR A 186 6.50 -21.67 -3.06
N ILE A 187 5.85 -21.21 -1.99
CA ILE A 187 4.82 -21.99 -1.31
C ILE A 187 3.55 -22.05 -2.16
N TRP A 188 3.28 -20.96 -2.88
CA TRP A 188 2.10 -20.89 -3.72
C TRP A 188 2.23 -21.77 -4.97
N LYS A 189 3.35 -21.64 -5.67
CA LYS A 189 3.59 -22.43 -6.88
C LYS A 189 4.21 -23.77 -6.52
N LYS A 190 3.47 -24.54 -5.71
CA LYS A 190 3.89 -25.85 -5.25
C LYS A 190 3.74 -26.91 -6.35
N MET A 191 4.49 -26.73 -7.44
CA MET A 191 4.47 -27.66 -8.58
C MET A 191 3.08 -27.67 -9.23
N GLY A 192 2.36 -26.58 -9.06
CA GLY A 192 1.03 -26.45 -9.61
C GLY A 192 0.25 -25.39 -8.87
N GLU B 1 -13.09 -8.25 6.26
CA GLU B 1 -13.94 -9.00 5.31
C GLU B 1 -14.83 -8.05 4.52
N ILE B 2 -15.63 -8.61 3.61
CA ILE B 2 -16.54 -7.85 2.74
C ILE B 2 -17.22 -6.67 3.43
N TRP B 3 -17.88 -6.93 4.56
CA TRP B 3 -18.59 -5.90 5.31
C TRP B 3 -17.71 -4.70 5.63
N ILE B 4 -16.48 -4.98 6.04
CA ILE B 4 -15.54 -3.92 6.39
C ILE B 4 -14.94 -3.30 5.13
N ALA B 5 -14.55 -4.15 4.18
CA ALA B 5 -13.96 -3.70 2.93
C ALA B 5 -14.91 -2.78 2.17
N GLN B 6 -16.21 -2.98 2.34
CA GLN B 6 -17.22 -2.18 1.69
C GLN B 6 -17.10 -0.70 2.10
N GLU B 7 -17.08 -0.47 3.41
CA GLU B 7 -16.95 0.88 3.95
C GLU B 7 -15.58 1.44 3.64
N LEU B 8 -14.58 0.56 3.70
CA LEU B 8 -13.21 0.94 3.42
C LEU B 8 -13.06 1.37 1.96
N ARG B 9 -13.79 0.70 1.08
CA ARG B 9 -13.77 1.03 -0.34
C ARG B 9 -14.27 2.45 -0.52
N ARG B 10 -15.20 2.86 0.35
CA ARG B 10 -15.76 4.20 0.31
C ARG B 10 -14.74 5.21 0.82
N ILE B 11 -13.99 4.83 1.86
CA ILE B 11 -12.95 5.71 2.42
C ILE B 11 -11.87 5.94 1.37
N GLY B 12 -11.56 4.91 0.61
CA GLY B 12 -10.57 5.02 -0.43
C GLY B 12 -11.17 5.62 -1.70
N ASP B 13 -12.48 5.83 -1.67
CA ASP B 13 -13.20 6.41 -2.80
C ASP B 13 -13.37 7.90 -2.60
N GLU B 14 -13.72 8.30 -1.38
CA GLU B 14 -13.92 9.71 -1.06
C GLU B 14 -12.66 10.52 -1.31
N PHE B 15 -11.53 10.00 -0.84
CA PHE B 15 -10.25 10.66 -1.02
C PHE B 15 -9.86 10.65 -2.49
N ASN B 16 -10.27 9.61 -3.19
CA ASN B 16 -9.96 9.46 -4.60
C ASN B 16 -10.71 10.49 -5.44
N ALA B 17 -11.97 10.71 -5.12
CA ALA B 17 -12.79 11.67 -5.86
C ALA B 17 -12.38 13.11 -5.56
N TYR B 18 -11.75 13.30 -4.40
CA TYR B 18 -11.31 14.61 -3.98
C TYR B 18 -10.03 15.05 -4.69
N TYR B 19 -9.23 14.07 -5.12
CA TYR B 19 -7.97 14.38 -5.80
C TYR B 19 -8.00 14.08 -7.29
N ALA B 20 -8.90 13.20 -7.73
CA ALA B 20 -8.99 12.85 -9.13
C ALA B 20 -10.41 13.03 -9.66
N MET A 1 -12.06 28.48 25.46
CA MET A 1 -10.74 28.72 26.10
C MET A 1 -9.90 27.44 26.11
N ASP A 2 -10.26 26.49 25.27
CA ASP A 2 -9.54 25.22 25.20
C ASP A 2 -8.13 25.42 24.62
N GLY A 3 -8.02 26.25 23.60
CA GLY A 3 -6.73 26.52 22.98
C GLY A 3 -5.81 27.29 23.90
N SER A 4 -6.38 27.88 24.94
CA SER A 4 -5.63 28.64 25.91
C SER A 4 -5.14 27.76 27.05
N GLY A 5 -5.54 26.49 27.01
CA GLY A 5 -5.14 25.55 28.03
C GLY A 5 -3.73 25.05 27.84
N GLU A 6 -3.30 24.14 28.69
CA GLU A 6 -1.94 23.58 28.61
C GLU A 6 -1.88 22.49 27.55
N GLN A 7 -1.00 22.68 26.58
CA GLN A 7 -0.81 21.71 25.50
C GLN A 7 0.67 21.51 25.20
N PRO A 8 1.10 20.26 25.07
CA PRO A 8 2.50 19.92 24.77
C PRO A 8 2.77 19.93 23.26
N ARG A 9 2.53 21.09 22.64
CA ARG A 9 2.73 21.27 21.19
C ARG A 9 1.65 20.59 20.35
N GLY A 10 1.34 19.35 20.71
CA GLY A 10 0.32 18.62 19.97
C GLY A 10 -0.76 18.08 20.87
N GLY A 11 -1.95 17.92 20.32
CA GLY A 11 -3.06 17.41 21.09
C GLY A 11 -3.31 15.95 20.76
N GLY A 12 -4.45 15.43 21.21
CA GLY A 12 -4.78 14.05 20.95
C GLY A 12 -6.13 13.88 20.27
N PRO A 13 -6.17 13.95 18.93
CA PRO A 13 -7.41 13.81 18.18
C PRO A 13 -7.74 12.35 17.91
N THR A 14 -8.70 12.09 17.03
CA THR A 14 -9.09 10.74 16.70
C THR A 14 -8.11 10.12 15.68
N SER A 15 -7.04 9.56 16.22
CA SER A 15 -6.01 8.93 15.42
C SER A 15 -6.55 7.74 14.63
N SER A 16 -7.52 7.06 15.21
CA SER A 16 -8.13 5.88 14.60
C SER A 16 -8.62 6.17 13.18
N GLU A 17 -9.44 7.19 13.03
CA GLU A 17 -9.98 7.55 11.72
C GLU A 17 -8.95 8.29 10.87
N GLN A 18 -8.06 9.02 11.52
CA GLN A 18 -7.02 9.77 10.81
C GLN A 18 -6.11 8.81 10.03
N ILE A 19 -5.68 7.74 10.69
CA ILE A 19 -4.82 6.75 10.07
C ILE A 19 -5.54 6.09 8.88
N MET A 20 -6.82 5.80 9.08
CA MET A 20 -7.64 5.16 8.05
C MET A 20 -7.68 6.01 6.79
N LYS A 21 -7.96 7.30 6.96
CA LYS A 21 -8.04 8.22 5.83
C LYS A 21 -6.67 8.38 5.17
N THR A 22 -5.61 8.23 5.96
CA THR A 22 -4.25 8.35 5.44
C THR A 22 -3.97 7.23 4.45
N GLY A 23 -4.45 6.02 4.76
CA GLY A 23 -4.25 4.88 3.89
C GLY A 23 -4.92 5.09 2.55
N ALA A 24 -6.05 5.79 2.57
CA ALA A 24 -6.81 6.07 1.37
C ALA A 24 -6.09 7.12 0.51
N LEU A 25 -5.08 7.75 1.07
CA LEU A 25 -4.31 8.77 0.38
C LEU A 25 -2.97 8.20 -0.08
N LEU A 26 -2.36 7.38 0.77
CA LEU A 26 -1.08 6.76 0.46
C LEU A 26 -1.15 5.91 -0.81
N LEU A 27 -2.22 5.13 -0.91
CA LEU A 27 -2.41 4.27 -2.08
C LEU A 27 -2.61 5.11 -3.34
N GLN A 28 -3.27 6.25 -3.18
CA GLN A 28 -3.53 7.15 -4.30
C GLN A 28 -2.25 7.64 -4.94
N GLY A 29 -1.27 7.98 -4.10
CA GLY A 29 0.00 8.48 -4.59
C GLY A 29 0.70 7.49 -5.50
N PHE A 30 0.61 6.21 -5.16
CA PHE A 30 1.24 5.16 -5.96
C PHE A 30 0.41 4.85 -7.19
N ILE A 31 -0.91 4.81 -7.02
CA ILE A 31 -1.83 4.51 -8.11
C ILE A 31 -1.78 5.59 -9.20
N GLN A 32 -1.87 6.85 -8.78
CA GLN A 32 -1.86 7.98 -9.70
C GLN A 32 -0.57 8.01 -10.51
N ASP A 33 0.56 7.77 -9.85
CA ASP A 33 1.85 7.78 -10.53
C ASP A 33 1.93 6.70 -11.60
N ARG A 34 1.53 5.49 -11.24
CA ARG A 34 1.55 4.36 -12.16
C ARG A 34 0.51 4.53 -13.28
N ALA A 35 -0.63 5.10 -12.94
CA ALA A 35 -1.70 5.32 -13.90
C ALA A 35 -1.32 6.39 -14.92
N GLY A 36 -0.47 7.32 -14.49
CA GLY A 36 -0.03 8.39 -15.37
C GLY A 36 0.74 7.87 -16.57
N ARG A 37 1.31 6.67 -16.44
CA ARG A 37 2.08 6.05 -17.51
C ARG A 37 1.15 5.55 -18.63
N MET A 38 -0.15 5.57 -18.36
CA MET A 38 -1.13 5.12 -19.34
C MET A 38 -1.70 6.29 -20.13
N GLY A 39 -1.12 7.47 -19.93
CA GLY A 39 -1.58 8.65 -20.62
C GLY A 39 -2.82 9.25 -19.99
N GLY A 40 -3.93 9.22 -20.72
CA GLY A 40 -5.17 9.77 -20.20
C GLY A 40 -6.24 9.76 -21.25
N GLU A 41 -7.44 10.18 -20.87
CA GLU A 41 -8.58 10.21 -21.78
C GLU A 41 -8.91 11.66 -22.16
N ALA A 42 -7.86 12.45 -22.42
CA ALA A 42 -8.01 13.86 -22.79
C ALA A 42 -8.65 14.68 -21.68
N PRO A 43 -7.83 15.18 -20.75
CA PRO A 43 -8.30 15.99 -19.63
C PRO A 43 -8.55 17.45 -20.05
N GLU A 44 -9.77 17.72 -20.47
CA GLU A 44 -10.16 19.06 -20.90
C GLU A 44 -10.11 20.03 -19.73
N LEU A 45 -10.88 19.74 -18.69
CA LEU A 45 -10.94 20.58 -17.52
C LEU A 45 -10.17 19.95 -16.36
N ALA A 46 -10.59 18.74 -15.98
CA ALA A 46 -9.96 17.99 -14.88
C ALA A 46 -10.05 18.74 -13.55
N LEU A 47 -9.44 18.17 -12.52
CA LEU A 47 -9.44 18.77 -11.20
C LEU A 47 -8.17 18.42 -10.44
N ASP A 48 -7.44 19.44 -10.02
CA ASP A 48 -6.22 19.23 -9.26
C ASP A 48 -6.27 20.03 -7.97
N PRO A 49 -6.50 19.34 -6.83
CA PRO A 49 -6.60 19.99 -5.52
C PRO A 49 -5.24 20.45 -5.00
N VAL A 50 -4.17 19.95 -5.63
CA VAL A 50 -2.79 20.29 -5.25
C VAL A 50 -2.52 19.97 -3.78
N PRO A 51 -2.03 18.75 -3.49
CA PRO A 51 -1.73 18.33 -2.12
C PRO A 51 -0.67 19.23 -1.49
N GLN A 52 -0.99 19.79 -0.34
CA GLN A 52 -0.07 20.69 0.35
C GLN A 52 0.76 19.95 1.40
N ASP A 53 0.50 18.67 1.57
CA ASP A 53 1.23 17.87 2.54
C ASP A 53 2.46 17.23 1.89
N ALA A 54 3.61 17.39 2.54
CA ALA A 54 4.85 16.84 2.04
C ALA A 54 5.12 15.47 2.65
N SER A 55 4.46 15.19 3.78
CA SER A 55 4.63 13.92 4.47
C SER A 55 4.21 12.76 3.58
N THR A 56 2.99 12.82 3.05
CA THR A 56 2.47 11.78 2.18
C THR A 56 3.31 11.68 0.90
N LYS A 57 3.79 12.83 0.45
CA LYS A 57 4.62 12.89 -0.75
C LYS A 57 5.94 12.15 -0.51
N LYS A 58 6.55 12.41 0.65
CA LYS A 58 7.80 11.75 1.01
C LYS A 58 7.59 10.24 1.11
N LEU A 59 6.49 9.84 1.74
CA LEU A 59 6.15 8.43 1.90
C LEU A 59 5.98 7.76 0.54
N SER A 60 5.26 8.43 -0.35
CA SER A 60 5.04 7.90 -1.69
C SER A 60 6.35 7.81 -2.47
N GLU A 61 7.20 8.83 -2.32
CA GLU A 61 8.48 8.87 -3.00
C GLU A 61 9.40 7.73 -2.55
N CYS A 62 9.54 7.57 -1.23
CA CYS A 62 10.39 6.51 -0.70
C CYS A 62 9.94 5.14 -1.15
N LEU A 63 8.62 4.94 -1.24
CA LEU A 63 8.08 3.67 -1.68
C LEU A 63 8.26 3.51 -3.19
N LYS A 64 8.15 4.64 -3.90
CA LYS A 64 8.30 4.67 -5.35
C LYS A 64 9.69 4.20 -5.76
N ARG A 65 10.72 4.74 -5.13
CA ARG A 65 12.09 4.38 -5.45
C ARG A 65 12.40 2.92 -5.12
N ILE A 66 11.90 2.45 -3.97
CA ILE A 66 12.12 1.07 -3.55
C ILE A 66 11.39 0.11 -4.50
N GLY A 67 10.12 0.40 -4.77
CA GLY A 67 9.34 -0.44 -5.66
C GLY A 67 9.85 -0.42 -7.07
N ASP A 68 10.52 0.67 -7.43
CA ASP A 68 11.10 0.82 -8.76
C ASP A 68 12.33 -0.06 -8.92
N GLU A 69 13.15 -0.10 -7.88
CA GLU A 69 14.36 -0.92 -7.90
C GLU A 69 14.03 -2.39 -7.81
N LEU A 70 12.91 -2.71 -7.15
CA LEU A 70 12.46 -4.09 -7.00
C LEU A 70 11.91 -4.62 -8.33
N ASP A 71 11.88 -3.75 -9.33
CA ASP A 71 11.39 -4.12 -10.65
C ASP A 71 12.56 -4.27 -11.62
N SER A 72 13.75 -3.90 -11.15
CA SER A 72 14.96 -3.99 -11.95
C SER A 72 15.43 -5.43 -12.10
N ASN A 73 15.31 -6.20 -11.01
CA ASN A 73 15.73 -7.60 -11.03
C ASN A 73 14.79 -8.44 -11.89
N MET A 74 15.32 -9.01 -12.95
CA MET A 74 14.55 -9.83 -13.87
C MET A 74 14.03 -11.11 -13.22
N GLU A 75 14.76 -11.64 -12.26
CA GLU A 75 14.36 -12.86 -11.56
C GLU A 75 13.02 -12.70 -10.87
N LEU A 76 12.95 -11.72 -9.97
CA LEU A 76 11.71 -11.46 -9.23
C LEU A 76 10.58 -11.06 -10.16
N GLN A 77 10.90 -10.25 -11.17
CA GLN A 77 9.89 -9.81 -12.13
C GLN A 77 9.29 -10.98 -12.90
N ARG A 78 10.16 -11.89 -13.34
CA ARG A 78 9.72 -13.07 -14.08
C ARG A 78 8.83 -13.95 -13.22
N MET A 79 9.15 -14.02 -11.93
CA MET A 79 8.39 -14.82 -10.99
C MET A 79 6.97 -14.26 -10.83
N ILE A 80 6.85 -12.94 -10.89
CA ILE A 80 5.56 -12.27 -10.77
C ILE A 80 4.70 -12.60 -11.99
N ALA A 81 5.35 -12.73 -13.14
CA ALA A 81 4.66 -13.04 -14.39
C ALA A 81 4.30 -14.53 -14.47
N ALA A 82 4.63 -15.27 -13.42
CA ALA A 82 4.34 -16.70 -13.37
C ALA A 82 3.23 -16.98 -12.36
N VAL A 83 2.59 -15.92 -11.89
CA VAL A 83 1.51 -16.05 -10.92
C VAL A 83 0.19 -16.36 -11.63
N ASP A 84 -0.70 -17.07 -10.95
CA ASP A 84 -1.99 -17.41 -11.51
C ASP A 84 -3.05 -16.42 -11.04
N THR A 85 -3.49 -15.55 -11.93
CA THR A 85 -4.49 -14.56 -11.59
C THR A 85 -5.90 -15.16 -11.66
N ASP A 86 -6.04 -16.35 -11.09
CA ASP A 86 -7.31 -17.05 -11.09
C ASP A 86 -8.07 -16.75 -9.81
N SER A 87 -7.36 -16.75 -8.69
CA SER A 87 -7.95 -16.48 -7.40
C SER A 87 -7.62 -15.06 -6.94
N PRO A 88 -8.61 -14.16 -6.97
CA PRO A 88 -8.42 -12.76 -6.58
C PRO A 88 -8.09 -12.55 -5.10
N ARG A 89 -9.10 -12.68 -4.24
CA ARG A 89 -8.90 -12.48 -2.81
C ARG A 89 -8.13 -13.62 -2.16
N GLU A 90 -8.27 -14.82 -2.71
CA GLU A 90 -7.59 -16.00 -2.18
C GLU A 90 -6.09 -15.80 -2.10
N VAL A 91 -5.48 -15.35 -3.19
CA VAL A 91 -4.04 -15.13 -3.23
C VAL A 91 -3.64 -13.98 -2.31
N PHE A 92 -4.40 -12.88 -2.40
CA PHE A 92 -4.14 -11.70 -1.59
C PHE A 92 -4.23 -12.01 -0.10
N PHE A 93 -5.29 -12.71 0.29
CA PHE A 93 -5.50 -13.06 1.69
C PHE A 93 -4.43 -14.03 2.17
N ARG A 94 -4.05 -14.95 1.30
CA ARG A 94 -3.03 -15.94 1.63
C ARG A 94 -1.69 -15.28 1.93
N VAL A 95 -1.23 -14.41 1.02
CA VAL A 95 0.05 -13.73 1.22
C VAL A 95 0.00 -12.77 2.40
N ALA A 96 -1.19 -12.25 2.69
CA ALA A 96 -1.37 -11.35 3.80
C ALA A 96 -1.20 -12.07 5.12
N ALA A 97 -1.68 -13.32 5.16
CA ALA A 97 -1.58 -14.15 6.35
C ALA A 97 -0.24 -14.88 6.41
N ASP A 98 0.31 -15.20 5.24
CA ASP A 98 1.59 -15.91 5.13
C ASP A 98 2.70 -15.15 5.85
N MET A 99 2.67 -13.82 5.72
CA MET A 99 3.68 -12.98 6.36
C MET A 99 3.20 -12.49 7.72
N PHE A 100 2.13 -13.08 8.23
CA PHE A 100 1.58 -12.69 9.52
C PHE A 100 1.44 -13.89 10.48
N SER A 101 1.56 -15.10 9.93
CA SER A 101 1.44 -16.31 10.73
C SER A 101 2.56 -16.44 11.76
N ASP A 102 3.74 -15.94 11.42
CA ASP A 102 4.88 -15.99 12.33
C ASP A 102 4.79 -14.89 13.38
N GLY A 103 4.04 -13.84 13.05
CA GLY A 103 3.87 -12.73 13.97
C GLY A 103 5.13 -11.87 14.08
N ASN A 104 5.89 -11.81 13.00
CA ASN A 104 7.12 -11.04 12.99
C ASN A 104 6.90 -9.66 12.38
N PHE A 105 7.02 -8.63 13.21
CA PHE A 105 6.84 -7.26 12.75
C PHE A 105 8.18 -6.71 12.26
N ASN A 106 8.70 -7.34 11.21
CA ASN A 106 9.97 -6.96 10.63
C ASN A 106 9.87 -5.76 9.68
N TRP A 107 8.65 -5.24 9.51
CA TRP A 107 8.38 -4.10 8.62
C TRP A 107 8.49 -4.45 7.14
N GLY A 108 9.47 -5.28 6.79
CA GLY A 108 9.66 -5.69 5.41
C GLY A 108 8.42 -6.34 4.81
N ARG A 109 7.67 -7.03 5.65
CA ARG A 109 6.44 -7.70 5.20
C ARG A 109 5.39 -6.69 4.76
N VAL A 110 5.57 -5.43 5.14
CA VAL A 110 4.62 -4.38 4.80
C VAL A 110 4.94 -3.83 3.40
N VAL A 111 6.20 -3.44 3.20
CA VAL A 111 6.63 -2.91 1.91
C VAL A 111 6.52 -3.97 0.81
N ALA A 112 6.76 -5.23 1.18
CA ALA A 112 6.66 -6.33 0.23
C ALA A 112 5.24 -6.45 -0.29
N LEU A 113 4.28 -6.25 0.61
CA LEU A 113 2.87 -6.34 0.25
C LEU A 113 2.50 -5.21 -0.70
N PHE A 114 3.10 -4.04 -0.48
CA PHE A 114 2.85 -2.88 -1.33
C PHE A 114 3.32 -3.13 -2.76
N TYR A 115 4.49 -3.76 -2.88
CA TYR A 115 5.05 -4.07 -4.19
C TYR A 115 4.19 -5.11 -4.90
N PHE A 116 3.73 -6.09 -4.15
CA PHE A 116 2.89 -7.15 -4.71
C PHE A 116 1.55 -6.58 -5.16
N ALA A 117 0.96 -5.74 -4.32
CA ALA A 117 -0.32 -5.11 -4.62
C ALA A 117 -0.23 -4.21 -5.83
N SER A 118 0.79 -3.37 -5.90
CA SER A 118 0.97 -2.45 -7.02
C SER A 118 1.14 -3.21 -8.34
N LYS A 119 1.83 -4.35 -8.28
CA LYS A 119 2.04 -5.16 -9.47
C LYS A 119 0.72 -5.75 -9.97
N LEU A 120 -0.14 -6.12 -9.02
CA LEU A 120 -1.45 -6.67 -9.37
C LEU A 120 -2.30 -5.59 -10.00
N VAL A 121 -2.23 -4.39 -9.43
CA VAL A 121 -2.99 -3.24 -9.93
C VAL A 121 -2.53 -2.91 -11.34
N LEU A 122 -1.22 -2.90 -11.55
CA LEU A 122 -0.65 -2.59 -12.86
C LEU A 122 -1.11 -3.64 -13.88
N LYS A 123 -1.18 -4.89 -13.45
CA LYS A 123 -1.61 -5.98 -14.32
C LYS A 123 -3.09 -5.81 -14.68
N ALA A 124 -3.91 -5.56 -13.66
CA ALA A 124 -5.35 -5.39 -13.87
C ALA A 124 -5.62 -4.17 -14.76
N LEU A 125 -4.80 -3.14 -14.60
CA LEU A 125 -4.94 -1.93 -15.40
C LEU A 125 -4.72 -2.23 -16.88
N CYS A 126 -3.75 -3.09 -17.17
CA CYS A 126 -3.44 -3.48 -18.54
C CYS A 126 -4.52 -4.43 -19.08
N THR A 127 -5.39 -4.89 -18.18
CA THR A 127 -6.47 -5.78 -18.56
C THR A 127 -7.73 -4.97 -18.88
N LYS A 128 -7.61 -3.65 -18.70
CA LYS A 128 -8.71 -2.71 -18.95
C LYS A 128 -9.90 -2.96 -18.04
N VAL A 129 -9.64 -3.11 -16.75
CA VAL A 129 -10.71 -3.34 -15.78
C VAL A 129 -10.54 -2.45 -14.54
N PRO A 130 -11.01 -1.20 -14.62
CA PRO A 130 -10.94 -0.23 -13.52
C PRO A 130 -11.66 -0.72 -12.27
N GLU A 131 -12.72 -1.51 -12.46
CA GLU A 131 -13.50 -2.04 -11.34
C GLU A 131 -12.61 -2.87 -10.41
N LEU A 132 -11.81 -3.75 -10.99
CA LEU A 132 -10.92 -4.60 -10.22
C LEU A 132 -9.91 -3.77 -9.44
N ILE A 133 -9.45 -2.68 -10.06
CA ILE A 133 -8.49 -1.78 -9.42
C ILE A 133 -9.02 -1.28 -8.09
N ARG A 134 -10.31 -0.93 -8.08
CA ARG A 134 -10.95 -0.44 -6.87
C ARG A 134 -11.12 -1.56 -5.85
N THR A 135 -11.47 -2.74 -6.33
CA THR A 135 -11.67 -3.89 -5.45
C THR A 135 -10.38 -4.31 -4.75
N ILE A 136 -9.26 -4.26 -5.48
CA ILE A 136 -7.96 -4.61 -4.91
C ILE A 136 -7.65 -3.75 -3.70
N MET A 137 -7.89 -2.44 -3.83
CA MET A 137 -7.65 -1.49 -2.75
C MET A 137 -8.52 -1.82 -1.54
N GLY A 138 -9.70 -2.35 -1.81
CA GLY A 138 -10.62 -2.72 -0.74
C GLY A 138 -10.04 -3.82 0.13
N TRP A 139 -9.28 -4.72 -0.48
CA TRP A 139 -8.66 -5.82 0.24
C TRP A 139 -7.45 -5.31 1.03
N THR A 140 -6.79 -4.30 0.49
CA THR A 140 -5.62 -3.71 1.14
C THR A 140 -6.04 -3.02 2.44
N LEU A 141 -7.15 -2.29 2.38
CA LEU A 141 -7.66 -1.57 3.53
C LEU A 141 -8.35 -2.53 4.49
N ASP A 142 -8.83 -3.65 3.95
CA ASP A 142 -9.52 -4.68 4.72
C ASP A 142 -8.64 -5.20 5.85
N PHE A 143 -7.47 -5.70 5.50
CA PHE A 143 -6.53 -6.24 6.49
C PHE A 143 -5.92 -5.11 7.32
N LEU A 144 -5.90 -3.92 6.75
CA LEU A 144 -5.35 -2.74 7.43
C LEU A 144 -6.19 -2.37 8.65
N ARG A 145 -7.50 -2.23 8.44
CA ARG A 145 -8.41 -1.85 9.52
C ARG A 145 -8.58 -3.00 10.53
N GLU A 146 -8.48 -4.23 10.06
CA GLU A 146 -8.66 -5.38 10.92
C GLU A 146 -7.43 -5.70 11.78
N ARG A 147 -6.23 -5.29 11.35
CA ARG A 147 -5.03 -5.60 12.13
C ARG A 147 -4.03 -4.44 12.19
N LEU A 148 -3.52 -4.05 11.03
CA LEU A 148 -2.51 -2.98 10.94
C LEU A 148 -2.81 -1.72 11.76
N LEU A 149 -4.09 -1.34 11.81
CA LEU A 149 -4.51 -0.15 12.55
C LEU A 149 -4.00 -0.17 13.99
N GLY A 150 -4.10 -1.32 14.64
CA GLY A 150 -3.65 -1.44 16.02
C GLY A 150 -2.15 -1.23 16.18
N TRP A 151 -1.40 -1.70 15.18
CA TRP A 151 0.05 -1.58 15.22
C TRP A 151 0.49 -0.14 14.94
N ILE A 152 -0.16 0.48 13.96
CA ILE A 152 0.16 1.87 13.59
C ILE A 152 -0.20 2.83 14.72
N GLN A 153 -1.33 2.57 15.38
CA GLN A 153 -1.77 3.41 16.49
C GLN A 153 -0.82 3.26 17.68
N ASP A 154 -0.35 2.04 17.90
CA ASP A 154 0.54 1.73 19.02
C ASP A 154 1.87 2.49 18.91
N GLN A 155 2.42 2.54 17.71
CA GLN A 155 3.70 3.23 17.48
C GLN A 155 3.54 4.74 17.45
N GLY A 156 2.29 5.20 17.42
CA GLY A 156 2.02 6.62 17.40
C GLY A 156 1.94 7.20 16.01
N GLY A 157 1.49 6.40 15.04
CA GLY A 157 1.36 6.89 13.69
C GLY A 157 2.30 6.19 12.73
N TRP A 158 2.61 6.86 11.63
CA TRP A 158 3.48 6.28 10.60
C TRP A 158 4.93 6.63 10.88
N ASP A 159 5.19 7.13 12.08
CA ASP A 159 6.54 7.51 12.49
C ASP A 159 7.49 6.33 12.41
N GLY A 160 6.97 5.14 12.69
CA GLY A 160 7.79 3.94 12.62
C GLY A 160 8.32 3.70 11.23
N LEU A 161 7.44 3.81 10.24
CA LEU A 161 7.82 3.62 8.84
C LEU A 161 8.80 4.70 8.41
N LEU A 162 8.54 5.92 8.86
CA LEU A 162 9.38 7.06 8.54
C LEU A 162 10.77 6.93 9.17
N SER A 163 10.87 6.09 10.19
CA SER A 163 12.13 5.87 10.88
C SER A 163 12.79 4.57 10.40
N TYR A 164 12.09 3.85 9.54
CA TYR A 164 12.60 2.59 9.01
C TYR A 164 13.37 2.84 7.72
N PHE A 165 13.04 3.93 7.05
CA PHE A 165 13.71 4.28 5.80
C PHE A 165 15.10 4.85 6.08
N GLY A 166 16.09 3.96 6.11
CA GLY A 166 17.45 4.37 6.36
C GLY A 166 18.19 4.72 5.09
N THR A 167 19.47 4.39 5.05
CA THR A 167 20.31 4.68 3.88
C THR A 167 21.44 3.64 3.72
N PRO A 168 22.31 3.48 4.75
CA PRO A 168 23.40 2.50 4.68
C PRO A 168 22.87 1.08 4.78
N THR A 169 23.61 0.14 4.19
CA THR A 169 23.22 -1.27 4.21
C THR A 169 21.87 -1.48 3.49
N TRP A 170 21.59 -0.59 2.53
CA TRP A 170 20.35 -0.65 1.77
C TRP A 170 20.22 -1.93 0.97
N GLN A 171 21.36 -2.47 0.54
CA GLN A 171 21.38 -3.70 -0.25
C GLN A 171 20.72 -4.84 0.51
N THR A 172 21.04 -4.96 1.79
CA THR A 172 20.48 -6.00 2.62
C THR A 172 18.97 -5.83 2.75
N VAL A 173 18.52 -4.59 2.71
CA VAL A 173 17.10 -4.28 2.81
C VAL A 173 16.37 -4.75 1.55
N THR A 174 16.92 -4.41 0.39
CA THR A 174 16.34 -4.81 -0.88
C THR A 174 16.26 -6.34 -0.98
N ILE A 175 17.34 -7.01 -0.60
CA ILE A 175 17.39 -8.47 -0.64
C ILE A 175 16.36 -9.07 0.33
N PHE A 176 16.19 -8.41 1.47
CA PHE A 176 15.24 -8.85 2.47
C PHE A 176 13.81 -8.86 1.91
N VAL A 177 13.43 -7.74 1.30
CA VAL A 177 12.10 -7.61 0.71
C VAL A 177 11.88 -8.67 -0.37
N ALA A 178 12.88 -8.82 -1.24
CA ALA A 178 12.80 -9.79 -2.32
C ALA A 178 12.66 -11.21 -1.78
N GLY A 179 13.40 -11.50 -0.71
CA GLY A 179 13.35 -12.81 -0.10
C GLY A 179 11.97 -13.16 0.42
N VAL A 180 11.33 -12.20 1.10
CA VAL A 180 9.99 -12.40 1.64
C VAL A 180 9.00 -12.70 0.51
N LEU A 181 9.10 -11.93 -0.56
CA LEU A 181 8.23 -12.11 -1.71
C LEU A 181 8.46 -13.46 -2.36
N THR A 182 9.73 -13.84 -2.50
CA THR A 182 10.10 -15.11 -3.10
C THR A 182 9.51 -16.29 -2.32
N ALA A 183 9.52 -16.17 -1.00
CA ALA A 183 9.00 -17.23 -0.13
C ALA A 183 7.53 -17.53 -0.42
N SER A 184 6.66 -16.56 -0.14
CA SER A 184 5.23 -16.70 -0.33
C SER A 184 4.87 -17.09 -1.76
N LEU A 185 5.58 -16.52 -2.74
CA LEU A 185 5.33 -16.80 -4.14
C LEU A 185 5.62 -18.26 -4.49
N THR A 186 6.77 -18.75 -4.03
CA THR A 186 7.16 -20.14 -4.29
C THR A 186 6.22 -21.10 -3.55
N ILE A 187 5.79 -20.70 -2.36
CA ILE A 187 4.89 -21.52 -1.56
C ILE A 187 3.55 -21.66 -2.28
N TRP A 188 3.13 -20.59 -2.96
CA TRP A 188 1.88 -20.59 -3.70
C TRP A 188 1.98 -21.49 -4.92
N LYS A 189 3.02 -21.29 -5.72
CA LYS A 189 3.23 -22.08 -6.93
C LYS A 189 3.90 -23.42 -6.61
N LYS A 190 3.23 -24.21 -5.79
CA LYS A 190 3.74 -25.52 -5.40
C LYS A 190 3.55 -26.53 -6.54
N MET A 191 4.39 -26.40 -7.57
CA MET A 191 4.34 -27.27 -8.74
C MET A 191 3.19 -26.87 -9.68
N GLY A 192 2.12 -26.36 -9.09
CA GLY A 192 0.97 -25.94 -9.84
C GLY A 192 0.17 -24.93 -9.06
N GLU B 1 -12.94 -8.51 6.27
CA GLU B 1 -13.53 -9.60 5.47
C GLU B 1 -14.29 -9.03 4.28
N ILE B 2 -14.96 -9.88 3.50
CA ILE B 2 -15.71 -9.45 2.31
C ILE B 2 -16.60 -8.24 2.59
N TRP B 3 -17.47 -8.35 3.59
CA TRP B 3 -18.38 -7.25 3.93
C TRP B 3 -17.61 -6.03 4.44
N ILE B 4 -16.58 -6.27 5.22
CA ILE B 4 -15.78 -5.18 5.78
C ILE B 4 -15.04 -4.43 4.67
N ALA B 5 -14.50 -5.17 3.71
CA ALA B 5 -13.77 -4.59 2.59
C ALA B 5 -14.67 -3.69 1.75
N GLN B 6 -15.98 -3.97 1.77
CA GLN B 6 -16.93 -3.17 1.02
C GLN B 6 -16.91 -1.71 1.48
N GLU B 7 -17.11 -1.51 2.78
CA GLU B 7 -17.11 -0.17 3.35
C GLU B 7 -15.71 0.43 3.30
N LEU B 8 -14.70 -0.38 3.61
CA LEU B 8 -13.33 0.08 3.60
C LEU B 8 -12.92 0.55 2.21
N ARG B 9 -13.39 -0.16 1.18
CA ARG B 9 -13.10 0.20 -0.20
C ARG B 9 -13.71 1.56 -0.49
N ARG B 10 -14.89 1.79 0.05
CA ARG B 10 -15.59 3.07 -0.14
C ARG B 10 -14.80 4.21 0.48
N ILE B 11 -14.12 3.94 1.59
CA ILE B 11 -13.31 4.95 2.26
C ILE B 11 -12.21 5.42 1.30
N GLY B 12 -11.61 4.46 0.61
CA GLY B 12 -10.57 4.78 -0.34
C GLY B 12 -11.17 5.42 -1.58
N ASP B 13 -12.38 4.99 -1.93
CA ASP B 13 -13.10 5.51 -3.08
C ASP B 13 -13.42 6.98 -2.87
N GLU B 14 -13.95 7.28 -1.69
CA GLU B 14 -14.32 8.62 -1.30
C GLU B 14 -13.11 9.55 -1.35
N PHE B 15 -11.97 9.05 -0.88
CA PHE B 15 -10.75 9.84 -0.87
C PHE B 15 -10.19 9.96 -2.29
N ASN B 16 -10.31 8.88 -3.06
CA ASN B 16 -9.82 8.84 -4.43
C ASN B 16 -10.55 9.86 -5.30
N ALA B 17 -11.85 10.02 -5.05
CA ALA B 17 -12.66 10.95 -5.81
C ALA B 17 -12.47 12.39 -5.33
N TYR B 18 -11.61 12.57 -4.33
CA TYR B 18 -11.34 13.89 -3.80
C TYR B 18 -10.01 14.43 -4.32
N TYR B 19 -9.17 13.54 -4.83
CA TYR B 19 -7.87 13.92 -5.36
C TYR B 19 -7.74 13.59 -6.84
N ALA B 20 -8.88 13.39 -7.49
CA ALA B 20 -8.91 13.06 -8.90
C ALA B 20 -10.18 13.60 -9.55
N MET A 1 -10.73 28.97 25.07
CA MET A 1 -9.86 28.76 26.24
C MET A 1 -9.07 27.45 26.15
N ASP A 2 -9.65 26.44 25.52
CA ASP A 2 -9.01 25.13 25.39
C ASP A 2 -7.71 25.20 24.59
N GLY A 3 -7.67 26.08 23.60
CA GLY A 3 -6.47 26.23 22.80
C GLY A 3 -5.44 27.10 23.49
N SER A 4 -5.81 27.60 24.67
CA SER A 4 -4.92 28.44 25.45
C SER A 4 -4.36 27.66 26.63
N GLY A 5 -4.64 26.36 26.66
CA GLY A 5 -4.18 25.50 27.72
C GLY A 5 -2.79 24.96 27.47
N GLU A 6 -2.41 23.93 28.21
CA GLU A 6 -1.10 23.32 28.07
C GLU A 6 -1.13 22.19 27.05
N GLN A 7 -0.30 22.30 26.03
CA GLN A 7 -0.22 21.28 24.99
C GLN A 7 1.24 20.93 24.73
N PRO A 8 1.57 19.64 24.69
CA PRO A 8 2.94 19.18 24.44
C PRO A 8 3.30 19.28 22.96
N ARG A 9 3.31 20.50 22.43
CA ARG A 9 3.64 20.78 21.03
C ARG A 9 2.49 20.39 20.10
N GLY A 10 1.94 19.20 20.30
CA GLY A 10 0.85 18.75 19.48
C GLY A 10 -0.14 17.92 20.27
N GLY A 11 -1.42 18.28 20.18
CA GLY A 11 -2.45 17.54 20.90
C GLY A 11 -2.76 16.20 20.26
N GLY A 12 -3.62 15.43 20.91
CA GLY A 12 -3.97 14.12 20.40
C GLY A 12 -5.42 14.05 19.91
N PRO A 13 -5.64 14.19 18.59
CA PRO A 13 -6.98 14.12 18.02
C PRO A 13 -7.33 12.68 17.63
N THR A 14 -8.44 12.48 16.95
CA THR A 14 -8.85 11.16 16.52
C THR A 14 -7.95 10.63 15.41
N SER A 15 -7.05 9.72 15.77
CA SER A 15 -6.13 9.15 14.80
C SER A 15 -6.67 7.85 14.22
N SER A 16 -7.74 7.34 14.81
CA SER A 16 -8.37 6.10 14.38
C SER A 16 -8.74 6.13 12.90
N GLU A 17 -9.69 7.01 12.55
CA GLU A 17 -10.14 7.12 11.17
C GLU A 17 -9.08 7.84 10.34
N GLN A 18 -8.27 8.65 11.01
CA GLN A 18 -7.19 9.40 10.36
C GLN A 18 -6.24 8.46 9.63
N ILE A 19 -5.81 7.41 10.32
CA ILE A 19 -4.90 6.42 9.74
C ILE A 19 -5.55 5.74 8.54
N MET A 20 -6.81 5.38 8.69
CA MET A 20 -7.57 4.72 7.62
C MET A 20 -7.63 5.62 6.39
N LYS A 21 -7.85 6.90 6.59
CA LYS A 21 -7.94 7.86 5.49
C LYS A 21 -6.57 8.07 4.84
N THR A 22 -5.50 7.86 5.60
CA THR A 22 -4.15 8.02 5.09
C THR A 22 -3.88 6.97 4.01
N GLY A 23 -4.36 5.76 4.25
CA GLY A 23 -4.17 4.68 3.30
C GLY A 23 -4.84 4.96 1.97
N ALA A 24 -5.97 5.65 2.02
CA ALA A 24 -6.72 5.99 0.81
C ALA A 24 -5.92 6.94 -0.06
N LEU A 25 -5.22 7.87 0.56
CA LEU A 25 -4.40 8.84 -0.16
C LEU A 25 -3.11 8.19 -0.65
N LEU A 26 -2.52 7.36 0.19
CA LEU A 26 -1.28 6.67 -0.14
C LEU A 26 -1.43 5.83 -1.41
N LEU A 27 -2.48 5.02 -1.45
CA LEU A 27 -2.73 4.17 -2.61
C LEU A 27 -3.03 5.01 -3.84
N GLN A 28 -3.76 6.11 -3.64
CA GLN A 28 -4.12 7.00 -4.73
C GLN A 28 -2.88 7.58 -5.41
N GLY A 29 -2.01 8.20 -4.62
CA GLY A 29 -0.81 8.80 -5.15
C GLY A 29 0.15 7.79 -5.74
N PHE A 30 0.35 6.68 -5.04
CA PHE A 30 1.24 5.63 -5.49
C PHE A 30 0.84 5.07 -6.84
N ILE A 31 -0.45 4.80 -7.00
CA ILE A 31 -0.96 4.26 -8.25
C ILE A 31 -0.92 5.30 -9.37
N GLN A 32 -1.38 6.51 -9.07
CA GLN A 32 -1.41 7.60 -10.05
C GLN A 32 -0.04 7.92 -10.62
N ASP A 33 0.96 7.96 -9.75
CA ASP A 33 2.34 8.27 -10.17
C ASP A 33 2.86 7.21 -11.14
N ARG A 34 2.49 5.97 -10.91
CA ARG A 34 2.94 4.88 -11.78
C ARG A 34 2.03 4.70 -12.99
N ALA A 35 0.79 5.14 -12.87
CA ALA A 35 -0.20 5.04 -13.95
C ALA A 35 0.12 6.06 -15.05
N GLY A 36 0.82 7.12 -14.67
CA GLY A 36 1.19 8.15 -15.63
C GLY A 36 2.14 7.65 -16.69
N ARG A 37 2.67 6.44 -16.48
CA ARG A 37 3.60 5.83 -17.42
C ARG A 37 2.88 5.36 -18.67
N MET A 38 1.54 5.39 -18.64
CA MET A 38 0.74 4.97 -19.79
C MET A 38 0.30 6.16 -20.63
N GLY A 39 0.24 7.34 -20.01
CA GLY A 39 -0.14 8.53 -20.73
C GLY A 39 -1.45 9.13 -20.21
N GLY A 40 -2.33 9.49 -21.12
CA GLY A 40 -3.60 10.06 -20.74
C GLY A 40 -4.52 10.22 -21.93
N GLU A 41 -5.82 10.21 -21.69
CA GLU A 41 -6.81 10.34 -22.75
C GLU A 41 -7.01 11.81 -23.16
N ALA A 42 -5.90 12.47 -23.52
CA ALA A 42 -5.91 13.87 -23.94
C ALA A 42 -6.67 14.76 -22.96
N PRO A 43 -6.06 15.04 -21.79
CA PRO A 43 -6.68 15.88 -20.75
C PRO A 43 -6.94 17.31 -21.24
N GLU A 44 -8.19 17.60 -21.55
CA GLU A 44 -8.58 18.92 -22.02
C GLU A 44 -8.92 19.81 -20.84
N LEU A 45 -9.84 19.35 -20.00
CA LEU A 45 -10.26 20.11 -18.83
C LEU A 45 -9.53 19.59 -17.60
N ALA A 46 -9.69 18.29 -17.33
CA ALA A 46 -9.06 17.63 -16.19
C ALA A 46 -9.42 18.28 -14.86
N LEU A 47 -8.66 17.95 -13.82
CA LEU A 47 -8.88 18.50 -12.49
C LEU A 47 -7.57 18.49 -11.71
N ASP A 48 -7.40 19.47 -10.83
CA ASP A 48 -6.19 19.56 -10.02
C ASP A 48 -6.53 20.14 -8.64
N PRO A 49 -6.68 19.26 -7.63
CA PRO A 49 -7.01 19.68 -6.26
C PRO A 49 -5.81 20.33 -5.58
N VAL A 50 -4.62 20.16 -6.19
CA VAL A 50 -3.38 20.70 -5.66
C VAL A 50 -3.13 20.25 -4.22
N PRO A 51 -2.68 18.99 -4.04
CA PRO A 51 -2.40 18.42 -2.72
C PRO A 51 -1.44 19.29 -1.91
N GLN A 52 -1.88 19.71 -0.73
CA GLN A 52 -1.07 20.55 0.13
C GLN A 52 -0.40 19.74 1.25
N ASP A 53 -0.13 18.47 0.98
CA ASP A 53 0.50 17.62 1.98
C ASP A 53 1.83 17.08 1.50
N ALA A 54 2.87 17.25 2.31
CA ALA A 54 4.20 16.79 1.97
C ALA A 54 4.53 15.47 2.66
N SER A 55 3.80 15.18 3.74
CA SER A 55 4.01 13.95 4.49
C SER A 55 3.70 12.73 3.64
N THR A 56 2.53 12.71 3.03
CA THR A 56 2.12 11.60 2.18
C THR A 56 2.95 11.57 0.91
N LYS A 57 3.35 12.76 0.46
CA LYS A 57 4.16 12.89 -0.74
C LYS A 57 5.50 12.21 -0.56
N LYS A 58 6.14 12.46 0.59
CA LYS A 58 7.43 11.87 0.90
C LYS A 58 7.32 10.34 0.90
N LEU A 59 6.29 9.83 1.55
CA LEU A 59 6.05 8.40 1.62
C LEU A 59 5.90 7.79 0.23
N SER A 60 5.10 8.44 -0.59
CA SER A 60 4.86 7.97 -1.95
C SER A 60 6.16 7.97 -2.75
N GLU A 61 6.93 9.04 -2.64
CA GLU A 61 8.19 9.17 -3.36
C GLU A 61 9.24 8.17 -2.89
N CYS A 62 9.30 7.91 -1.59
CA CYS A 62 10.26 6.96 -1.05
C CYS A 62 9.90 5.52 -1.41
N LEU A 63 8.61 5.21 -1.39
CA LEU A 63 8.15 3.86 -1.72
C LEU A 63 8.27 3.61 -3.21
N LYS A 64 7.93 4.62 -4.00
CA LYS A 64 7.98 4.53 -5.45
C LYS A 64 9.38 4.19 -5.94
N ARG A 65 10.39 4.88 -5.40
CA ARG A 65 11.77 4.65 -5.80
C ARG A 65 12.21 3.22 -5.50
N ILE A 66 11.75 2.67 -4.38
CA ILE A 66 12.10 1.31 -4.00
C ILE A 66 11.36 0.32 -4.87
N GLY A 67 10.07 0.58 -5.08
CA GLY A 67 9.23 -0.28 -5.89
C GLY A 67 9.72 -0.41 -7.32
N ASP A 68 10.01 0.73 -7.95
CA ASP A 68 10.48 0.74 -9.34
C ASP A 68 11.85 0.07 -9.46
N GLU A 69 12.68 0.25 -8.43
CA GLU A 69 14.02 -0.36 -8.42
C GLU A 69 13.91 -1.87 -8.23
N LEU A 70 12.82 -2.31 -7.60
CA LEU A 70 12.59 -3.73 -7.35
C LEU A 70 12.12 -4.46 -8.61
N ASP A 71 12.20 -3.78 -9.75
CA ASP A 71 11.81 -4.40 -11.02
C ASP A 71 13.04 -4.69 -11.86
N SER A 72 14.18 -4.16 -11.41
CA SER A 72 15.45 -4.36 -12.11
C SER A 72 15.83 -5.83 -12.12
N ASN A 73 15.49 -6.52 -11.03
CA ASN A 73 15.77 -7.94 -10.90
C ASN A 73 14.84 -8.75 -11.79
N MET A 74 15.34 -9.16 -12.95
CA MET A 74 14.56 -9.93 -13.91
C MET A 74 14.01 -11.22 -13.31
N GLU A 75 14.74 -11.77 -12.35
CA GLU A 75 14.32 -13.01 -11.68
C GLU A 75 12.93 -12.83 -11.07
N LEU A 76 12.81 -11.88 -10.16
CA LEU A 76 11.54 -11.60 -9.50
C LEU A 76 10.52 -11.03 -10.49
N GLN A 77 11.01 -10.22 -11.42
CA GLN A 77 10.14 -9.61 -12.43
C GLN A 77 9.39 -10.69 -13.21
N ARG A 78 10.11 -11.74 -13.61
CA ARG A 78 9.52 -12.84 -14.35
C ARG A 78 8.69 -13.74 -13.43
N MET A 79 9.16 -13.91 -12.20
CA MET A 79 8.46 -14.75 -11.23
C MET A 79 7.05 -14.25 -10.98
N ILE A 80 6.88 -12.92 -10.96
CA ILE A 80 5.57 -12.32 -10.76
C ILE A 80 4.65 -12.61 -11.95
N ALA A 81 5.25 -12.76 -13.12
CA ALA A 81 4.50 -13.04 -14.34
C ALA A 81 4.11 -14.51 -14.44
N ALA A 82 4.64 -15.31 -13.51
CA ALA A 82 4.34 -16.74 -13.47
C ALA A 82 3.25 -17.04 -12.45
N VAL A 83 2.64 -15.97 -11.93
CA VAL A 83 1.58 -16.12 -10.94
C VAL A 83 0.27 -16.57 -11.60
N ASP A 84 -0.57 -17.25 -10.84
CA ASP A 84 -1.84 -17.74 -11.36
C ASP A 84 -2.93 -16.69 -11.18
N THR A 85 -3.32 -16.06 -12.28
CA THR A 85 -4.36 -15.04 -12.25
C THR A 85 -5.73 -15.71 -12.26
N ASP A 86 -6.11 -16.26 -11.12
CA ASP A 86 -7.40 -16.93 -10.99
C ASP A 86 -8.20 -16.42 -9.80
N SER A 87 -7.70 -16.65 -8.59
CA SER A 87 -8.39 -16.23 -7.38
C SER A 87 -7.65 -15.04 -6.74
N PRO A 88 -8.09 -13.81 -7.06
CA PRO A 88 -7.46 -12.59 -6.53
C PRO A 88 -7.50 -12.47 -5.01
N ARG A 89 -8.69 -12.62 -4.42
CA ARG A 89 -8.83 -12.51 -2.98
C ARG A 89 -8.05 -13.60 -2.27
N GLU A 90 -8.12 -14.81 -2.78
CA GLU A 90 -7.43 -15.95 -2.22
C GLU A 90 -5.92 -15.73 -2.20
N VAL A 91 -5.38 -15.28 -3.32
CA VAL A 91 -3.94 -15.03 -3.42
C VAL A 91 -3.52 -13.94 -2.44
N PHE A 92 -4.30 -12.86 -2.40
CA PHE A 92 -4.02 -11.74 -1.51
C PHE A 92 -4.13 -12.16 -0.04
N PHE A 93 -5.17 -12.92 0.28
CA PHE A 93 -5.39 -13.40 1.63
C PHE A 93 -4.26 -14.32 2.07
N ARG A 94 -3.77 -15.12 1.12
CA ARG A 94 -2.69 -16.06 1.38
C ARG A 94 -1.41 -15.31 1.76
N VAL A 95 -0.98 -14.39 0.91
CA VAL A 95 0.24 -13.63 1.17
C VAL A 95 0.10 -12.76 2.44
N ALA A 96 -1.12 -12.37 2.75
CA ALA A 96 -1.38 -11.57 3.93
C ALA A 96 -1.14 -12.38 5.20
N ALA A 97 -1.57 -13.65 5.16
CA ALA A 97 -1.39 -14.54 6.30
C ALA A 97 -0.02 -15.19 6.30
N ASP A 98 0.54 -15.38 5.10
CA ASP A 98 1.86 -15.97 4.94
C ASP A 98 2.91 -15.20 5.72
N MET A 99 2.87 -13.88 5.57
CA MET A 99 3.81 -13.00 6.26
C MET A 99 3.31 -12.64 7.65
N PHE A 100 2.28 -13.34 8.10
CA PHE A 100 1.70 -13.09 9.41
C PHE A 100 1.65 -14.38 10.22
N SER A 101 2.40 -15.38 9.76
CA SER A 101 2.45 -16.66 10.44
C SER A 101 3.04 -16.50 11.83
N ASP A 102 4.29 -16.07 11.90
CA ASP A 102 4.98 -15.87 13.17
C ASP A 102 4.46 -14.61 13.86
N GLY A 103 3.90 -13.71 13.07
CA GLY A 103 3.39 -12.46 13.62
C GLY A 103 4.53 -11.50 13.88
N ASN A 104 5.63 -11.72 13.18
CA ASN A 104 6.83 -10.89 13.32
C ASN A 104 6.64 -9.54 12.65
N PHE A 105 6.89 -8.47 13.41
CA PHE A 105 6.75 -7.12 12.90
C PHE A 105 8.06 -6.58 12.36
N ASN A 106 8.55 -7.18 11.28
CA ASN A 106 9.82 -6.77 10.67
C ASN A 106 9.67 -5.54 9.79
N TRP A 107 8.42 -5.06 9.65
CA TRP A 107 8.10 -3.88 8.84
C TRP A 107 8.20 -4.16 7.33
N GLY A 108 9.22 -4.92 6.94
CA GLY A 108 9.41 -5.25 5.53
C GLY A 108 8.22 -5.97 4.94
N ARG A 109 7.51 -6.73 5.76
CA ARG A 109 6.32 -7.47 5.31
C ARG A 109 5.20 -6.51 4.89
N VAL A 110 5.32 -5.25 5.27
CA VAL A 110 4.33 -4.25 4.93
C VAL A 110 4.66 -3.61 3.58
N VAL A 111 5.91 -3.18 3.43
CA VAL A 111 6.35 -2.57 2.18
C VAL A 111 6.32 -3.58 1.03
N ALA A 112 6.61 -4.84 1.35
CA ALA A 112 6.59 -5.91 0.36
C ALA A 112 5.17 -6.11 -0.14
N LEU A 113 4.21 -5.96 0.77
CA LEU A 113 2.81 -6.11 0.43
C LEU A 113 2.37 -5.00 -0.52
N PHE A 114 2.90 -3.81 -0.29
CA PHE A 114 2.57 -2.66 -1.13
C PHE A 114 3.09 -2.88 -2.55
N TYR A 115 4.29 -3.44 -2.66
CA TYR A 115 4.90 -3.71 -3.96
C TYR A 115 4.09 -4.78 -4.70
N PHE A 116 3.64 -5.79 -3.96
CA PHE A 116 2.85 -6.87 -4.53
C PHE A 116 1.50 -6.36 -5.00
N ALA A 117 0.86 -5.54 -4.16
CA ALA A 117 -0.44 -4.98 -4.47
C ALA A 117 -0.40 -4.08 -5.69
N SER A 118 0.60 -3.20 -5.75
CA SER A 118 0.75 -2.29 -6.88
C SER A 118 0.96 -3.04 -8.19
N LYS A 119 1.74 -4.12 -8.12
CA LYS A 119 2.01 -4.94 -9.29
C LYS A 119 0.72 -5.55 -9.83
N LEU A 120 -0.14 -5.97 -8.90
CA LEU A 120 -1.42 -6.56 -9.26
C LEU A 120 -2.34 -5.50 -9.86
N VAL A 121 -2.33 -4.31 -9.24
CA VAL A 121 -3.14 -3.20 -9.70
C VAL A 121 -2.74 -2.80 -11.12
N LEU A 122 -1.44 -2.69 -11.35
CA LEU A 122 -0.93 -2.32 -12.68
C LEU A 122 -1.31 -3.37 -13.71
N LYS A 123 -1.35 -4.63 -13.28
CA LYS A 123 -1.71 -5.73 -14.17
C LYS A 123 -3.17 -5.63 -14.57
N ALA A 124 -4.03 -5.35 -13.58
CA ALA A 124 -5.46 -5.22 -13.81
C ALA A 124 -5.77 -3.94 -14.57
N LEU A 125 -4.95 -2.91 -14.36
CA LEU A 125 -5.13 -1.63 -15.02
C LEU A 125 -5.02 -1.79 -16.53
N CYS A 126 -4.06 -2.61 -16.95
CA CYS A 126 -3.85 -2.88 -18.37
C CYS A 126 -5.03 -3.66 -18.96
N THR A 127 -5.79 -4.29 -18.08
CA THR A 127 -6.96 -5.07 -18.48
C THR A 127 -8.17 -4.15 -18.64
N LYS A 128 -8.00 -2.87 -18.29
CA LYS A 128 -9.05 -1.87 -18.39
C LYS A 128 -10.26 -2.20 -17.52
N VAL A 129 -10.01 -2.43 -16.23
CA VAL A 129 -11.07 -2.74 -15.30
C VAL A 129 -10.91 -1.99 -13.97
N PRO A 130 -11.48 -0.78 -13.89
CA PRO A 130 -11.41 0.07 -12.69
C PRO A 130 -12.07 -0.58 -11.48
N GLU A 131 -13.14 -1.34 -11.72
CA GLU A 131 -13.87 -2.02 -10.66
C GLU A 131 -12.94 -2.93 -9.87
N LEU A 132 -12.14 -3.71 -10.57
CA LEU A 132 -11.19 -4.61 -9.95
C LEU A 132 -10.16 -3.83 -9.14
N ILE A 133 -9.76 -2.68 -9.69
CA ILE A 133 -8.79 -1.81 -9.02
C ILE A 133 -9.33 -1.36 -7.67
N ARG A 134 -10.59 -0.97 -7.65
CA ARG A 134 -11.23 -0.53 -6.42
C ARG A 134 -11.40 -1.71 -5.47
N THR A 135 -11.72 -2.87 -6.04
CA THR A 135 -11.92 -4.09 -5.26
C THR A 135 -10.63 -4.47 -4.53
N ILE A 136 -9.51 -4.48 -5.26
CA ILE A 136 -8.21 -4.83 -4.68
C ILE A 136 -7.90 -3.89 -3.52
N MET A 137 -8.17 -2.60 -3.72
CA MET A 137 -7.95 -1.61 -2.68
C MET A 137 -8.81 -1.91 -1.46
N GLY A 138 -10.06 -2.27 -1.70
CA GLY A 138 -10.97 -2.60 -0.62
C GLY A 138 -10.47 -3.78 0.18
N TRP A 139 -9.91 -4.76 -0.52
CA TRP A 139 -9.37 -5.96 0.13
C TRP A 139 -8.16 -5.59 0.97
N THR A 140 -7.38 -4.64 0.47
CA THR A 140 -6.19 -4.19 1.17
C THR A 140 -6.59 -3.41 2.43
N LEU A 141 -7.59 -2.55 2.27
CA LEU A 141 -8.10 -1.75 3.38
C LEU A 141 -8.74 -2.64 4.45
N ASP A 142 -9.30 -3.76 3.99
CA ASP A 142 -9.95 -4.71 4.87
C ASP A 142 -8.98 -5.21 5.93
N PHE A 143 -7.91 -5.87 5.47
CA PHE A 143 -6.88 -6.42 6.37
C PHE A 143 -6.22 -5.31 7.19
N LEU A 144 -6.20 -4.11 6.62
CA LEU A 144 -5.60 -2.95 7.28
C LEU A 144 -6.31 -2.66 8.61
N ARG A 145 -7.63 -2.57 8.57
CA ARG A 145 -8.39 -2.28 9.78
C ARG A 145 -8.59 -3.54 10.62
N GLU A 146 -8.34 -4.70 10.04
CA GLU A 146 -8.49 -5.96 10.75
C GLU A 146 -7.36 -6.17 11.76
N ARG A 147 -6.12 -5.85 11.35
CA ARG A 147 -4.98 -6.05 12.24
C ARG A 147 -3.96 -4.92 12.23
N LEU A 148 -3.69 -4.37 11.05
CA LEU A 148 -2.69 -3.30 10.92
C LEU A 148 -2.99 -2.06 11.76
N LEU A 149 -4.25 -1.66 11.82
CA LEU A 149 -4.67 -0.47 12.57
C LEU A 149 -4.13 -0.47 14.01
N GLY A 150 -4.29 -1.60 14.69
CA GLY A 150 -3.83 -1.71 16.06
C GLY A 150 -2.34 -1.43 16.21
N TRP A 151 -1.57 -1.94 15.27
CA TRP A 151 -0.12 -1.76 15.29
C TRP A 151 0.26 -0.30 15.00
N ILE A 152 -0.43 0.31 14.05
CA ILE A 152 -0.16 1.70 13.69
C ILE A 152 -0.51 2.62 14.87
N GLN A 153 -1.55 2.27 15.61
CA GLN A 153 -1.96 3.06 16.76
C GLN A 153 -0.96 2.90 17.88
N ASP A 154 -0.44 1.69 18.04
CA ASP A 154 0.55 1.39 19.07
C ASP A 154 1.83 2.18 18.88
N GLN A 155 2.33 2.21 17.64
CA GLN A 155 3.56 2.93 17.33
C GLN A 155 3.36 4.45 17.37
N GLY A 156 2.10 4.88 17.35
CA GLY A 156 1.81 6.30 17.41
C GLY A 156 1.78 6.94 16.03
N GLY A 157 1.05 6.32 15.11
CA GLY A 157 0.94 6.86 13.77
C GLY A 157 1.91 6.20 12.81
N TRP A 158 2.25 6.90 11.74
CA TRP A 158 3.16 6.37 10.74
C TRP A 158 4.62 6.68 11.09
N ASP A 159 4.83 7.05 12.35
CA ASP A 159 6.15 7.40 12.86
C ASP A 159 7.12 6.23 12.68
N GLY A 160 6.60 5.02 12.84
CA GLY A 160 7.41 3.83 12.69
C GLY A 160 7.92 3.66 11.28
N LEU A 161 7.06 3.89 10.30
CA LEU A 161 7.42 3.76 8.90
C LEU A 161 8.44 4.84 8.52
N LEU A 162 8.22 6.05 9.02
CA LEU A 162 9.12 7.17 8.75
C LEU A 162 10.51 6.90 9.32
N SER A 163 10.56 6.20 10.45
CA SER A 163 11.81 5.89 11.10
C SER A 163 12.46 4.63 10.51
N TYR A 164 11.63 3.74 9.96
CA TYR A 164 12.12 2.51 9.37
C TYR A 164 12.94 2.80 8.11
N PHE A 165 12.48 3.77 7.33
CA PHE A 165 13.17 4.16 6.10
C PHE A 165 14.52 4.80 6.43
N GLY A 166 15.60 4.07 6.17
CA GLY A 166 16.92 4.57 6.43
C GLY A 166 17.72 4.78 5.17
N THR A 167 19.01 4.46 5.22
CA THR A 167 19.89 4.62 4.06
C THR A 167 21.08 3.66 4.10
N PRO A 168 21.90 3.67 5.18
CA PRO A 168 23.08 2.80 5.29
C PRO A 168 22.75 1.32 5.06
N THR A 169 23.49 0.71 4.13
CA THR A 169 23.33 -0.70 3.79
C THR A 169 21.92 -0.99 3.27
N TRP A 170 21.40 -0.09 2.43
CA TRP A 170 20.07 -0.23 1.86
C TRP A 170 19.92 -1.52 1.05
N GLN A 171 21.04 -2.05 0.54
CA GLN A 171 21.02 -3.27 -0.25
C GLN A 171 20.38 -4.41 0.53
N THR A 172 20.64 -4.47 1.84
CA THR A 172 20.08 -5.50 2.69
C THR A 172 18.56 -5.40 2.70
N VAL A 173 18.05 -4.17 2.71
CA VAL A 173 16.61 -3.93 2.71
C VAL A 173 16.01 -4.46 1.41
N THR A 174 16.66 -4.13 0.30
CA THR A 174 16.21 -4.57 -1.02
C THR A 174 16.15 -6.10 -1.09
N ILE A 175 17.21 -6.74 -0.62
CA ILE A 175 17.28 -8.20 -0.62
C ILE A 175 16.24 -8.78 0.33
N PHE A 176 16.05 -8.15 1.48
CA PHE A 176 15.09 -8.59 2.48
C PHE A 176 13.67 -8.58 1.91
N VAL A 177 13.27 -7.44 1.35
CA VAL A 177 11.94 -7.29 0.77
C VAL A 177 11.71 -8.33 -0.34
N ALA A 178 12.69 -8.46 -1.23
CA ALA A 178 12.60 -9.41 -2.32
C ALA A 178 12.54 -10.84 -1.78
N GLY A 179 13.34 -11.10 -0.75
CA GLY A 179 13.38 -12.42 -0.14
C GLY A 179 12.04 -12.85 0.41
N VAL A 180 11.39 -11.96 1.16
CA VAL A 180 10.08 -12.24 1.74
C VAL A 180 9.08 -12.56 0.64
N LEU A 181 9.10 -11.75 -0.43
CA LEU A 181 8.20 -11.96 -1.56
C LEU A 181 8.48 -13.30 -2.23
N THR A 182 9.76 -13.61 -2.38
CA THR A 182 10.17 -14.87 -3.00
C THR A 182 9.67 -16.05 -2.18
N ALA A 183 9.81 -15.96 -0.86
CA ALA A 183 9.38 -17.01 0.05
C ALA A 183 7.91 -17.37 -0.16
N SER A 184 7.04 -16.38 -0.01
CA SER A 184 5.60 -16.60 -0.18
C SER A 184 5.25 -17.09 -1.58
N LEU A 185 5.91 -16.51 -2.59
CA LEU A 185 5.66 -16.90 -3.98
C LEU A 185 6.02 -18.36 -4.23
N THR A 186 7.09 -18.83 -3.59
CA THR A 186 7.52 -20.21 -3.75
C THR A 186 6.49 -21.17 -3.12
N ILE A 187 5.76 -20.68 -2.13
CA ILE A 187 4.74 -21.49 -1.47
C ILE A 187 3.46 -21.49 -2.30
N TRP A 188 3.35 -20.50 -3.19
CA TRP A 188 2.18 -20.39 -4.05
C TRP A 188 2.33 -21.25 -5.29
N LYS A 189 3.41 -21.04 -6.04
CA LYS A 189 3.65 -21.81 -7.25
C LYS A 189 4.32 -23.14 -6.92
N LYS A 190 3.51 -24.08 -6.48
CA LYS A 190 3.99 -25.42 -6.11
C LYS A 190 3.65 -26.42 -7.20
N MET A 191 4.21 -26.18 -8.39
CA MET A 191 3.96 -27.02 -9.57
C MET A 191 2.48 -26.95 -9.93
N GLY A 192 1.87 -25.85 -9.53
CA GLY A 192 0.47 -25.62 -9.78
C GLY A 192 -0.10 -24.81 -8.64
N GLU B 1 -12.59 -8.90 6.87
CA GLU B 1 -13.67 -9.80 6.37
C GLU B 1 -14.30 -9.25 5.10
N ILE B 2 -14.98 -10.11 4.35
CA ILE B 2 -15.62 -9.70 3.09
C ILE B 2 -16.61 -8.55 3.30
N TRP B 3 -17.48 -8.69 4.28
CA TRP B 3 -18.47 -7.66 4.57
C TRP B 3 -17.80 -6.35 4.97
N ILE B 4 -16.71 -6.46 5.73
CA ILE B 4 -15.97 -5.28 6.18
C ILE B 4 -15.28 -4.60 5.00
N ALA B 5 -14.66 -5.41 4.13
CA ALA B 5 -13.97 -4.90 2.95
C ALA B 5 -14.90 -4.06 2.08
N GLN B 6 -16.16 -4.45 2.04
CA GLN B 6 -17.16 -3.73 1.26
C GLN B 6 -17.33 -2.31 1.79
N GLU B 7 -17.34 -2.17 3.11
CA GLU B 7 -17.49 -0.87 3.73
C GLU B 7 -16.16 -0.11 3.70
N LEU B 8 -15.08 -0.82 4.03
CA LEU B 8 -13.75 -0.22 4.04
C LEU B 8 -13.37 0.31 2.66
N ARG B 9 -13.79 -0.40 1.61
CA ARG B 9 -13.52 0.04 0.25
C ARG B 9 -14.14 1.41 0.04
N ARG B 10 -15.36 1.59 0.54
CA ARG B 10 -16.07 2.85 0.42
C ARG B 10 -15.36 3.93 1.22
N ILE B 11 -14.89 3.58 2.41
CA ILE B 11 -14.19 4.53 3.28
C ILE B 11 -12.94 5.08 2.57
N GLY B 12 -12.22 4.19 1.88
CA GLY B 12 -11.03 4.61 1.16
C GLY B 12 -11.38 5.30 -0.15
N ASP B 13 -12.42 4.80 -0.81
CA ASP B 13 -12.87 5.36 -2.09
C ASP B 13 -13.38 6.78 -1.90
N GLU B 14 -14.10 6.98 -0.80
CA GLU B 14 -14.65 8.29 -0.46
C GLU B 14 -13.52 9.32 -0.35
N PHE B 15 -12.42 8.93 0.29
CA PHE B 15 -11.28 9.83 0.43
C PHE B 15 -10.56 9.99 -0.90
N ASN B 16 -10.58 8.93 -1.70
CA ASN B 16 -9.95 8.93 -3.00
C ASN B 16 -10.64 9.94 -3.91
N ALA B 17 -11.97 9.95 -3.85
CA ALA B 17 -12.77 10.87 -4.67
C ALA B 17 -12.81 12.25 -4.04
N TYR B 18 -12.36 12.34 -2.79
CA TYR B 18 -12.33 13.61 -2.07
C TYR B 18 -11.03 14.35 -2.38
N TYR B 19 -9.98 13.61 -2.67
CA TYR B 19 -8.68 14.20 -2.97
C TYR B 19 -8.35 14.06 -4.46
N ALA B 20 -9.37 13.79 -5.27
CA ALA B 20 -9.17 13.64 -6.71
C ALA B 20 -10.51 13.83 -7.43
N MET A 1 -11.09 29.27 23.77
CA MET A 1 -10.52 29.30 25.14
C MET A 1 -9.41 28.25 25.29
N ASP A 2 -9.62 27.07 24.72
CA ASP A 2 -8.65 25.98 24.79
C ASP A 2 -7.37 26.31 24.03
N GLY A 3 -7.48 27.12 22.99
CA GLY A 3 -6.33 27.50 22.20
C GLY A 3 -5.40 28.43 22.95
N SER A 4 -5.93 29.10 23.96
CA SER A 4 -5.15 30.02 24.76
C SER A 4 -4.59 29.31 25.99
N GLY A 5 -4.80 28.00 26.05
CA GLY A 5 -4.32 27.21 27.15
C GLY A 5 -2.93 26.66 26.91
N GLU A 6 -2.54 25.67 27.71
CA GLU A 6 -1.22 25.06 27.60
C GLU A 6 -1.20 23.98 26.53
N GLN A 7 -0.65 24.29 25.37
CA GLN A 7 -0.56 23.33 24.29
C GLN A 7 0.89 23.10 23.88
N PRO A 8 1.44 21.92 24.19
CA PRO A 8 2.82 21.57 23.88
C PRO A 8 3.01 21.24 22.41
N ARG A 9 3.27 22.29 21.61
CA ARG A 9 3.48 22.15 20.17
C ARG A 9 2.17 21.82 19.44
N GLY A 10 1.57 20.69 19.79
CA GLY A 10 0.33 20.28 19.16
C GLY A 10 -0.54 19.50 20.12
N GLY A 11 -1.75 19.20 19.69
CA GLY A 11 -2.66 18.45 20.53
C GLY A 11 -3.08 17.15 19.87
N GLY A 12 -3.22 16.10 20.68
CA GLY A 12 -3.61 14.82 20.14
C GLY A 12 -4.95 14.36 20.68
N PRO A 13 -6.05 14.66 19.96
CA PRO A 13 -7.40 14.25 20.37
C PRO A 13 -7.73 12.82 19.95
N THR A 14 -7.61 12.55 18.66
CA THR A 14 -7.89 11.22 18.13
C THR A 14 -6.70 10.74 17.30
N SER A 15 -6.67 9.46 16.98
CA SER A 15 -5.58 8.90 16.20
C SER A 15 -6.05 7.73 15.32
N SER A 16 -6.81 6.83 15.92
CA SER A 16 -7.31 5.64 15.24
C SER A 16 -7.94 5.92 13.88
N GLU A 17 -9.08 6.61 13.87
CA GLU A 17 -9.79 6.92 12.63
C GLU A 17 -8.99 7.87 11.73
N GLN A 18 -8.20 8.73 12.35
CA GLN A 18 -7.39 9.68 11.59
C GLN A 18 -6.35 8.96 10.75
N ILE A 19 -5.71 7.96 11.33
CA ILE A 19 -4.69 7.18 10.62
C ILE A 19 -5.32 6.41 9.45
N MET A 20 -6.54 5.92 9.67
CA MET A 20 -7.27 5.19 8.64
C MET A 20 -7.48 6.06 7.42
N LYS A 21 -7.78 7.34 7.66
CA LYS A 21 -8.01 8.30 6.58
C LYS A 21 -6.73 8.50 5.78
N THR A 22 -5.59 8.55 6.48
CA THR A 22 -4.31 8.73 5.82
C THR A 22 -4.00 7.55 4.92
N GLY A 23 -4.41 6.36 5.36
CA GLY A 23 -4.19 5.16 4.59
C GLY A 23 -4.91 5.20 3.25
N ALA A 24 -6.11 5.77 3.24
CA ALA A 24 -6.91 5.88 2.03
C ALA A 24 -6.23 6.80 1.03
N LEU A 25 -5.58 7.84 1.54
CA LEU A 25 -4.88 8.80 0.70
C LEU A 25 -3.59 8.18 0.18
N LEU A 26 -2.90 7.43 1.04
CA LEU A 26 -1.65 6.77 0.67
C LEU A 26 -1.86 5.79 -0.47
N LEU A 27 -2.90 4.96 -0.35
CA LEU A 27 -3.21 3.98 -1.37
C LEU A 27 -3.53 4.65 -2.70
N GLN A 28 -4.29 5.74 -2.63
CA GLN A 28 -4.66 6.49 -3.84
C GLN A 28 -3.42 7.07 -4.51
N GLY A 29 -2.60 7.76 -3.73
CA GLY A 29 -1.39 8.37 -4.25
C GLY A 29 -0.45 7.37 -4.89
N PHE A 30 -0.22 6.27 -4.20
CA PHE A 30 0.68 5.22 -4.70
C PHE A 30 0.19 4.66 -6.05
N ILE A 31 -1.11 4.39 -6.13
CA ILE A 31 -1.68 3.85 -7.36
C ILE A 31 -1.69 4.90 -8.48
N GLN A 32 -2.14 6.10 -8.16
CA GLN A 32 -2.20 7.19 -9.13
C GLN A 32 -0.83 7.51 -9.72
N ASP A 33 0.17 7.57 -8.85
CA ASP A 33 1.54 7.88 -9.29
C ASP A 33 2.07 6.84 -10.29
N ARG A 34 1.81 5.57 -10.02
CA ARG A 34 2.29 4.51 -10.90
C ARG A 34 1.39 4.35 -12.13
N ALA A 35 0.14 4.75 -12.00
CA ALA A 35 -0.82 4.67 -13.12
C ALA A 35 -0.48 5.70 -14.18
N GLY A 36 0.26 6.73 -13.78
CA GLY A 36 0.65 7.79 -14.69
C GLY A 36 1.65 7.33 -15.74
N ARG A 37 1.97 6.04 -15.74
CA ARG A 37 2.89 5.48 -16.71
C ARG A 37 2.14 4.96 -17.93
N MET A 38 0.82 5.08 -17.89
CA MET A 38 -0.02 4.61 -18.99
C MET A 38 -0.46 5.77 -19.89
N GLY A 39 -1.13 6.75 -19.30
CA GLY A 39 -1.60 7.88 -20.06
C GLY A 39 -2.87 8.49 -19.48
N GLY A 40 -3.77 8.93 -20.34
CA GLY A 40 -5.02 9.51 -19.89
C GLY A 40 -6.04 9.58 -21.00
N GLU A 41 -7.32 9.46 -20.64
CA GLU A 41 -8.41 9.50 -21.62
C GLU A 41 -8.83 10.94 -21.91
N ALA A 42 -7.87 11.75 -22.35
CA ALA A 42 -8.09 13.16 -22.66
C ALA A 42 -8.65 13.95 -21.47
N PRO A 43 -7.76 14.54 -20.65
CA PRO A 43 -8.16 15.33 -19.49
C PRO A 43 -8.65 16.71 -19.89
N GLU A 44 -9.96 16.86 -20.07
CA GLU A 44 -10.56 18.12 -20.46
C GLU A 44 -10.42 19.16 -19.35
N LEU A 45 -11.01 18.86 -18.20
CA LEU A 45 -10.95 19.77 -17.06
C LEU A 45 -10.19 19.14 -15.91
N ALA A 46 -10.49 17.87 -15.64
CA ALA A 46 -9.86 17.11 -14.56
C ALA A 46 -10.12 17.74 -13.19
N LEU A 47 -9.43 17.25 -12.17
CA LEU A 47 -9.60 17.76 -10.82
C LEU A 47 -8.32 17.57 -10.01
N ASP A 48 -7.68 18.69 -9.67
CA ASP A 48 -6.45 18.64 -8.88
C ASP A 48 -6.47 19.74 -7.84
N PRO A 49 -6.90 19.43 -6.61
CA PRO A 49 -6.97 20.39 -5.51
C PRO A 49 -5.59 20.63 -4.89
N VAL A 50 -4.60 19.88 -5.36
CA VAL A 50 -3.23 19.98 -4.87
C VAL A 50 -3.14 19.52 -3.41
N PRO A 51 -2.69 18.27 -3.20
CA PRO A 51 -2.54 17.71 -1.84
C PRO A 51 -1.60 18.57 -1.00
N GLN A 52 -2.17 19.29 -0.03
CA GLN A 52 -1.40 20.16 0.83
C GLN A 52 -0.54 19.36 1.82
N ASP A 53 -1.04 18.20 2.20
CA ASP A 53 -0.33 17.33 3.14
C ASP A 53 0.97 16.82 2.53
N ALA A 54 2.06 17.07 3.23
CA ALA A 54 3.37 16.65 2.79
C ALA A 54 3.71 15.26 3.31
N SER A 55 3.00 14.83 4.34
CA SER A 55 3.24 13.53 4.95
C SER A 55 2.96 12.42 3.95
N THR A 56 1.79 12.46 3.33
CA THR A 56 1.41 11.45 2.36
C THR A 56 2.32 11.50 1.13
N LYS A 57 2.65 12.71 0.69
CA LYS A 57 3.53 12.88 -0.46
C LYS A 57 4.92 12.33 -0.17
N LYS A 58 5.41 12.58 1.05
CA LYS A 58 6.71 12.09 1.46
C LYS A 58 6.71 10.58 1.57
N LEU A 59 5.65 10.03 2.17
CA LEU A 59 5.51 8.60 2.34
C LEU A 59 5.43 7.89 0.99
N SER A 60 4.65 8.47 0.09
CA SER A 60 4.51 7.89 -1.25
C SER A 60 5.83 7.91 -2.01
N GLU A 61 6.65 8.93 -1.74
CA GLU A 61 7.95 9.05 -2.38
C GLU A 61 8.84 7.87 -2.01
N CYS A 62 9.04 7.67 -0.72
CA CYS A 62 9.88 6.56 -0.25
C CYS A 62 9.33 5.21 -0.69
N LEU A 63 8.01 5.07 -0.66
CA LEU A 63 7.38 3.82 -1.06
C LEU A 63 7.58 3.56 -2.56
N LYS A 64 7.39 4.60 -3.36
CA LYS A 64 7.54 4.50 -4.80
C LYS A 64 8.99 4.24 -5.19
N ARG A 65 9.92 4.99 -4.60
CA ARG A 65 11.33 4.83 -4.92
C ARG A 65 11.84 3.44 -4.56
N ILE A 66 11.27 2.83 -3.52
CA ILE A 66 11.66 1.49 -3.12
C ILE A 66 11.08 0.46 -4.10
N GLY A 67 9.80 0.63 -4.41
CA GLY A 67 9.13 -0.27 -5.33
C GLY A 67 9.73 -0.21 -6.72
N ASP A 68 10.08 1.01 -7.14
CA ASP A 68 10.67 1.22 -8.46
C ASP A 68 12.04 0.57 -8.56
N GLU A 69 12.73 0.45 -7.43
CA GLU A 69 14.04 -0.18 -7.40
C GLU A 69 13.90 -1.70 -7.36
N LEU A 70 12.74 -2.16 -6.91
CA LEU A 70 12.46 -3.60 -6.82
C LEU A 70 12.02 -4.13 -8.19
N ASP A 71 12.04 -3.27 -9.19
CA ASP A 71 11.67 -3.65 -10.54
C ASP A 71 12.91 -3.71 -11.42
N SER A 72 14.05 -3.31 -10.85
CA SER A 72 15.31 -3.31 -11.58
C SER A 72 15.83 -4.74 -11.76
N ASN A 73 15.55 -5.59 -10.78
CA ASN A 73 15.98 -6.98 -10.83
C ASN A 73 15.06 -7.82 -11.71
N MET A 74 15.63 -8.44 -12.73
CA MET A 74 14.87 -9.26 -13.66
C MET A 74 14.34 -10.53 -13.01
N GLU A 75 15.06 -11.04 -12.02
CA GLU A 75 14.67 -12.25 -11.31
C GLU A 75 13.29 -12.08 -10.67
N LEU A 76 13.18 -11.09 -9.80
CA LEU A 76 11.94 -10.81 -9.10
C LEU A 76 10.83 -10.38 -10.06
N GLN A 77 11.20 -9.63 -11.09
CA GLN A 77 10.23 -9.15 -12.07
C GLN A 77 9.62 -10.32 -12.84
N ARG A 78 10.48 -11.20 -13.35
CA ARG A 78 10.02 -12.37 -14.10
C ARG A 78 9.22 -13.31 -13.21
N MET A 79 9.53 -13.31 -11.93
CA MET A 79 8.84 -14.14 -10.96
C MET A 79 7.37 -13.76 -10.86
N ILE A 80 7.11 -12.46 -10.94
CA ILE A 80 5.74 -11.95 -10.88
C ILE A 80 4.96 -12.35 -12.13
N ALA A 81 5.63 -12.30 -13.27
CA ALA A 81 5.00 -12.65 -14.53
C ALA A 81 4.68 -14.14 -14.60
N ALA A 82 5.36 -14.92 -13.77
CA ALA A 82 5.16 -16.36 -13.74
C ALA A 82 3.97 -16.76 -12.87
N VAL A 83 3.39 -15.80 -12.17
CA VAL A 83 2.24 -16.08 -11.30
C VAL A 83 0.95 -16.11 -12.10
N ASP A 84 0.03 -16.98 -11.68
CA ASP A 84 -1.25 -17.12 -12.37
C ASP A 84 -2.32 -16.30 -11.66
N THR A 85 -2.89 -15.35 -12.36
CA THR A 85 -3.92 -14.49 -11.79
C THR A 85 -5.29 -15.17 -11.90
N ASP A 86 -5.39 -16.36 -11.35
CA ASP A 86 -6.63 -17.13 -11.38
C ASP A 86 -7.62 -16.63 -10.34
N SER A 87 -7.15 -16.46 -9.12
CA SER A 87 -7.98 -16.01 -8.02
C SER A 87 -7.33 -14.84 -7.29
N PRO A 88 -7.69 -13.60 -7.65
CA PRO A 88 -7.13 -12.37 -7.05
C PRO A 88 -7.19 -12.34 -5.52
N ARG A 89 -8.40 -12.44 -4.96
CA ARG A 89 -8.57 -12.42 -3.50
C ARG A 89 -7.81 -13.56 -2.82
N GLU A 90 -7.88 -14.75 -3.40
CA GLU A 90 -7.21 -15.92 -2.85
C GLU A 90 -5.71 -15.69 -2.74
N VAL A 91 -5.08 -15.27 -3.84
CA VAL A 91 -3.65 -15.01 -3.84
C VAL A 91 -3.28 -13.93 -2.84
N PHE A 92 -4.08 -12.87 -2.83
CA PHE A 92 -3.86 -11.76 -1.91
C PHE A 92 -3.99 -12.19 -0.46
N PHE A 93 -5.05 -12.94 -0.16
CA PHE A 93 -5.29 -13.42 1.19
C PHE A 93 -4.19 -14.37 1.62
N ARG A 94 -3.76 -15.23 0.70
CA ARG A 94 -2.72 -16.20 0.97
C ARG A 94 -1.42 -15.51 1.37
N VAL A 95 -0.96 -14.57 0.54
CA VAL A 95 0.29 -13.87 0.82
C VAL A 95 0.17 -12.99 2.07
N ALA A 96 -1.03 -12.49 2.32
CA ALA A 96 -1.27 -11.64 3.49
C ALA A 96 -1.11 -12.45 4.77
N ALA A 97 -1.61 -13.68 4.75
CA ALA A 97 -1.51 -14.57 5.91
C ALA A 97 -0.17 -15.29 5.94
N ASP A 98 0.40 -15.53 4.76
CA ASP A 98 1.68 -16.21 4.64
C ASP A 98 2.78 -15.45 5.37
N MET A 99 2.68 -14.13 5.34
CA MET A 99 3.66 -13.28 6.00
C MET A 99 3.18 -12.94 7.42
N PHE A 100 2.18 -13.66 7.89
CA PHE A 100 1.63 -13.45 9.21
C PHE A 100 1.39 -14.78 9.92
N SER A 101 2.01 -15.84 9.39
CA SER A 101 1.87 -17.16 9.96
C SER A 101 2.61 -17.25 11.29
N ASP A 102 3.80 -16.69 11.32
CA ASP A 102 4.61 -16.69 12.52
C ASP A 102 4.27 -15.49 13.39
N GLY A 103 3.92 -14.39 12.73
CA GLY A 103 3.58 -13.17 13.44
C GLY A 103 4.79 -12.30 13.66
N ASN A 104 5.75 -12.38 12.74
CA ASN A 104 6.97 -11.59 12.83
C ASN A 104 6.77 -10.22 12.21
N PHE A 105 6.85 -9.19 13.05
CA PHE A 105 6.68 -7.82 12.59
C PHE A 105 8.01 -7.26 12.09
N ASN A 106 8.44 -7.72 10.93
CA ASN A 106 9.70 -7.29 10.34
C ASN A 106 9.56 -6.02 9.51
N TRP A 107 8.33 -5.52 9.37
CA TRP A 107 8.03 -4.31 8.60
C TRP A 107 8.14 -4.53 7.08
N GLY A 108 9.18 -5.25 6.67
CA GLY A 108 9.39 -5.54 5.26
C GLY A 108 8.21 -6.22 4.60
N ARG A 109 7.52 -7.06 5.37
CA ARG A 109 6.35 -7.78 4.87
C ARG A 109 5.20 -6.83 4.52
N VAL A 110 5.33 -5.57 4.91
CA VAL A 110 4.31 -4.57 4.62
C VAL A 110 4.61 -3.89 3.28
N VAL A 111 5.85 -3.44 3.12
CA VAL A 111 6.25 -2.77 1.89
C VAL A 111 6.27 -3.77 0.73
N ALA A 112 6.61 -5.02 1.03
CA ALA A 112 6.64 -6.07 0.02
C ALA A 112 5.24 -6.33 -0.49
N LEU A 113 4.27 -6.22 0.40
CA LEU A 113 2.87 -6.43 0.06
C LEU A 113 2.40 -5.34 -0.89
N PHE A 114 2.87 -4.12 -0.66
CA PHE A 114 2.52 -2.99 -1.50
C PHE A 114 3.05 -3.20 -2.91
N TYR A 115 4.28 -3.70 -3.00
CA TYR A 115 4.91 -3.96 -4.29
C TYR A 115 4.15 -5.03 -5.06
N PHE A 116 3.75 -6.08 -4.34
CA PHE A 116 3.00 -7.17 -4.94
C PHE A 116 1.63 -6.70 -5.41
N ALA A 117 0.96 -5.90 -4.57
CA ALA A 117 -0.35 -5.37 -4.88
C ALA A 117 -0.31 -4.43 -6.09
N SER A 118 0.67 -3.54 -6.11
CA SER A 118 0.80 -2.58 -7.20
C SER A 118 1.04 -3.29 -8.54
N LYS A 119 1.84 -4.36 -8.51
CA LYS A 119 2.12 -5.12 -9.72
C LYS A 119 0.85 -5.78 -10.24
N LEU A 120 0.01 -6.24 -9.31
CA LEU A 120 -1.26 -6.86 -9.67
C LEU A 120 -2.20 -5.83 -10.27
N VAL A 121 -2.21 -4.64 -9.66
CA VAL A 121 -3.04 -3.54 -10.13
C VAL A 121 -2.64 -3.15 -11.55
N LEU A 122 -1.34 -3.02 -11.78
CA LEU A 122 -0.81 -2.66 -13.09
C LEU A 122 -1.17 -3.71 -14.13
N LYS A 123 -1.18 -4.97 -13.71
CA LYS A 123 -1.53 -6.08 -14.61
C LYS A 123 -3.00 -6.00 -15.00
N ALA A 124 -3.86 -5.78 -14.01
CA ALA A 124 -5.30 -5.68 -14.25
C ALA A 124 -5.64 -4.42 -15.04
N LEU A 125 -4.81 -3.39 -14.87
CA LEU A 125 -5.02 -2.13 -15.57
C LEU A 125 -4.84 -2.32 -17.07
N CYS A 126 -4.01 -3.29 -17.44
CA CYS A 126 -3.75 -3.58 -18.84
C CYS A 126 -4.95 -4.31 -19.46
N THR A 127 -5.83 -4.81 -18.59
CA THR A 127 -7.03 -5.51 -19.02
C THR A 127 -8.17 -4.51 -19.18
N LYS A 128 -7.90 -3.25 -18.80
CA LYS A 128 -8.87 -2.17 -18.90
C LYS A 128 -10.10 -2.40 -18.02
N VAL A 129 -9.86 -2.93 -16.82
CA VAL A 129 -10.94 -3.17 -15.87
C VAL A 129 -10.77 -2.31 -14.62
N PRO A 130 -11.40 -1.12 -14.61
CA PRO A 130 -11.32 -0.19 -13.48
C PRO A 130 -11.98 -0.74 -12.22
N GLU A 131 -13.00 -1.56 -12.42
CA GLU A 131 -13.72 -2.17 -11.30
C GLU A 131 -12.78 -2.95 -10.40
N LEU A 132 -12.05 -3.90 -10.98
CA LEU A 132 -11.12 -4.74 -10.24
C LEU A 132 -10.07 -3.90 -9.51
N ILE A 133 -9.67 -2.80 -10.11
CA ILE A 133 -8.69 -1.91 -9.51
C ILE A 133 -9.23 -1.36 -8.19
N ARG A 134 -10.51 -1.01 -8.18
CA ARG A 134 -11.15 -0.48 -6.97
C ARG A 134 -11.34 -1.58 -5.95
N THR A 135 -11.51 -2.82 -6.42
CA THR A 135 -11.70 -3.96 -5.54
C THR A 135 -10.39 -4.28 -4.80
N ILE A 136 -9.28 -4.27 -5.54
CA ILE A 136 -7.97 -4.55 -4.95
C ILE A 136 -7.68 -3.53 -3.85
N MET A 137 -8.00 -2.26 -4.11
CA MET A 137 -7.78 -1.20 -3.13
C MET A 137 -8.61 -1.47 -1.88
N GLY A 138 -9.85 -1.90 -2.08
CA GLY A 138 -10.72 -2.21 -0.96
C GLY A 138 -10.18 -3.38 -0.16
N TRP A 139 -9.58 -4.34 -0.86
CA TRP A 139 -9.01 -5.52 -0.22
C TRP A 139 -7.79 -5.13 0.61
N THR A 140 -7.02 -4.19 0.08
CA THR A 140 -5.82 -3.71 0.78
C THR A 140 -6.20 -2.98 2.06
N LEU A 141 -7.23 -2.14 1.95
CA LEU A 141 -7.72 -1.40 3.09
C LEU A 141 -8.40 -2.34 4.09
N ASP A 142 -8.97 -3.41 3.57
CA ASP A 142 -9.65 -4.42 4.39
C ASP A 142 -8.68 -4.99 5.42
N PHE A 143 -7.59 -5.56 4.93
CA PHE A 143 -6.57 -6.14 5.80
C PHE A 143 -5.99 -5.10 6.76
N LEU A 144 -6.00 -3.84 6.31
CA LEU A 144 -5.50 -2.74 7.12
C LEU A 144 -6.36 -2.54 8.36
N ARG A 145 -7.67 -2.39 8.15
CA ARG A 145 -8.60 -2.20 9.24
C ARG A 145 -8.70 -3.44 10.12
N GLU A 146 -8.54 -4.60 9.48
CA GLU A 146 -8.61 -5.88 10.18
C GLU A 146 -7.53 -6.03 11.25
N ARG A 147 -6.27 -5.80 10.89
CA ARG A 147 -5.18 -5.97 11.85
C ARG A 147 -4.11 -4.87 11.80
N LEU A 148 -3.71 -4.48 10.60
CA LEU A 148 -2.66 -3.48 10.41
C LEU A 148 -2.86 -2.20 11.23
N LEU A 149 -4.08 -1.69 11.24
CA LEU A 149 -4.40 -0.46 11.97
C LEU A 149 -3.96 -0.51 13.43
N GLY A 150 -4.09 -1.68 14.04
CA GLY A 150 -3.72 -1.84 15.44
C GLY A 150 -2.25 -1.55 15.68
N TRP A 151 -1.39 -2.14 14.85
CA TRP A 151 0.04 -1.95 14.98
C TRP A 151 0.46 -0.53 14.61
N ILE A 152 -0.20 0.05 13.62
CA ILE A 152 0.11 1.40 13.18
C ILE A 152 -0.22 2.44 14.26
N GLN A 153 -1.40 2.33 14.84
CA GLN A 153 -1.81 3.28 15.88
C GLN A 153 -1.01 3.06 17.16
N ASP A 154 -0.61 1.82 17.41
CA ASP A 154 0.17 1.48 18.59
C ASP A 154 1.52 2.18 18.62
N GLN A 155 2.22 2.12 17.49
CA GLN A 155 3.55 2.75 17.39
C GLN A 155 3.47 4.27 17.41
N GLY A 156 2.31 4.82 17.04
CA GLY A 156 2.15 6.25 17.05
C GLY A 156 1.79 6.82 15.69
N GLY A 157 1.64 5.94 14.71
CA GLY A 157 1.29 6.38 13.38
C GLY A 157 2.22 5.84 12.32
N TRP A 158 2.48 6.64 11.30
CA TRP A 158 3.33 6.24 10.19
C TRP A 158 4.79 6.62 10.45
N ASP A 159 5.03 7.28 11.58
CA ASP A 159 6.38 7.69 11.97
C ASP A 159 7.29 6.48 12.13
N GLY A 160 6.70 5.35 12.50
CA GLY A 160 7.46 4.13 12.68
C GLY A 160 8.01 3.62 11.36
N LEU A 161 7.26 3.85 10.28
CA LEU A 161 7.68 3.43 8.96
C LEU A 161 8.78 4.35 8.45
N LEU A 162 8.63 5.64 8.75
CA LEU A 162 9.62 6.64 8.35
C LEU A 162 10.95 6.34 9.03
N SER A 163 10.88 5.91 10.28
CA SER A 163 12.07 5.58 11.06
C SER A 163 12.64 4.22 10.67
N TYR A 164 11.94 3.52 9.77
CA TYR A 164 12.38 2.20 9.32
C TYR A 164 13.26 2.33 8.09
N PHE A 165 13.16 3.48 7.43
CA PHE A 165 13.95 3.75 6.22
C PHE A 165 15.44 3.68 6.53
N GLY A 166 16.10 2.66 6.02
CA GLY A 166 17.52 2.50 6.27
C GLY A 166 18.38 3.02 5.13
N THR A 167 19.48 3.64 5.49
CA THR A 167 20.41 4.17 4.50
C THR A 167 21.73 3.36 4.50
N PRO A 168 22.39 3.17 5.67
CA PRO A 168 23.63 2.39 5.74
C PRO A 168 23.42 0.93 5.31
N THR A 169 23.96 0.60 4.15
CA THR A 169 23.85 -0.73 3.58
C THR A 169 22.40 -1.11 3.28
N TRP A 170 21.90 -0.61 2.14
CA TRP A 170 20.53 -0.89 1.73
C TRP A 170 20.46 -2.19 0.94
N GLN A 171 21.61 -2.72 0.58
CA GLN A 171 21.71 -3.97 -0.18
C GLN A 171 21.02 -5.13 0.53
N THR A 172 21.24 -5.21 1.83
CA THR A 172 20.65 -6.28 2.63
C THR A 172 19.13 -6.14 2.68
N VAL A 173 18.65 -4.92 2.56
CA VAL A 173 17.22 -4.64 2.59
C VAL A 173 16.54 -5.23 1.35
N THR A 174 17.15 -5.02 0.18
CA THR A 174 16.62 -5.54 -1.05
C THR A 174 16.56 -7.06 -1.01
N ILE A 175 17.64 -7.67 -0.49
CA ILE A 175 17.72 -9.12 -0.37
C ILE A 175 16.65 -9.62 0.59
N PHE A 176 16.41 -8.86 1.64
CA PHE A 176 15.40 -9.20 2.64
C PHE A 176 14.01 -9.22 2.02
N VAL A 177 13.66 -8.14 1.32
CA VAL A 177 12.36 -8.02 0.68
C VAL A 177 12.18 -9.12 -0.36
N ALA A 178 13.21 -9.33 -1.18
CA ALA A 178 13.17 -10.35 -2.22
C ALA A 178 12.98 -11.74 -1.62
N GLY A 179 13.67 -11.99 -0.52
CA GLY A 179 13.57 -13.29 0.14
C GLY A 179 12.16 -13.59 0.59
N VAL A 180 11.50 -12.60 1.17
CA VAL A 180 10.13 -12.77 1.65
C VAL A 180 9.18 -13.05 0.47
N LEU A 181 9.33 -12.25 -0.59
CA LEU A 181 8.48 -12.41 -1.78
C LEU A 181 8.69 -13.77 -2.44
N THR A 182 9.96 -14.20 -2.51
CA THR A 182 10.29 -15.47 -3.12
C THR A 182 9.69 -16.62 -2.31
N ALA A 183 9.71 -16.48 -0.98
CA ALA A 183 9.17 -17.50 -0.10
C ALA A 183 7.70 -17.77 -0.40
N SER A 184 6.88 -16.73 -0.31
CA SER A 184 5.44 -16.85 -0.57
C SER A 184 5.16 -17.41 -1.97
N LEU A 185 5.96 -17.01 -2.96
CA LEU A 185 5.77 -17.49 -4.31
C LEU A 185 6.07 -18.98 -4.43
N THR A 186 7.04 -19.44 -3.65
CA THR A 186 7.42 -20.84 -3.66
C THR A 186 6.30 -21.70 -3.07
N ILE A 187 5.47 -21.10 -2.24
CA ILE A 187 4.35 -21.80 -1.62
C ILE A 187 3.09 -21.58 -2.45
N TRP A 188 3.28 -21.04 -3.66
CA TRP A 188 2.17 -20.80 -4.57
C TRP A 188 2.37 -21.61 -5.84
N LYS A 189 3.48 -21.36 -6.53
CA LYS A 189 3.80 -22.06 -7.76
C LYS A 189 4.50 -23.37 -7.43
N LYS A 190 3.84 -24.17 -6.59
CA LYS A 190 4.37 -25.45 -6.15
C LYS A 190 4.18 -26.56 -7.18
N MET A 191 4.57 -26.27 -8.43
CA MET A 191 4.43 -27.23 -9.53
C MET A 191 2.97 -27.59 -9.77
N GLY A 192 2.10 -26.61 -9.60
CA GLY A 192 0.69 -26.83 -9.78
C GLY A 192 -0.11 -25.87 -8.91
N GLU B 1 -12.64 -8.63 5.81
CA GLU B 1 -13.83 -9.37 5.36
C GLU B 1 -14.55 -8.61 4.23
N ILE B 2 -15.57 -9.22 3.65
CA ILE B 2 -16.32 -8.63 2.54
C ILE B 2 -17.00 -7.31 2.95
N TRP B 3 -17.82 -7.37 3.99
CA TRP B 3 -18.53 -6.18 4.48
C TRP B 3 -17.57 -5.07 4.86
N ILE B 4 -16.46 -5.45 5.47
CA ILE B 4 -15.45 -4.49 5.90
C ILE B 4 -14.80 -3.82 4.70
N ALA B 5 -14.35 -4.63 3.73
CA ALA B 5 -13.73 -4.11 2.51
C ALA B 5 -14.72 -3.25 1.72
N GLN B 6 -16.01 -3.55 1.87
CA GLN B 6 -17.06 -2.82 1.19
C GLN B 6 -17.08 -1.36 1.64
N GLU B 7 -17.09 -1.15 2.96
CA GLU B 7 -17.10 0.21 3.51
C GLU B 7 -15.74 0.87 3.26
N LEU B 8 -14.68 0.07 3.37
CA LEU B 8 -13.33 0.58 3.14
C LEU B 8 -13.13 1.01 1.70
N ARG B 9 -13.81 0.34 0.77
CA ARG B 9 -13.73 0.69 -0.63
C ARG B 9 -14.27 2.10 -0.81
N ARG B 10 -15.25 2.45 0.01
CA ARG B 10 -15.85 3.78 -0.02
C ARG B 10 -14.88 4.80 0.55
N ILE B 11 -14.16 4.41 1.60
CA ILE B 11 -13.18 5.30 2.22
C ILE B 11 -12.04 5.57 1.24
N GLY B 12 -11.67 4.53 0.49
CA GLY B 12 -10.61 4.68 -0.49
C GLY B 12 -11.07 5.52 -1.66
N ASP B 13 -12.38 5.53 -1.89
CA ASP B 13 -12.97 6.32 -2.97
C ASP B 13 -13.22 7.73 -2.49
N GLU B 14 -13.44 7.86 -1.19
CA GLU B 14 -13.70 9.13 -0.53
C GLU B 14 -12.56 10.11 -0.81
N PHE B 15 -11.34 9.67 -0.54
CA PHE B 15 -10.15 10.49 -0.78
C PHE B 15 -9.86 10.55 -2.27
N ASN B 16 -10.16 9.46 -2.96
CA ASN B 16 -9.91 9.36 -4.40
C ASN B 16 -10.68 10.41 -5.17
N ALA B 17 -11.96 10.56 -4.86
CA ALA B 17 -12.82 11.52 -5.53
C ALA B 17 -12.59 12.95 -5.04
N TYR B 18 -11.67 13.12 -4.09
CA TYR B 18 -11.38 14.44 -3.57
C TYR B 18 -10.09 14.99 -4.15
N TYR B 19 -9.08 14.14 -4.25
CA TYR B 19 -7.78 14.55 -4.78
C TYR B 19 -7.61 14.20 -6.25
N ALA B 20 -8.65 13.64 -6.86
CA ALA B 20 -8.61 13.26 -8.26
C ALA B 20 -10.01 13.30 -8.86
N MET A 1 -11.94 29.03 24.42
CA MET A 1 -10.98 29.12 25.53
C MET A 1 -10.01 27.94 25.54
N ASP A 2 -10.50 26.75 25.21
CA ASP A 2 -9.66 25.54 25.20
C ASP A 2 -8.46 25.66 24.26
N GLY A 3 -8.64 26.39 23.16
CA GLY A 3 -7.55 26.56 22.21
C GLY A 3 -6.57 27.63 22.65
N SER A 4 -6.85 28.28 23.78
CA SER A 4 -5.98 29.33 24.29
C SER A 4 -5.47 28.95 25.69
N GLY A 5 -5.78 27.73 26.12
CA GLY A 5 -5.34 27.28 27.43
C GLY A 5 -4.11 26.41 27.34
N GLU A 6 -4.11 25.32 28.10
CA GLU A 6 -2.99 24.38 28.12
C GLU A 6 -2.88 23.65 26.79
N GLN A 7 -1.78 23.88 26.10
CA GLN A 7 -1.54 23.24 24.82
C GLN A 7 -0.07 22.84 24.69
N PRO A 8 0.20 21.52 24.72
CA PRO A 8 1.56 21.00 24.60
C PRO A 8 2.02 20.98 23.15
N ARG A 9 2.04 22.16 22.53
CA ARG A 9 2.45 22.32 21.13
C ARG A 9 1.40 21.74 20.18
N GLY A 10 1.25 20.43 20.19
CA GLY A 10 0.30 19.78 19.33
C GLY A 10 -0.56 18.79 20.08
N GLY A 11 -1.86 19.06 20.15
CA GLY A 11 -2.76 18.17 20.83
C GLY A 11 -3.06 16.93 20.01
N GLY A 12 -3.34 15.82 20.67
CA GLY A 12 -3.62 14.59 19.97
C GLY A 12 -5.10 14.28 19.93
N PRO A 13 -5.73 14.39 18.76
CA PRO A 13 -7.16 14.11 18.59
C PRO A 13 -7.41 12.62 18.34
N THR A 14 -8.60 12.30 17.85
CA THR A 14 -8.95 10.92 17.55
C THR A 14 -8.09 10.38 16.40
N SER A 15 -7.11 9.57 16.75
CA SER A 15 -6.19 9.00 15.77
C SER A 15 -6.72 7.70 15.18
N SER A 16 -7.76 7.17 15.81
CA SER A 16 -8.37 5.91 15.38
C SER A 16 -8.75 5.91 13.90
N GLU A 17 -9.68 6.76 13.52
CA GLU A 17 -10.11 6.83 12.12
C GLU A 17 -9.11 7.61 11.29
N GLN A 18 -8.37 8.50 11.93
CA GLN A 18 -7.37 9.33 11.25
C GLN A 18 -6.32 8.47 10.53
N ILE A 19 -5.76 7.51 11.26
CA ILE A 19 -4.74 6.62 10.71
C ILE A 19 -5.29 5.87 9.49
N MET A 20 -6.54 5.42 9.60
CA MET A 20 -7.19 4.69 8.52
C MET A 20 -7.35 5.57 7.28
N LYS A 21 -7.78 6.81 7.50
CA LYS A 21 -7.98 7.76 6.41
C LYS A 21 -6.67 8.05 5.68
N THR A 22 -5.57 8.01 6.43
CA THR A 22 -4.25 8.27 5.85
C THR A 22 -3.91 7.20 4.82
N GLY A 23 -4.34 5.97 5.08
CA GLY A 23 -4.08 4.88 4.17
C GLY A 23 -4.79 5.07 2.84
N ALA A 24 -5.94 5.72 2.89
CA ALA A 24 -6.73 5.97 1.68
C ALA A 24 -6.03 6.98 0.78
N LEU A 25 -5.08 7.72 1.33
CA LEU A 25 -4.33 8.69 0.56
C LEU A 25 -3.02 8.09 0.07
N LEU A 26 -2.41 7.25 0.89
CA LEU A 26 -1.16 6.60 0.55
C LEU A 26 -1.31 5.75 -0.70
N LEU A 27 -2.41 4.99 -0.77
CA LEU A 27 -2.67 4.13 -1.91
C LEU A 27 -2.93 4.96 -3.17
N GLN A 28 -3.52 6.13 -2.99
CA GLN A 28 -3.82 7.03 -4.11
C GLN A 28 -2.55 7.46 -4.83
N GLY A 29 -1.62 8.03 -4.07
CA GLY A 29 -0.38 8.51 -4.65
C GLY A 29 0.43 7.41 -5.30
N PHE A 30 0.54 6.27 -4.61
CA PHE A 30 1.30 5.14 -5.13
C PHE A 30 0.75 4.63 -6.46
N ILE A 31 -0.57 4.49 -6.54
CA ILE A 31 -1.21 4.00 -7.76
C ILE A 31 -1.14 5.04 -8.89
N GLN A 32 -1.56 6.26 -8.59
CA GLN A 32 -1.59 7.34 -9.58
C GLN A 32 -0.21 7.63 -10.18
N ASP A 33 0.82 7.58 -9.35
CA ASP A 33 2.18 7.85 -9.79
C ASP A 33 2.64 6.89 -10.89
N ARG A 34 2.25 5.63 -10.76
CA ARG A 34 2.62 4.62 -11.74
C ARG A 34 1.59 4.53 -12.88
N ALA A 35 0.32 4.73 -12.54
CA ALA A 35 -0.75 4.68 -13.54
C ALA A 35 -0.60 5.81 -14.55
N GLY A 36 -0.05 6.93 -14.10
CA GLY A 36 0.14 8.08 -14.97
C GLY A 36 1.12 7.82 -16.10
N ARG A 37 1.88 6.73 -15.98
CA ARG A 37 2.86 6.38 -17.00
C ARG A 37 2.18 5.76 -18.22
N MET A 38 0.91 5.39 -18.07
CA MET A 38 0.16 4.80 -19.17
C MET A 38 -0.36 5.88 -20.10
N GLY A 39 -0.58 7.07 -19.54
CA GLY A 39 -1.07 8.18 -20.31
C GLY A 39 -2.48 8.58 -19.89
N GLY A 40 -2.84 9.83 -20.13
CA GLY A 40 -4.15 10.31 -19.75
C GLY A 40 -5.09 10.40 -20.93
N GLU A 41 -6.37 10.10 -20.70
CA GLU A 41 -7.36 10.14 -21.76
C GLU A 41 -7.95 11.55 -21.92
N ALA A 42 -7.17 12.43 -22.55
CA ALA A 42 -7.56 13.81 -22.79
C ALA A 42 -7.93 14.55 -21.51
N PRO A 43 -6.94 14.83 -20.64
CA PRO A 43 -7.16 15.53 -19.38
C PRO A 43 -7.32 17.03 -19.61
N GLU A 44 -8.41 17.41 -20.27
CA GLU A 44 -8.70 18.80 -20.57
C GLU A 44 -8.90 19.61 -19.28
N LEU A 45 -10.00 19.35 -18.60
CA LEU A 45 -10.30 20.06 -17.37
C LEU A 45 -9.67 19.33 -16.19
N ALA A 46 -10.05 18.07 -16.02
CA ALA A 46 -9.55 17.22 -14.95
C ALA A 46 -9.78 17.83 -13.57
N LEU A 47 -8.97 17.44 -12.61
CA LEU A 47 -9.08 17.95 -11.24
C LEU A 47 -7.72 17.87 -10.58
N ASP A 48 -7.40 18.85 -9.73
CA ASP A 48 -6.12 18.87 -9.05
C ASP A 48 -6.14 19.85 -7.88
N PRO A 49 -6.30 19.34 -6.65
CA PRO A 49 -6.31 20.17 -5.45
C PRO A 49 -4.90 20.50 -4.99
N VAL A 50 -3.92 19.82 -5.59
CA VAL A 50 -2.50 19.99 -5.27
C VAL A 50 -2.18 19.48 -3.87
N PRO A 51 -1.34 18.43 -3.78
CA PRO A 51 -0.93 17.86 -2.49
C PRO A 51 -0.16 18.87 -1.65
N GLN A 52 -0.79 19.35 -0.58
CA GLN A 52 -0.16 20.33 0.30
C GLN A 52 0.68 19.63 1.36
N ASP A 53 0.34 18.38 1.66
CA ASP A 53 1.07 17.64 2.67
C ASP A 53 2.33 17.00 2.07
N ALA A 54 3.45 17.17 2.74
CA ALA A 54 4.71 16.62 2.28
C ALA A 54 5.00 15.27 2.91
N SER A 55 4.28 14.94 3.97
CA SER A 55 4.47 13.67 4.67
C SER A 55 4.05 12.50 3.79
N THR A 56 2.81 12.53 3.32
CA THR A 56 2.28 11.46 2.47
C THR A 56 3.03 11.42 1.14
N LYS A 57 3.37 12.60 0.64
CA LYS A 57 4.10 12.70 -0.62
C LYS A 57 5.49 12.07 -0.49
N LYS A 58 6.15 12.33 0.63
CA LYS A 58 7.47 11.77 0.89
C LYS A 58 7.39 10.26 1.00
N LEU A 59 6.34 9.77 1.68
CA LEU A 59 6.13 8.34 1.84
C LEU A 59 5.91 7.67 0.50
N SER A 60 5.14 8.33 -0.36
CA SER A 60 4.87 7.80 -1.69
C SER A 60 6.15 7.80 -2.53
N GLU A 61 7.01 8.78 -2.27
CA GLU A 61 8.28 8.90 -2.98
C GLU A 61 9.16 7.69 -2.72
N CYS A 62 9.39 7.38 -1.45
CA CYS A 62 10.23 6.25 -1.09
C CYS A 62 9.63 4.94 -1.60
N LEU A 63 8.31 4.77 -1.45
CA LEU A 63 7.65 3.56 -1.91
C LEU A 63 7.79 3.41 -3.43
N LYS A 64 7.61 4.51 -4.14
CA LYS A 64 7.72 4.53 -5.60
C LYS A 64 9.11 4.13 -6.06
N ARG A 65 10.13 4.76 -5.50
CA ARG A 65 11.50 4.48 -5.90
C ARG A 65 11.95 3.09 -5.48
N ILE A 66 11.55 2.65 -4.28
CA ILE A 66 11.92 1.33 -3.80
C ILE A 66 11.26 0.26 -4.67
N GLY A 67 10.01 0.49 -5.03
CA GLY A 67 9.28 -0.43 -5.88
C GLY A 67 9.92 -0.56 -7.24
N ASP A 68 10.42 0.56 -7.77
CA ASP A 68 11.06 0.58 -9.08
C ASP A 68 12.39 -0.18 -9.03
N GLU A 69 13.05 -0.13 -7.87
CA GLU A 69 14.31 -0.82 -7.68
C GLU A 69 14.08 -2.33 -7.60
N LEU A 70 12.86 -2.71 -7.24
CA LEU A 70 12.48 -4.11 -7.15
C LEU A 70 11.92 -4.58 -8.49
N ASP A 71 12.06 -3.74 -9.50
CA ASP A 71 11.57 -4.06 -10.83
C ASP A 71 12.74 -4.29 -11.79
N SER A 72 13.93 -3.90 -11.35
CA SER A 72 15.14 -4.06 -12.16
C SER A 72 15.61 -5.51 -12.17
N ASN A 73 15.20 -6.28 -11.16
CA ASN A 73 15.59 -7.68 -11.06
C ASN A 73 14.75 -8.56 -11.99
N MET A 74 15.40 -9.14 -12.98
CA MET A 74 14.72 -9.99 -13.97
C MET A 74 14.15 -11.25 -13.33
N GLU A 75 14.84 -11.78 -12.33
CA GLU A 75 14.40 -12.99 -11.64
C GLU A 75 13.02 -12.82 -11.01
N LEU A 76 12.89 -11.79 -10.17
CA LEU A 76 11.64 -11.51 -9.50
C LEU A 76 10.56 -11.12 -10.52
N GLN A 77 10.98 -10.42 -11.56
CA GLN A 77 10.05 -9.99 -12.60
C GLN A 77 9.46 -11.22 -13.30
N ARG A 78 10.31 -12.18 -13.60
CA ARG A 78 9.89 -13.42 -14.24
C ARG A 78 8.94 -14.19 -13.32
N MET A 79 9.22 -14.15 -12.02
CA MET A 79 8.40 -14.84 -11.04
C MET A 79 7.01 -14.24 -11.00
N ILE A 80 6.94 -12.91 -11.00
CA ILE A 80 5.66 -12.20 -10.97
C ILE A 80 4.87 -12.50 -12.24
N ALA A 81 5.58 -12.65 -13.35
CA ALA A 81 4.95 -12.95 -14.64
C ALA A 81 4.60 -14.42 -14.74
N ALA A 82 4.79 -15.17 -13.66
CA ALA A 82 4.49 -16.58 -13.63
C ALA A 82 3.41 -16.89 -12.60
N VAL A 83 2.82 -15.85 -12.04
CA VAL A 83 1.78 -16.02 -11.04
C VAL A 83 0.44 -16.37 -11.71
N ASP A 84 -0.27 -17.33 -11.13
CA ASP A 84 -1.55 -17.75 -11.67
C ASP A 84 -2.63 -16.74 -11.32
N THR A 85 -3.06 -15.98 -12.31
CA THR A 85 -4.11 -14.98 -12.11
C THR A 85 -5.47 -15.67 -12.12
N ASP A 86 -5.68 -16.53 -11.13
CA ASP A 86 -6.91 -17.27 -11.00
C ASP A 86 -7.88 -16.62 -10.03
N SER A 87 -7.54 -16.66 -8.75
CA SER A 87 -8.39 -16.08 -7.72
C SER A 87 -7.65 -14.95 -6.97
N PRO A 88 -8.03 -13.70 -7.26
CA PRO A 88 -7.41 -12.51 -6.66
C PRO A 88 -7.42 -12.49 -5.13
N ARG A 89 -8.62 -12.52 -4.54
CA ARG A 89 -8.75 -12.49 -3.08
C ARG A 89 -7.97 -13.60 -2.40
N GLU A 90 -8.08 -14.82 -2.93
CA GLU A 90 -7.39 -15.97 -2.38
C GLU A 90 -5.88 -15.74 -2.33
N VAL A 91 -5.30 -15.35 -3.46
CA VAL A 91 -3.86 -15.10 -3.52
C VAL A 91 -3.45 -13.97 -2.58
N PHE A 92 -4.20 -12.87 -2.65
CA PHE A 92 -3.93 -11.69 -1.82
C PHE A 92 -4.02 -12.01 -0.33
N PHE A 93 -5.08 -12.68 0.08
CA PHE A 93 -5.28 -13.02 1.48
C PHE A 93 -4.24 -14.03 1.94
N ARG A 94 -3.91 -14.98 1.07
CA ARG A 94 -2.93 -16.00 1.40
C ARG A 94 -1.56 -15.40 1.68
N VAL A 95 -1.06 -14.59 0.77
CA VAL A 95 0.25 -13.96 0.95
C VAL A 95 0.24 -13.01 2.15
N ALA A 96 -0.91 -12.43 2.44
CA ALA A 96 -1.05 -11.51 3.55
C ALA A 96 -0.95 -12.26 4.88
N ALA A 97 -1.55 -13.44 4.92
CA ALA A 97 -1.54 -14.27 6.12
C ALA A 97 -0.23 -15.06 6.22
N ASP A 98 0.30 -15.50 5.09
CA ASP A 98 1.54 -16.27 5.04
C ASP A 98 2.68 -15.51 5.69
N MET A 99 2.75 -14.21 5.41
CA MET A 99 3.80 -13.36 5.97
C MET A 99 3.49 -12.96 7.41
N PHE A 100 2.38 -13.47 7.94
CA PHE A 100 1.97 -13.16 9.29
C PHE A 100 1.75 -14.44 10.09
N SER A 101 2.17 -15.57 9.51
CA SER A 101 2.01 -16.87 10.15
C SER A 101 2.80 -16.91 11.46
N ASP A 102 4.03 -16.44 11.40
CA ASP A 102 4.90 -16.40 12.57
C ASP A 102 4.63 -15.15 13.38
N GLY A 103 3.98 -14.18 12.75
CA GLY A 103 3.67 -12.92 13.41
C GLY A 103 4.90 -12.08 13.68
N ASN A 104 5.90 -12.19 12.81
CA ASN A 104 7.14 -11.45 12.97
C ASN A 104 7.03 -10.04 12.39
N PHE A 105 7.19 -9.05 13.26
CA PHE A 105 7.11 -7.66 12.84
C PHE A 105 8.46 -7.19 12.30
N ASN A 106 8.84 -7.76 11.15
CA ASN A 106 10.12 -7.42 10.53
C ASN A 106 10.04 -6.15 9.69
N TRP A 107 8.84 -5.58 9.58
CA TRP A 107 8.60 -4.34 8.82
C TRP A 107 8.68 -4.55 7.31
N GLY A 108 9.67 -5.32 6.86
CA GLY A 108 9.83 -5.58 5.44
C GLY A 108 8.61 -6.22 4.80
N ARG A 109 7.87 -6.98 5.59
CA ARG A 109 6.66 -7.66 5.09
C ARG A 109 5.58 -6.65 4.69
N VAL A 110 5.76 -5.39 5.07
CA VAL A 110 4.80 -4.35 4.74
C VAL A 110 5.08 -3.80 3.33
N VAL A 111 6.32 -3.39 3.10
CA VAL A 111 6.70 -2.85 1.80
C VAL A 111 6.62 -3.93 0.72
N ALA A 112 6.90 -5.18 1.10
CA ALA A 112 6.82 -6.29 0.17
C ALA A 112 5.39 -6.46 -0.33
N LEU A 113 4.43 -6.30 0.57
CA LEU A 113 3.03 -6.42 0.23
C LEU A 113 2.61 -5.31 -0.73
N PHE A 114 3.15 -4.11 -0.50
CA PHE A 114 2.85 -2.96 -1.34
C PHE A 114 3.31 -3.19 -2.78
N TYR A 115 4.49 -3.78 -2.93
CA TYR A 115 5.04 -4.07 -4.25
C TYR A 115 4.18 -5.11 -4.97
N PHE A 116 3.75 -6.12 -4.23
CA PHE A 116 2.93 -7.17 -4.79
C PHE A 116 1.57 -6.62 -5.21
N ALA A 117 0.99 -5.79 -4.35
CA ALA A 117 -0.31 -5.19 -4.60
C ALA A 117 -0.28 -4.27 -5.82
N SER A 118 0.76 -3.43 -5.91
CA SER A 118 0.90 -2.50 -7.02
C SER A 118 1.04 -3.23 -8.35
N LYS A 119 1.77 -4.35 -8.34
CA LYS A 119 1.97 -5.14 -9.55
C LYS A 119 0.65 -5.74 -10.00
N LEU A 120 -0.19 -6.12 -9.04
CA LEU A 120 -1.50 -6.69 -9.34
C LEU A 120 -2.40 -5.60 -9.93
N VAL A 121 -2.35 -4.42 -9.32
CA VAL A 121 -3.13 -3.28 -9.78
C VAL A 121 -2.73 -2.91 -11.21
N LEU A 122 -1.43 -2.86 -11.45
CA LEU A 122 -0.89 -2.53 -12.77
C LEU A 122 -1.34 -3.56 -13.80
N LYS A 123 -1.37 -4.83 -13.38
CA LYS A 123 -1.78 -5.92 -14.25
C LYS A 123 -3.26 -5.77 -14.61
N ALA A 124 -4.08 -5.50 -13.60
CA ALA A 124 -5.52 -5.32 -13.81
C ALA A 124 -5.78 -4.08 -14.67
N LEU A 125 -4.93 -3.07 -14.52
CA LEU A 125 -5.04 -1.84 -15.30
C LEU A 125 -4.85 -2.15 -16.79
N CYS A 126 -3.96 -3.10 -17.07
CA CYS A 126 -3.67 -3.51 -18.44
C CYS A 126 -4.81 -4.38 -18.97
N THR A 127 -5.73 -4.77 -18.10
CA THR A 127 -6.87 -5.58 -18.47
C THR A 127 -8.09 -4.68 -18.67
N LYS A 128 -7.87 -3.37 -18.48
CA LYS A 128 -8.90 -2.35 -18.64
C LYS A 128 -10.10 -2.57 -17.72
N VAL A 129 -9.82 -2.95 -16.48
CA VAL A 129 -10.88 -3.18 -15.50
C VAL A 129 -10.66 -2.30 -14.24
N PRO A 130 -11.18 -1.06 -14.28
CA PRO A 130 -11.04 -0.10 -13.17
C PRO A 130 -11.73 -0.56 -11.89
N GLU A 131 -12.82 -1.32 -12.05
CA GLU A 131 -13.58 -1.81 -10.90
C GLU A 131 -12.74 -2.72 -10.02
N LEU A 132 -11.94 -3.59 -10.66
CA LEU A 132 -11.09 -4.50 -9.92
C LEU A 132 -10.07 -3.72 -9.09
N ILE A 133 -9.60 -2.61 -9.64
CA ILE A 133 -8.63 -1.75 -8.96
C ILE A 133 -9.25 -1.24 -7.66
N ARG A 134 -10.52 -0.90 -7.71
CA ARG A 134 -11.23 -0.39 -6.54
C ARG A 134 -11.42 -1.51 -5.52
N THR A 135 -11.74 -2.70 -6.00
CA THR A 135 -11.93 -3.85 -5.12
C THR A 135 -10.63 -4.22 -4.41
N ILE A 136 -9.52 -4.23 -5.15
CA ILE A 136 -8.23 -4.55 -4.58
C ILE A 136 -7.86 -3.53 -3.50
N MET A 137 -8.17 -2.26 -3.78
CA MET A 137 -7.90 -1.18 -2.83
C MET A 137 -8.68 -1.43 -1.54
N GLY A 138 -9.95 -1.78 -1.69
CA GLY A 138 -10.78 -2.06 -0.53
C GLY A 138 -10.30 -3.29 0.22
N TRP A 139 -9.86 -4.29 -0.53
CA TRP A 139 -9.34 -5.53 0.06
C TRP A 139 -8.09 -5.26 0.88
N THR A 140 -7.24 -4.37 0.38
CA THR A 140 -6.02 -4.00 1.08
C THR A 140 -6.36 -3.28 2.37
N LEU A 141 -7.28 -2.33 2.28
CA LEU A 141 -7.70 -1.56 3.44
C LEU A 141 -8.39 -2.46 4.46
N ASP A 142 -9.17 -3.42 3.95
CA ASP A 142 -9.89 -4.37 4.78
C ASP A 142 -8.95 -5.07 5.76
N PHE A 143 -7.89 -5.67 5.21
CA PHE A 143 -6.91 -6.36 6.03
C PHE A 143 -6.22 -5.42 7.01
N LEU A 144 -6.08 -4.16 6.61
CA LEU A 144 -5.46 -3.16 7.45
C LEU A 144 -6.29 -2.90 8.70
N ARG A 145 -7.58 -2.68 8.52
CA ARG A 145 -8.48 -2.41 9.65
C ARG A 145 -8.67 -3.69 10.48
N GLU A 146 -8.58 -4.83 9.82
CA GLU A 146 -8.74 -6.11 10.48
C GLU A 146 -7.67 -6.38 11.53
N ARG A 147 -6.40 -6.06 11.22
CA ARG A 147 -5.31 -6.30 12.17
C ARG A 147 -4.24 -5.21 12.17
N LEU A 148 -3.77 -4.82 10.99
CA LEU A 148 -2.70 -3.83 10.84
C LEU A 148 -2.90 -2.55 11.66
N LEU A 149 -4.14 -2.07 11.75
CA LEU A 149 -4.44 -0.84 12.48
C LEU A 149 -3.93 -0.90 13.92
N GLY A 150 -4.00 -2.07 14.53
CA GLY A 150 -3.55 -2.24 15.89
C GLY A 150 -2.07 -1.97 16.06
N TRP A 151 -1.29 -2.30 15.05
CA TRP A 151 0.16 -2.10 15.09
C TRP A 151 0.52 -0.65 14.79
N ILE A 152 -0.22 -0.05 13.87
CA ILE A 152 0.03 1.34 13.48
C ILE A 152 -0.37 2.28 14.62
N GLN A 153 -1.42 1.92 15.34
CA GLN A 153 -1.88 2.73 16.46
C GLN A 153 -0.91 2.61 17.63
N ASP A 154 -0.34 1.42 17.80
CA ASP A 154 0.62 1.16 18.87
C ASP A 154 1.89 2.01 18.73
N GLN A 155 2.36 2.18 17.51
CA GLN A 155 3.55 2.98 17.26
C GLN A 155 3.24 4.47 17.28
N GLY A 156 1.96 4.80 17.26
CA GLY A 156 1.54 6.19 17.31
C GLY A 156 1.49 6.84 15.94
N GLY A 157 0.94 6.13 14.96
CA GLY A 157 0.84 6.67 13.62
C GLY A 157 1.81 6.02 12.66
N TRP A 158 2.03 6.65 11.52
CA TRP A 158 2.93 6.12 10.50
C TRP A 158 4.36 6.57 10.75
N ASP A 159 4.62 6.99 11.98
CA ASP A 159 5.95 7.45 12.38
C ASP A 159 6.97 6.32 12.30
N GLY A 160 6.51 5.11 12.59
CA GLY A 160 7.39 3.95 12.54
C GLY A 160 7.85 3.66 11.13
N LEU A 161 6.97 3.94 10.16
CA LEU A 161 7.29 3.73 8.76
C LEU A 161 8.37 4.72 8.31
N LEU A 162 8.23 5.97 8.76
CA LEU A 162 9.19 7.01 8.43
C LEU A 162 10.54 6.67 9.03
N SER A 163 10.52 6.07 10.22
CA SER A 163 11.74 5.69 10.92
C SER A 163 12.39 4.46 10.27
N TYR A 164 11.57 3.67 9.57
CA TYR A 164 12.07 2.46 8.91
C TYR A 164 12.88 2.83 7.67
N PHE A 165 12.52 3.94 7.04
CA PHE A 165 13.22 4.40 5.86
C PHE A 165 14.61 4.92 6.22
N GLY A 166 15.62 4.08 6.01
CA GLY A 166 16.98 4.47 6.29
C GLY A 166 17.75 4.84 5.05
N THR A 167 19.03 4.51 5.02
CA THR A 167 19.88 4.82 3.87
C THR A 167 21.02 3.79 3.70
N PRO A 168 21.91 3.64 4.71
CA PRO A 168 23.01 2.69 4.63
C PRO A 168 22.52 1.24 4.63
N THR A 169 23.25 0.36 3.96
CA THR A 169 22.90 -1.05 3.87
C THR A 169 21.58 -1.26 3.13
N TRP A 170 21.25 -0.29 2.26
CA TRP A 170 20.02 -0.34 1.48
C TRP A 170 19.97 -1.58 0.60
N GLN A 171 21.15 -2.02 0.15
CA GLN A 171 21.25 -3.19 -0.72
C GLN A 171 20.67 -4.43 -0.03
N THR A 172 21.02 -4.61 1.24
CA THR A 172 20.52 -5.74 2.01
C THR A 172 19.02 -5.63 2.21
N VAL A 173 18.53 -4.40 2.39
CA VAL A 173 17.11 -4.15 2.57
C VAL A 173 16.34 -4.60 1.33
N THR A 174 16.91 -4.29 0.16
CA THR A 174 16.30 -4.66 -1.11
C THR A 174 16.22 -6.19 -1.24
N ILE A 175 17.28 -6.86 -0.81
CA ILE A 175 17.34 -8.31 -0.87
C ILE A 175 16.31 -8.91 0.09
N PHE A 176 16.19 -8.32 1.27
CA PHE A 176 15.24 -8.79 2.28
C PHE A 176 13.81 -8.77 1.73
N VAL A 177 13.43 -7.65 1.13
CA VAL A 177 12.09 -7.50 0.55
C VAL A 177 11.86 -8.54 -0.54
N ALA A 178 12.82 -8.67 -1.44
CA ALA A 178 12.72 -9.63 -2.54
C ALA A 178 12.65 -11.06 -2.02
N GLY A 179 13.48 -11.37 -1.03
CA GLY A 179 13.51 -12.69 -0.44
C GLY A 179 12.17 -13.11 0.13
N VAL A 180 11.51 -12.19 0.81
CA VAL A 180 10.21 -12.47 1.40
C VAL A 180 9.19 -12.81 0.31
N LEU A 181 9.15 -11.98 -0.73
CA LEU A 181 8.23 -12.20 -1.84
C LEU A 181 8.54 -13.50 -2.55
N THR A 182 9.83 -13.77 -2.77
CA THR A 182 10.26 -14.98 -3.45
C THR A 182 9.76 -16.22 -2.72
N ALA A 183 9.92 -16.22 -1.39
CA ALA A 183 9.50 -17.35 -0.57
C ALA A 183 8.01 -17.66 -0.74
N SER A 184 7.15 -16.68 -0.47
CA SER A 184 5.70 -16.86 -0.59
C SER A 184 5.27 -17.26 -2.00
N LEU A 185 5.88 -16.63 -3.00
CA LEU A 185 5.53 -16.92 -4.39
C LEU A 185 5.96 -18.34 -4.78
N THR A 186 7.06 -18.81 -4.21
CA THR A 186 7.55 -20.15 -4.48
C THR A 186 6.60 -21.20 -3.89
N ILE A 187 6.05 -20.89 -2.72
CA ILE A 187 5.12 -21.80 -2.05
C ILE A 187 3.81 -21.87 -2.83
N TRP A 188 3.45 -20.77 -3.48
CA TRP A 188 2.25 -20.69 -4.27
C TRP A 188 2.38 -21.48 -5.57
N LYS A 189 3.45 -21.20 -6.31
CA LYS A 189 3.70 -21.87 -7.58
C LYS A 189 4.37 -23.23 -7.35
N LYS A 190 3.65 -24.12 -6.67
CA LYS A 190 4.17 -25.45 -6.37
C LYS A 190 4.02 -26.41 -7.55
N MET A 191 4.52 -25.97 -8.71
CA MET A 191 4.47 -26.77 -9.94
C MET A 191 3.04 -26.88 -10.50
N GLY A 192 2.09 -26.27 -9.81
CA GLY A 192 0.72 -26.32 -10.24
C GLY A 192 -0.18 -25.70 -9.21
N GLU B 1 -12.69 -8.96 6.18
CA GLU B 1 -14.12 -9.12 6.52
C GLU B 1 -14.99 -8.82 5.31
N ILE B 2 -16.31 -8.81 5.52
CA ILE B 2 -17.26 -8.53 4.46
C ILE B 2 -17.76 -7.09 4.58
N TRP B 3 -18.22 -6.73 5.77
CA TRP B 3 -18.72 -5.38 6.03
C TRP B 3 -17.56 -4.38 6.07
N ILE B 4 -16.49 -4.78 6.73
CA ILE B 4 -15.29 -3.94 6.85
C ILE B 4 -14.76 -3.55 5.48
N ALA B 5 -14.61 -4.54 4.60
CA ALA B 5 -14.12 -4.32 3.25
C ALA B 5 -15.03 -3.34 2.49
N GLN B 6 -16.34 -3.45 2.74
CA GLN B 6 -17.32 -2.59 2.09
C GLN B 6 -17.10 -1.13 2.46
N GLU B 7 -17.03 -0.85 3.75
CA GLU B 7 -16.82 0.52 4.23
C GLU B 7 -15.48 1.07 3.76
N LEU B 8 -14.46 0.24 3.86
CA LEU B 8 -13.13 0.65 3.45
C LEU B 8 -13.02 0.86 1.94
N ARG B 9 -13.73 0.04 1.18
CA ARG B 9 -13.74 0.18 -0.27
C ARG B 9 -14.38 1.51 -0.62
N ARG B 10 -15.31 1.92 0.24
CA ARG B 10 -16.01 3.19 0.07
C ARG B 10 -15.06 4.32 0.45
N ILE B 11 -14.32 4.14 1.53
CA ILE B 11 -13.35 5.14 1.99
C ILE B 11 -12.29 5.39 0.91
N GLY B 12 -11.86 4.31 0.28
CA GLY B 12 -10.87 4.42 -0.78
C GLY B 12 -11.36 5.26 -1.94
N ASP B 13 -12.68 5.30 -2.10
CA ASP B 13 -13.29 6.09 -3.17
C ASP B 13 -13.59 7.48 -2.66
N GLU B 14 -14.03 7.54 -1.41
CA GLU B 14 -14.35 8.79 -0.75
C GLU B 14 -13.14 9.73 -0.76
N PHE B 15 -11.99 9.18 -0.39
CA PHE B 15 -10.76 9.94 -0.36
C PHE B 15 -10.26 10.21 -1.77
N ASN B 16 -10.52 9.27 -2.68
CA ASN B 16 -10.10 9.39 -4.07
C ASN B 16 -10.79 10.59 -4.72
N ALA B 17 -12.09 10.72 -4.48
CA ALA B 17 -12.87 11.81 -5.04
C ALA B 17 -12.54 13.15 -4.40
N TYR B 18 -11.57 13.14 -3.49
CA TYR B 18 -11.14 14.35 -2.81
C TYR B 18 -9.84 14.86 -3.42
N TYR B 19 -9.18 14.00 -4.20
CA TYR B 19 -7.92 14.37 -4.83
C TYR B 19 -7.94 14.17 -6.34
N ALA B 20 -8.65 13.14 -6.81
CA ALA B 20 -8.73 12.86 -8.23
C ALA B 20 -10.14 12.44 -8.62
N MET A 1 -12.93 30.33 23.33
CA MET A 1 -11.93 30.60 24.39
C MET A 1 -11.08 29.37 24.71
N ASP A 2 -11.48 28.21 24.17
CA ASP A 2 -10.74 26.97 24.41
C ASP A 2 -9.34 27.02 23.80
N GLY A 3 -9.22 27.66 22.64
CA GLY A 3 -7.94 27.78 21.98
C GLY A 3 -7.07 28.83 22.64
N SER A 4 -7.65 29.57 23.57
CA SER A 4 -6.95 30.61 24.30
C SER A 4 -6.52 30.09 25.67
N GLY A 5 -6.77 28.81 25.91
CA GLY A 5 -6.42 28.20 27.17
C GLY A 5 -4.96 27.79 27.23
N GLU A 6 -4.65 26.78 28.03
CA GLU A 6 -3.29 26.31 28.19
C GLU A 6 -3.04 25.06 27.34
N GLN A 7 -2.17 25.19 26.35
CA GLN A 7 -1.84 24.09 25.47
C GLN A 7 -0.33 24.05 25.18
N PRO A 8 0.29 22.87 25.26
CA PRO A 8 1.71 22.70 25.00
C PRO A 8 1.95 22.28 23.55
N ARG A 9 2.22 23.28 22.70
CA ARG A 9 2.47 23.06 21.27
C ARG A 9 1.17 22.71 20.53
N GLY A 10 0.54 21.63 20.95
CA GLY A 10 -0.69 21.19 20.33
C GLY A 10 -1.46 20.27 21.26
N GLY A 11 -2.78 20.25 21.11
CA GLY A 11 -3.61 19.41 21.95
C GLY A 11 -3.68 17.98 21.45
N GLY A 12 -4.59 17.22 22.01
CA GLY A 12 -4.75 15.83 21.60
C GLY A 12 -6.20 15.47 21.40
N PRO A 13 -6.72 15.62 20.17
CA PRO A 13 -8.11 15.30 19.83
C PRO A 13 -8.30 13.78 19.65
N THR A 14 -8.48 13.36 18.41
CA THR A 14 -8.66 11.95 18.11
C THR A 14 -7.41 11.40 17.43
N SER A 15 -7.30 10.07 17.34
CA SER A 15 -6.15 9.46 16.71
C SER A 15 -6.52 8.17 15.97
N SER A 16 -7.55 7.48 16.44
CA SER A 16 -7.99 6.23 15.84
C SER A 16 -8.25 6.33 14.33
N GLU A 17 -9.38 6.94 13.98
CA GLU A 17 -9.74 7.10 12.57
C GLU A 17 -8.79 8.05 11.85
N GLN A 18 -8.17 8.95 12.61
CA GLN A 18 -7.23 9.92 12.06
C GLN A 18 -6.07 9.23 11.35
N ILE A 19 -5.53 8.19 11.96
CA ILE A 19 -4.41 7.45 11.37
C ILE A 19 -4.90 6.59 10.20
N MET A 20 -6.09 6.04 10.34
CA MET A 20 -6.68 5.20 9.30
C MET A 20 -6.93 6.00 8.02
N LYS A 21 -7.39 7.24 8.18
CA LYS A 21 -7.67 8.11 7.05
C LYS A 21 -6.41 8.35 6.21
N THR A 22 -5.26 8.39 6.86
CA THR A 22 -4.00 8.61 6.16
C THR A 22 -3.72 7.45 5.20
N GLY A 23 -4.10 6.24 5.61
CA GLY A 23 -3.88 5.07 4.80
C GLY A 23 -4.65 5.12 3.49
N ALA A 24 -5.87 5.66 3.54
CA ALA A 24 -6.70 5.78 2.35
C ALA A 24 -6.06 6.73 1.33
N LEU A 25 -5.41 7.77 1.83
CA LEU A 25 -4.75 8.73 0.98
C LEU A 25 -3.45 8.14 0.43
N LEU A 26 -2.75 7.39 1.27
CA LEU A 26 -1.49 6.76 0.88
C LEU A 26 -1.71 5.77 -0.26
N LEU A 27 -2.72 4.92 -0.11
CA LEU A 27 -3.03 3.93 -1.11
C LEU A 27 -3.38 4.60 -2.44
N GLN A 28 -4.10 5.72 -2.36
CA GLN A 28 -4.47 6.45 -3.56
C GLN A 28 -3.25 7.05 -4.23
N GLY A 29 -2.44 7.76 -3.46
CA GLY A 29 -1.25 8.39 -3.99
C GLY A 29 -0.31 7.41 -4.66
N PHE A 30 -0.11 6.27 -4.01
CA PHE A 30 0.77 5.23 -4.53
C PHE A 30 0.28 4.72 -5.89
N ILE A 31 -1.03 4.55 -6.01
CA ILE A 31 -1.62 4.08 -7.25
C ILE A 31 -1.62 5.18 -8.32
N GLN A 32 -2.04 6.38 -7.93
CA GLN A 32 -2.11 7.52 -8.83
C GLN A 32 -0.77 7.81 -9.51
N ASP A 33 0.29 7.83 -8.71
CA ASP A 33 1.63 8.10 -9.23
C ASP A 33 2.09 7.02 -10.19
N ARG A 34 1.83 5.76 -9.84
CA ARG A 34 2.24 4.64 -10.68
C ARG A 34 1.38 4.53 -11.93
N ALA A 35 0.11 4.94 -11.82
CA ALA A 35 -0.81 4.90 -12.95
C ALA A 35 -0.40 5.94 -14.00
N GLY A 36 0.39 6.92 -13.56
CA GLY A 36 0.86 7.96 -14.45
C GLY A 36 1.78 7.44 -15.54
N ARG A 37 2.19 6.18 -15.41
CA ARG A 37 3.07 5.56 -16.40
C ARG A 37 2.25 5.07 -17.59
N MET A 38 0.94 5.02 -17.43
CA MET A 38 0.04 4.56 -18.49
C MET A 38 -0.27 5.71 -19.44
N GLY A 39 -0.99 6.71 -18.94
CA GLY A 39 -1.36 7.85 -19.75
C GLY A 39 -2.61 8.52 -19.23
N GLY A 40 -3.32 9.23 -20.10
CA GLY A 40 -4.52 9.91 -19.68
C GLY A 40 -5.58 9.92 -20.77
N GLU A 41 -6.84 10.06 -20.39
CA GLU A 41 -7.93 10.07 -21.35
C GLU A 41 -8.39 11.51 -21.62
N ALA A 42 -7.59 12.24 -22.40
CA ALA A 42 -7.90 13.63 -22.75
C ALA A 42 -8.04 14.51 -21.51
N PRO A 43 -6.91 14.90 -20.88
CA PRO A 43 -6.90 15.73 -19.67
C PRO A 43 -7.21 17.20 -19.98
N GLU A 44 -8.41 17.44 -20.50
CA GLU A 44 -8.84 18.79 -20.82
C GLU A 44 -9.20 19.56 -19.56
N LEU A 45 -10.09 18.99 -18.77
CA LEU A 45 -10.52 19.62 -17.53
C LEU A 45 -9.76 19.04 -16.34
N ALA A 46 -10.04 17.79 -16.02
CA ALA A 46 -9.39 17.10 -14.91
C ALA A 46 -9.66 17.80 -13.59
N LEU A 47 -8.86 17.49 -12.58
CA LEU A 47 -9.00 18.08 -11.26
C LEU A 47 -7.67 18.04 -10.52
N ASP A 48 -7.39 19.10 -9.76
CA ASP A 48 -6.16 19.17 -8.99
C ASP A 48 -6.37 20.03 -7.75
N PRO A 49 -6.56 19.40 -6.59
CA PRO A 49 -6.76 20.10 -5.33
C PRO A 49 -5.45 20.49 -4.67
N VAL A 50 -4.33 20.00 -5.24
CA VAL A 50 -3.00 20.26 -4.72
C VAL A 50 -2.80 19.69 -3.32
N PRO A 51 -2.03 18.59 -3.21
CA PRO A 51 -1.74 17.93 -1.93
C PRO A 51 -0.95 18.85 -1.01
N GLN A 52 -1.63 19.40 -0.01
CA GLN A 52 -0.99 20.30 0.95
C GLN A 52 -0.23 19.54 2.03
N ASP A 53 -0.46 18.24 2.11
CA ASP A 53 0.21 17.41 3.10
C ASP A 53 1.53 16.88 2.56
N ALA A 54 2.57 16.98 3.38
CA ALA A 54 3.90 16.52 2.98
C ALA A 54 4.17 15.11 3.49
N SER A 55 3.42 14.71 4.51
CA SER A 55 3.56 13.38 5.10
C SER A 55 3.30 12.30 4.06
N THR A 56 2.15 12.37 3.42
CA THR A 56 1.77 11.41 2.40
C THR A 56 2.71 11.46 1.20
N LYS A 57 3.11 12.66 0.82
CA LYS A 57 4.02 12.85 -0.31
C LYS A 57 5.35 12.14 -0.07
N LYS A 58 5.93 12.37 1.10
CA LYS A 58 7.20 11.74 1.46
C LYS A 58 7.06 10.22 1.53
N LEU A 59 5.99 9.76 2.17
CA LEU A 59 5.74 8.33 2.29
C LEU A 59 5.60 7.67 0.92
N SER A 60 4.82 8.29 0.05
CA SER A 60 4.60 7.76 -1.29
C SER A 60 5.90 7.77 -2.09
N GLU A 61 6.73 8.80 -1.88
CA GLU A 61 7.99 8.94 -2.57
C GLU A 61 8.92 7.78 -2.22
N CYS A 62 9.13 7.54 -0.93
CA CYS A 62 10.02 6.47 -0.48
C CYS A 62 9.50 5.10 -0.93
N LEU A 63 8.19 4.91 -0.89
CA LEU A 63 7.59 3.65 -1.29
C LEU A 63 7.76 3.43 -2.79
N LYS A 64 7.48 4.47 -3.57
CA LYS A 64 7.59 4.42 -5.02
C LYS A 64 9.02 4.14 -5.46
N ARG A 65 9.96 4.91 -4.95
CA ARG A 65 11.36 4.76 -5.32
C ARG A 65 11.90 3.36 -4.99
N ILE A 66 11.51 2.83 -3.83
CA ILE A 66 11.95 1.49 -3.43
C ILE A 66 11.30 0.43 -4.32
N GLY A 67 9.99 0.58 -4.55
CA GLY A 67 9.27 -0.37 -5.38
C GLY A 67 9.82 -0.43 -6.79
N ASP A 68 10.21 0.73 -7.33
CA ASP A 68 10.75 0.79 -8.68
C ASP A 68 12.10 0.08 -8.76
N GLU A 69 12.84 0.11 -7.66
CA GLU A 69 14.14 -0.54 -7.60
C GLU A 69 13.99 -2.06 -7.59
N LEU A 70 12.82 -2.51 -7.12
CA LEU A 70 12.51 -3.93 -7.05
C LEU A 70 12.02 -4.45 -8.40
N ASP A 71 12.06 -3.60 -9.41
CA ASP A 71 11.64 -3.98 -10.75
C ASP A 71 12.86 -4.19 -11.63
N SER A 72 14.01 -3.70 -11.17
CA SER A 72 15.26 -3.84 -11.91
C SER A 72 15.73 -5.30 -11.91
N ASN A 73 15.39 -6.01 -10.85
CA ASN A 73 15.75 -7.41 -10.71
C ASN A 73 14.81 -8.29 -11.52
N MET A 74 15.21 -8.58 -12.75
CA MET A 74 14.41 -9.39 -13.67
C MET A 74 14.08 -10.78 -13.10
N GLU A 75 14.92 -11.27 -12.19
CA GLU A 75 14.72 -12.58 -11.58
C GLU A 75 13.37 -12.63 -10.87
N LEU A 76 13.08 -11.59 -10.09
CA LEU A 76 11.82 -11.52 -9.37
C LEU A 76 10.70 -11.04 -10.28
N GLN A 77 11.05 -10.15 -11.22
CA GLN A 77 10.08 -9.61 -12.16
C GLN A 77 9.46 -10.73 -12.99
N ARG A 78 10.29 -11.68 -13.42
CA ARG A 78 9.81 -12.81 -14.22
C ARG A 78 8.87 -13.69 -13.41
N MET A 79 9.17 -13.85 -12.13
CA MET A 79 8.33 -14.67 -11.26
C MET A 79 6.92 -14.11 -11.16
N ILE A 80 6.82 -12.79 -11.08
CA ILE A 80 5.53 -12.13 -10.99
C ILE A 80 4.78 -12.28 -12.31
N ALA A 81 5.53 -12.39 -13.40
CA ALA A 81 4.95 -12.53 -14.72
C ALA A 81 4.46 -13.97 -14.94
N ALA A 82 4.60 -14.80 -13.92
CA ALA A 82 4.16 -16.18 -14.00
C ALA A 82 3.16 -16.48 -12.88
N VAL A 83 2.66 -15.44 -12.24
CA VAL A 83 1.69 -15.59 -11.17
C VAL A 83 0.30 -15.90 -11.72
N ASP A 84 -0.45 -16.71 -11.01
CA ASP A 84 -1.79 -17.09 -11.44
C ASP A 84 -2.82 -16.09 -10.95
N THR A 85 -3.40 -15.36 -11.88
CA THR A 85 -4.41 -14.35 -11.55
C THR A 85 -5.81 -14.96 -11.65
N ASP A 86 -5.93 -16.22 -11.28
CA ASP A 86 -7.20 -16.94 -11.32
C ASP A 86 -8.08 -16.58 -10.14
N SER A 87 -7.49 -16.55 -8.96
CA SER A 87 -8.23 -16.24 -7.74
C SER A 87 -7.52 -15.10 -6.97
N PRO A 88 -7.79 -13.85 -7.37
CA PRO A 88 -7.17 -12.65 -6.76
C PRO A 88 -7.28 -12.61 -5.22
N ARG A 89 -8.49 -12.71 -4.69
CA ARG A 89 -8.70 -12.64 -3.24
C ARG A 89 -7.93 -13.75 -2.51
N GLU A 90 -8.04 -14.96 -3.02
CA GLU A 90 -7.37 -16.12 -2.44
C GLU A 90 -5.85 -15.95 -2.45
N VAL A 91 -5.30 -15.54 -3.59
CA VAL A 91 -3.86 -15.32 -3.72
C VAL A 91 -3.40 -14.21 -2.78
N PHE A 92 -4.14 -13.11 -2.79
CA PHE A 92 -3.82 -11.96 -1.94
C PHE A 92 -3.92 -12.32 -0.47
N PHE A 93 -4.96 -13.05 -0.09
CA PHE A 93 -5.15 -13.46 1.29
C PHE A 93 -4.05 -14.43 1.71
N ARG A 94 -3.68 -15.32 0.79
CA ARG A 94 -2.64 -16.29 1.06
C ARG A 94 -1.33 -15.61 1.42
N VAL A 95 -0.85 -14.73 0.54
CA VAL A 95 0.41 -14.03 0.80
C VAL A 95 0.31 -13.14 2.04
N ALA A 96 -0.89 -12.64 2.32
CA ALA A 96 -1.10 -11.80 3.49
C ALA A 96 -0.97 -12.61 4.77
N ALA A 97 -1.52 -13.82 4.75
CA ALA A 97 -1.46 -14.71 5.91
C ALA A 97 -0.11 -15.42 6.00
N ASP A 98 0.44 -15.78 4.84
CA ASP A 98 1.73 -16.46 4.78
C ASP A 98 2.81 -15.65 5.47
N MET A 99 2.82 -14.35 5.22
CA MET A 99 3.81 -13.46 5.83
C MET A 99 3.39 -13.03 7.23
N PHE A 100 2.30 -13.61 7.72
CA PHE A 100 1.79 -13.30 9.05
C PHE A 100 1.62 -14.57 9.87
N SER A 101 2.18 -15.66 9.35
CA SER A 101 2.10 -16.96 10.00
C SER A 101 2.68 -16.92 11.40
N ASP A 102 3.96 -16.58 11.49
CA ASP A 102 4.64 -16.48 12.78
C ASP A 102 4.39 -15.12 13.39
N GLY A 103 3.86 -14.20 12.60
CA GLY A 103 3.57 -12.86 13.07
C GLY A 103 4.83 -12.06 13.31
N ASN A 104 5.87 -12.33 12.53
CA ASN A 104 7.15 -11.64 12.68
C ASN A 104 7.10 -10.26 12.03
N PHE A 105 7.23 -9.22 12.86
CA PHE A 105 7.19 -7.85 12.38
C PHE A 105 8.56 -7.43 11.84
N ASN A 106 8.96 -8.06 10.75
CA ASN A 106 10.24 -7.78 10.12
C ASN A 106 10.20 -6.51 9.28
N TRP A 107 9.01 -5.89 9.18
CA TRP A 107 8.80 -4.66 8.41
C TRP A 107 8.81 -4.90 6.89
N GLY A 108 9.74 -5.73 6.44
CA GLY A 108 9.86 -6.05 5.02
C GLY A 108 8.60 -6.66 4.43
N ARG A 109 7.85 -7.35 5.27
CA ARG A 109 6.60 -7.98 4.82
C ARG A 109 5.56 -6.94 4.41
N VAL A 110 5.80 -5.68 4.76
CA VAL A 110 4.89 -4.60 4.41
C VAL A 110 5.21 -4.07 3.02
N VAL A 111 6.47 -3.72 2.80
CA VAL A 111 6.90 -3.20 1.51
C VAL A 111 6.77 -4.28 0.42
N ALA A 112 6.99 -5.53 0.81
CA ALA A 112 6.87 -6.65 -0.11
C ALA A 112 5.43 -6.78 -0.58
N LEU A 113 4.50 -6.58 0.34
CA LEU A 113 3.08 -6.65 0.03
C LEU A 113 2.69 -5.52 -0.90
N PHE A 114 3.29 -4.35 -0.67
CA PHE A 114 3.02 -3.18 -1.50
C PHE A 114 3.44 -3.42 -2.94
N TYR A 115 4.63 -4.01 -3.11
CA TYR A 115 5.15 -4.32 -4.44
C TYR A 115 4.27 -5.35 -5.14
N PHE A 116 3.84 -6.36 -4.39
CA PHE A 116 3.00 -7.41 -4.93
C PHE A 116 1.65 -6.84 -5.36
N ALA A 117 1.07 -6.00 -4.50
CA ALA A 117 -0.22 -5.39 -4.77
C ALA A 117 -0.15 -4.45 -5.98
N SER A 118 0.88 -3.61 -6.02
CA SER A 118 1.03 -2.66 -7.12
C SER A 118 1.18 -3.38 -8.46
N LYS A 119 1.97 -4.44 -8.49
CA LYS A 119 2.16 -5.21 -9.71
C LYS A 119 0.84 -5.83 -10.16
N LEU A 120 0.03 -6.25 -9.19
CA LEU A 120 -1.26 -6.83 -9.49
C LEU A 120 -2.21 -5.76 -10.04
N VAL A 121 -2.19 -4.58 -9.40
CA VAL A 121 -3.03 -3.48 -9.83
C VAL A 121 -2.68 -3.06 -11.26
N LEU A 122 -1.38 -2.95 -11.53
CA LEU A 122 -0.91 -2.59 -12.86
C LEU A 122 -1.32 -3.64 -13.88
N LYS A 123 -1.22 -4.90 -13.49
CA LYS A 123 -1.58 -6.01 -14.34
C LYS A 123 -3.08 -6.01 -14.62
N ALA A 124 -3.86 -5.67 -13.59
CA ALA A 124 -5.31 -5.61 -13.71
C ALA A 124 -5.71 -4.42 -14.58
N LEU A 125 -4.95 -3.35 -14.48
CA LEU A 125 -5.20 -2.15 -15.27
C LEU A 125 -4.99 -2.42 -16.76
N CYS A 126 -4.07 -3.33 -17.06
CA CYS A 126 -3.79 -3.70 -18.44
C CYS A 126 -4.99 -4.37 -19.09
N THR A 127 -5.79 -5.05 -18.27
CA THR A 127 -6.98 -5.72 -18.77
C THR A 127 -8.12 -4.72 -18.97
N LYS A 128 -7.88 -3.48 -18.54
CA LYS A 128 -8.85 -2.39 -18.67
C LYS A 128 -10.11 -2.64 -17.86
N VAL A 129 -9.94 -2.89 -16.57
CA VAL A 129 -11.05 -3.14 -15.66
C VAL A 129 -10.93 -2.28 -14.40
N PRO A 130 -11.51 -1.07 -14.43
CA PRO A 130 -11.47 -0.12 -13.31
C PRO A 130 -12.08 -0.67 -12.02
N GLU A 131 -13.13 -1.47 -12.16
CA GLU A 131 -13.80 -2.06 -11.00
C GLU A 131 -12.85 -2.95 -10.19
N LEU A 132 -12.05 -3.74 -10.90
CA LEU A 132 -11.10 -4.64 -10.25
C LEU A 132 -10.06 -3.84 -9.48
N ILE A 133 -9.69 -2.68 -10.03
CA ILE A 133 -8.72 -1.80 -9.38
C ILE A 133 -9.24 -1.35 -8.02
N ARG A 134 -10.52 -0.95 -8.00
CA ARG A 134 -11.16 -0.52 -6.76
C ARG A 134 -11.33 -1.69 -5.80
N THR A 135 -11.59 -2.86 -6.38
CA THR A 135 -11.77 -4.08 -5.62
C THR A 135 -10.50 -4.45 -4.85
N ILE A 136 -9.37 -4.42 -5.55
CA ILE A 136 -8.07 -4.74 -4.93
C ILE A 136 -7.77 -3.73 -3.83
N MET A 137 -8.07 -2.47 -4.07
CA MET A 137 -7.84 -1.41 -3.11
C MET A 137 -8.61 -1.69 -1.82
N GLY A 138 -9.89 -2.05 -1.97
CA GLY A 138 -10.72 -2.36 -0.82
C GLY A 138 -10.19 -3.58 -0.08
N TRP A 139 -9.70 -4.56 -0.84
CA TRP A 139 -9.15 -5.77 -0.26
C TRP A 139 -7.87 -5.48 0.53
N THR A 140 -7.05 -4.59 -0.01
CA THR A 140 -5.79 -4.20 0.63
C THR A 140 -6.06 -3.47 1.94
N LEU A 141 -7.02 -2.56 1.91
CA LEU A 141 -7.38 -1.79 3.10
C LEU A 141 -8.08 -2.68 4.12
N ASP A 142 -8.77 -3.70 3.62
CA ASP A 142 -9.50 -4.64 4.47
C ASP A 142 -8.57 -5.30 5.49
N PHE A 143 -7.55 -5.99 4.98
CA PHE A 143 -6.59 -6.67 5.84
C PHE A 143 -5.82 -5.67 6.70
N LEU A 144 -5.70 -4.44 6.19
CA LEU A 144 -5.00 -3.39 6.90
C LEU A 144 -5.75 -3.03 8.19
N ARG A 145 -7.02 -2.69 8.07
CA ARG A 145 -7.82 -2.32 9.23
C ARG A 145 -8.08 -3.53 10.14
N GLU A 146 -8.18 -4.71 9.53
CA GLU A 146 -8.43 -5.94 10.27
C GLU A 146 -7.25 -6.36 11.14
N ARG A 147 -6.03 -6.03 10.72
CA ARG A 147 -4.84 -6.44 11.49
C ARG A 147 -3.81 -5.31 11.65
N LEU A 148 -3.27 -4.84 10.53
CA LEU A 148 -2.22 -3.81 10.52
C LEU A 148 -2.56 -2.56 11.34
N LEU A 149 -3.82 -2.17 11.38
CA LEU A 149 -4.25 -0.99 12.13
C LEU A 149 -3.74 -0.97 13.57
N GLY A 150 -3.80 -2.12 14.23
CA GLY A 150 -3.34 -2.22 15.60
C GLY A 150 -1.85 -1.94 15.72
N TRP A 151 -1.07 -2.45 14.76
CA TRP A 151 0.37 -2.26 14.75
C TRP A 151 0.73 -0.82 14.42
N ILE A 152 -0.01 -0.22 13.49
CA ILE A 152 0.23 1.17 13.09
C ILE A 152 -0.02 2.10 14.27
N GLN A 153 -1.06 1.83 15.03
CA GLN A 153 -1.39 2.64 16.19
C GLN A 153 -0.38 2.41 17.31
N ASP A 154 0.12 1.18 17.40
CA ASP A 154 1.10 0.81 18.42
C ASP A 154 2.44 1.51 18.22
N GLN A 155 2.84 1.67 16.96
CA GLN A 155 4.10 2.33 16.65
C GLN A 155 3.99 3.86 16.76
N GLY A 156 2.77 4.34 17.00
CA GLY A 156 2.56 5.76 17.13
C GLY A 156 2.27 6.45 15.81
N GLY A 157 1.72 5.71 14.85
CA GLY A 157 1.40 6.30 13.57
C GLY A 157 2.24 5.72 12.45
N TRP A 158 2.74 6.58 11.60
CA TRP A 158 3.56 6.14 10.47
C TRP A 158 5.04 6.42 10.72
N ASP A 159 5.33 6.86 11.94
CA ASP A 159 6.70 7.17 12.35
C ASP A 159 7.60 5.95 12.22
N GLY A 160 7.06 4.79 12.56
CA GLY A 160 7.81 3.56 12.47
C GLY A 160 8.15 3.22 11.04
N LEU A 161 7.18 3.38 10.14
CA LEU A 161 7.37 3.11 8.73
C LEU A 161 8.42 4.04 8.14
N LEU A 162 8.35 5.31 8.54
CA LEU A 162 9.31 6.32 8.09
C LEU A 162 10.71 5.97 8.58
N SER A 163 10.78 5.34 9.74
CA SER A 163 12.05 4.95 10.33
C SER A 163 12.63 3.72 9.63
N TYR A 164 11.81 3.05 8.81
CA TYR A 164 12.26 1.88 8.08
C TYR A 164 13.08 2.29 6.86
N PHE A 165 12.87 3.52 6.41
CA PHE A 165 13.59 4.04 5.25
C PHE A 165 15.03 4.38 5.63
N GLY A 166 15.94 3.52 5.21
CA GLY A 166 17.35 3.73 5.49
C GLY A 166 18.17 3.69 4.21
N THR A 167 19.44 4.01 4.33
CA THR A 167 20.32 4.01 3.16
C THR A 167 21.50 3.05 3.29
N PRO A 168 22.31 3.15 4.37
CA PRO A 168 23.46 2.25 4.57
C PRO A 168 23.08 0.77 4.49
N THR A 169 23.78 0.05 3.62
CA THR A 169 23.55 -1.38 3.42
C THR A 169 22.12 -1.67 2.94
N TRP A 170 21.59 -0.77 2.11
CA TRP A 170 20.23 -0.93 1.58
C TRP A 170 20.13 -2.16 0.67
N GLN A 171 21.26 -2.61 0.16
CA GLN A 171 21.31 -3.78 -0.72
C GLN A 171 20.71 -5.00 -0.01
N THR A 172 21.06 -5.16 1.26
CA THR A 172 20.56 -6.27 2.06
C THR A 172 19.04 -6.21 2.14
N VAL A 173 18.52 -5.00 2.32
CA VAL A 173 17.08 -4.80 2.41
C VAL A 173 16.40 -5.18 1.09
N THR A 174 17.08 -4.87 -0.01
CA THR A 174 16.57 -5.17 -1.34
C THR A 174 16.47 -6.69 -1.54
N ILE A 175 17.52 -7.40 -1.14
CA ILE A 175 17.56 -8.85 -1.25
C ILE A 175 16.53 -9.48 -0.32
N PHE A 176 16.39 -8.90 0.87
CA PHE A 176 15.44 -9.38 1.87
C PHE A 176 14.02 -9.42 1.30
N VAL A 177 13.59 -8.29 0.73
CA VAL A 177 12.25 -8.18 0.15
C VAL A 177 12.07 -9.21 -0.96
N ALA A 178 13.07 -9.33 -1.83
CA ALA A 178 13.01 -10.28 -2.94
C ALA A 178 12.88 -11.71 -2.42
N GLY A 179 13.65 -12.03 -1.39
CA GLY A 179 13.63 -13.36 -0.82
C GLY A 179 12.27 -13.71 -0.24
N VAL A 180 11.71 -12.79 0.54
CA VAL A 180 10.40 -13.00 1.15
C VAL A 180 9.33 -13.27 0.09
N LEU A 181 9.31 -12.44 -0.94
CA LEU A 181 8.34 -12.59 -2.03
C LEU A 181 8.55 -13.92 -2.76
N THR A 182 9.81 -14.25 -3.02
CA THR A 182 10.14 -15.50 -3.71
C THR A 182 9.66 -16.70 -2.89
N ALA A 183 9.87 -16.65 -1.58
CA ALA A 183 9.48 -17.73 -0.68
C ALA A 183 7.98 -18.01 -0.75
N SER A 184 7.17 -16.98 -0.51
CA SER A 184 5.73 -17.12 -0.53
C SER A 184 5.23 -17.58 -1.90
N LEU A 185 5.84 -17.06 -2.96
CA LEU A 185 5.45 -17.42 -4.32
C LEU A 185 5.81 -18.86 -4.64
N THR A 186 6.86 -19.37 -4.02
CA THR A 186 7.30 -20.76 -4.23
C THR A 186 6.24 -21.73 -3.70
N ILE A 187 5.62 -21.35 -2.58
CA ILE A 187 4.58 -22.17 -1.97
C ILE A 187 3.27 -22.06 -2.76
N TRP A 188 3.20 -21.06 -3.62
CA TRP A 188 2.02 -20.83 -4.45
C TRP A 188 2.13 -21.62 -5.74
N LYS A 189 3.22 -21.41 -6.46
CA LYS A 189 3.46 -22.10 -7.73
C LYS A 189 4.14 -23.43 -7.49
N LYS A 190 3.52 -24.27 -6.67
CA LYS A 190 4.06 -25.59 -6.36
C LYS A 190 3.79 -26.56 -7.50
N MET A 191 4.53 -26.39 -8.60
CA MET A 191 4.41 -27.22 -9.80
C MET A 191 3.14 -26.91 -10.60
N GLY A 192 2.03 -26.76 -9.91
CA GLY A 192 0.77 -26.47 -10.57
C GLY A 192 -0.36 -26.36 -9.58
N GLU B 1 -12.68 -8.49 6.28
CA GLU B 1 -13.98 -9.12 5.95
C GLU B 1 -14.64 -8.44 4.76
N ILE B 2 -15.66 -9.07 4.21
CA ILE B 2 -16.38 -8.52 3.05
C ILE B 2 -16.96 -7.13 3.33
N TRP B 3 -17.78 -7.03 4.36
CA TRP B 3 -18.41 -5.76 4.72
C TRP B 3 -17.36 -4.72 5.11
N ILE B 4 -16.28 -5.18 5.72
CA ILE B 4 -15.21 -4.28 6.14
C ILE B 4 -14.48 -3.70 4.94
N ALA B 5 -14.16 -4.58 3.98
CA ALA B 5 -13.49 -4.16 2.75
C ALA B 5 -14.32 -3.13 2.00
N GLN B 6 -15.64 -3.32 2.03
CA GLN B 6 -16.56 -2.41 1.36
C GLN B 6 -16.50 -1.02 1.98
N GLU B 7 -16.48 -0.99 3.32
CA GLU B 7 -16.41 0.28 4.05
C GLU B 7 -15.09 0.98 3.75
N LEU B 8 -14.01 0.20 3.76
CA LEU B 8 -12.68 0.73 3.48
C LEU B 8 -12.57 1.21 2.03
N ARG B 9 -13.23 0.50 1.13
CA ARG B 9 -13.23 0.87 -0.28
C ARG B 9 -13.89 2.24 -0.42
N ARG B 10 -14.88 2.49 0.42
CA ARG B 10 -15.60 3.75 0.43
C ARG B 10 -14.67 4.87 0.90
N ILE B 11 -13.83 4.54 1.89
CA ILE B 11 -12.87 5.50 2.42
C ILE B 11 -11.85 5.84 1.34
N GLY B 12 -11.47 4.83 0.56
CA GLY B 12 -10.53 5.02 -0.51
C GLY B 12 -11.15 5.81 -1.66
N ASP B 13 -12.48 5.79 -1.70
CA ASP B 13 -13.22 6.51 -2.73
C ASP B 13 -13.42 7.97 -2.34
N GLU B 14 -13.72 8.21 -1.07
CA GLU B 14 -13.92 9.57 -0.58
C GLU B 14 -12.64 10.40 -0.70
N PHE B 15 -11.51 9.73 -0.54
CA PHE B 15 -10.21 10.39 -0.65
C PHE B 15 -9.85 10.55 -2.12
N ASN B 16 -10.29 9.59 -2.93
CA ASN B 16 -10.01 9.61 -4.36
C ASN B 16 -10.76 10.73 -5.05
N ALA B 17 -12.04 10.85 -4.72
CA ALA B 17 -12.91 11.87 -5.29
C ALA B 17 -12.48 13.27 -4.89
N TYR B 18 -11.78 13.38 -3.78
CA TYR B 18 -11.32 14.67 -3.29
C TYR B 18 -10.04 15.10 -4.02
N TYR B 19 -9.45 14.18 -4.78
CA TYR B 19 -8.23 14.47 -5.51
C TYR B 19 -8.42 14.40 -7.02
N ALA B 20 -9.09 13.37 -7.50
CA ALA B 20 -9.32 13.20 -8.92
C ALA B 20 -10.79 12.89 -9.22
N MET A 1 -11.11 28.66 24.78
CA MET A 1 -10.44 28.58 26.11
C MET A 1 -9.39 27.47 26.14
N ASP A 2 -9.61 26.42 25.34
CA ASP A 2 -8.67 25.29 25.28
C ASP A 2 -7.31 25.73 24.74
N GLY A 3 -7.30 26.77 23.92
CA GLY A 3 -6.06 27.26 23.34
C GLY A 3 -5.19 27.95 24.36
N SER A 4 -5.80 28.43 25.45
CA SER A 4 -5.07 29.12 26.51
C SER A 4 -4.49 28.12 27.51
N GLY A 5 -4.76 26.84 27.28
CA GLY A 5 -4.25 25.81 28.16
C GLY A 5 -2.85 25.39 27.77
N GLU A 6 -2.07 24.93 28.75
CA GLU A 6 -0.71 24.50 28.50
C GLU A 6 -0.68 23.19 27.72
N GLN A 7 -0.22 23.25 26.49
CA GLN A 7 -0.13 22.09 25.63
C GLN A 7 1.31 21.89 25.19
N PRO A 8 1.80 20.63 25.21
CA PRO A 8 3.17 20.31 24.80
C PRO A 8 3.29 20.30 23.28
N ARG A 9 3.45 21.50 22.71
CA ARG A 9 3.57 21.69 21.26
C ARG A 9 2.23 21.52 20.55
N GLY A 10 1.59 20.39 20.79
CA GLY A 10 0.29 20.12 20.19
C GLY A 10 -0.50 19.16 21.05
N GLY A 11 -1.79 19.06 20.80
CA GLY A 11 -2.63 18.16 21.55
C GLY A 11 -2.72 16.78 20.93
N GLY A 12 -3.45 15.89 21.57
CA GLY A 12 -3.58 14.54 21.06
C GLY A 12 -5.04 14.16 20.84
N PRO A 13 -5.60 14.46 19.66
CA PRO A 13 -6.99 14.15 19.32
C PRO A 13 -7.14 12.73 18.80
N THR A 14 -8.26 12.44 18.18
CA THR A 14 -8.52 11.11 17.63
C THR A 14 -7.53 10.80 16.50
N SER A 15 -6.94 9.62 16.54
CA SER A 15 -5.98 9.21 15.52
C SER A 15 -6.41 7.92 14.84
N SER A 16 -7.36 7.22 15.46
CA SER A 16 -7.86 5.94 14.94
C SER A 16 -8.37 6.07 13.50
N GLU A 17 -9.47 6.79 13.34
CA GLU A 17 -10.06 6.99 12.01
C GLU A 17 -9.17 7.86 11.14
N GLN A 18 -8.41 8.75 11.77
CA GLN A 18 -7.52 9.65 11.05
C GLN A 18 -6.49 8.85 10.26
N ILE A 19 -5.87 7.87 10.92
CA ILE A 19 -4.86 7.03 10.27
C ILE A 19 -5.45 6.35 9.04
N MET A 20 -6.69 5.88 9.15
CA MET A 20 -7.38 5.22 8.05
C MET A 20 -7.55 6.19 6.89
N LYS A 21 -7.93 7.43 7.20
CA LYS A 21 -8.13 8.44 6.18
C LYS A 21 -6.81 8.78 5.49
N THR A 22 -5.74 8.89 6.28
CA THR A 22 -4.42 9.19 5.72
C THR A 22 -3.99 8.07 4.78
N GLY A 23 -4.31 6.83 5.16
CA GLY A 23 -3.98 5.69 4.35
C GLY A 23 -4.75 5.67 3.04
N ALA A 24 -5.95 6.23 3.07
CA ALA A 24 -6.81 6.30 1.89
C ALA A 24 -6.25 7.30 0.88
N LEU A 25 -5.29 8.10 1.32
CA LEU A 25 -4.64 9.09 0.47
C LEU A 25 -3.36 8.50 -0.12
N LEU A 26 -2.67 7.70 0.68
CA LEU A 26 -1.43 7.06 0.27
C LEU A 26 -1.64 6.20 -0.97
N LEU A 27 -2.75 5.45 -0.97
CA LEU A 27 -3.08 4.59 -2.10
C LEU A 27 -3.27 5.40 -3.38
N GLN A 28 -3.86 6.58 -3.27
CA GLN A 28 -4.10 7.44 -4.42
C GLN A 28 -2.78 7.86 -5.05
N GLY A 29 -1.89 8.40 -4.23
CA GLY A 29 -0.60 8.84 -4.70
C GLY A 29 0.25 7.73 -5.29
N PHE A 30 0.31 6.61 -4.58
CA PHE A 30 1.10 5.46 -5.02
C PHE A 30 0.61 4.92 -6.37
N ILE A 31 -0.70 4.77 -6.50
CA ILE A 31 -1.28 4.25 -7.74
C ILE A 31 -1.17 5.25 -8.89
N GLN A 32 -1.62 6.47 -8.66
CA GLN A 32 -1.59 7.51 -9.70
C GLN A 32 -0.18 7.79 -10.21
N ASP A 33 0.79 7.78 -9.31
CA ASP A 33 2.18 8.03 -9.67
C ASP A 33 2.68 7.02 -10.70
N ARG A 34 2.29 5.78 -10.54
CA ARG A 34 2.70 4.72 -11.46
C ARG A 34 1.74 4.61 -12.64
N ALA A 35 0.47 4.91 -12.40
CA ALA A 35 -0.55 4.85 -13.44
C ALA A 35 -0.34 5.93 -14.50
N GLY A 36 0.36 7.00 -14.12
CA GLY A 36 0.62 8.09 -15.03
C GLY A 36 1.41 7.64 -16.26
N ARG A 37 2.09 6.50 -16.14
CA ARG A 37 2.87 5.96 -17.23
C ARG A 37 1.98 5.39 -18.33
N MET A 38 0.68 5.31 -18.05
CA MET A 38 -0.28 4.79 -19.01
C MET A 38 -0.77 5.89 -19.95
N GLY A 39 -0.60 7.14 -19.51
CA GLY A 39 -1.02 8.27 -20.32
C GLY A 39 -2.33 8.86 -19.84
N GLY A 40 -2.86 9.80 -20.61
CA GLY A 40 -4.12 10.43 -20.26
C GLY A 40 -5.08 10.46 -21.42
N GLU A 41 -6.36 10.21 -21.13
CA GLU A 41 -7.39 10.20 -22.16
C GLU A 41 -7.98 11.60 -22.40
N ALA A 42 -7.17 12.47 -22.99
CA ALA A 42 -7.56 13.85 -23.30
C ALA A 42 -7.95 14.63 -22.05
N PRO A 43 -6.97 14.96 -21.19
CA PRO A 43 -7.20 15.71 -19.96
C PRO A 43 -7.32 17.21 -20.27
N GLU A 44 -8.48 17.59 -20.78
CA GLU A 44 -8.74 18.98 -21.12
C GLU A 44 -9.17 19.77 -19.90
N LEU A 45 -10.09 19.20 -19.14
CA LEU A 45 -10.59 19.84 -17.92
C LEU A 45 -9.77 19.38 -16.73
N ALA A 46 -9.94 18.11 -16.36
CA ALA A 46 -9.22 17.51 -15.24
C ALA A 46 -9.48 18.22 -13.92
N LEU A 47 -8.75 17.84 -12.90
CA LEU A 47 -8.88 18.46 -11.58
C LEU A 47 -7.57 18.34 -10.81
N ASP A 48 -7.00 19.48 -10.44
CA ASP A 48 -5.76 19.49 -9.70
C ASP A 48 -5.92 20.29 -8.41
N PRO A 49 -6.26 19.62 -7.30
CA PRO A 49 -6.46 20.27 -6.00
C PRO A 49 -5.14 20.68 -5.34
N VAL A 50 -4.05 20.13 -5.86
CA VAL A 50 -2.70 20.42 -5.35
C VAL A 50 -2.50 19.85 -3.93
N PRO A 51 -1.72 18.76 -3.81
CA PRO A 51 -1.44 18.12 -2.53
C PRO A 51 -0.77 19.10 -1.55
N GLN A 52 -1.47 19.41 -0.47
CA GLN A 52 -0.96 20.34 0.53
C GLN A 52 -0.22 19.64 1.66
N ASP A 53 -0.10 18.32 1.56
CA ASP A 53 0.60 17.55 2.58
C ASP A 53 1.89 16.96 2.04
N ALA A 54 2.94 17.02 2.83
CA ALA A 54 4.23 16.49 2.43
C ALA A 54 4.49 15.14 3.06
N SER A 55 3.71 14.81 4.10
CA SER A 55 3.87 13.55 4.80
C SER A 55 3.54 12.38 3.87
N THR A 56 2.37 12.45 3.23
CA THR A 56 1.94 11.42 2.31
C THR A 56 2.87 11.38 1.10
N LYS A 57 3.34 12.55 0.68
CA LYS A 57 4.24 12.68 -0.45
C LYS A 57 5.55 11.96 -0.15
N LYS A 58 6.09 12.21 1.04
CA LYS A 58 7.34 11.60 1.46
C LYS A 58 7.22 10.08 1.49
N LEU A 59 6.09 9.60 2.00
CA LEU A 59 5.82 8.17 2.08
C LEU A 59 5.70 7.56 0.69
N SER A 60 4.96 8.24 -0.19
CA SER A 60 4.78 7.77 -1.55
C SER A 60 6.11 7.75 -2.30
N GLU A 61 6.97 8.72 -1.99
CA GLU A 61 8.28 8.82 -2.61
C GLU A 61 9.12 7.59 -2.31
N CYS A 62 9.31 7.30 -1.02
CA CYS A 62 10.10 6.15 -0.62
C CYS A 62 9.52 4.83 -1.11
N LEU A 63 8.20 4.69 -0.99
CA LEU A 63 7.53 3.47 -1.44
C LEU A 63 7.70 3.28 -2.95
N LYS A 64 7.58 4.38 -3.68
CA LYS A 64 7.72 4.36 -5.14
C LYS A 64 9.14 3.99 -5.56
N ARG A 65 10.13 4.66 -4.97
CA ARG A 65 11.51 4.41 -5.31
C ARG A 65 11.92 2.97 -5.00
N ILE A 66 11.55 2.48 -3.82
CA ILE A 66 11.86 1.11 -3.44
C ILE A 66 11.14 0.13 -4.36
N GLY A 67 9.89 0.42 -4.67
CA GLY A 67 9.10 -0.42 -5.54
C GLY A 67 9.70 -0.52 -6.94
N ASP A 68 10.18 0.60 -7.46
CA ASP A 68 10.80 0.64 -8.78
C ASP A 68 12.13 -0.10 -8.75
N GLU A 69 12.85 0.04 -7.64
CA GLU A 69 14.14 -0.62 -7.48
C GLU A 69 13.95 -2.13 -7.39
N LEU A 70 12.80 -2.55 -6.88
CA LEU A 70 12.48 -3.97 -6.75
C LEU A 70 12.05 -4.58 -8.08
N ASP A 71 12.05 -3.75 -9.12
CA ASP A 71 11.66 -4.22 -10.46
C ASP A 71 12.89 -4.37 -11.33
N SER A 72 14.03 -3.95 -10.83
CA SER A 72 15.28 -4.03 -11.57
C SER A 72 15.74 -5.47 -11.72
N ASN A 73 15.43 -6.29 -10.72
CA ASN A 73 15.79 -7.70 -10.75
C ASN A 73 14.85 -8.51 -11.62
N MET A 74 15.27 -8.78 -12.85
CA MET A 74 14.46 -9.55 -13.79
C MET A 74 14.11 -10.93 -13.27
N GLU A 75 14.95 -11.44 -12.37
CA GLU A 75 14.73 -12.77 -11.79
C GLU A 75 13.41 -12.80 -11.03
N LEU A 76 13.25 -11.88 -10.07
CA LEU A 76 12.05 -11.79 -9.27
C LEU A 76 10.86 -11.39 -10.13
N GLN A 77 11.10 -10.50 -11.07
CA GLN A 77 10.06 -10.01 -11.98
C GLN A 77 9.48 -11.16 -12.79
N ARG A 78 10.35 -12.02 -13.30
CA ARG A 78 9.92 -13.17 -14.10
C ARG A 78 9.04 -14.11 -13.26
N MET A 79 9.38 -14.22 -11.98
CA MET A 79 8.62 -15.07 -11.07
C MET A 79 7.23 -14.51 -10.84
N ILE A 80 7.13 -13.19 -10.76
CA ILE A 80 5.84 -12.52 -10.56
C ILE A 80 4.93 -12.76 -11.77
N ALA A 81 5.53 -12.73 -12.96
CA ALA A 81 4.79 -12.93 -14.19
C ALA A 81 4.40 -14.40 -14.37
N ALA A 82 4.85 -15.24 -13.46
CA ALA A 82 4.55 -16.67 -13.50
C ALA A 82 3.52 -17.03 -12.44
N VAL A 83 2.93 -16.01 -11.81
CA VAL A 83 1.93 -16.24 -10.77
C VAL A 83 0.65 -16.82 -11.37
N ASP A 84 -0.09 -17.58 -10.58
CA ASP A 84 -1.33 -18.17 -11.03
C ASP A 84 -2.49 -17.21 -10.85
N THR A 85 -2.87 -16.52 -11.92
CA THR A 85 -3.96 -15.58 -11.88
C THR A 85 -5.31 -16.30 -11.92
N ASP A 86 -5.70 -16.82 -10.76
CA ASP A 86 -6.96 -17.54 -10.65
C ASP A 86 -7.97 -16.74 -9.83
N SER A 87 -7.67 -16.58 -8.55
CA SER A 87 -8.54 -15.83 -7.66
C SER A 87 -7.72 -14.82 -6.87
N PRO A 88 -7.87 -13.53 -7.21
CA PRO A 88 -7.12 -12.45 -6.56
C PRO A 88 -7.31 -12.42 -5.04
N ARG A 89 -8.53 -12.70 -4.58
CA ARG A 89 -8.82 -12.69 -3.15
C ARG A 89 -8.07 -13.81 -2.42
N GLU A 90 -8.11 -15.01 -2.99
CA GLU A 90 -7.43 -16.15 -2.38
C GLU A 90 -5.92 -15.93 -2.31
N VAL A 91 -5.35 -15.43 -3.40
CA VAL A 91 -3.92 -15.17 -3.46
C VAL A 91 -3.53 -14.08 -2.47
N PHE A 92 -4.26 -12.96 -2.52
CA PHE A 92 -3.99 -11.83 -1.65
C PHE A 92 -4.14 -12.20 -0.18
N PHE A 93 -5.21 -12.93 0.14
CA PHE A 93 -5.45 -13.33 1.52
C PHE A 93 -4.33 -14.25 2.01
N ARG A 94 -3.93 -15.18 1.16
CA ARG A 94 -2.87 -16.12 1.51
C ARG A 94 -1.56 -15.43 1.80
N VAL A 95 -1.10 -14.58 0.89
CA VAL A 95 0.16 -13.87 1.09
C VAL A 95 0.11 -12.92 2.28
N ALA A 96 -1.08 -12.37 2.55
CA ALA A 96 -1.25 -11.46 3.67
C ALA A 96 -1.11 -12.19 5.01
N ALA A 97 -1.65 -13.40 5.08
CA ALA A 97 -1.60 -14.21 6.29
C ALA A 97 -0.28 -14.98 6.37
N ASP A 98 0.24 -15.41 5.23
CA ASP A 98 1.50 -16.15 5.17
C ASP A 98 2.65 -15.35 5.76
N MET A 99 2.65 -14.05 5.50
CA MET A 99 3.69 -13.17 6.01
C MET A 99 3.36 -12.70 7.42
N PHE A 100 2.30 -13.26 7.98
CA PHE A 100 1.87 -12.92 9.33
C PHE A 100 1.72 -14.18 10.18
N SER A 101 2.30 -15.28 9.68
CA SER A 101 2.23 -16.56 10.36
C SER A 101 2.90 -16.49 11.73
N ASP A 102 4.15 -16.08 11.75
CA ASP A 102 4.90 -15.96 12.99
C ASP A 102 4.57 -14.67 13.71
N GLY A 103 4.04 -13.70 12.96
CA GLY A 103 3.69 -12.42 13.54
C GLY A 103 4.91 -11.54 13.74
N ASN A 104 5.99 -11.89 13.04
CA ASN A 104 7.23 -11.13 13.13
C ASN A 104 7.14 -9.82 12.35
N PHE A 105 7.18 -8.71 13.07
CA PHE A 105 7.10 -7.40 12.46
C PHE A 105 8.46 -6.97 11.93
N ASN A 106 8.82 -7.52 10.77
CA ASN A 106 10.11 -7.23 10.14
C ASN A 106 10.04 -5.95 9.29
N TRP A 107 8.84 -5.36 9.21
CA TRP A 107 8.61 -4.14 8.43
C TRP A 107 8.63 -4.39 6.91
N GLY A 108 9.59 -5.17 6.46
CA GLY A 108 9.72 -5.49 5.04
C GLY A 108 8.47 -6.13 4.47
N ARG A 109 7.76 -6.89 5.29
CA ARG A 109 6.54 -7.57 4.85
C ARG A 109 5.43 -6.57 4.49
N VAL A 110 5.62 -5.32 4.86
CA VAL A 110 4.64 -4.27 4.57
C VAL A 110 4.88 -3.73 3.16
N VAL A 111 6.10 -3.28 2.89
CA VAL A 111 6.44 -2.75 1.59
C VAL A 111 6.38 -3.84 0.52
N ALA A 112 6.69 -5.07 0.92
CA ALA A 112 6.64 -6.21 0.00
C ALA A 112 5.22 -6.42 -0.49
N LEU A 113 4.27 -6.24 0.42
CA LEU A 113 2.86 -6.39 0.10
C LEU A 113 2.42 -5.30 -0.88
N PHE A 114 2.97 -4.10 -0.69
CA PHE A 114 2.67 -2.98 -1.56
C PHE A 114 3.15 -3.25 -2.98
N TYR A 115 4.34 -3.81 -3.09
CA TYR A 115 4.91 -4.14 -4.39
C TYR A 115 4.09 -5.23 -5.09
N PHE A 116 3.66 -6.21 -4.32
CA PHE A 116 2.86 -7.30 -4.86
C PHE A 116 1.50 -6.79 -5.30
N ALA A 117 0.90 -5.94 -4.48
CA ALA A 117 -0.42 -5.38 -4.78
C ALA A 117 -0.38 -4.49 -6.02
N SER A 118 0.63 -3.63 -6.12
CA SER A 118 0.77 -2.74 -7.26
C SER A 118 0.91 -3.51 -8.56
N LYS A 119 1.65 -4.62 -8.51
CA LYS A 119 1.85 -5.45 -9.70
C LYS A 119 0.51 -6.03 -10.16
N LEU A 120 -0.31 -6.45 -9.21
CA LEU A 120 -1.62 -7.00 -9.52
C LEU A 120 -2.51 -5.93 -10.13
N VAL A 121 -2.47 -4.74 -9.53
CA VAL A 121 -3.25 -3.61 -10.00
C VAL A 121 -2.83 -3.22 -11.43
N LEU A 122 -1.52 -3.17 -11.65
CA LEU A 122 -0.98 -2.82 -12.95
C LEU A 122 -1.42 -3.83 -14.01
N LYS A 123 -1.44 -5.10 -13.63
CA LYS A 123 -1.85 -6.16 -14.54
C LYS A 123 -3.34 -6.01 -14.89
N ALA A 124 -4.16 -5.80 -13.86
CA ALA A 124 -5.59 -5.64 -14.03
C ALA A 124 -5.89 -4.38 -14.85
N LEU A 125 -5.08 -3.35 -14.66
CA LEU A 125 -5.23 -2.10 -15.39
C LEU A 125 -5.04 -2.33 -16.88
N CYS A 126 -4.08 -3.18 -17.24
CA CYS A 126 -3.81 -3.50 -18.63
C CYS A 126 -4.94 -4.35 -19.21
N THR A 127 -5.71 -4.98 -18.33
CA THR A 127 -6.83 -5.81 -18.74
C THR A 127 -8.06 -4.93 -18.92
N LYS A 128 -7.92 -3.67 -18.55
CA LYS A 128 -8.99 -2.68 -18.65
C LYS A 128 -10.20 -3.05 -17.79
N VAL A 129 -9.97 -3.19 -16.50
CA VAL A 129 -11.03 -3.53 -15.57
C VAL A 129 -10.99 -2.63 -14.33
N PRO A 130 -11.60 -1.44 -14.43
CA PRO A 130 -11.63 -0.45 -13.34
C PRO A 130 -12.27 -1.02 -12.08
N GLU A 131 -13.24 -1.91 -12.26
CA GLU A 131 -13.94 -2.53 -11.14
C GLU A 131 -12.96 -3.29 -10.25
N LEU A 132 -12.14 -4.13 -10.87
CA LEU A 132 -11.16 -4.94 -10.13
C LEU A 132 -10.17 -4.03 -9.41
N ILE A 133 -9.81 -2.92 -10.04
CA ILE A 133 -8.88 -1.96 -9.45
C ILE A 133 -9.42 -1.44 -8.12
N ARG A 134 -10.69 -1.07 -8.11
CA ARG A 134 -11.33 -0.57 -6.89
C ARG A 134 -11.56 -1.69 -5.90
N THR A 135 -11.80 -2.89 -6.43
CA THR A 135 -12.03 -4.06 -5.59
C THR A 135 -10.76 -4.43 -4.82
N ILE A 136 -9.61 -4.43 -5.50
CA ILE A 136 -8.34 -4.75 -4.87
C ILE A 136 -8.04 -3.74 -3.77
N MET A 137 -8.36 -2.48 -4.03
CA MET A 137 -8.15 -1.41 -3.06
C MET A 137 -8.96 -1.69 -1.80
N GLY A 138 -10.20 -2.14 -1.99
CA GLY A 138 -11.06 -2.46 -0.87
C GLY A 138 -10.50 -3.62 -0.07
N TRP A 139 -9.91 -4.59 -0.77
CA TRP A 139 -9.32 -5.75 -0.13
C TRP A 139 -8.08 -5.36 0.66
N THR A 140 -7.34 -4.39 0.13
CA THR A 140 -6.13 -3.90 0.79
C THR A 140 -6.50 -3.23 2.11
N LEU A 141 -7.57 -2.43 2.08
CA LEU A 141 -8.03 -1.73 3.26
C LEU A 141 -8.68 -2.71 4.24
N ASP A 142 -9.23 -3.79 3.68
CA ASP A 142 -9.89 -4.84 4.46
C ASP A 142 -8.94 -5.39 5.52
N PHE A 143 -7.82 -5.94 5.07
CA PHE A 143 -6.82 -6.51 5.98
C PHE A 143 -6.20 -5.42 6.86
N LEU A 144 -6.15 -4.20 6.35
CA LEU A 144 -5.59 -3.07 7.08
C LEU A 144 -6.42 -2.78 8.33
N ARG A 145 -7.74 -2.73 8.16
CA ARG A 145 -8.65 -2.45 9.26
C ARG A 145 -8.75 -3.65 10.21
N GLU A 146 -8.41 -4.82 9.70
CA GLU A 146 -8.49 -6.05 10.49
C GLU A 146 -7.33 -6.17 11.48
N ARG A 147 -6.12 -5.79 11.08
CA ARG A 147 -4.97 -5.92 11.97
C ARG A 147 -4.04 -4.71 11.96
N LEU A 148 -3.61 -4.30 10.78
CA LEU A 148 -2.67 -3.17 10.61
C LEU A 148 -3.04 -1.94 11.43
N LEU A 149 -4.33 -1.60 11.47
CA LEU A 149 -4.83 -0.43 12.20
C LEU A 149 -4.30 -0.37 13.64
N GLY A 150 -4.35 -1.50 14.33
CA GLY A 150 -3.90 -1.55 15.72
C GLY A 150 -2.41 -1.29 15.85
N TRP A 151 -1.63 -1.96 15.01
CA TRP A 151 -0.18 -1.82 15.04
C TRP A 151 0.25 -0.39 14.69
N ILE A 152 -0.43 0.20 13.72
CA ILE A 152 -0.12 1.57 13.29
C ILE A 152 -0.50 2.57 14.39
N GLN A 153 -1.61 2.31 15.06
CA GLN A 153 -2.08 3.19 16.12
C GLN A 153 -1.10 3.19 17.30
N ASP A 154 -0.56 2.02 17.61
CA ASP A 154 0.38 1.86 18.72
C ASP A 154 1.68 2.63 18.50
N GLN A 155 2.17 2.63 17.26
CA GLN A 155 3.42 3.33 16.95
C GLN A 155 3.23 4.84 16.85
N GLY A 156 2.00 5.30 16.95
CA GLY A 156 1.72 6.73 16.90
C GLY A 156 1.35 7.21 15.52
N GLY A 157 1.12 6.29 14.60
CA GLY A 157 0.76 6.67 13.25
C GLY A 157 1.72 6.13 12.23
N TRP A 158 1.90 6.85 11.12
CA TRP A 158 2.79 6.42 10.06
C TRP A 158 4.22 6.83 10.35
N ASP A 159 4.43 7.37 11.54
CA ASP A 159 5.74 7.81 11.98
C ASP A 159 6.73 6.64 12.02
N GLY A 160 6.21 5.46 12.36
CA GLY A 160 7.05 4.28 12.39
C GLY A 160 7.60 3.94 11.03
N LEU A 161 6.75 4.00 10.02
CA LEU A 161 7.14 3.71 8.64
C LEU A 161 8.16 4.75 8.17
N LEU A 162 7.93 6.00 8.56
CA LEU A 162 8.83 7.09 8.19
C LEU A 162 10.22 6.88 8.79
N SER A 163 10.26 6.25 9.95
CA SER A 163 11.51 5.99 10.64
C SER A 163 12.23 4.75 10.06
N TYR A 164 11.45 3.84 9.50
CA TYR A 164 12.01 2.62 8.91
C TYR A 164 12.84 2.92 7.66
N PHE A 165 12.46 3.97 6.95
CA PHE A 165 13.18 4.35 5.74
C PHE A 165 14.56 4.92 6.08
N GLY A 166 15.58 4.09 5.86
CA GLY A 166 16.94 4.50 6.12
C GLY A 166 17.70 4.73 4.82
N THR A 167 19.02 4.60 4.87
CA THR A 167 19.84 4.80 3.68
C THR A 167 21.11 3.94 3.68
N PRO A 168 21.94 4.02 4.74
CA PRO A 168 23.18 3.23 4.83
C PRO A 168 22.92 1.73 4.65
N THR A 169 23.55 1.16 3.62
CA THR A 169 23.41 -0.25 3.31
C THR A 169 21.95 -0.59 2.97
N TRP A 170 21.46 -0.01 1.88
CA TRP A 170 20.09 -0.25 1.45
C TRP A 170 19.96 -1.55 0.67
N GLN A 171 21.11 -2.09 0.24
CA GLN A 171 21.16 -3.33 -0.53
C GLN A 171 20.52 -4.47 0.25
N THR A 172 20.87 -4.60 1.53
CA THR A 172 20.34 -5.65 2.37
C THR A 172 18.82 -5.51 2.49
N VAL A 173 18.34 -4.28 2.46
CA VAL A 173 16.90 -4.00 2.55
C VAL A 173 16.21 -4.52 1.29
N THR A 174 16.79 -4.22 0.13
CA THR A 174 16.23 -4.67 -1.15
C THR A 174 16.16 -6.19 -1.19
N ILE A 175 17.25 -6.84 -0.80
CA ILE A 175 17.32 -8.29 -0.79
C ILE A 175 16.33 -8.87 0.23
N PHE A 176 16.16 -8.17 1.35
CA PHE A 176 15.24 -8.61 2.39
C PHE A 176 13.81 -8.68 1.86
N VAL A 177 13.38 -7.60 1.22
CA VAL A 177 12.03 -7.54 0.66
C VAL A 177 11.85 -8.62 -0.41
N ALA A 178 12.85 -8.76 -1.27
CA ALA A 178 12.80 -9.74 -2.33
C ALA A 178 12.75 -11.16 -1.76
N GLY A 179 13.54 -11.39 -0.72
CA GLY A 179 13.58 -12.69 -0.08
C GLY A 179 12.23 -13.10 0.50
N VAL A 180 11.53 -12.14 1.09
CA VAL A 180 10.22 -12.39 1.67
C VAL A 180 9.22 -12.76 0.57
N LEU A 181 9.22 -11.98 -0.50
CA LEU A 181 8.32 -12.21 -1.63
C LEU A 181 8.59 -13.56 -2.29
N THR A 182 9.87 -13.83 -2.55
CA THR A 182 10.27 -15.09 -3.19
C THR A 182 9.83 -16.29 -2.35
N ALA A 183 9.96 -16.18 -1.03
CA ALA A 183 9.58 -17.25 -0.12
C ALA A 183 8.11 -17.61 -0.28
N SER A 184 7.22 -16.65 -0.06
CA SER A 184 5.79 -16.88 -0.16
C SER A 184 5.38 -17.34 -1.56
N LEU A 185 6.03 -16.79 -2.59
CA LEU A 185 5.73 -17.17 -3.97
C LEU A 185 6.11 -18.63 -4.25
N THR A 186 7.17 -19.09 -3.58
CA THR A 186 7.63 -20.46 -3.74
C THR A 186 6.61 -21.44 -3.14
N ILE A 187 5.85 -20.96 -2.17
CA ILE A 187 4.83 -21.77 -1.53
C ILE A 187 3.61 -21.88 -2.43
N TRP A 188 3.33 -20.80 -3.17
CA TRP A 188 2.20 -20.77 -4.08
C TRP A 188 2.45 -21.61 -5.33
N LYS A 189 3.56 -21.33 -6.00
CA LYS A 189 3.91 -22.06 -7.21
C LYS A 189 4.63 -23.37 -6.87
N LYS A 190 3.90 -24.28 -6.24
CA LYS A 190 4.45 -25.57 -5.84
C LYS A 190 4.22 -26.63 -6.91
N MET A 191 4.94 -26.50 -8.02
CA MET A 191 4.85 -27.44 -9.15
C MET A 191 3.54 -27.26 -9.93
N GLY A 192 2.42 -27.29 -9.23
CA GLY A 192 1.13 -27.14 -9.87
C GLY A 192 0.45 -25.84 -9.46
N GLU B 1 -13.14 -9.02 5.77
CA GLU B 1 -13.70 -9.87 4.68
C GLU B 1 -14.47 -9.03 3.67
N ILE B 2 -15.23 -9.71 2.80
CA ILE B 2 -16.02 -9.05 1.76
C ILE B 2 -16.87 -7.88 2.28
N TRP B 3 -17.67 -8.14 3.31
CA TRP B 3 -18.54 -7.10 3.88
C TRP B 3 -17.74 -5.90 4.37
N ILE B 4 -16.60 -6.15 4.98
CA ILE B 4 -15.75 -5.08 5.50
C ILE B 4 -15.08 -4.34 4.34
N ALA B 5 -14.56 -5.10 3.38
CA ALA B 5 -13.91 -4.52 2.21
C ALA B 5 -14.88 -3.66 1.41
N GLN B 6 -16.16 -4.01 1.48
CA GLN B 6 -17.21 -3.27 0.79
C GLN B 6 -17.27 -1.84 1.32
N GLU B 7 -17.33 -1.70 2.63
CA GLU B 7 -17.38 -0.39 3.27
C GLU B 7 -16.04 0.32 3.11
N LEU B 8 -14.96 -0.44 3.30
CA LEU B 8 -13.62 0.12 3.17
C LEU B 8 -13.36 0.66 1.77
N ARG B 9 -13.89 -0.02 0.77
CA ARG B 9 -13.74 0.43 -0.61
C ARG B 9 -14.36 1.81 -0.75
N ARG B 10 -15.50 1.99 -0.07
CA ARG B 10 -16.21 3.25 -0.08
C ARG B 10 -15.36 4.33 0.57
N ILE B 11 -14.65 3.96 1.65
CA ILE B 11 -13.78 4.89 2.35
C ILE B 11 -12.64 5.33 1.43
N GLY B 12 -12.06 4.36 0.73
CA GLY B 12 -10.97 4.65 -0.19
C GLY B 12 -11.44 5.49 -1.36
N ASP B 13 -12.67 5.25 -1.80
CA ASP B 13 -13.25 5.99 -2.90
C ASP B 13 -13.65 7.40 -2.45
N GLU B 14 -14.16 7.47 -1.24
CA GLU B 14 -14.57 8.74 -0.64
C GLU B 14 -13.39 9.71 -0.61
N PHE B 15 -12.26 9.22 -0.11
CA PHE B 15 -11.06 10.02 -0.03
C PHE B 15 -10.46 10.25 -1.41
N ASN B 16 -10.62 9.26 -2.29
CA ASN B 16 -10.10 9.36 -3.66
C ASN B 16 -10.82 10.46 -4.41
N ALA B 17 -12.10 10.63 -4.12
CA ALA B 17 -12.91 11.66 -4.77
C ALA B 17 -12.77 12.98 -4.03
N TYR B 18 -11.89 13.01 -3.05
CA TYR B 18 -11.66 14.21 -2.26
C TYR B 18 -10.34 14.86 -2.64
N TYR B 19 -9.37 14.05 -3.06
CA TYR B 19 -8.07 14.57 -3.45
C TYR B 19 -7.84 14.46 -4.95
N ALA B 20 -8.87 14.08 -5.69
CA ALA B 20 -8.78 13.94 -7.14
C ALA B 20 -10.15 14.17 -7.76
N MET A 1 -10.56 28.30 23.98
CA MET A 1 -9.76 28.53 25.22
C MET A 1 -8.77 27.40 25.45
N ASP A 2 -9.06 26.22 24.89
CA ASP A 2 -8.18 25.06 25.05
C ASP A 2 -6.83 25.30 24.39
N GLY A 3 -6.81 26.09 23.31
CA GLY A 3 -5.58 26.39 22.62
C GLY A 3 -4.75 27.42 23.37
N SER A 4 -5.40 28.09 24.32
CA SER A 4 -4.76 29.11 25.14
C SER A 4 -4.20 28.49 26.41
N GLY A 5 -4.45 27.20 26.59
CA GLY A 5 -3.98 26.50 27.78
C GLY A 5 -2.58 25.96 27.61
N GLU A 6 -2.33 24.79 28.18
CA GLU A 6 -1.02 24.15 28.11
C GLU A 6 -0.99 23.06 27.05
N GLN A 7 -0.25 23.31 25.99
CA GLN A 7 -0.11 22.35 24.89
C GLN A 7 1.35 22.19 24.52
N PRO A 8 1.84 20.95 24.43
CA PRO A 8 3.24 20.67 24.06
C PRO A 8 3.44 20.71 22.56
N ARG A 9 3.18 21.88 21.97
CA ARG A 9 3.31 22.10 20.53
C ARG A 9 2.18 21.40 19.75
N GLY A 10 2.06 20.10 19.94
CA GLY A 10 1.02 19.34 19.27
C GLY A 10 -0.14 19.03 20.19
N GLY A 11 -0.81 17.92 19.94
CA GLY A 11 -1.94 17.54 20.77
C GLY A 11 -2.26 16.07 20.66
N GLY A 12 -3.46 15.69 21.08
CA GLY A 12 -3.85 14.30 21.01
C GLY A 12 -5.28 14.13 20.51
N PRO A 13 -5.51 14.27 19.19
CA PRO A 13 -6.82 14.10 18.60
C PRO A 13 -7.08 12.65 18.22
N THR A 14 -8.06 12.40 17.37
CA THR A 14 -8.37 11.05 16.95
C THR A 14 -7.26 10.50 16.04
N SER A 15 -6.83 9.29 16.34
CA SER A 15 -5.79 8.65 15.56
C SER A 15 -6.33 7.43 14.82
N SER A 16 -7.36 6.82 15.40
CA SER A 16 -7.99 5.64 14.85
C SER A 16 -8.47 5.85 13.41
N GLU A 17 -9.41 6.76 13.23
CA GLU A 17 -9.95 7.04 11.90
C GLU A 17 -8.96 7.83 11.05
N GLN A 18 -8.13 8.62 11.69
CA GLN A 18 -7.14 9.43 10.97
C GLN A 18 -6.17 8.55 10.18
N ILE A 19 -5.68 7.50 10.84
CA ILE A 19 -4.76 6.57 10.19
C ILE A 19 -5.45 5.89 9.01
N MET A 20 -6.73 5.56 9.21
CA MET A 20 -7.53 4.91 8.18
C MET A 20 -7.65 5.81 6.95
N LYS A 21 -7.97 7.08 7.18
CA LYS A 21 -8.11 8.04 6.09
C LYS A 21 -6.78 8.22 5.35
N THR A 22 -5.69 8.18 6.10
CA THR A 22 -4.36 8.31 5.51
C THR A 22 -4.09 7.16 4.54
N GLY A 23 -4.56 5.98 4.91
CA GLY A 23 -4.36 4.81 4.07
C GLY A 23 -5.04 4.97 2.72
N ALA A 24 -6.22 5.57 2.73
CA ALA A 24 -6.97 5.79 1.49
C ALA A 24 -6.24 6.77 0.58
N LEU A 25 -5.48 7.67 1.18
CA LEU A 25 -4.71 8.65 0.42
C LEU A 25 -3.44 8.03 -0.13
N LEU A 26 -2.79 7.21 0.69
CA LEU A 26 -1.56 6.53 0.30
C LEU A 26 -1.77 5.68 -0.95
N LEU A 27 -2.84 4.89 -0.93
CA LEU A 27 -3.17 4.03 -2.06
C LEU A 27 -3.47 4.85 -3.31
N GLN A 28 -4.23 5.95 -3.13
CA GLN A 28 -4.60 6.82 -4.23
C GLN A 28 -3.36 7.42 -4.91
N GLY A 29 -2.47 7.97 -4.11
CA GLY A 29 -1.27 8.58 -4.63
C GLY A 29 -0.32 7.57 -5.25
N PHE A 30 -0.14 6.43 -4.59
CA PHE A 30 0.76 5.40 -5.08
C PHE A 30 0.30 4.83 -6.43
N ILE A 31 -0.99 4.55 -6.54
CA ILE A 31 -1.54 4.01 -7.78
C ILE A 31 -1.50 5.02 -8.91
N GLN A 32 -1.99 6.24 -8.64
CA GLN A 32 -2.02 7.29 -9.65
C GLN A 32 -0.63 7.66 -10.15
N ASP A 33 0.37 7.56 -9.27
CA ASP A 33 1.74 7.90 -9.65
C ASP A 33 2.25 6.97 -10.74
N ARG A 34 1.97 5.69 -10.61
CA ARG A 34 2.41 4.72 -11.60
C ARG A 34 1.43 4.64 -12.77
N ALA A 35 0.17 4.97 -12.52
CA ALA A 35 -0.85 4.96 -13.57
C ALA A 35 -0.61 6.11 -14.52
N GLY A 36 -0.06 7.20 -14.00
CA GLY A 36 0.25 8.37 -14.81
C GLY A 36 1.37 8.12 -15.80
N ARG A 37 2.03 6.98 -15.65
CA ARG A 37 3.12 6.60 -16.54
C ARG A 37 2.55 5.91 -17.77
N MET A 38 1.28 5.53 -17.70
CA MET A 38 0.63 4.86 -18.82
C MET A 38 0.18 5.89 -19.84
N GLY A 39 -0.50 6.93 -19.36
CA GLY A 39 -0.98 7.97 -20.23
C GLY A 39 -2.40 8.38 -19.92
N GLY A 40 -2.63 9.69 -19.84
CA GLY A 40 -3.96 10.19 -19.54
C GLY A 40 -4.88 10.11 -20.75
N GLU A 41 -6.16 9.88 -20.49
CA GLU A 41 -7.17 9.76 -21.54
C GLU A 41 -7.63 11.14 -22.02
N ALA A 42 -6.68 11.94 -22.49
CA ALA A 42 -6.94 13.29 -22.99
C ALA A 42 -7.62 14.18 -21.96
N PRO A 43 -6.84 14.71 -20.99
CA PRO A 43 -7.38 15.58 -19.95
C PRO A 43 -7.74 16.96 -20.49
N GLU A 44 -8.97 17.08 -20.98
CA GLU A 44 -9.45 18.34 -21.53
C GLU A 44 -9.72 19.33 -20.41
N LEU A 45 -10.49 18.90 -19.42
CA LEU A 45 -10.82 19.73 -18.27
C LEU A 45 -9.84 19.44 -17.14
N ALA A 46 -9.71 18.16 -16.82
CA ALA A 46 -8.82 17.69 -15.75
C ALA A 46 -9.24 18.22 -14.38
N LEU A 47 -8.51 17.82 -13.36
CA LEU A 47 -8.80 18.25 -12.00
C LEU A 47 -7.57 18.06 -11.13
N ASP A 48 -7.23 19.10 -10.36
CA ASP A 48 -6.06 19.02 -9.49
C ASP A 48 -6.32 19.78 -8.19
N PRO A 49 -6.41 19.05 -7.06
CA PRO A 49 -6.64 19.65 -5.75
C PRO A 49 -5.35 20.09 -5.09
N VAL A 50 -4.22 19.82 -5.75
CA VAL A 50 -2.88 20.18 -5.27
C VAL A 50 -2.66 19.83 -3.80
N PRO A 51 -2.34 18.56 -3.51
CA PRO A 51 -2.09 18.09 -2.13
C PRO A 51 -0.91 18.80 -1.52
N GLN A 52 -1.17 19.57 -0.46
CA GLN A 52 -0.12 20.34 0.22
C GLN A 52 0.59 19.52 1.28
N ASP A 53 0.05 18.35 1.60
CA ASP A 53 0.66 17.48 2.60
C ASP A 53 1.95 16.87 2.09
N ALA A 54 3.04 17.13 2.81
CA ALA A 54 4.34 16.61 2.43
C ALA A 54 4.59 15.27 3.08
N SER A 55 3.76 14.91 4.06
CA SER A 55 3.90 13.65 4.77
C SER A 55 3.65 12.48 3.81
N THR A 56 2.49 12.48 3.17
CA THR A 56 2.13 11.44 2.22
C THR A 56 3.00 11.55 0.98
N LYS A 57 3.36 12.78 0.63
CA LYS A 57 4.21 13.04 -0.53
C LYS A 57 5.57 12.38 -0.34
N LYS A 58 6.13 12.54 0.87
CA LYS A 58 7.42 11.95 1.21
C LYS A 58 7.35 10.43 1.15
N LEU A 59 6.28 9.89 1.72
CA LEU A 59 6.07 8.45 1.74
C LEU A 59 5.98 7.90 0.32
N SER A 60 5.17 8.55 -0.50
CA SER A 60 4.99 8.12 -1.89
C SER A 60 6.32 8.19 -2.65
N GLU A 61 7.15 9.17 -2.32
CA GLU A 61 8.45 9.33 -2.97
C GLU A 61 9.31 8.10 -2.73
N CYS A 62 9.56 7.78 -1.46
CA CYS A 62 10.38 6.62 -1.12
C CYS A 62 9.77 5.30 -1.58
N LEU A 63 8.46 5.17 -1.43
CA LEU A 63 7.77 3.95 -1.84
C LEU A 63 7.85 3.72 -3.34
N LYS A 64 7.54 4.75 -4.12
CA LYS A 64 7.57 4.65 -5.58
C LYS A 64 8.98 4.42 -6.11
N ARG A 65 9.98 5.05 -5.50
CA ARG A 65 11.35 4.87 -5.93
C ARG A 65 11.87 3.48 -5.64
N ILE A 66 11.57 2.96 -4.44
CA ILE A 66 12.00 1.63 -4.04
C ILE A 66 11.27 0.58 -4.89
N GLY A 67 9.99 0.82 -5.13
CA GLY A 67 9.19 -0.09 -5.93
C GLY A 67 9.76 -0.26 -7.33
N ASP A 68 10.30 0.82 -7.88
CA ASP A 68 10.88 0.78 -9.22
C ASP A 68 12.23 0.05 -9.18
N GLU A 69 12.95 0.21 -8.06
CA GLU A 69 14.24 -0.47 -7.89
C GLU A 69 14.00 -1.97 -7.83
N LEU A 70 12.92 -2.34 -7.16
CA LEU A 70 12.54 -3.74 -7.00
C LEU A 70 12.02 -4.33 -8.30
N ASP A 71 12.04 -3.53 -9.37
CA ASP A 71 11.60 -4.00 -10.68
C ASP A 71 12.78 -4.10 -11.62
N SER A 72 13.97 -3.77 -11.11
CA SER A 72 15.19 -3.85 -11.90
C SER A 72 15.70 -5.29 -11.91
N ASN A 73 15.36 -6.02 -10.85
CA ASN A 73 15.74 -7.41 -10.73
C ASN A 73 14.86 -8.28 -11.60
N MET A 74 15.36 -8.60 -12.78
CA MET A 74 14.64 -9.39 -13.77
C MET A 74 14.20 -10.75 -13.22
N GLU A 75 14.99 -11.30 -12.29
CA GLU A 75 14.67 -12.60 -11.70
C GLU A 75 13.30 -12.57 -11.02
N LEU A 76 13.16 -11.72 -10.02
CA LEU A 76 11.90 -11.59 -9.28
C LEU A 76 10.78 -11.12 -10.19
N GLN A 77 11.11 -10.25 -11.14
CA GLN A 77 10.13 -9.71 -12.07
C GLN A 77 9.53 -10.84 -12.90
N ARG A 78 10.38 -11.74 -13.38
CA ARG A 78 9.95 -12.86 -14.19
C ARG A 78 9.08 -13.80 -13.38
N MET A 79 9.40 -13.93 -12.09
CA MET A 79 8.64 -14.78 -11.19
C MET A 79 7.22 -14.25 -11.02
N ILE A 80 7.07 -12.93 -11.07
CA ILE A 80 5.76 -12.30 -10.94
C ILE A 80 4.93 -12.59 -12.19
N ALA A 81 5.61 -12.74 -13.32
CA ALA A 81 4.94 -13.02 -14.59
C ALA A 81 4.68 -14.51 -14.74
N ALA A 82 5.07 -15.29 -13.74
CA ALA A 82 4.90 -16.73 -13.76
C ALA A 82 3.84 -17.16 -12.74
N VAL A 83 3.21 -16.19 -12.09
CA VAL A 83 2.18 -16.49 -11.10
C VAL A 83 0.80 -16.55 -11.77
N ASP A 84 0.04 -17.59 -11.41
CA ASP A 84 -1.30 -17.78 -11.96
C ASP A 84 -2.27 -16.82 -11.32
N THR A 85 -2.63 -15.76 -12.06
CA THR A 85 -3.56 -14.77 -11.55
C THR A 85 -5.01 -15.24 -11.71
N ASP A 86 -5.35 -16.30 -10.99
CA ASP A 86 -6.69 -16.87 -11.06
C ASP A 86 -7.63 -16.17 -10.08
N SER A 87 -7.45 -16.43 -8.79
CA SER A 87 -8.29 -15.83 -7.77
C SER A 87 -7.54 -14.75 -7.00
N PRO A 88 -7.79 -13.46 -7.33
CA PRO A 88 -7.13 -12.32 -6.69
C PRO A 88 -7.28 -12.31 -5.18
N ARG A 89 -8.49 -12.55 -4.67
CA ARG A 89 -8.73 -12.56 -3.23
C ARG A 89 -7.93 -13.64 -2.54
N GLU A 90 -8.07 -14.87 -3.01
CA GLU A 90 -7.36 -16.01 -2.46
C GLU A 90 -5.84 -15.81 -2.45
N VAL A 91 -5.31 -15.32 -3.56
CA VAL A 91 -3.87 -15.08 -3.68
C VAL A 91 -3.40 -13.98 -2.74
N PHE A 92 -4.09 -12.84 -2.78
CA PHE A 92 -3.75 -11.69 -1.94
C PHE A 92 -3.89 -12.02 -0.46
N PHE A 93 -4.97 -12.70 -0.11
CA PHE A 93 -5.20 -13.05 1.29
C PHE A 93 -4.19 -14.09 1.78
N ARG A 94 -3.76 -14.96 0.88
CA ARG A 94 -2.78 -15.99 1.22
C ARG A 94 -1.49 -15.36 1.68
N VAL A 95 -0.92 -14.48 0.85
CA VAL A 95 0.32 -13.82 1.20
C VAL A 95 0.16 -12.90 2.40
N ALA A 96 -1.06 -12.40 2.60
CA ALA A 96 -1.35 -11.53 3.72
C ALA A 96 -1.24 -12.29 5.03
N ALA A 97 -1.76 -13.52 5.04
CA ALA A 97 -1.72 -14.36 6.22
C ALA A 97 -0.38 -15.09 6.33
N ASP A 98 0.19 -15.44 5.18
CA ASP A 98 1.47 -16.13 5.13
C ASP A 98 2.56 -15.32 5.82
N MET A 99 2.63 -14.03 5.49
CA MET A 99 3.62 -13.14 6.07
C MET A 99 3.26 -12.76 7.51
N PHE A 100 2.17 -13.32 8.00
CA PHE A 100 1.70 -13.04 9.36
C PHE A 100 1.61 -14.33 10.17
N SER A 101 2.07 -15.43 9.58
CA SER A 101 2.02 -16.73 10.26
C SER A 101 2.88 -16.72 11.51
N ASP A 102 4.09 -16.19 11.38
CA ASP A 102 5.02 -16.13 12.49
C ASP A 102 4.65 -14.98 13.44
N GLY A 103 3.96 -13.97 12.90
CA GLY A 103 3.56 -12.83 13.70
C GLY A 103 4.72 -11.90 13.96
N ASN A 104 5.72 -11.94 13.08
CA ASN A 104 6.90 -11.10 13.22
C ASN A 104 6.65 -9.71 12.62
N PHE A 105 6.71 -8.69 13.46
CA PHE A 105 6.51 -7.32 13.02
C PHE A 105 7.83 -6.70 12.57
N ASN A 106 8.30 -7.13 11.40
CA ASN A 106 9.57 -6.64 10.85
C ASN A 106 9.36 -5.43 9.94
N TRP A 107 8.10 -5.04 9.75
CA TRP A 107 7.74 -3.89 8.89
C TRP A 107 7.93 -4.18 7.40
N GLY A 108 9.00 -4.91 7.07
CA GLY A 108 9.28 -5.26 5.68
C GLY A 108 8.14 -6.01 5.01
N ARG A 109 7.38 -6.77 5.81
CA ARG A 109 6.25 -7.53 5.30
C ARG A 109 5.15 -6.61 4.77
N VAL A 110 5.25 -5.32 5.07
CA VAL A 110 4.27 -4.35 4.62
C VAL A 110 4.68 -3.75 3.28
N VAL A 111 5.94 -3.34 3.17
CA VAL A 111 6.44 -2.76 1.92
C VAL A 111 6.45 -3.81 0.81
N ALA A 112 6.68 -5.06 1.18
CA ALA A 112 6.69 -6.16 0.23
C ALA A 112 5.27 -6.35 -0.33
N LEU A 113 4.29 -6.19 0.54
CA LEU A 113 2.88 -6.32 0.16
C LEU A 113 2.49 -5.17 -0.78
N PHE A 114 3.03 -3.99 -0.50
CA PHE A 114 2.75 -2.82 -1.31
C PHE A 114 3.25 -3.03 -2.74
N TYR A 115 4.44 -3.61 -2.85
CA TYR A 115 5.03 -3.89 -4.16
C TYR A 115 4.21 -4.94 -4.90
N PHE A 116 3.72 -5.93 -4.16
CA PHE A 116 2.91 -6.98 -4.73
C PHE A 116 1.57 -6.43 -5.20
N ALA A 117 0.98 -5.58 -4.37
CA ALA A 117 -0.31 -4.97 -4.68
C ALA A 117 -0.22 -4.06 -5.90
N SER A 118 0.81 -3.23 -5.95
CA SER A 118 0.98 -2.31 -7.08
C SER A 118 1.17 -3.08 -8.38
N LYS A 119 1.90 -4.20 -8.32
CA LYS A 119 2.13 -5.02 -9.50
C LYS A 119 0.81 -5.61 -9.99
N LEU A 120 -0.04 -6.01 -9.04
CA LEU A 120 -1.34 -6.58 -9.38
C LEU A 120 -2.25 -5.50 -9.98
N VAL A 121 -2.20 -4.31 -9.40
CA VAL A 121 -3.00 -3.18 -9.88
C VAL A 121 -2.60 -2.83 -11.31
N LEU A 122 -1.29 -2.71 -11.54
CA LEU A 122 -0.77 -2.39 -12.86
C LEU A 122 -1.13 -3.49 -13.86
N LYS A 123 -1.19 -4.72 -13.37
CA LYS A 123 -1.53 -5.86 -14.21
C LYS A 123 -2.98 -5.76 -14.65
N ALA A 124 -3.88 -5.50 -13.69
CA ALA A 124 -5.30 -5.38 -13.98
C ALA A 124 -5.58 -4.15 -14.83
N LEU A 125 -4.73 -3.13 -14.66
CA LEU A 125 -4.87 -1.89 -15.42
C LEU A 125 -4.65 -2.17 -16.90
N CYS A 126 -3.76 -3.13 -17.19
CA CYS A 126 -3.47 -3.51 -18.56
C CYS A 126 -4.64 -4.28 -19.17
N THR A 127 -5.49 -4.81 -18.31
CA THR A 127 -6.67 -5.55 -18.75
C THR A 127 -7.84 -4.59 -18.95
N LYS A 128 -7.59 -3.31 -18.67
CA LYS A 128 -8.58 -2.25 -18.83
C LYS A 128 -9.81 -2.45 -17.94
N VAL A 129 -9.59 -2.99 -16.75
CA VAL A 129 -10.69 -3.22 -15.81
C VAL A 129 -10.51 -2.36 -14.56
N PRO A 130 -11.13 -1.17 -14.53
CA PRO A 130 -11.05 -0.23 -13.41
C PRO A 130 -11.74 -0.73 -12.14
N GLU A 131 -12.81 -1.51 -12.33
CA GLU A 131 -13.55 -2.05 -11.20
C GLU A 131 -12.68 -2.93 -10.31
N LEU A 132 -11.88 -3.78 -10.93
CA LEU A 132 -11.00 -4.68 -10.20
C LEU A 132 -10.03 -3.88 -9.34
N ILE A 133 -9.59 -2.73 -9.86
CA ILE A 133 -8.67 -1.86 -9.12
C ILE A 133 -9.32 -1.39 -7.82
N ARG A 134 -10.59 -1.00 -7.91
CA ARG A 134 -11.33 -0.54 -6.74
C ARG A 134 -11.58 -1.71 -5.78
N THR A 135 -11.78 -2.89 -6.33
CA THR A 135 -12.00 -4.08 -5.54
C THR A 135 -10.76 -4.44 -4.74
N ILE A 136 -9.60 -4.43 -5.41
CA ILE A 136 -8.33 -4.74 -4.77
C ILE A 136 -8.05 -3.72 -3.66
N MET A 137 -8.38 -2.46 -3.94
CA MET A 137 -8.18 -1.38 -2.97
C MET A 137 -8.96 -1.67 -1.69
N GLY A 138 -10.22 -2.09 -1.85
CA GLY A 138 -11.05 -2.40 -0.71
C GLY A 138 -10.52 -3.60 0.06
N TRP A 139 -9.94 -4.55 -0.67
CA TRP A 139 -9.37 -5.75 -0.07
C TRP A 139 -8.08 -5.42 0.69
N THR A 140 -7.34 -4.44 0.19
CA THR A 140 -6.11 -4.03 0.82
C THR A 140 -6.41 -3.35 2.16
N LEU A 141 -7.47 -2.55 2.18
CA LEU A 141 -7.88 -1.85 3.39
C LEU A 141 -8.56 -2.82 4.35
N ASP A 142 -9.10 -3.90 3.80
CA ASP A 142 -9.78 -4.93 4.60
C ASP A 142 -8.88 -5.47 5.70
N PHE A 143 -7.72 -6.00 5.29
CA PHE A 143 -6.76 -6.55 6.24
C PHE A 143 -6.16 -5.46 7.12
N LEU A 144 -6.18 -4.23 6.61
CA LEU A 144 -5.65 -3.08 7.34
C LEU A 144 -6.50 -2.78 8.56
N ARG A 145 -7.80 -2.61 8.34
CA ARG A 145 -8.72 -2.32 9.44
C ARG A 145 -8.86 -3.51 10.39
N GLU A 146 -8.64 -4.71 9.85
CA GLU A 146 -8.74 -5.92 10.64
C GLU A 146 -7.55 -6.15 11.56
N ARG A 147 -6.33 -5.94 11.05
CA ARG A 147 -5.14 -6.18 11.86
C ARG A 147 -4.16 -5.00 11.92
N LEU A 148 -3.78 -4.48 10.76
CA LEU A 148 -2.80 -3.38 10.67
C LEU A 148 -3.12 -2.17 11.55
N LEU A 149 -4.39 -1.79 11.60
CA LEU A 149 -4.82 -0.63 12.40
C LEU A 149 -4.28 -0.64 13.82
N GLY A 150 -4.44 -1.76 14.51
CA GLY A 150 -4.00 -1.87 15.89
C GLY A 150 -2.49 -1.71 16.05
N TRP A 151 -1.73 -2.20 15.07
CA TRP A 151 -0.28 -2.13 15.11
C TRP A 151 0.20 -0.72 14.79
N ILE A 152 -0.41 -0.11 13.79
CA ILE A 152 -0.03 1.24 13.37
C ILE A 152 -0.39 2.26 14.45
N GLN A 153 -1.56 2.10 15.05
CA GLN A 153 -2.01 3.01 16.10
C GLN A 153 -1.13 2.89 17.34
N ASP A 154 -0.60 1.69 17.56
CA ASP A 154 0.25 1.41 18.72
C ASP A 154 1.57 2.18 18.67
N GLN A 155 2.09 2.40 17.48
CA GLN A 155 3.35 3.12 17.31
C GLN A 155 3.14 4.62 17.15
N GLY A 156 1.91 5.08 17.33
CA GLY A 156 1.62 6.50 17.22
C GLY A 156 1.33 6.94 15.80
N GLY A 157 1.02 5.99 14.92
CA GLY A 157 0.72 6.34 13.55
C GLY A 157 1.72 5.77 12.56
N TRP A 158 1.93 6.48 11.46
CA TRP A 158 2.84 6.02 10.42
C TRP A 158 4.28 6.45 10.74
N ASP A 159 4.47 6.96 11.94
CA ASP A 159 5.79 7.40 12.39
C ASP A 159 6.79 6.25 12.35
N GLY A 160 6.30 5.04 12.61
CA GLY A 160 7.16 3.87 12.59
C GLY A 160 7.76 3.64 11.22
N LEU A 161 6.95 3.85 10.18
CA LEU A 161 7.42 3.69 8.81
C LEU A 161 8.44 4.78 8.46
N LEU A 162 8.19 5.99 8.97
CA LEU A 162 9.08 7.11 8.72
C LEU A 162 10.42 6.90 9.40
N SER A 163 10.44 6.05 10.42
CA SER A 163 11.66 5.76 11.16
C SER A 163 12.31 4.47 10.64
N TYR A 164 11.55 3.71 9.85
CA TYR A 164 12.05 2.46 9.29
C TYR A 164 12.85 2.71 8.02
N PHE A 165 12.56 3.84 7.37
CA PHE A 165 13.26 4.20 6.14
C PHE A 165 14.71 4.59 6.44
N GLY A 166 15.60 3.64 6.26
CA GLY A 166 17.01 3.89 6.50
C GLY A 166 17.72 4.43 5.27
N THR A 167 19.03 4.23 5.22
CA THR A 167 19.82 4.70 4.09
C THR A 167 21.03 3.79 3.85
N PRO A 168 21.96 3.65 4.82
CA PRO A 168 23.14 2.80 4.66
C PRO A 168 22.75 1.32 4.70
N THR A 169 23.52 0.48 4.00
CA THR A 169 23.26 -0.96 3.96
C THR A 169 21.86 -1.23 3.35
N TRP A 170 21.48 -0.36 2.42
CA TRP A 170 20.17 -0.46 1.75
C TRP A 170 20.07 -1.71 0.89
N GLN A 171 21.20 -2.19 0.40
CA GLN A 171 21.22 -3.37 -0.46
C GLN A 171 20.68 -4.59 0.29
N THR A 172 21.13 -4.76 1.52
CA THR A 172 20.69 -5.86 2.36
C THR A 172 19.19 -5.77 2.61
N VAL A 173 18.71 -4.55 2.79
CA VAL A 173 17.28 -4.31 3.03
C VAL A 173 16.49 -4.69 1.78
N THR A 174 17.04 -4.36 0.61
CA THR A 174 16.41 -4.66 -0.66
C THR A 174 16.27 -6.18 -0.83
N ILE A 175 17.35 -6.89 -0.50
CA ILE A 175 17.36 -8.35 -0.59
C ILE A 175 16.31 -8.95 0.35
N PHE A 176 16.19 -8.34 1.53
CA PHE A 176 15.22 -8.79 2.53
C PHE A 176 13.80 -8.76 1.97
N VAL A 177 13.43 -7.63 1.37
CA VAL A 177 12.09 -7.47 0.80
C VAL A 177 11.83 -8.52 -0.26
N ALA A 178 12.80 -8.72 -1.14
CA ALA A 178 12.68 -9.71 -2.21
C ALA A 178 12.57 -11.11 -1.64
N GLY A 179 13.34 -11.38 -0.59
CA GLY A 179 13.33 -12.69 0.04
C GLY A 179 11.95 -13.04 0.59
N VAL A 180 11.29 -12.07 1.20
CA VAL A 180 9.96 -12.28 1.77
C VAL A 180 8.98 -12.68 0.67
N LEU A 181 9.00 -11.94 -0.44
CA LEU A 181 8.12 -12.22 -1.57
C LEU A 181 8.43 -13.58 -2.18
N THR A 182 9.72 -13.88 -2.32
CA THR A 182 10.16 -15.14 -2.89
C THR A 182 9.64 -16.32 -2.07
N ALA A 183 9.69 -16.19 -0.75
CA ALA A 183 9.23 -17.24 0.15
C ALA A 183 7.78 -17.62 -0.12
N SER A 184 6.89 -16.63 -0.03
CA SER A 184 5.47 -16.86 -0.26
C SER A 184 5.19 -17.35 -1.68
N LEU A 185 5.91 -16.79 -2.65
CA LEU A 185 5.73 -17.17 -4.05
C LEU A 185 6.09 -18.64 -4.30
N THR A 186 7.15 -19.10 -3.66
CA THR A 186 7.59 -20.48 -3.82
C THR A 186 6.54 -21.46 -3.29
N ILE A 187 5.86 -21.05 -2.22
CA ILE A 187 4.83 -21.87 -1.62
C ILE A 187 3.55 -21.84 -2.48
N TRP A 188 3.32 -20.68 -3.11
CA TRP A 188 2.15 -20.50 -3.95
C TRP A 188 2.27 -21.32 -5.24
N LYS A 189 3.36 -21.13 -5.97
CA LYS A 189 3.58 -21.85 -7.22
C LYS A 189 4.15 -23.24 -6.94
N LYS A 190 3.32 -24.09 -6.33
CA LYS A 190 3.71 -25.45 -6.00
C LYS A 190 3.65 -26.35 -7.22
N MET A 191 4.58 -26.11 -8.16
CA MET A 191 4.67 -26.87 -9.42
C MET A 191 3.56 -26.51 -10.39
N GLY A 192 2.33 -26.45 -9.89
CA GLY A 192 1.20 -26.09 -10.72
C GLY A 192 0.36 -25.05 -10.02
N GLU B 1 -12.95 -8.77 6.48
CA GLU B 1 -13.55 -9.65 5.47
C GLU B 1 -14.49 -8.85 4.57
N ILE B 2 -15.14 -9.54 3.62
CA ILE B 2 -16.06 -8.92 2.65
C ILE B 2 -16.93 -7.81 3.26
N TRP B 3 -17.59 -8.10 4.37
CA TRP B 3 -18.46 -7.14 5.04
C TRP B 3 -17.71 -5.86 5.41
N ILE B 4 -16.49 -6.01 5.91
CA ILE B 4 -15.68 -4.87 6.32
C ILE B 4 -15.08 -4.18 5.09
N ALA B 5 -14.62 -4.98 4.13
CA ALA B 5 -14.04 -4.46 2.90
C ALA B 5 -15.04 -3.58 2.16
N GLN B 6 -16.32 -3.84 2.35
CA GLN B 6 -17.38 -3.07 1.71
C GLN B 6 -17.36 -1.62 2.20
N GLU B 7 -17.19 -1.45 3.51
CA GLU B 7 -17.13 -0.13 4.11
C GLU B 7 -15.79 0.52 3.78
N LEU B 8 -14.73 -0.28 3.84
CA LEU B 8 -13.39 0.20 3.55
C LEU B 8 -13.27 0.66 2.10
N ARG B 9 -13.96 -0.03 1.21
CA ARG B 9 -13.97 0.33 -0.21
C ARG B 9 -14.55 1.72 -0.36
N ARG B 10 -15.53 2.04 0.49
CA ARG B 10 -16.17 3.34 0.48
C ARG B 10 -15.19 4.39 0.97
N ILE B 11 -14.35 4.01 1.93
CA ILE B 11 -13.34 4.93 2.48
C ILE B 11 -12.32 5.27 1.39
N GLY B 12 -11.96 4.25 0.61
CA GLY B 12 -11.01 4.47 -0.47
C GLY B 12 -11.63 5.29 -1.58
N ASP B 13 -12.95 5.37 -1.59
CA ASP B 13 -13.67 6.14 -2.60
C ASP B 13 -13.94 7.55 -2.10
N GLU B 14 -14.31 7.68 -0.82
CA GLU B 14 -14.59 8.98 -0.23
C GLU B 14 -13.36 9.88 -0.30
N PHE B 15 -12.19 9.27 -0.13
CA PHE B 15 -10.94 10.01 -0.20
C PHE B 15 -10.52 10.23 -1.64
N ASN B 16 -10.91 9.32 -2.52
CA ASN B 16 -10.57 9.43 -3.94
C ASN B 16 -11.36 10.57 -4.56
N ALA B 17 -12.66 10.59 -4.28
CA ALA B 17 -13.56 11.62 -4.81
C ALA B 17 -13.33 12.96 -4.12
N TYR B 18 -12.45 12.98 -3.14
CA TYR B 18 -12.14 14.19 -2.40
C TYR B 18 -11.02 14.94 -3.12
N TYR B 19 -10.29 14.22 -3.97
CA TYR B 19 -9.20 14.80 -4.73
C TYR B 19 -9.48 14.77 -6.22
N ALA B 20 -10.05 13.67 -6.69
CA ALA B 20 -10.37 13.52 -8.10
C ALA B 20 -11.79 13.01 -8.28
N MET A 1 -9.53 29.21 23.71
CA MET A 1 -9.67 28.69 25.09
C MET A 1 -8.90 27.38 25.27
N ASP A 2 -9.37 26.32 24.59
CA ASP A 2 -8.72 25.01 24.68
C ASP A 2 -7.29 25.02 24.11
N GLY A 3 -7.11 25.74 23.01
CA GLY A 3 -5.80 25.83 22.40
C GLY A 3 -4.95 26.93 23.02
N SER A 4 -5.56 27.66 23.95
CA SER A 4 -4.87 28.76 24.62
C SER A 4 -4.30 28.29 25.95
N GLY A 5 -4.52 27.01 26.27
CA GLY A 5 -4.02 26.45 27.50
C GLY A 5 -2.65 25.81 27.33
N GLU A 6 -2.48 24.63 27.90
CA GLU A 6 -1.21 23.92 27.81
C GLU A 6 -1.20 22.95 26.64
N GLN A 7 -0.45 23.28 25.61
CA GLN A 7 -0.33 22.42 24.43
C GLN A 7 1.12 22.36 23.96
N PRO A 8 1.71 21.17 23.97
CA PRO A 8 3.10 20.96 23.55
C PRO A 8 3.25 20.91 22.02
N ARG A 9 2.98 22.05 21.38
CA ARG A 9 3.06 22.20 19.92
C ARG A 9 1.91 21.49 19.21
N GLY A 10 1.73 20.21 19.49
CA GLY A 10 0.67 19.45 18.87
C GLY A 10 -0.08 18.62 19.89
N GLY A 11 -1.35 18.41 19.64
CA GLY A 11 -2.17 17.63 20.55
C GLY A 11 -2.48 16.27 19.98
N GLY A 12 -3.04 15.40 20.80
CA GLY A 12 -3.39 14.06 20.35
C GLY A 12 -4.85 13.92 19.98
N PRO A 13 -5.17 13.89 18.68
CA PRO A 13 -6.55 13.76 18.21
C PRO A 13 -6.87 12.31 17.82
N THR A 14 -8.07 12.10 17.31
CA THR A 14 -8.51 10.78 16.88
C THR A 14 -7.59 10.25 15.77
N SER A 15 -6.76 9.29 16.12
CA SER A 15 -5.82 8.71 15.17
C SER A 15 -6.39 7.44 14.55
N SER A 16 -7.47 6.93 15.12
CA SER A 16 -8.11 5.71 14.65
C SER A 16 -8.52 5.83 13.17
N GLU A 17 -9.43 6.75 12.91
CA GLU A 17 -9.92 6.97 11.55
C GLU A 17 -8.86 7.67 10.69
N GLN A 18 -7.98 8.42 11.36
CA GLN A 18 -6.92 9.14 10.67
C GLN A 18 -6.04 8.19 9.86
N ILE A 19 -5.63 7.09 10.49
CA ILE A 19 -4.78 6.10 9.82
C ILE A 19 -5.52 5.49 8.64
N MET A 20 -6.81 5.25 8.83
CA MET A 20 -7.65 4.68 7.79
C MET A 20 -7.71 5.59 6.58
N LYS A 21 -7.98 6.87 6.83
CA LYS A 21 -8.06 7.87 5.76
C LYS A 21 -6.73 8.01 5.04
N THR A 22 -5.64 7.81 5.78
CA THR A 22 -4.30 7.90 5.21
C THR A 22 -4.10 6.84 4.14
N GLY A 23 -4.62 5.64 4.40
CA GLY A 23 -4.49 4.54 3.46
C GLY A 23 -5.24 4.84 2.17
N ALA A 24 -6.35 5.55 2.28
CA ALA A 24 -7.16 5.91 1.13
C ALA A 24 -6.48 7.00 0.30
N LEU A 25 -5.42 7.58 0.84
CA LEU A 25 -4.68 8.63 0.15
C LEU A 25 -3.37 8.07 -0.41
N LEU A 26 -2.72 7.21 0.37
CA LEU A 26 -1.46 6.59 -0.05
C LEU A 26 -1.64 5.79 -1.33
N LEU A 27 -2.74 5.05 -1.40
CA LEU A 27 -3.03 4.25 -2.59
C LEU A 27 -3.28 5.13 -3.79
N GLN A 28 -3.91 6.28 -3.56
CA GLN A 28 -4.22 7.23 -4.63
C GLN A 28 -2.94 7.71 -5.29
N GLY A 29 -2.01 8.20 -4.48
CA GLY A 29 -0.75 8.71 -5.00
C GLY A 29 0.05 7.65 -5.73
N PHE A 30 0.22 6.49 -5.09
CA PHE A 30 0.97 5.39 -5.68
C PHE A 30 0.40 4.96 -7.02
N ILE A 31 -0.93 4.81 -7.08
CA ILE A 31 -1.59 4.41 -8.31
C ILE A 31 -1.50 5.48 -9.39
N GLN A 32 -1.87 6.71 -9.05
CA GLN A 32 -1.84 7.83 -10.00
C GLN A 32 -0.45 8.09 -10.56
N ASP A 33 0.56 7.96 -9.70
CA ASP A 33 1.95 8.20 -10.10
C ASP A 33 2.38 7.26 -11.23
N ARG A 34 2.02 6.00 -11.11
CA ARG A 34 2.38 5.02 -12.11
C ARG A 34 1.37 4.94 -13.25
N ALA A 35 0.11 5.27 -12.95
CA ALA A 35 -0.95 5.25 -13.96
C ALA A 35 -0.72 6.32 -15.01
N GLY A 36 -0.11 7.42 -14.59
CA GLY A 36 0.18 8.52 -15.50
C GLY A 36 1.09 8.11 -16.64
N ARG A 37 1.84 7.03 -16.43
CA ARG A 37 2.77 6.53 -17.43
C ARG A 37 2.00 5.94 -18.63
N MET A 38 0.71 5.67 -18.42
CA MET A 38 -0.13 5.11 -19.47
C MET A 38 -0.72 6.22 -20.34
N GLY A 39 -0.54 7.46 -19.91
CA GLY A 39 -1.06 8.59 -20.66
C GLY A 39 -2.49 8.90 -20.30
N GLY A 40 -2.88 10.17 -20.42
CA GLY A 40 -4.23 10.57 -20.10
C GLY A 40 -5.11 10.59 -21.33
N GLU A 41 -6.40 10.37 -21.12
CA GLU A 41 -7.37 10.35 -22.21
C GLU A 41 -7.86 11.76 -22.56
N ALA A 42 -6.94 12.59 -23.04
CA ALA A 42 -7.25 13.97 -23.41
C ALA A 42 -7.97 14.72 -22.29
N PRO A 43 -7.22 15.15 -21.26
CA PRO A 43 -7.77 15.88 -20.12
C PRO A 43 -8.09 17.32 -20.47
N GLU A 44 -9.23 17.52 -21.12
CA GLU A 44 -9.67 18.86 -21.51
C GLU A 44 -9.99 19.70 -20.28
N LEU A 45 -10.68 19.08 -19.34
CA LEU A 45 -11.06 19.75 -18.11
C LEU A 45 -10.14 19.33 -16.98
N ALA A 46 -10.09 18.01 -16.74
CA ALA A 46 -9.26 17.43 -15.69
C ALA A 46 -9.67 17.92 -14.30
N LEU A 47 -8.86 17.61 -13.30
CA LEU A 47 -9.14 18.02 -11.93
C LEU A 47 -7.84 18.16 -11.18
N ASP A 48 -7.75 19.17 -10.34
CA ASP A 48 -6.55 19.41 -9.55
C ASP A 48 -6.87 20.09 -8.23
N PRO A 49 -7.00 19.30 -7.16
CA PRO A 49 -7.31 19.84 -5.83
C PRO A 49 -6.05 20.36 -5.15
N VAL A 50 -4.89 20.07 -5.76
CA VAL A 50 -3.59 20.50 -5.26
C VAL A 50 -3.21 19.73 -3.97
N PRO A 51 -2.10 18.97 -4.01
CA PRO A 51 -1.61 18.21 -2.85
C PRO A 51 -1.26 19.15 -1.70
N GLN A 52 -2.19 19.31 -0.78
CA GLN A 52 -2.02 20.19 0.36
C GLN A 52 -1.06 19.60 1.39
N ASP A 53 -1.09 18.28 1.54
CA ASP A 53 -0.22 17.62 2.50
C ASP A 53 1.07 17.14 1.85
N ALA A 54 2.19 17.49 2.47
CA ALA A 54 3.49 17.08 1.96
C ALA A 54 3.94 15.76 2.56
N SER A 55 3.32 15.37 3.67
CA SER A 55 3.66 14.13 4.35
C SER A 55 3.35 12.91 3.48
N THR A 56 2.09 12.81 3.04
CA THR A 56 1.67 11.70 2.20
C THR A 56 2.41 11.72 0.86
N LYS A 57 2.67 12.92 0.36
CA LYS A 57 3.39 13.09 -0.89
C LYS A 57 4.80 12.52 -0.77
N LYS A 58 5.47 12.83 0.33
CA LYS A 58 6.81 12.35 0.58
C LYS A 58 6.81 10.83 0.73
N LEU A 59 5.81 10.32 1.46
CA LEU A 59 5.66 8.88 1.65
C LEU A 59 5.51 8.18 0.32
N SER A 60 4.65 8.71 -0.53
CA SER A 60 4.41 8.13 -1.84
C SER A 60 5.68 8.20 -2.70
N GLU A 61 6.45 9.28 -2.53
CA GLU A 61 7.68 9.48 -3.27
C GLU A 61 8.68 8.36 -2.96
N CYS A 62 8.99 8.19 -1.68
CA CYS A 62 9.94 7.16 -1.25
C CYS A 62 9.46 5.75 -1.62
N LEU A 63 8.17 5.49 -1.45
CA LEU A 63 7.61 4.18 -1.77
C LEU A 63 7.70 3.92 -3.28
N LYS A 64 7.39 4.95 -4.07
CA LYS A 64 7.42 4.84 -5.52
C LYS A 64 8.83 4.57 -6.03
N ARG A 65 9.80 5.33 -5.55
CA ARG A 65 11.18 5.15 -5.99
C ARG A 65 11.70 3.76 -5.67
N ILE A 66 11.41 3.28 -4.46
CA ILE A 66 11.86 1.96 -4.05
C ILE A 66 11.19 0.89 -4.91
N GLY A 67 9.89 1.04 -5.12
CA GLY A 67 9.15 0.08 -5.94
C GLY A 67 9.65 0.05 -7.37
N ASP A 68 9.99 1.22 -7.91
CA ASP A 68 10.49 1.32 -9.27
C ASP A 68 11.86 0.69 -9.41
N GLU A 69 12.70 0.89 -8.39
CA GLU A 69 14.05 0.33 -8.40
C GLU A 69 13.98 -1.19 -8.23
N LEU A 70 12.89 -1.65 -7.62
CA LEU A 70 12.68 -3.08 -7.40
C LEU A 70 12.05 -3.74 -8.63
N ASP A 71 12.08 -3.03 -9.74
CA ASP A 71 11.52 -3.54 -10.99
C ASP A 71 12.65 -3.79 -11.98
N SER A 72 13.87 -3.45 -11.58
CA SER A 72 15.05 -3.64 -12.43
C SER A 72 15.50 -5.09 -12.40
N ASN A 73 15.20 -5.77 -11.29
CA ASN A 73 15.54 -7.18 -11.12
C ASN A 73 14.67 -8.04 -12.02
N MET A 74 15.20 -8.37 -13.19
CA MET A 74 14.49 -9.18 -14.17
C MET A 74 14.11 -10.56 -13.64
N GLU A 75 14.88 -11.07 -12.69
CA GLU A 75 14.59 -12.38 -12.12
C GLU A 75 13.25 -12.35 -11.39
N LEU A 76 13.09 -11.35 -10.52
CA LEU A 76 11.86 -11.20 -9.76
C LEU A 76 10.72 -10.76 -10.67
N GLN A 77 11.05 -9.93 -11.65
CA GLN A 77 10.06 -9.43 -12.61
C GLN A 77 9.48 -10.58 -13.41
N ARG A 78 10.35 -11.48 -13.85
CA ARG A 78 9.93 -12.65 -14.62
C ARG A 78 9.07 -13.56 -13.75
N MET A 79 9.40 -13.63 -12.46
CA MET A 79 8.64 -14.44 -11.52
C MET A 79 7.23 -13.90 -11.38
N ILE A 80 7.10 -12.58 -11.39
CA ILE A 80 5.81 -11.93 -11.29
C ILE A 80 5.02 -12.12 -12.59
N ALA A 81 5.74 -12.22 -13.69
CA ALA A 81 5.12 -12.42 -15.00
C ALA A 81 4.55 -13.83 -15.13
N ALA A 82 5.03 -14.73 -14.27
CA ALA A 82 4.58 -16.11 -14.29
C ALA A 82 3.59 -16.41 -13.15
N VAL A 83 2.99 -15.37 -12.60
CA VAL A 83 2.04 -15.54 -11.51
C VAL A 83 0.66 -15.91 -12.05
N ASP A 84 0.05 -16.92 -11.45
CA ASP A 84 -1.27 -17.38 -11.87
C ASP A 84 -2.35 -16.44 -11.34
N THR A 85 -2.98 -15.72 -12.25
CA THR A 85 -4.03 -14.77 -11.87
C THR A 85 -5.39 -15.47 -11.87
N ASP A 86 -5.43 -16.63 -11.24
CA ASP A 86 -6.65 -17.43 -11.18
C ASP A 86 -7.49 -17.01 -9.98
N SER A 87 -6.83 -16.78 -8.85
CA SER A 87 -7.51 -16.38 -7.63
C SER A 87 -6.98 -15.04 -7.13
N PRO A 88 -7.86 -14.03 -7.03
CA PRO A 88 -7.49 -12.70 -6.58
C PRO A 88 -7.43 -12.59 -5.05
N ARG A 89 -8.60 -12.62 -4.40
CA ARG A 89 -8.68 -12.51 -2.95
C ARG A 89 -7.97 -13.66 -2.26
N GLU A 90 -8.15 -14.86 -2.78
CA GLU A 90 -7.55 -16.06 -2.22
C GLU A 90 -6.02 -15.95 -2.12
N VAL A 91 -5.37 -15.58 -3.23
CA VAL A 91 -3.91 -15.44 -3.23
C VAL A 91 -3.47 -14.27 -2.36
N PHE A 92 -4.15 -13.14 -2.51
CA PHE A 92 -3.82 -11.94 -1.74
C PHE A 92 -3.98 -12.18 -0.23
N PHE A 93 -5.05 -12.87 0.15
CA PHE A 93 -5.30 -13.17 1.55
C PHE A 93 -4.27 -14.16 2.09
N ARG A 94 -3.89 -15.12 1.24
CA ARG A 94 -2.91 -16.12 1.62
C ARG A 94 -1.55 -15.50 1.90
N VAL A 95 -1.08 -14.67 0.98
CA VAL A 95 0.22 -14.02 1.16
C VAL A 95 0.19 -13.05 2.33
N ALA A 96 -0.98 -12.49 2.61
CA ALA A 96 -1.14 -11.58 3.73
C ALA A 96 -1.04 -12.35 5.05
N ALA A 97 -1.54 -13.57 5.03
CA ALA A 97 -1.50 -14.43 6.21
C ALA A 97 -0.16 -15.14 6.32
N ASP A 98 0.47 -15.38 5.17
CA ASP A 98 1.78 -16.03 5.12
C ASP A 98 2.81 -15.23 5.90
N MET A 99 2.76 -13.92 5.73
CA MET A 99 3.68 -13.01 6.43
C MET A 99 3.15 -12.68 7.82
N PHE A 100 2.09 -13.39 8.23
CA PHE A 100 1.48 -13.18 9.53
C PHE A 100 1.36 -14.52 10.27
N SER A 101 2.00 -15.54 9.72
CA SER A 101 1.96 -16.88 10.30
C SER A 101 2.75 -16.89 11.61
N ASP A 102 4.02 -16.54 11.51
CA ASP A 102 4.91 -16.49 12.66
C ASP A 102 4.54 -15.32 13.56
N GLY A 103 3.97 -14.28 12.96
CA GLY A 103 3.59 -13.10 13.71
C GLY A 103 4.77 -12.16 13.91
N ASN A 104 5.83 -12.41 13.16
CA ASN A 104 7.04 -11.61 13.23
C ASN A 104 6.82 -10.23 12.63
N PHE A 105 6.68 -9.23 13.49
CA PHE A 105 6.48 -7.86 13.04
C PHE A 105 7.80 -7.23 12.63
N ASN A 106 8.38 -7.74 11.56
CA ASN A 106 9.66 -7.25 11.06
C ASN A 106 9.52 -5.97 10.24
N TRP A 107 8.29 -5.48 10.10
CA TRP A 107 7.98 -4.26 9.34
C TRP A 107 8.11 -4.45 7.83
N GLY A 108 9.16 -5.15 7.41
CA GLY A 108 9.39 -5.40 5.98
C GLY A 108 8.22 -6.09 5.30
N ARG A 109 7.47 -6.86 6.08
CA ARG A 109 6.31 -7.58 5.55
C ARG A 109 5.21 -6.63 5.08
N VAL A 110 5.34 -5.35 5.41
CA VAL A 110 4.37 -4.35 5.01
C VAL A 110 4.73 -3.78 3.64
N VAL A 111 5.98 -3.34 3.50
CA VAL A 111 6.44 -2.76 2.24
C VAL A 111 6.43 -3.82 1.13
N ALA A 112 6.71 -5.06 1.50
CA ALA A 112 6.72 -6.16 0.54
C ALA A 112 5.30 -6.40 0.00
N LEU A 113 4.32 -6.27 0.89
CA LEU A 113 2.93 -6.45 0.52
C LEU A 113 2.48 -5.31 -0.39
N PHE A 114 2.96 -4.11 -0.09
CA PHE A 114 2.62 -2.93 -0.87
C PHE A 114 3.11 -3.08 -2.32
N TYR A 115 4.33 -3.61 -2.46
CA TYR A 115 4.92 -3.82 -3.78
C TYR A 115 4.15 -4.89 -4.54
N PHE A 116 3.69 -5.91 -3.82
CA PHE A 116 2.92 -6.99 -4.43
C PHE A 116 1.56 -6.47 -4.89
N ALA A 117 0.91 -5.69 -4.04
CA ALA A 117 -0.40 -5.13 -4.35
C ALA A 117 -0.33 -4.19 -5.54
N SER A 118 0.70 -3.36 -5.60
CA SER A 118 0.84 -2.41 -6.69
C SER A 118 1.05 -3.12 -8.02
N LYS A 119 1.79 -4.23 -8.00
CA LYS A 119 2.04 -5.00 -9.21
C LYS A 119 0.73 -5.60 -9.73
N LEU A 120 -0.16 -5.94 -8.80
CA LEU A 120 -1.47 -6.49 -9.15
C LEU A 120 -2.33 -5.39 -9.75
N VAL A 121 -2.25 -4.20 -9.16
CA VAL A 121 -3.00 -3.04 -9.65
C VAL A 121 -2.57 -2.71 -11.07
N LEU A 122 -1.26 -2.70 -11.29
CA LEU A 122 -0.71 -2.42 -12.62
C LEU A 122 -1.18 -3.45 -13.63
N LYS A 123 -1.30 -4.69 -13.17
CA LYS A 123 -1.76 -5.79 -14.03
C LYS A 123 -3.20 -5.55 -14.45
N ALA A 124 -4.04 -5.18 -13.48
CA ALA A 124 -5.43 -4.91 -13.74
C ALA A 124 -5.60 -3.66 -14.60
N LEU A 125 -4.70 -2.69 -14.39
CA LEU A 125 -4.71 -1.45 -15.16
C LEU A 125 -4.47 -1.74 -16.63
N CYS A 126 -3.54 -2.67 -16.89
CA CYS A 126 -3.22 -3.06 -18.26
C CYS A 126 -4.37 -3.84 -18.88
N THR A 127 -5.23 -4.39 -18.03
CA THR A 127 -6.39 -5.14 -18.48
C THR A 127 -7.59 -4.19 -18.62
N LYS A 128 -7.36 -2.93 -18.27
CA LYS A 128 -8.36 -1.88 -18.36
C LYS A 128 -9.65 -2.21 -17.60
N VAL A 129 -9.49 -2.62 -16.35
CA VAL A 129 -10.64 -2.93 -15.50
C VAL A 129 -10.60 -2.08 -14.22
N PRO A 130 -11.27 -0.91 -14.26
CA PRO A 130 -11.29 0.04 -13.13
C PRO A 130 -11.92 -0.54 -11.87
N GLU A 131 -12.99 -1.30 -12.03
CA GLU A 131 -13.67 -1.90 -10.88
C GLU A 131 -12.75 -2.79 -10.06
N LEU A 132 -11.94 -3.59 -10.75
CA LEU A 132 -11.00 -4.49 -10.06
C LEU A 132 -10.01 -3.70 -9.22
N ILE A 133 -9.62 -2.53 -9.72
CA ILE A 133 -8.69 -1.66 -8.99
C ILE A 133 -9.30 -1.27 -7.65
N ARG A 134 -10.59 -0.97 -7.67
CA ARG A 134 -11.30 -0.57 -6.46
C ARG A 134 -11.42 -1.77 -5.51
N THR A 135 -11.60 -2.95 -6.09
CA THR A 135 -11.72 -4.18 -5.30
C THR A 135 -10.40 -4.47 -4.57
N ILE A 136 -9.29 -4.38 -5.30
CA ILE A 136 -7.98 -4.62 -4.72
C ILE A 136 -7.71 -3.62 -3.60
N MET A 137 -8.07 -2.36 -3.84
CA MET A 137 -7.91 -1.31 -2.85
C MET A 137 -8.74 -1.63 -1.61
N GLY A 138 -9.97 -2.09 -1.83
CA GLY A 138 -10.85 -2.45 -0.74
C GLY A 138 -10.29 -3.57 0.10
N TRP A 139 -9.67 -4.54 -0.58
CA TRP A 139 -9.06 -5.68 0.10
C TRP A 139 -7.86 -5.24 0.91
N THR A 140 -7.08 -4.33 0.35
CA THR A 140 -5.90 -3.81 1.02
C THR A 140 -6.30 -3.02 2.27
N LEU A 141 -7.31 -2.17 2.12
CA LEU A 141 -7.80 -1.37 3.22
C LEU A 141 -8.41 -2.27 4.30
N ASP A 142 -9.04 -3.35 3.84
CA ASP A 142 -9.67 -4.33 4.72
C ASP A 142 -8.67 -4.91 5.71
N PHE A 143 -7.62 -5.53 5.18
CA PHE A 143 -6.59 -6.14 6.03
C PHE A 143 -5.95 -5.11 6.94
N LEU A 144 -5.89 -3.86 6.47
CA LEU A 144 -5.31 -2.77 7.24
C LEU A 144 -6.14 -2.50 8.49
N ARG A 145 -7.43 -2.27 8.32
CA ARG A 145 -8.31 -1.99 9.44
C ARG A 145 -8.50 -3.22 10.31
N GLU A 146 -8.32 -4.39 9.72
CA GLU A 146 -8.46 -5.64 10.44
C GLU A 146 -7.45 -5.79 11.56
N ARG A 147 -6.17 -5.91 11.24
CA ARG A 147 -5.15 -6.09 12.27
C ARG A 147 -4.06 -5.03 12.26
N LEU A 148 -3.67 -4.57 11.07
CA LEU A 148 -2.61 -3.58 10.92
C LEU A 148 -2.88 -2.30 11.70
N LEU A 149 -4.13 -1.85 11.69
CA LEU A 149 -4.53 -0.62 12.38
C LEU A 149 -4.05 -0.57 13.82
N GLY A 150 -4.27 -1.67 14.55
CA GLY A 150 -3.86 -1.74 15.93
C GLY A 150 -2.36 -1.57 16.13
N TRP A 151 -1.59 -2.23 15.27
CA TRP A 151 -0.14 -2.17 15.35
C TRP A 151 0.38 -0.78 15.00
N ILE A 152 -0.22 -0.15 13.99
CA ILE A 152 0.18 1.18 13.57
C ILE A 152 -0.13 2.23 14.63
N GLN A 153 -1.33 2.18 15.18
CA GLN A 153 -1.74 3.14 16.20
C GLN A 153 -0.95 2.96 17.49
N ASP A 154 -0.65 1.70 17.84
CA ASP A 154 0.09 1.39 19.06
C ASP A 154 1.51 1.97 19.05
N GLN A 155 2.12 2.03 17.88
CA GLN A 155 3.48 2.55 17.77
C GLN A 155 3.53 4.07 17.61
N GLY A 156 2.36 4.71 17.65
CA GLY A 156 2.33 6.16 17.54
C GLY A 156 2.01 6.66 16.13
N GLY A 157 1.52 5.76 15.29
CA GLY A 157 1.18 6.15 13.94
C GLY A 157 2.16 5.66 12.89
N TRP A 158 2.39 6.48 11.88
CA TRP A 158 3.29 6.13 10.80
C TRP A 158 4.74 6.49 11.12
N ASP A 159 4.97 6.91 12.37
CA ASP A 159 6.32 7.28 12.80
C ASP A 159 7.26 6.08 12.72
N GLY A 160 6.70 4.89 12.99
CA GLY A 160 7.48 3.67 12.93
C GLY A 160 8.01 3.41 11.53
N LEU A 161 7.22 3.78 10.53
CA LEU A 161 7.62 3.62 9.14
C LEU A 161 8.78 4.55 8.82
N LEU A 162 8.67 5.80 9.28
CA LEU A 162 9.72 6.79 9.06
C LEU A 162 11.01 6.36 9.72
N SER A 163 10.89 5.72 10.87
CA SER A 163 12.04 5.24 11.62
C SER A 163 12.61 3.97 10.99
N TYR A 164 11.82 3.32 10.16
CA TYR A 164 12.26 2.10 9.49
C TYR A 164 13.04 2.41 8.22
N PHE A 165 13.03 3.69 7.83
CA PHE A 165 13.74 4.13 6.63
C PHE A 165 15.25 4.13 6.90
N GLY A 166 15.87 2.96 6.76
CA GLY A 166 17.29 2.84 6.98
C GLY A 166 18.09 2.95 5.71
N THR A 167 19.24 3.60 5.80
CA THR A 167 20.10 3.78 4.64
C THR A 167 21.37 2.90 4.73
N PRO A 168 22.15 2.99 5.83
CA PRO A 168 23.36 2.18 6.00
C PRO A 168 23.11 0.69 5.77
N THR A 169 23.78 0.15 4.73
CA THR A 169 23.65 -1.26 4.37
C THR A 169 22.22 -1.59 3.94
N TRP A 170 21.76 -0.93 2.87
CA TRP A 170 20.42 -1.15 2.36
C TRP A 170 20.34 -2.47 1.59
N GLN A 171 21.50 -3.02 1.24
CA GLN A 171 21.57 -4.28 0.50
C GLN A 171 20.85 -5.39 1.26
N THR A 172 21.16 -5.52 2.54
CA THR A 172 20.54 -6.54 3.38
C THR A 172 19.04 -6.37 3.42
N VAL A 173 18.58 -5.11 3.50
CA VAL A 173 17.17 -4.81 3.54
C VAL A 173 16.51 -5.23 2.23
N THR A 174 17.20 -4.97 1.12
CA THR A 174 16.70 -5.33 -0.19
C THR A 174 16.57 -6.85 -0.32
N ILE A 175 17.60 -7.56 0.15
CA ILE A 175 17.61 -9.01 0.11
C ILE A 175 16.47 -9.57 0.97
N PHE A 176 16.28 -8.97 2.14
CA PHE A 176 15.24 -9.39 3.07
C PHE A 176 13.85 -9.31 2.42
N VAL A 177 13.56 -8.16 1.82
CA VAL A 177 12.26 -7.96 1.15
C VAL A 177 12.06 -8.97 0.03
N ALA A 178 13.09 -9.13 -0.80
CA ALA A 178 13.04 -10.07 -1.91
C ALA A 178 12.84 -11.50 -1.41
N GLY A 179 13.53 -11.83 -0.33
CA GLY A 179 13.44 -13.16 0.26
C GLY A 179 12.02 -13.50 0.68
N VAL A 180 11.39 -12.57 1.40
CA VAL A 180 10.02 -12.77 1.88
C VAL A 180 9.07 -13.03 0.70
N LEU A 181 9.20 -12.22 -0.34
CA LEU A 181 8.36 -12.36 -1.53
C LEU A 181 8.62 -13.70 -2.23
N THR A 182 9.88 -14.09 -2.29
CA THR A 182 10.27 -15.33 -2.93
C THR A 182 9.71 -16.54 -2.15
N ALA A 183 9.77 -16.46 -0.82
CA ALA A 183 9.29 -17.54 0.02
C ALA A 183 7.81 -17.85 -0.25
N SER A 184 6.96 -16.85 -0.08
CA SER A 184 5.52 -17.03 -0.30
C SER A 184 5.20 -17.51 -1.72
N LEU A 185 5.86 -16.92 -2.70
CA LEU A 185 5.62 -17.28 -4.10
C LEU A 185 6.04 -18.73 -4.39
N THR A 186 7.08 -19.19 -3.71
CA THR A 186 7.55 -20.56 -3.90
C THR A 186 6.56 -21.56 -3.31
N ILE A 187 5.91 -21.18 -2.22
CA ILE A 187 4.93 -22.04 -1.57
C ILE A 187 3.66 -22.12 -2.42
N TRP A 188 3.27 -20.98 -2.99
CA TRP A 188 2.08 -20.90 -3.83
C TRP A 188 2.27 -21.70 -5.11
N LYS A 189 3.39 -21.50 -5.78
CA LYS A 189 3.70 -22.20 -7.02
C LYS A 189 4.29 -23.57 -6.71
N LYS A 190 3.44 -24.48 -6.25
CA LYS A 190 3.86 -25.82 -5.90
C LYS A 190 3.74 -26.77 -7.09
N MET A 191 4.53 -26.50 -8.13
CA MET A 191 4.53 -27.31 -9.35
C MET A 191 3.23 -27.12 -10.16
N GLY A 192 2.41 -26.19 -9.70
CA GLY A 192 1.15 -25.92 -10.35
C GLY A 192 0.20 -25.23 -9.39
N GLU B 1 -12.78 -8.30 6.79
CA GLU B 1 -13.21 -9.27 5.75
C GLU B 1 -14.67 -9.03 5.36
N ILE B 2 -15.01 -9.44 4.14
CA ILE B 2 -16.36 -9.31 3.58
C ILE B 2 -16.95 -7.89 3.74
N TRP B 3 -17.86 -7.73 4.70
CA TRP B 3 -18.51 -6.43 4.93
C TRP B 3 -17.50 -5.35 5.26
N ILE B 4 -16.47 -5.71 6.01
CA ILE B 4 -15.44 -4.77 6.40
C ILE B 4 -14.76 -4.19 5.16
N ALA B 5 -14.44 -5.06 4.20
CA ALA B 5 -13.80 -4.64 2.96
C ALA B 5 -14.69 -3.69 2.17
N GLN B 6 -15.99 -3.94 2.22
CA GLN B 6 -16.96 -3.10 1.52
C GLN B 6 -17.01 -1.70 2.11
N GLU B 7 -17.11 -1.62 3.43
CA GLU B 7 -17.16 -0.34 4.12
C GLU B 7 -15.87 0.43 3.92
N LEU B 8 -14.74 -0.26 4.03
CA LEU B 8 -13.45 0.37 3.85
C LEU B 8 -13.24 0.82 2.41
N ARG B 9 -13.79 0.04 1.48
CA ARG B 9 -13.70 0.39 0.06
C ARG B 9 -14.42 1.72 -0.16
N ARG B 10 -15.48 1.94 0.61
CA ARG B 10 -16.25 3.17 0.54
C ARG B 10 -15.40 4.33 1.04
N ILE B 11 -14.59 4.07 2.06
CA ILE B 11 -13.70 5.09 2.62
C ILE B 11 -12.66 5.47 1.56
N GLY B 12 -12.17 4.46 0.84
CA GLY B 12 -11.19 4.71 -0.19
C GLY B 12 -11.83 5.41 -1.37
N ASP B 13 -13.15 5.30 -1.47
CA ASP B 13 -13.90 5.92 -2.56
C ASP B 13 -14.19 7.38 -2.23
N GLU B 14 -14.55 7.64 -0.98
CA GLU B 14 -14.85 9.00 -0.52
C GLU B 14 -13.60 9.87 -0.55
N PHE B 15 -12.47 9.29 -0.16
CA PHE B 15 -11.21 10.02 -0.13
C PHE B 15 -10.66 10.19 -1.54
N ASN B 16 -10.97 9.23 -2.41
CA ASN B 16 -10.50 9.27 -3.79
C ASN B 16 -11.09 10.46 -4.51
N ALA B 17 -12.39 10.67 -4.32
CA ALA B 17 -13.10 11.77 -4.96
C ALA B 17 -12.61 13.13 -4.49
N TYR B 18 -11.85 13.14 -3.40
CA TYR B 18 -11.32 14.39 -2.85
C TYR B 18 -10.04 14.80 -3.58
N TYR B 19 -9.34 13.84 -4.15
CA TYR B 19 -8.09 14.14 -4.86
C TYR B 19 -8.19 13.90 -6.36
N ALA B 20 -9.09 13.00 -6.77
CA ALA B 20 -9.28 12.69 -8.17
C ALA B 20 -10.68 12.16 -8.43
N MET A 1 -12.38 29.17 25.65
CA MET A 1 -11.23 29.26 26.60
C MET A 1 -10.39 28.00 26.55
N ASP A 2 -10.78 27.03 25.73
CA ASP A 2 -10.05 25.78 25.60
C ASP A 2 -8.66 26.02 25.00
N GLY A 3 -8.59 26.94 24.05
CA GLY A 3 -7.34 27.27 23.41
C GLY A 3 -6.41 28.03 24.35
N SER A 4 -7.01 28.65 25.36
CA SER A 4 -6.28 29.42 26.35
C SER A 4 -5.88 28.54 27.53
N GLY A 5 -6.15 27.24 27.41
CA GLY A 5 -5.82 26.31 28.47
C GLY A 5 -4.37 25.87 28.42
N GLU A 6 -4.01 24.96 29.32
CA GLU A 6 -2.65 24.45 29.39
C GLU A 6 -2.39 23.41 28.30
N GLN A 7 -2.00 23.90 27.13
CA GLN A 7 -1.72 23.02 26.00
C GLN A 7 -0.22 22.88 25.78
N PRO A 8 0.28 21.64 25.85
CA PRO A 8 1.71 21.35 25.67
C PRO A 8 2.10 21.28 24.19
N ARG A 9 1.89 22.39 23.48
CA ARG A 9 2.20 22.51 22.05
C ARG A 9 1.23 21.69 21.19
N GLY A 10 1.34 20.38 21.29
CA GLY A 10 0.48 19.51 20.52
C GLY A 10 -0.70 19.02 21.33
N GLY A 11 -1.88 19.02 20.74
CA GLY A 11 -3.07 18.56 21.42
C GLY A 11 -3.22 17.05 21.34
N GLY A 12 -4.32 16.54 21.86
CA GLY A 12 -4.56 15.11 21.85
C GLY A 12 -6.00 14.74 21.61
N PRO A 13 -6.48 14.82 20.36
CA PRO A 13 -7.84 14.47 20.00
C PRO A 13 -7.93 13.00 19.59
N THR A 14 -9.01 12.63 18.92
CA THR A 14 -9.19 11.26 18.47
C THR A 14 -8.28 10.98 17.27
N SER A 15 -7.64 9.82 17.27
CA SER A 15 -6.73 9.47 16.18
C SER A 15 -7.07 8.11 15.58
N SER A 16 -8.08 7.44 16.13
CA SER A 16 -8.47 6.13 15.66
C SER A 16 -8.85 6.15 14.17
N GLU A 17 -9.84 6.96 13.82
CA GLU A 17 -10.27 7.06 12.44
C GLU A 17 -9.37 8.01 11.67
N GLN A 18 -8.67 8.87 12.39
CA GLN A 18 -7.78 9.85 11.77
C GLN A 18 -6.63 9.18 11.01
N ILE A 19 -6.02 8.17 11.63
CA ILE A 19 -4.92 7.45 10.99
C ILE A 19 -5.42 6.65 9.79
N MET A 20 -6.65 6.16 9.89
CA MET A 20 -7.27 5.38 8.83
C MET A 20 -7.48 6.23 7.58
N LYS A 21 -7.88 7.48 7.78
CA LYS A 21 -8.11 8.40 6.68
C LYS A 21 -6.83 8.65 5.88
N THR A 22 -5.71 8.68 6.57
CA THR A 22 -4.42 8.90 5.94
C THR A 22 -4.10 7.74 4.97
N GLY A 23 -4.58 6.56 5.31
CA GLY A 23 -4.36 5.38 4.47
C GLY A 23 -5.05 5.50 3.13
N ALA A 24 -6.20 6.17 3.12
CA ALA A 24 -6.97 6.36 1.90
C ALA A 24 -6.25 7.30 0.93
N LEU A 25 -5.29 8.06 1.46
CA LEU A 25 -4.52 8.99 0.66
C LEU A 25 -3.24 8.32 0.17
N LEU A 26 -2.68 7.45 0.99
CA LEU A 26 -1.45 6.74 0.65
C LEU A 26 -1.65 5.87 -0.58
N LEU A 27 -2.77 5.14 -0.61
CA LEU A 27 -3.07 4.25 -1.72
C LEU A 27 -3.28 5.05 -3.01
N GLN A 28 -3.78 6.27 -2.88
CA GLN A 28 -4.02 7.13 -4.03
C GLN A 28 -2.72 7.49 -4.73
N GLY A 29 -1.81 8.07 -3.98
CA GLY A 29 -0.53 8.49 -4.55
C GLY A 29 0.25 7.35 -5.18
N PHE A 30 0.37 6.25 -4.44
CA PHE A 30 1.11 5.09 -4.93
C PHE A 30 0.56 4.55 -6.25
N ILE A 31 -0.76 4.43 -6.35
CA ILE A 31 -1.38 3.92 -7.56
C ILE A 31 -1.39 4.95 -8.70
N GLN A 32 -1.82 6.17 -8.40
CA GLN A 32 -1.89 7.23 -9.41
C GLN A 32 -0.52 7.54 -10.02
N ASP A 33 0.53 7.51 -9.20
CA ASP A 33 1.88 7.78 -9.67
C ASP A 33 2.32 6.77 -10.73
N ARG A 34 1.89 5.53 -10.55
CA ARG A 34 2.25 4.47 -11.49
C ARG A 34 1.25 4.38 -12.64
N ALA A 35 -0.02 4.67 -12.36
CA ALA A 35 -1.07 4.61 -13.38
C ALA A 35 -0.84 5.65 -14.48
N GLY A 36 -0.30 6.80 -14.11
CA GLY A 36 -0.05 7.86 -15.07
C GLY A 36 0.93 7.45 -16.17
N ARG A 37 1.70 6.40 -15.91
CA ARG A 37 2.69 5.91 -16.87
C ARG A 37 2.03 5.35 -18.14
N MET A 38 0.75 5.01 -18.03
CA MET A 38 0.03 4.45 -19.18
C MET A 38 -0.53 5.55 -20.07
N GLY A 39 -0.39 6.80 -19.64
CA GLY A 39 -0.90 7.91 -20.40
C GLY A 39 -2.04 8.60 -19.70
N GLY A 40 -3.21 8.57 -20.32
CA GLY A 40 -4.37 9.20 -19.72
C GLY A 40 -5.62 9.04 -20.57
N GLU A 41 -6.58 9.93 -20.37
CA GLU A 41 -7.83 9.89 -21.12
C GLU A 41 -8.16 11.28 -21.69
N ALA A 42 -7.10 12.00 -22.08
CA ALA A 42 -7.24 13.35 -22.62
C ALA A 42 -7.66 14.34 -21.54
N PRO A 43 -6.69 15.09 -20.99
CA PRO A 43 -6.92 16.07 -19.94
C PRO A 43 -7.58 17.34 -20.46
N GLU A 44 -8.83 17.22 -20.90
CA GLU A 44 -9.58 18.36 -21.40
C GLU A 44 -9.87 19.31 -20.26
N LEU A 45 -10.31 18.76 -19.13
CA LEU A 45 -10.62 19.54 -17.95
C LEU A 45 -9.91 18.95 -16.74
N ALA A 46 -10.26 17.70 -16.42
CA ALA A 46 -9.67 16.97 -15.30
C ALA A 46 -9.86 17.71 -13.96
N LEU A 47 -9.14 17.26 -12.94
CA LEU A 47 -9.21 17.88 -11.62
C LEU A 47 -7.83 17.87 -10.97
N ASP A 48 -7.52 18.94 -10.26
CA ASP A 48 -6.23 19.07 -9.59
C ASP A 48 -6.36 19.97 -8.37
N PRO A 49 -6.58 19.37 -7.19
CA PRO A 49 -6.71 20.11 -5.93
C PRO A 49 -5.37 20.44 -5.29
N VAL A 50 -4.30 19.86 -5.85
CA VAL A 50 -2.94 20.07 -5.36
C VAL A 50 -2.77 19.57 -3.91
N PRO A 51 -2.24 18.35 -3.74
CA PRO A 51 -2.02 17.75 -2.42
C PRO A 51 -1.11 18.62 -1.55
N GLN A 52 -1.66 19.19 -0.49
CA GLN A 52 -0.91 20.06 0.40
C GLN A 52 -0.20 19.28 1.50
N ASP A 53 -0.54 18.01 1.66
CA ASP A 53 0.09 17.18 2.68
C ASP A 53 1.46 16.67 2.22
N ALA A 54 2.45 16.83 3.08
CA ALA A 54 3.80 16.41 2.79
C ALA A 54 4.07 15.03 3.39
N SER A 55 3.25 14.63 4.34
CA SER A 55 3.40 13.35 4.99
C SER A 55 3.19 12.21 4.00
N THR A 56 2.02 12.18 3.39
CA THR A 56 1.70 11.14 2.40
C THR A 56 2.58 11.29 1.17
N LYS A 57 2.96 12.53 0.87
CA LYS A 57 3.81 12.82 -0.27
C LYS A 57 5.17 12.16 -0.10
N LYS A 58 5.79 12.39 1.06
CA LYS A 58 7.09 11.80 1.34
C LYS A 58 7.00 10.29 1.43
N LEU A 59 5.94 9.82 2.09
CA LEU A 59 5.70 8.39 2.25
C LEU A 59 5.61 7.70 0.90
N SER A 60 4.77 8.23 0.01
CA SER A 60 4.59 7.65 -1.32
C SER A 60 5.89 7.73 -2.11
N GLU A 61 6.65 8.81 -1.90
CA GLU A 61 7.92 9.00 -2.61
C GLU A 61 8.91 7.90 -2.22
N CYS A 62 9.13 7.70 -0.92
CA CYS A 62 10.06 6.69 -0.46
C CYS A 62 9.61 5.28 -0.83
N LEU A 63 8.31 5.04 -0.76
CA LEU A 63 7.76 3.73 -1.10
C LEU A 63 7.89 3.44 -2.59
N LYS A 64 7.61 4.45 -3.40
CA LYS A 64 7.68 4.30 -4.85
C LYS A 64 9.09 3.99 -5.32
N ARG A 65 10.07 4.74 -4.85
CA ARG A 65 11.47 4.51 -5.26
C ARG A 65 11.95 3.12 -4.87
N ILE A 66 11.55 2.64 -3.70
CA ILE A 66 11.95 1.30 -3.26
C ILE A 66 11.23 0.23 -4.09
N GLY A 67 9.93 0.42 -4.28
CA GLY A 67 9.15 -0.52 -5.05
C GLY A 67 9.61 -0.60 -6.50
N ASP A 68 9.95 0.55 -7.06
CA ASP A 68 10.41 0.63 -8.44
C ASP A 68 11.77 -0.05 -8.59
N GLU A 69 12.58 0.01 -7.54
CA GLU A 69 13.89 -0.62 -7.55
C GLU A 69 13.75 -2.14 -7.44
N LEU A 70 12.64 -2.58 -6.87
CA LEU A 70 12.37 -4.01 -6.72
C LEU A 70 11.90 -4.60 -8.04
N ASP A 71 11.86 -3.75 -9.06
CA ASP A 71 11.45 -4.17 -10.40
C ASP A 71 12.67 -4.20 -11.32
N SER A 72 13.81 -3.76 -10.80
CA SER A 72 15.03 -3.75 -11.57
C SER A 72 15.64 -5.14 -11.68
N ASN A 73 15.37 -5.98 -10.69
CA ASN A 73 15.89 -7.34 -10.67
C ASN A 73 15.07 -8.24 -11.59
N MET A 74 15.71 -8.72 -12.66
CA MET A 74 15.04 -9.58 -13.64
C MET A 74 14.51 -10.86 -13.01
N GLU A 75 15.24 -11.38 -12.02
CA GLU A 75 14.84 -12.61 -11.35
C GLU A 75 13.47 -12.48 -10.70
N LEU A 76 13.36 -11.54 -9.77
CA LEU A 76 12.10 -11.33 -9.06
C LEU A 76 10.99 -10.88 -10.01
N GLN A 77 11.33 -10.03 -10.96
CA GLN A 77 10.35 -9.53 -11.93
C GLN A 77 9.73 -10.68 -12.74
N ARG A 78 10.57 -11.57 -13.25
CA ARG A 78 10.09 -12.70 -14.03
C ARG A 78 9.31 -13.68 -13.16
N MET A 79 9.68 -13.75 -11.89
CA MET A 79 9.01 -14.63 -10.94
C MET A 79 7.57 -14.18 -10.72
N ILE A 80 7.36 -12.87 -10.68
CA ILE A 80 6.02 -12.32 -10.51
C ILE A 80 5.17 -12.62 -11.73
N ALA A 81 5.83 -12.74 -12.89
CA ALA A 81 5.14 -13.03 -14.14
C ALA A 81 4.88 -14.53 -14.29
N ALA A 82 5.03 -15.26 -13.20
CA ALA A 82 4.80 -16.70 -13.21
C ALA A 82 3.74 -17.08 -12.18
N VAL A 83 2.99 -16.10 -11.69
CA VAL A 83 1.94 -16.34 -10.71
C VAL A 83 0.58 -16.45 -11.38
N ASP A 84 -0.17 -17.47 -10.99
CA ASP A 84 -1.50 -17.70 -11.55
C ASP A 84 -2.49 -16.70 -10.99
N THR A 85 -2.75 -15.64 -11.75
CA THR A 85 -3.67 -14.61 -11.32
C THR A 85 -5.11 -14.99 -11.67
N ASP A 86 -5.52 -16.18 -11.24
CA ASP A 86 -6.86 -16.67 -11.51
C ASP A 86 -7.78 -16.39 -10.33
N SER A 87 -7.25 -16.57 -9.13
CA SER A 87 -8.02 -16.35 -7.91
C SER A 87 -7.43 -15.17 -7.12
N PRO A 88 -7.89 -13.93 -7.43
CA PRO A 88 -7.40 -12.72 -6.77
C PRO A 88 -7.55 -12.75 -5.25
N ARG A 89 -8.74 -13.11 -4.77
CA ARG A 89 -9.02 -13.17 -3.34
C ARG A 89 -8.07 -14.14 -2.64
N GLU A 90 -7.99 -15.36 -3.15
CA GLU A 90 -7.15 -16.39 -2.58
C GLU A 90 -5.67 -16.01 -2.60
N VAL A 91 -5.20 -15.53 -3.75
CA VAL A 91 -3.79 -15.13 -3.90
C VAL A 91 -3.42 -14.01 -2.92
N PHE A 92 -4.26 -12.98 -2.87
CA PHE A 92 -4.01 -11.84 -2.00
C PHE A 92 -4.02 -12.23 -0.52
N PHE A 93 -5.04 -12.95 -0.10
CA PHE A 93 -5.15 -13.38 1.29
C PHE A 93 -4.03 -14.33 1.69
N ARG A 94 -3.63 -15.19 0.74
CA ARG A 94 -2.57 -16.16 1.01
C ARG A 94 -1.27 -15.46 1.39
N VAL A 95 -0.83 -14.51 0.57
CA VAL A 95 0.40 -13.79 0.83
C VAL A 95 0.25 -12.86 2.03
N ALA A 96 -0.98 -12.44 2.30
CA ALA A 96 -1.26 -11.56 3.41
C ALA A 96 -1.05 -12.30 4.74
N ALA A 97 -1.56 -13.52 4.81
CA ALA A 97 -1.44 -14.34 6.00
C ALA A 97 -0.07 -15.02 6.07
N ASP A 98 0.53 -15.24 4.91
CA ASP A 98 1.84 -15.89 4.81
C ASP A 98 2.88 -15.21 5.68
N MET A 99 2.98 -13.90 5.56
CA MET A 99 3.93 -13.12 6.32
C MET A 99 3.32 -12.65 7.64
N PHE A 100 2.27 -13.32 8.07
CA PHE A 100 1.58 -12.96 9.30
C PHE A 100 1.59 -14.11 10.31
N SER A 101 1.80 -15.33 9.82
CA SER A 101 1.83 -16.51 10.67
C SER A 101 3.03 -16.48 11.61
N ASP A 102 4.14 -15.97 11.11
CA ASP A 102 5.37 -15.87 11.90
C ASP A 102 5.26 -14.77 12.94
N GLY A 103 4.47 -13.74 12.63
CA GLY A 103 4.29 -12.63 13.53
C GLY A 103 5.54 -11.79 13.69
N ASN A 104 6.40 -11.83 12.68
CA ASN A 104 7.65 -11.08 12.70
C ASN A 104 7.47 -9.68 12.13
N PHE A 105 7.71 -8.69 12.97
CA PHE A 105 7.60 -7.30 12.56
C PHE A 105 8.91 -6.81 11.95
N ASN A 106 9.23 -7.36 10.79
CA ASN A 106 10.46 -7.00 10.09
C ASN A 106 10.27 -5.78 9.20
N TRP A 107 9.04 -5.30 9.10
CA TRP A 107 8.70 -4.13 8.28
C TRP A 107 8.70 -4.45 6.78
N GLY A 108 9.69 -5.23 6.34
CA GLY A 108 9.80 -5.59 4.94
C GLY A 108 8.55 -6.25 4.39
N ARG A 109 7.82 -6.96 5.25
CA ARG A 109 6.60 -7.64 4.86
C ARG A 109 5.53 -6.65 4.36
N VAL A 110 5.72 -5.37 4.68
CA VAL A 110 4.78 -4.34 4.27
C VAL A 110 5.09 -3.87 2.85
N VAL A 111 6.34 -3.50 2.61
CA VAL A 111 6.75 -3.03 1.29
C VAL A 111 6.64 -4.16 0.26
N ALA A 112 6.88 -5.39 0.71
CA ALA A 112 6.77 -6.55 -0.17
C ALA A 112 5.34 -6.72 -0.65
N LEU A 113 4.39 -6.45 0.25
CA LEU A 113 2.98 -6.56 -0.08
C LEU A 113 2.58 -5.46 -1.06
N PHE A 114 3.10 -4.26 -0.84
CA PHE A 114 2.81 -3.13 -1.71
C PHE A 114 3.31 -3.39 -3.12
N TYR A 115 4.49 -3.99 -3.23
CA TYR A 115 5.08 -4.30 -4.52
C TYR A 115 4.24 -5.35 -5.25
N PHE A 116 3.75 -6.33 -4.51
CA PHE A 116 2.93 -7.37 -5.08
C PHE A 116 1.59 -6.82 -5.54
N ALA A 117 1.00 -5.97 -4.70
CA ALA A 117 -0.29 -5.36 -5.00
C ALA A 117 -0.21 -4.46 -6.24
N SER A 118 0.83 -3.65 -6.34
CA SER A 118 0.99 -2.75 -7.47
C SER A 118 1.10 -3.52 -8.78
N LYS A 119 1.84 -4.63 -8.75
CA LYS A 119 2.01 -5.46 -9.93
C LYS A 119 0.66 -6.04 -10.38
N LEU A 120 -0.15 -6.43 -9.41
CA LEU A 120 -1.48 -6.98 -9.69
C LEU A 120 -2.37 -5.90 -10.30
N VAL A 121 -2.31 -4.70 -9.73
CA VAL A 121 -3.10 -3.57 -10.20
C VAL A 121 -2.72 -3.23 -11.64
N LEU A 122 -1.41 -3.19 -11.91
CA LEU A 122 -0.93 -2.88 -13.25
C LEU A 122 -1.39 -3.93 -14.25
N LYS A 123 -1.39 -5.18 -13.81
CA LYS A 123 -1.83 -6.29 -14.66
C LYS A 123 -3.31 -6.17 -14.98
N ALA A 124 -4.10 -5.94 -13.94
CA ALA A 124 -5.55 -5.80 -14.08
C ALA A 124 -5.91 -4.56 -14.90
N LEU A 125 -5.10 -3.51 -14.76
CA LEU A 125 -5.32 -2.28 -15.51
C LEU A 125 -5.15 -2.53 -17.00
N CYS A 126 -4.20 -3.39 -17.33
CA CYS A 126 -3.95 -3.74 -18.73
C CYS A 126 -5.11 -4.57 -19.29
N THR A 127 -5.87 -5.19 -18.39
CA THR A 127 -7.02 -5.99 -18.79
C THR A 127 -8.23 -5.08 -19.00
N LYS A 128 -8.04 -3.79 -18.77
CA LYS A 128 -9.08 -2.78 -18.92
C LYS A 128 -10.28 -3.06 -18.04
N VAL A 129 -10.04 -3.12 -16.74
CA VAL A 129 -11.11 -3.36 -15.78
C VAL A 129 -10.88 -2.56 -14.48
N PRO A 130 -11.25 -1.26 -14.50
CA PRO A 130 -11.11 -0.36 -13.35
C PRO A 130 -11.85 -0.88 -12.11
N GLU A 131 -12.96 -1.58 -12.34
CA GLU A 131 -13.75 -2.13 -11.25
C GLU A 131 -12.92 -3.08 -10.40
N LEU A 132 -12.10 -3.91 -11.05
CA LEU A 132 -11.26 -4.86 -10.35
C LEU A 132 -10.23 -4.12 -9.51
N ILE A 133 -9.75 -2.98 -10.02
CA ILE A 133 -8.78 -2.16 -9.31
C ILE A 133 -9.37 -1.69 -8.00
N ARG A 134 -10.58 -1.15 -8.06
CA ARG A 134 -11.27 -0.66 -6.87
C ARG A 134 -11.62 -1.81 -5.93
N THR A 135 -11.72 -3.02 -6.48
CA THR A 135 -12.02 -4.20 -5.68
C THR A 135 -10.80 -4.57 -4.86
N ILE A 136 -9.63 -4.65 -5.51
CA ILE A 136 -8.39 -4.99 -4.83
C ILE A 136 -8.06 -3.92 -3.78
N MET A 137 -8.31 -2.66 -4.16
CA MET A 137 -8.08 -1.53 -3.27
C MET A 137 -8.87 -1.69 -1.98
N GLY A 138 -10.10 -2.19 -2.10
CA GLY A 138 -10.94 -2.40 -0.93
C GLY A 138 -10.34 -3.42 0.01
N TRP A 139 -9.78 -4.48 -0.57
CA TRP A 139 -9.14 -5.53 0.22
C TRP A 139 -7.88 -5.02 0.89
N THR A 140 -7.19 -4.10 0.21
CA THR A 140 -5.96 -3.52 0.74
C THR A 140 -6.26 -2.74 2.01
N LEU A 141 -7.30 -1.91 1.96
CA LEU A 141 -7.71 -1.12 3.11
C LEU A 141 -8.33 -2.02 4.17
N ASP A 142 -8.97 -3.09 3.72
CA ASP A 142 -9.62 -4.05 4.61
C ASP A 142 -8.60 -4.71 5.53
N PHE A 143 -7.56 -5.28 4.93
CA PHE A 143 -6.50 -5.94 5.69
C PHE A 143 -5.88 -4.99 6.71
N LEU A 144 -5.84 -3.71 6.33
CA LEU A 144 -5.29 -2.68 7.18
C LEU A 144 -6.17 -2.51 8.42
N ARG A 145 -7.48 -2.41 8.19
CA ARG A 145 -8.44 -2.25 9.27
C ARG A 145 -8.53 -3.51 10.12
N GLU A 146 -8.32 -4.66 9.47
CA GLU A 146 -8.39 -5.94 10.15
C GLU A 146 -7.34 -6.08 11.26
N ARG A 147 -6.07 -5.84 10.92
CA ARG A 147 -5.00 -5.99 11.92
C ARG A 147 -3.91 -4.92 11.84
N LEU A 148 -3.55 -4.50 10.63
CA LEU A 148 -2.47 -3.50 10.43
C LEU A 148 -2.65 -2.22 11.26
N LEU A 149 -3.87 -1.70 11.30
CA LEU A 149 -4.17 -0.47 12.02
C LEU A 149 -3.74 -0.53 13.48
N GLY A 150 -3.84 -1.72 14.08
CA GLY A 150 -3.47 -1.89 15.47
C GLY A 150 -2.00 -1.57 15.73
N TRP A 151 -1.14 -2.03 14.83
CA TRP A 151 0.30 -1.80 14.97
C TRP A 151 0.66 -0.36 14.59
N ILE A 152 -0.08 0.20 13.65
CA ILE A 152 0.16 1.57 13.20
C ILE A 152 -0.20 2.57 14.31
N GLN A 153 -1.31 2.31 14.99
CA GLN A 153 -1.75 3.17 16.08
C GLN A 153 -0.80 3.03 17.27
N ASP A 154 -0.23 1.85 17.43
CA ASP A 154 0.69 1.56 18.52
C ASP A 154 1.99 2.33 18.39
N GLN A 155 2.52 2.42 17.17
CA GLN A 155 3.76 3.13 16.93
C GLN A 155 3.56 4.64 16.93
N GLY A 156 2.35 5.07 16.59
CA GLY A 156 2.05 6.49 16.56
C GLY A 156 1.89 7.04 15.16
N GLY A 157 1.27 6.27 14.29
CA GLY A 157 1.07 6.71 12.93
C GLY A 157 1.99 6.00 11.95
N TRP A 158 2.24 6.64 10.82
CA TRP A 158 3.10 6.07 9.80
C TRP A 158 4.55 6.53 9.97
N ASP A 159 4.81 7.11 11.14
CA ASP A 159 6.14 7.60 11.48
C ASP A 159 7.16 6.46 11.49
N GLY A 160 6.70 5.28 11.87
CA GLY A 160 7.57 4.12 11.92
C GLY A 160 8.08 3.75 10.53
N LEU A 161 7.19 3.80 9.55
CA LEU A 161 7.55 3.46 8.17
C LEU A 161 8.59 4.44 7.65
N LEU A 162 8.44 5.71 8.01
CA LEU A 162 9.36 6.75 7.57
C LEU A 162 10.72 6.57 8.24
N SER A 163 10.72 5.89 9.39
CA SER A 163 11.95 5.64 10.13
C SER A 163 12.65 4.39 9.62
N TYR A 164 11.91 3.56 8.87
CA TYR A 164 12.47 2.33 8.32
C TYR A 164 13.28 2.65 7.07
N PHE A 165 13.04 3.83 6.50
CA PHE A 165 13.74 4.26 5.32
C PHE A 165 15.19 4.60 5.65
N GLY A 166 16.09 3.69 5.31
CA GLY A 166 17.49 3.92 5.55
C GLY A 166 18.24 4.21 4.26
N THR A 167 19.52 3.88 4.24
CA THR A 167 20.35 4.09 3.06
C THR A 167 21.52 3.09 3.01
N PRO A 168 22.38 3.04 4.05
CA PRO A 168 23.50 2.10 4.08
C PRO A 168 23.00 0.66 4.12
N THR A 169 23.68 -0.22 3.40
CA THR A 169 23.33 -1.64 3.35
C THR A 169 21.96 -1.86 2.71
N TRP A 170 21.57 -0.95 1.82
CA TRP A 170 20.28 -1.04 1.14
C TRP A 170 20.21 -2.26 0.23
N GLN A 171 21.37 -2.75 -0.20
CA GLN A 171 21.44 -3.92 -1.06
C GLN A 171 20.84 -5.12 -0.35
N THR A 172 21.28 -5.35 0.88
CA THR A 172 20.79 -6.46 1.69
C THR A 172 19.29 -6.33 1.94
N VAL A 173 18.83 -5.10 2.14
CA VAL A 173 17.41 -4.84 2.37
C VAL A 173 16.60 -5.23 1.15
N THR A 174 17.12 -4.87 -0.02
CA THR A 174 16.47 -5.18 -1.29
C THR A 174 16.35 -6.69 -1.46
N ILE A 175 17.45 -7.39 -1.18
CA ILE A 175 17.48 -8.85 -1.29
C ILE A 175 16.52 -9.49 -0.30
N PHE A 176 16.45 -8.91 0.89
CA PHE A 176 15.57 -9.41 1.95
C PHE A 176 14.12 -9.43 1.48
N VAL A 177 13.68 -8.33 0.85
CA VAL A 177 12.32 -8.23 0.35
C VAL A 177 12.07 -9.28 -0.73
N ALA A 178 13.01 -9.42 -1.66
CA ALA A 178 12.90 -10.39 -2.73
C ALA A 178 12.84 -11.81 -2.17
N GLY A 179 13.64 -12.06 -1.14
CA GLY A 179 13.66 -13.37 -0.51
C GLY A 179 12.32 -13.75 0.07
N VAL A 180 11.69 -12.81 0.77
CA VAL A 180 10.38 -13.05 1.38
C VAL A 180 9.34 -13.37 0.30
N LEU A 181 9.35 -12.57 -0.77
CA LEU A 181 8.43 -12.78 -1.87
C LEU A 181 8.65 -14.13 -2.53
N THR A 182 9.91 -14.51 -2.71
CA THR A 182 10.25 -15.78 -3.32
C THR A 182 9.75 -16.95 -2.47
N ALA A 183 9.88 -16.80 -1.14
CA ALA A 183 9.44 -17.83 -0.22
C ALA A 183 7.95 -18.11 -0.38
N SER A 184 7.14 -17.07 -0.32
CA SER A 184 5.70 -17.19 -0.46
C SER A 184 5.32 -17.71 -1.85
N LEU A 185 6.03 -17.23 -2.87
CA LEU A 185 5.76 -17.65 -4.25
C LEU A 185 6.01 -19.14 -4.42
N THR A 186 7.02 -19.68 -3.73
CA THR A 186 7.34 -21.09 -3.81
C THR A 186 6.20 -21.93 -3.21
N ILE A 187 5.58 -21.40 -2.16
CA ILE A 187 4.47 -22.11 -1.51
C ILE A 187 3.24 -22.07 -2.41
N TRP A 188 3.19 -21.07 -3.28
CA TRP A 188 2.08 -20.93 -4.22
C TRP A 188 2.28 -21.83 -5.43
N LYS A 189 3.35 -21.58 -6.16
CA LYS A 189 3.66 -22.36 -7.35
C LYS A 189 4.54 -23.56 -7.00
N LYS A 190 3.96 -24.53 -6.33
CA LYS A 190 4.66 -25.73 -5.92
C LYS A 190 4.45 -26.86 -6.94
N MET A 191 4.92 -26.62 -8.16
CA MET A 191 4.80 -27.59 -9.26
C MET A 191 3.36 -27.70 -9.75
N GLY A 192 2.48 -26.92 -9.13
CA GLY A 192 1.08 -26.93 -9.50
C GLY A 192 0.25 -26.29 -8.42
N GLU B 1 -12.91 -7.98 6.19
CA GLU B 1 -13.96 -8.80 5.55
C GLU B 1 -14.72 -8.01 4.48
N ILE B 2 -15.70 -8.65 3.85
CA ILE B 2 -16.48 -8.03 2.78
C ILE B 2 -17.11 -6.69 3.19
N TRP B 3 -17.90 -6.70 4.27
CA TRP B 3 -18.55 -5.48 4.74
C TRP B 3 -17.55 -4.42 5.15
N ILE B 4 -16.47 -4.84 5.81
CA ILE B 4 -15.44 -3.91 6.26
C ILE B 4 -14.79 -3.24 5.05
N ALA B 5 -14.39 -4.05 4.07
CA ALA B 5 -13.77 -3.53 2.85
C ALA B 5 -14.72 -2.59 2.11
N GLN B 6 -16.02 -2.82 2.26
CA GLN B 6 -17.03 -2.00 1.63
C GLN B 6 -16.97 -0.56 2.16
N GLU B 7 -16.93 -0.43 3.49
CA GLU B 7 -16.85 0.88 4.12
C GLU B 7 -15.52 1.54 3.80
N LEU B 8 -14.46 0.74 3.86
CA LEU B 8 -13.12 1.23 3.57
C LEU B 8 -13.00 1.69 2.11
N ARG B 9 -13.64 0.96 1.21
CA ARG B 9 -13.63 1.31 -0.21
C ARG B 9 -14.23 2.70 -0.39
N ARG B 10 -15.26 2.98 0.39
CA ARG B 10 -15.93 4.27 0.35
C ARG B 10 -15.00 5.36 0.90
N ILE B 11 -14.18 4.98 1.88
CA ILE B 11 -13.24 5.90 2.49
C ILE B 11 -12.15 6.28 1.49
N GLY B 12 -11.64 5.29 0.76
CA GLY B 12 -10.63 5.55 -0.23
C GLY B 12 -11.20 6.33 -1.39
N ASP B 13 -12.48 6.11 -1.68
CA ASP B 13 -13.17 6.79 -2.76
C ASP B 13 -13.48 8.24 -2.42
N GLU B 14 -13.92 8.48 -1.19
CA GLU B 14 -14.24 9.84 -0.75
C GLU B 14 -12.98 10.71 -0.80
N PHE B 15 -11.85 10.09 -0.50
CA PHE B 15 -10.57 10.77 -0.53
C PHE B 15 -10.11 10.97 -1.95
N ASN B 16 -10.43 10.01 -2.81
CA ASN B 16 -10.07 10.04 -4.21
C ASN B 16 -10.73 11.21 -4.92
N ALA B 17 -12.00 11.41 -4.62
CA ALA B 17 -12.76 12.50 -5.23
C ALA B 17 -12.29 13.87 -4.72
N TYR B 18 -11.40 13.85 -3.74
CA TYR B 18 -10.88 15.07 -3.17
C TYR B 18 -9.40 15.26 -3.54
N TYR B 19 -8.87 14.34 -4.34
CA TYR B 19 -7.47 14.42 -4.75
C TYR B 19 -7.25 14.15 -6.24
N ALA B 20 -8.12 13.37 -6.84
CA ALA B 20 -7.99 13.05 -8.26
C ALA B 20 -9.36 12.84 -8.89
N MET A 1 -11.73 29.49 23.48
CA MET A 1 -10.88 29.39 24.68
C MET A 1 -9.94 28.19 24.61
N ASP A 2 -10.45 27.07 24.09
CA ASP A 2 -9.67 25.84 23.97
C ASP A 2 -8.43 26.04 23.09
N GLY A 3 -8.55 26.84 22.05
CA GLY A 3 -7.42 27.10 21.16
C GLY A 3 -6.35 27.91 21.83
N SER A 4 -6.75 28.74 22.79
CA SER A 4 -5.83 29.58 23.53
C SER A 4 -5.38 28.89 24.81
N GLY A 5 -5.73 27.61 24.94
CA GLY A 5 -5.35 26.84 26.12
C GLY A 5 -3.94 26.32 26.04
N GLU A 6 -3.51 25.62 27.09
CA GLU A 6 -2.16 25.08 27.13
C GLU A 6 -2.02 23.90 26.16
N GLN A 7 -1.37 24.16 25.04
CA GLN A 7 -1.16 23.15 24.03
C GLN A 7 0.32 23.02 23.72
N PRO A 8 0.91 21.85 24.01
CA PRO A 8 2.33 21.60 23.76
C PRO A 8 2.59 21.31 22.28
N ARG A 9 2.55 22.37 21.48
CA ARG A 9 2.76 22.29 20.03
C ARG A 9 1.56 21.69 19.30
N GLY A 10 1.18 20.49 19.70
CA GLY A 10 0.05 19.84 19.07
C GLY A 10 -0.76 19.02 20.06
N GLY A 11 -2.06 18.95 19.84
CA GLY A 11 -2.93 18.19 20.71
C GLY A 11 -3.19 16.81 20.15
N GLY A 12 -3.66 15.90 21.00
CA GLY A 12 -3.92 14.55 20.55
C GLY A 12 -5.40 14.26 20.36
N PRO A 13 -5.89 14.29 19.11
CA PRO A 13 -7.29 14.02 18.80
C PRO A 13 -7.47 12.56 18.37
N THR A 14 -8.56 12.28 17.67
CA THR A 14 -8.84 10.94 17.20
C THR A 14 -7.72 10.43 16.28
N SER A 15 -7.06 9.37 16.71
CA SER A 15 -5.97 8.78 15.95
C SER A 15 -6.37 7.45 15.33
N SER A 16 -7.61 7.03 15.60
CA SER A 16 -8.11 5.77 15.09
C SER A 16 -8.46 5.86 13.60
N GLU A 17 -9.52 6.59 13.30
CA GLU A 17 -9.97 6.77 11.92
C GLU A 17 -8.94 7.57 11.11
N GLN A 18 -8.13 8.35 11.82
CA GLN A 18 -7.10 9.17 11.20
C GLN A 18 -6.17 8.31 10.35
N ILE A 19 -5.76 7.17 10.91
CA ILE A 19 -4.86 6.24 10.21
C ILE A 19 -5.55 5.67 8.98
N MET A 20 -6.83 5.34 9.12
CA MET A 20 -7.61 4.78 8.03
C MET A 20 -7.67 5.75 6.86
N LYS A 21 -7.88 7.03 7.16
CA LYS A 21 -7.95 8.06 6.14
C LYS A 21 -6.62 8.21 5.42
N THR A 22 -5.52 7.99 6.15
CA THR A 22 -4.19 8.08 5.56
C THR A 22 -4.00 6.99 4.52
N GLY A 23 -4.46 5.78 4.85
CA GLY A 23 -4.34 4.66 3.95
C GLY A 23 -5.10 4.88 2.65
N ALA A 24 -6.28 5.51 2.76
CA ALA A 24 -7.10 5.78 1.59
C ALA A 24 -6.40 6.75 0.64
N LEU A 25 -5.62 7.67 1.19
CA LEU A 25 -4.90 8.64 0.39
C LEU A 25 -3.61 8.04 -0.17
N LEU A 26 -2.94 7.22 0.64
CA LEU A 26 -1.70 6.58 0.24
C LEU A 26 -1.91 5.71 -1.00
N LEU A 27 -2.98 4.93 -1.00
CA LEU A 27 -3.30 4.06 -2.13
C LEU A 27 -3.58 4.89 -3.38
N GLN A 28 -4.32 5.99 -3.21
CA GLN A 28 -4.66 6.86 -4.33
C GLN A 28 -3.41 7.44 -4.95
N GLY A 29 -2.54 7.99 -4.11
CA GLY A 29 -1.31 8.60 -4.58
C GLY A 29 -0.41 7.62 -5.31
N PHE A 30 -0.25 6.43 -4.72
CA PHE A 30 0.60 5.40 -5.32
C PHE A 30 0.07 4.97 -6.68
N ILE A 31 -1.25 4.76 -6.77
CA ILE A 31 -1.87 4.35 -8.02
C ILE A 31 -1.80 5.47 -9.06
N GLN A 32 -2.14 6.68 -8.64
CA GLN A 32 -2.12 7.84 -9.54
C GLN A 32 -0.73 8.10 -10.10
N ASP A 33 0.28 8.00 -9.25
CA ASP A 33 1.66 8.22 -9.68
C ASP A 33 2.08 7.22 -10.74
N ARG A 34 1.74 5.96 -10.51
CA ARG A 34 2.08 4.91 -11.45
C ARG A 34 1.21 4.97 -12.70
N ALA A 35 -0.03 5.43 -12.54
CA ALA A 35 -0.95 5.57 -13.66
C ALA A 35 -0.51 6.72 -14.56
N GLY A 36 0.27 7.63 -13.97
CA GLY A 36 0.77 8.78 -14.72
C GLY A 36 1.80 8.37 -15.75
N ARG A 37 2.16 7.10 -15.75
CA ARG A 37 3.12 6.56 -16.70
C ARG A 37 2.40 5.87 -17.85
N MET A 38 1.07 5.97 -17.83
CA MET A 38 0.24 5.37 -18.87
C MET A 38 -0.25 6.42 -19.86
N GLY A 39 -1.26 7.18 -19.45
CA GLY A 39 -1.81 8.21 -20.32
C GLY A 39 -3.10 8.77 -19.78
N GLY A 40 -3.44 9.97 -20.21
CA GLY A 40 -4.65 10.62 -19.76
C GLY A 40 -5.70 10.68 -20.85
N GLU A 41 -6.96 10.51 -20.48
CA GLU A 41 -8.05 10.55 -21.44
C GLU A 41 -8.40 11.99 -21.85
N ALA A 42 -7.48 12.64 -22.55
CA ALA A 42 -7.65 14.01 -23.01
C ALA A 42 -7.95 14.96 -21.86
N PRO A 43 -6.93 15.30 -21.05
CA PRO A 43 -7.09 16.19 -19.89
C PRO A 43 -7.42 17.62 -20.32
N GLU A 44 -8.70 17.95 -20.32
CA GLU A 44 -9.16 19.27 -20.71
C GLU A 44 -9.24 20.16 -19.48
N LEU A 45 -10.10 19.79 -18.54
CA LEU A 45 -10.28 20.55 -17.31
C LEU A 45 -9.38 19.98 -16.21
N ALA A 46 -9.65 18.73 -15.85
CA ALA A 46 -8.89 18.03 -14.80
C ALA A 46 -9.18 18.61 -13.42
N LEU A 47 -8.79 17.89 -12.39
CA LEU A 47 -9.00 18.35 -11.03
C LEU A 47 -7.73 18.18 -10.21
N ASP A 48 -7.37 19.21 -9.47
CA ASP A 48 -6.18 19.19 -8.63
C ASP A 48 -6.36 20.11 -7.43
N PRO A 49 -6.47 19.52 -6.22
CA PRO A 49 -6.64 20.27 -4.99
C PRO A 49 -5.29 20.68 -4.39
N VAL A 50 -4.21 20.26 -5.05
CA VAL A 50 -2.85 20.56 -4.60
C VAL A 50 -2.56 19.98 -3.22
N PRO A 51 -2.04 18.73 -3.18
CA PRO A 51 -1.69 18.05 -1.93
C PRO A 51 -0.70 18.87 -1.12
N GLN A 52 -1.17 19.44 -0.02
CA GLN A 52 -0.34 20.26 0.85
C GLN A 52 0.32 19.45 1.95
N ASP A 53 -0.13 18.22 2.15
CA ASP A 53 0.43 17.36 3.18
C ASP A 53 1.77 16.78 2.73
N ALA A 54 2.78 16.97 3.55
CA ALA A 54 4.12 16.47 3.24
C ALA A 54 4.32 15.05 3.74
N SER A 55 3.43 14.59 4.61
CA SER A 55 3.54 13.25 5.17
C SER A 55 3.27 12.19 4.11
N THR A 56 2.12 12.27 3.46
CA THR A 56 1.75 11.33 2.43
C THR A 56 2.72 11.39 1.25
N LYS A 57 3.13 12.60 0.88
CA LYS A 57 4.05 12.80 -0.22
C LYS A 57 5.40 12.15 0.07
N LYS A 58 5.88 12.34 1.30
CA LYS A 58 7.16 11.76 1.72
C LYS A 58 7.08 10.24 1.70
N LEU A 59 6.03 9.70 2.30
CA LEU A 59 5.83 8.25 2.36
C LEU A 59 5.76 7.64 0.97
N SER A 60 4.92 8.20 0.12
CA SER A 60 4.75 7.69 -1.23
C SER A 60 6.05 7.82 -2.04
N GLU A 61 6.82 8.87 -1.77
CA GLU A 61 8.08 9.10 -2.48
C GLU A 61 9.05 7.94 -2.23
N CYS A 62 9.34 7.66 -0.96
CA CYS A 62 10.26 6.59 -0.61
C CYS A 62 9.75 5.22 -1.08
N LEU A 63 8.45 4.98 -0.93
CA LEU A 63 7.87 3.72 -1.34
C LEU A 63 7.97 3.55 -2.86
N LYS A 64 7.74 4.62 -3.59
CA LYS A 64 7.80 4.60 -5.05
C LYS A 64 9.21 4.30 -5.54
N ARG A 65 10.18 5.04 -5.02
CA ARG A 65 11.57 4.85 -5.45
C ARG A 65 12.11 3.47 -5.09
N ILE A 66 11.71 2.96 -3.92
CA ILE A 66 12.16 1.64 -3.49
C ILE A 66 11.45 0.55 -4.30
N GLY A 67 10.14 0.71 -4.46
CA GLY A 67 9.37 -0.26 -5.21
C GLY A 67 9.81 -0.37 -6.66
N ASP A 68 10.15 0.77 -7.26
CA ASP A 68 10.59 0.79 -8.65
C ASP A 68 11.97 0.14 -8.80
N GLU A 69 12.75 0.14 -7.71
CA GLU A 69 14.06 -0.48 -7.72
C GLU A 69 13.90 -2.00 -7.66
N LEU A 70 12.78 -2.43 -7.12
CA LEU A 70 12.47 -3.86 -7.00
C LEU A 70 11.93 -4.38 -8.33
N ASP A 71 11.94 -3.51 -9.33
CA ASP A 71 11.47 -3.87 -10.66
C ASP A 71 12.67 -4.03 -11.59
N SER A 72 13.83 -3.60 -11.10
CA SER A 72 15.06 -3.68 -11.86
C SER A 72 15.55 -5.12 -11.92
N ASN A 73 15.34 -5.86 -10.84
CA ASN A 73 15.74 -7.25 -10.74
C ASN A 73 14.87 -8.13 -11.63
N MET A 74 15.42 -8.49 -12.79
CA MET A 74 14.71 -9.31 -13.77
C MET A 74 14.29 -10.66 -13.21
N GLU A 75 15.07 -11.20 -12.27
CA GLU A 75 14.78 -12.50 -11.68
C GLU A 75 13.41 -12.49 -11.00
N LEU A 76 13.24 -11.59 -10.04
CA LEU A 76 11.98 -11.50 -9.31
C LEU A 76 10.83 -11.08 -10.23
N GLN A 77 11.11 -10.19 -11.18
CA GLN A 77 10.09 -9.72 -12.11
C GLN A 77 9.56 -10.88 -12.95
N ARG A 78 10.47 -11.74 -13.40
CA ARG A 78 10.11 -12.90 -14.21
C ARG A 78 9.23 -13.84 -13.39
N MET A 79 9.49 -13.90 -12.09
CA MET A 79 8.73 -14.75 -11.19
C MET A 79 7.31 -14.22 -11.01
N ILE A 80 7.19 -12.90 -10.95
CA ILE A 80 5.88 -12.27 -10.79
C ILE A 80 4.99 -12.57 -12.00
N ALA A 81 5.61 -12.60 -13.18
CA ALA A 81 4.88 -12.88 -14.42
C ALA A 81 4.47 -14.34 -14.49
N ALA A 82 4.99 -15.15 -13.57
CA ALA A 82 4.68 -16.57 -13.53
C ALA A 82 3.55 -16.85 -12.55
N VAL A 83 2.93 -15.79 -12.04
CA VAL A 83 1.83 -15.95 -11.10
C VAL A 83 0.56 -16.35 -11.84
N ASP A 84 -0.26 -17.17 -11.21
CA ASP A 84 -1.51 -17.62 -11.82
C ASP A 84 -2.65 -16.67 -11.49
N THR A 85 -3.09 -15.92 -12.48
CA THR A 85 -4.18 -14.97 -12.29
C THR A 85 -5.53 -15.67 -12.42
N ASP A 86 -5.77 -16.61 -11.51
CA ASP A 86 -7.03 -17.35 -11.49
C ASP A 86 -7.97 -16.79 -10.44
N SER A 87 -7.59 -16.97 -9.18
CA SER A 87 -8.40 -16.48 -8.08
C SER A 87 -7.63 -15.43 -7.28
N PRO A 88 -7.87 -14.13 -7.59
CA PRO A 88 -7.21 -13.01 -6.93
C PRO A 88 -7.42 -12.98 -5.42
N ARG A 89 -8.64 -13.28 -4.99
CA ARG A 89 -8.97 -13.30 -3.57
C ARG A 89 -8.08 -14.27 -2.81
N GLU A 90 -7.99 -15.48 -3.33
CA GLU A 90 -7.18 -16.53 -2.73
C GLU A 90 -5.72 -16.11 -2.61
N VAL A 91 -5.16 -15.64 -3.73
CA VAL A 91 -3.77 -15.21 -3.77
C VAL A 91 -3.50 -14.09 -2.77
N PHE A 92 -4.34 -13.05 -2.79
CA PHE A 92 -4.18 -11.90 -1.91
C PHE A 92 -4.27 -12.29 -0.43
N PHE A 93 -5.30 -13.05 -0.09
CA PHE A 93 -5.51 -13.47 1.29
C PHE A 93 -4.39 -14.41 1.75
N ARG A 94 -3.94 -15.26 0.86
CA ARG A 94 -2.88 -16.20 1.17
C ARG A 94 -1.56 -15.48 1.49
N VAL A 95 -1.12 -14.60 0.59
CA VAL A 95 0.14 -13.88 0.81
C VAL A 95 0.06 -12.97 2.03
N ALA A 96 -1.13 -12.50 2.35
CA ALA A 96 -1.33 -11.65 3.51
C ALA A 96 -1.06 -12.43 4.79
N ALA A 97 -1.53 -13.66 4.83
CA ALA A 97 -1.36 -14.52 5.99
C ALA A 97 0.00 -15.21 5.97
N ASP A 98 0.54 -15.39 4.76
CA ASP A 98 1.85 -16.04 4.58
C ASP A 98 2.94 -15.23 5.26
N MET A 99 2.87 -13.92 5.13
CA MET A 99 3.86 -13.03 5.73
C MET A 99 3.53 -12.79 7.21
N PHE A 100 2.38 -13.27 7.64
CA PHE A 100 1.95 -13.11 9.03
C PHE A 100 1.91 -14.47 9.72
N SER A 101 2.61 -15.43 9.15
CA SER A 101 2.68 -16.78 9.70
C SER A 101 3.35 -16.78 11.06
N ASP A 102 4.53 -16.18 11.12
CA ASP A 102 5.30 -16.09 12.36
C ASP A 102 4.86 -14.88 13.17
N GLY A 103 4.36 -13.87 12.47
CA GLY A 103 3.94 -12.65 13.13
C GLY A 103 5.10 -11.73 13.43
N ASN A 104 6.15 -11.84 12.64
CA ASN A 104 7.33 -11.02 12.81
C ASN A 104 7.15 -9.63 12.23
N PHE A 105 7.28 -8.61 13.06
CA PHE A 105 7.12 -7.23 12.64
C PHE A 105 8.45 -6.68 12.13
N ASN A 106 8.83 -7.12 10.94
CA ASN A 106 10.08 -6.71 10.31
C ASN A 106 9.91 -5.53 9.37
N TRP A 107 8.65 -5.07 9.22
CA TRP A 107 8.32 -3.95 8.33
C TRP A 107 8.39 -4.33 6.85
N GLY A 108 9.35 -5.17 6.50
CA GLY A 108 9.52 -5.60 5.12
C GLY A 108 8.26 -6.25 4.57
N ARG A 109 7.52 -6.94 5.43
CA ARG A 109 6.30 -7.61 5.02
C ARG A 109 5.23 -6.61 4.60
N VAL A 110 5.44 -5.34 4.92
CA VAL A 110 4.49 -4.29 4.57
C VAL A 110 4.82 -3.74 3.19
N VAL A 111 6.07 -3.36 2.99
CA VAL A 111 6.51 -2.82 1.70
C VAL A 111 6.42 -3.89 0.60
N ALA A 112 6.68 -5.14 0.96
CA ALA A 112 6.60 -6.24 0.01
C ALA A 112 5.17 -6.43 -0.46
N LEU A 113 4.23 -6.27 0.47
CA LEU A 113 2.81 -6.41 0.16
C LEU A 113 2.37 -5.31 -0.80
N PHE A 114 2.86 -4.10 -0.56
CA PHE A 114 2.54 -2.96 -1.39
C PHE A 114 3.05 -3.15 -2.81
N TYR A 115 4.26 -3.70 -2.93
CA TYR A 115 4.87 -3.95 -4.23
C TYR A 115 4.09 -5.02 -4.99
N PHE A 116 3.67 -6.05 -4.27
CA PHE A 116 2.91 -7.14 -4.88
C PHE A 116 1.54 -6.65 -5.34
N ALA A 117 0.88 -5.87 -4.48
CA ALA A 117 -0.44 -5.33 -4.79
C ALA A 117 -0.41 -4.41 -5.99
N SER A 118 0.56 -3.50 -6.03
CA SER A 118 0.68 -2.54 -7.13
C SER A 118 0.91 -3.25 -8.47
N LYS A 119 1.71 -4.32 -8.44
CA LYS A 119 1.99 -5.08 -9.65
C LYS A 119 0.71 -5.73 -10.17
N LEU A 120 -0.14 -6.20 -9.26
CA LEU A 120 -1.40 -6.82 -9.62
C LEU A 120 -2.35 -5.75 -10.17
N VAL A 121 -2.33 -4.57 -9.56
CA VAL A 121 -3.18 -3.47 -9.98
C VAL A 121 -2.84 -3.07 -11.41
N LEU A 122 -1.55 -2.95 -11.71
CA LEU A 122 -1.08 -2.58 -13.04
C LEU A 122 -1.50 -3.64 -14.07
N LYS A 123 -1.49 -4.90 -13.64
CA LYS A 123 -1.87 -6.01 -14.50
C LYS A 123 -3.36 -5.93 -14.83
N ALA A 124 -4.17 -5.67 -13.80
CA ALA A 124 -5.61 -5.55 -13.97
C ALA A 124 -5.94 -4.33 -14.81
N LEU A 125 -5.14 -3.28 -14.68
CA LEU A 125 -5.33 -2.06 -15.44
C LEU A 125 -5.18 -2.33 -16.93
N CYS A 126 -4.25 -3.23 -17.26
CA CYS A 126 -4.00 -3.59 -18.66
C CYS A 126 -5.16 -4.43 -19.20
N THR A 127 -5.97 -4.95 -18.30
CA THR A 127 -7.12 -5.76 -18.68
C THR A 127 -8.34 -4.86 -18.85
N LYS A 128 -8.12 -3.55 -18.62
CA LYS A 128 -9.18 -2.54 -18.77
C LYS A 128 -10.36 -2.76 -17.81
N VAL A 129 -10.06 -3.23 -16.62
CA VAL A 129 -11.09 -3.45 -15.62
C VAL A 129 -10.86 -2.56 -14.39
N PRO A 130 -11.36 -1.31 -14.44
CA PRO A 130 -11.21 -0.33 -13.36
C PRO A 130 -11.90 -0.76 -12.07
N GLU A 131 -13.01 -1.48 -12.20
CA GLU A 131 -13.76 -1.94 -11.03
C GLU A 131 -12.91 -2.83 -10.14
N LEU A 132 -12.13 -3.71 -10.75
CA LEU A 132 -11.27 -4.62 -10.01
C LEU A 132 -10.25 -3.84 -9.19
N ILE A 133 -9.79 -2.72 -9.75
CA ILE A 133 -8.82 -1.87 -9.09
C ILE A 133 -9.38 -1.35 -7.76
N ARG A 134 -10.66 -0.99 -7.77
CA ARG A 134 -11.31 -0.49 -6.57
C ARG A 134 -11.56 -1.64 -5.60
N THR A 135 -11.85 -2.82 -6.13
CA THR A 135 -12.10 -4.00 -5.31
C THR A 135 -10.84 -4.43 -4.58
N ILE A 136 -9.70 -4.41 -5.27
CA ILE A 136 -8.42 -4.79 -4.67
C ILE A 136 -8.09 -3.85 -3.51
N MET A 137 -8.34 -2.55 -3.72
CA MET A 137 -8.08 -1.54 -2.70
C MET A 137 -8.91 -1.82 -1.45
N GLY A 138 -10.12 -2.33 -1.65
CA GLY A 138 -10.99 -2.66 -0.53
C GLY A 138 -10.37 -3.72 0.35
N TRP A 139 -9.72 -4.70 -0.29
CA TRP A 139 -9.07 -5.78 0.43
C TRP A 139 -7.82 -5.28 1.14
N THR A 140 -7.15 -4.32 0.51
CA THR A 140 -5.94 -3.75 1.08
C THR A 140 -6.25 -3.02 2.38
N LEU A 141 -7.35 -2.27 2.37
CA LEU A 141 -7.78 -1.53 3.55
C LEU A 141 -8.36 -2.48 4.60
N ASP A 142 -9.04 -3.52 4.13
CA ASP A 142 -9.67 -4.51 5.01
C ASP A 142 -8.63 -5.11 5.98
N PHE A 143 -7.59 -5.69 5.40
CA PHE A 143 -6.52 -6.29 6.19
C PHE A 143 -5.80 -5.24 7.04
N LEU A 144 -5.76 -4.02 6.53
CA LEU A 144 -5.10 -2.92 7.23
C LEU A 144 -5.85 -2.57 8.51
N ARG A 145 -7.16 -2.35 8.40
CA ARG A 145 -7.97 -1.99 9.56
C ARG A 145 -8.15 -3.17 10.52
N GLU A 146 -8.01 -4.37 9.98
CA GLU A 146 -8.17 -5.57 10.79
C GLU A 146 -6.91 -5.92 11.59
N ARG A 147 -5.74 -5.64 11.03
CA ARG A 147 -4.50 -5.97 11.72
C ARG A 147 -3.54 -4.78 11.86
N LEU A 148 -3.15 -4.19 10.73
CA LEU A 148 -2.19 -3.08 10.72
C LEU A 148 -2.57 -1.91 11.64
N LEU A 149 -3.87 -1.62 11.73
CA LEU A 149 -4.37 -0.52 12.56
C LEU A 149 -3.80 -0.56 13.98
N GLY A 150 -3.86 -1.74 14.61
CA GLY A 150 -3.37 -1.89 15.96
C GLY A 150 -1.88 -1.63 16.08
N TRP A 151 -1.13 -2.07 15.07
CA TRP A 151 0.31 -1.90 15.08
C TRP A 151 0.70 -0.43 14.86
N ILE A 152 0.02 0.22 13.93
CA ILE A 152 0.28 1.62 13.63
C ILE A 152 -0.09 2.52 14.81
N GLN A 153 -1.17 2.18 15.50
CA GLN A 153 -1.63 2.96 16.64
C GLN A 153 -0.74 2.72 17.87
N ASP A 154 -0.10 1.55 17.92
CA ASP A 154 0.77 1.20 19.03
C ASP A 154 2.09 1.98 18.96
N GLN A 155 2.65 2.06 17.76
CA GLN A 155 3.91 2.77 17.56
C GLN A 155 3.71 4.28 17.62
N GLY A 156 2.57 4.74 17.14
CA GLY A 156 2.28 6.16 17.17
C GLY A 156 2.29 6.79 15.78
N GLY A 157 1.56 6.20 14.86
CA GLY A 157 1.50 6.72 13.51
C GLY A 157 2.43 5.99 12.57
N TRP A 158 2.68 6.57 11.42
CA TRP A 158 3.55 5.95 10.42
C TRP A 158 5.01 6.36 10.64
N ASP A 159 5.30 6.78 11.87
CA ASP A 159 6.65 7.21 12.24
C ASP A 159 7.63 6.05 12.17
N GLY A 160 7.15 4.86 12.52
CA GLY A 160 7.98 3.67 12.49
C GLY A 160 8.52 3.39 11.10
N LEU A 161 7.64 3.54 10.11
CA LEU A 161 8.02 3.30 8.71
C LEU A 161 9.09 4.30 8.26
N LEU A 162 8.89 5.57 8.59
CA LEU A 162 9.83 6.61 8.22
C LEU A 162 11.18 6.40 8.89
N SER A 163 11.16 6.02 10.16
CA SER A 163 12.38 5.79 10.91
C SER A 163 13.07 4.50 10.45
N TYR A 164 12.29 3.55 9.96
CA TYR A 164 12.80 2.29 9.48
C TYR A 164 13.65 2.49 8.22
N PHE A 165 13.29 3.51 7.44
CA PHE A 165 14.00 3.83 6.21
C PHE A 165 15.47 4.13 6.49
N GLY A 166 16.34 3.20 6.10
CA GLY A 166 17.75 3.37 6.32
C GLY A 166 18.51 3.53 5.02
N THR A 167 19.70 4.11 5.10
CA THR A 167 20.53 4.31 3.91
C THR A 167 21.67 3.29 3.81
N PRO A 168 22.52 3.17 4.85
CA PRO A 168 23.63 2.21 4.83
C PRO A 168 23.15 0.76 4.90
N THR A 169 23.89 -0.13 4.24
CA THR A 169 23.54 -1.55 4.22
C THR A 169 22.18 -1.78 3.55
N TRP A 170 21.87 -0.93 2.57
CA TRP A 170 20.60 -1.00 1.85
C TRP A 170 20.47 -2.27 1.03
N GLN A 171 21.60 -2.80 0.56
CA GLN A 171 21.62 -4.01 -0.25
C GLN A 171 20.99 -5.17 0.51
N THR A 172 21.32 -5.28 1.79
CA THR A 172 20.79 -6.34 2.64
C THR A 172 19.28 -6.19 2.80
N VAL A 173 18.81 -4.95 2.76
CA VAL A 173 17.38 -4.67 2.88
C VAL A 173 16.64 -5.17 1.66
N THR A 174 17.20 -4.88 0.48
CA THR A 174 16.60 -5.31 -0.79
C THR A 174 16.49 -6.83 -0.84
N ILE A 175 17.57 -7.51 -0.47
CA ILE A 175 17.60 -8.97 -0.47
C ILE A 175 16.56 -9.52 0.51
N PHE A 176 16.42 -8.85 1.65
CA PHE A 176 15.47 -9.27 2.66
C PHE A 176 14.04 -9.20 2.14
N VAL A 177 13.68 -8.07 1.55
CA VAL A 177 12.34 -7.88 1.00
C VAL A 177 12.05 -8.89 -0.11
N ALA A 178 13.04 -9.07 -0.99
CA ALA A 178 12.91 -10.00 -2.10
C ALA A 178 12.72 -11.43 -1.59
N GLY A 179 13.40 -11.74 -0.50
CA GLY A 179 13.30 -13.05 0.10
C GLY A 179 11.89 -13.38 0.55
N VAL A 180 11.24 -12.40 1.18
CA VAL A 180 9.88 -12.58 1.67
C VAL A 180 8.95 -12.91 0.51
N LEU A 181 9.05 -12.12 -0.55
CA LEU A 181 8.23 -12.30 -1.74
C LEU A 181 8.49 -13.66 -2.39
N THR A 182 9.77 -14.02 -2.47
CA THR A 182 10.16 -15.30 -3.07
C THR A 182 9.63 -16.47 -2.24
N ALA A 183 9.64 -16.33 -0.92
CA ALA A 183 9.15 -17.38 -0.03
C ALA A 183 7.69 -17.71 -0.29
N SER A 184 6.83 -16.70 -0.18
CA SER A 184 5.40 -16.87 -0.39
C SER A 184 5.09 -17.36 -1.81
N LEU A 185 5.85 -16.85 -2.79
CA LEU A 185 5.64 -17.23 -4.18
C LEU A 185 5.98 -18.70 -4.41
N THR A 186 7.04 -19.18 -3.75
CA THR A 186 7.45 -20.57 -3.88
C THR A 186 6.37 -21.51 -3.33
N ILE A 187 5.75 -21.10 -2.23
CA ILE A 187 4.68 -21.87 -1.61
C ILE A 187 3.43 -21.84 -2.50
N TRP A 188 3.23 -20.71 -3.16
CA TRP A 188 2.08 -20.55 -4.05
C TRP A 188 2.23 -21.38 -5.32
N LYS A 189 3.33 -21.17 -6.03
CA LYS A 189 3.59 -21.91 -7.25
C LYS A 189 4.20 -23.28 -6.95
N LYS A 190 3.41 -24.12 -6.31
CA LYS A 190 3.84 -25.47 -5.95
C LYS A 190 3.56 -26.43 -7.10
N MET A 191 4.23 -26.18 -8.23
CA MET A 191 4.08 -27.00 -9.44
C MET A 191 2.77 -26.69 -10.17
N GLY A 192 1.67 -26.68 -9.43
CA GLY A 192 0.38 -26.40 -10.01
C GLY A 192 -0.25 -25.19 -9.35
N GLU B 1 -13.11 -8.69 6.14
CA GLU B 1 -13.84 -9.57 5.20
C GLU B 1 -14.82 -8.76 4.34
N ILE B 2 -15.69 -9.47 3.63
CA ILE B 2 -16.69 -8.86 2.74
C ILE B 2 -17.26 -7.52 3.24
N TRP B 3 -17.90 -7.54 4.40
CA TRP B 3 -18.50 -6.34 4.98
C TRP B 3 -17.49 -5.20 5.17
N ILE B 4 -16.41 -5.51 5.88
CA ILE B 4 -15.38 -4.51 6.15
C ILE B 4 -14.76 -3.98 4.86
N ALA B 5 -14.38 -4.89 3.95
CA ALA B 5 -13.78 -4.52 2.68
C ALA B 5 -14.70 -3.62 1.87
N GLN B 6 -16.00 -3.87 1.94
CA GLN B 6 -16.98 -3.06 1.22
C GLN B 6 -17.04 -1.64 1.78
N GLU B 7 -17.13 -1.54 3.11
CA GLU B 7 -17.20 -0.25 3.76
C GLU B 7 -15.90 0.53 3.56
N LEU B 8 -14.78 -0.17 3.68
CA LEU B 8 -13.48 0.44 3.49
C LEU B 8 -13.28 0.82 2.03
N ARG B 9 -13.95 0.10 1.14
CA ARG B 9 -13.90 0.38 -0.28
C ARG B 9 -14.52 1.75 -0.52
N ARG B 10 -15.50 2.08 0.31
CA ARG B 10 -16.17 3.37 0.23
C ARG B 10 -15.23 4.45 0.72
N ILE B 11 -14.50 4.15 1.79
CA ILE B 11 -13.54 5.10 2.34
C ILE B 11 -12.45 5.37 1.31
N GLY B 12 -12.04 4.32 0.60
CA GLY B 12 -11.03 4.46 -0.41
C GLY B 12 -11.47 5.39 -1.52
N ASP B 13 -12.76 5.40 -1.81
CA ASP B 13 -13.31 6.27 -2.85
C ASP B 13 -13.58 7.65 -2.28
N GLU B 14 -14.01 7.66 -1.02
CA GLU B 14 -14.31 8.89 -0.30
C GLU B 14 -13.08 9.81 -0.29
N PHE B 15 -11.93 9.25 0.03
CA PHE B 15 -10.70 10.03 0.06
C PHE B 15 -10.13 10.18 -1.34
N ASN B 16 -10.54 9.30 -2.24
CA ASN B 16 -10.07 9.35 -3.63
C ASN B 16 -10.66 10.56 -4.34
N ALA B 17 -11.97 10.66 -4.31
CA ALA B 17 -12.70 11.76 -4.95
C ALA B 17 -12.44 13.07 -4.22
N TYR B 18 -11.94 12.97 -2.99
CA TYR B 18 -11.63 14.15 -2.19
C TYR B 18 -10.40 14.85 -2.76
N TYR B 19 -9.62 14.11 -3.55
CA TYR B 19 -8.43 14.65 -4.16
C TYR B 19 -8.51 14.60 -5.69
N ALA B 20 -8.64 13.42 -6.24
CA ALA B 20 -8.72 13.24 -7.68
C ALA B 20 -10.16 12.93 -8.11
N MET A 1 -10.66 28.23 25.55
CA MET A 1 -9.31 28.39 26.14
C MET A 1 -8.47 27.12 26.00
N ASP A 2 -8.82 26.29 25.03
CA ASP A 2 -8.10 25.03 24.81
C ASP A 2 -6.69 25.28 24.25
N GLY A 3 -6.56 26.23 23.34
CA GLY A 3 -5.27 26.54 22.77
C GLY A 3 -4.43 27.39 23.69
N SER A 4 -5.06 27.93 24.72
CA SER A 4 -4.40 28.76 25.70
C SER A 4 -3.89 27.92 26.87
N GLY A 5 -3.94 26.61 26.69
CA GLY A 5 -3.46 25.70 27.71
C GLY A 5 -2.06 25.22 27.43
N GLU A 6 -1.62 24.24 28.19
CA GLU A 6 -0.29 23.70 28.03
C GLU A 6 -0.26 22.62 26.96
N GLN A 7 0.11 22.99 25.75
CA GLN A 7 0.18 22.06 24.63
C GLN A 7 1.61 21.95 24.12
N PRO A 8 2.22 20.77 24.24
CA PRO A 8 3.59 20.53 23.80
C PRO A 8 3.73 20.40 22.28
N ARG A 9 3.61 21.54 21.60
CA ARG A 9 3.72 21.62 20.13
C ARG A 9 2.52 21.00 19.42
N GLY A 10 2.32 19.71 19.63
CA GLY A 10 1.22 19.00 19.02
C GLY A 10 0.45 18.16 20.01
N GLY A 11 -0.86 18.17 19.89
CA GLY A 11 -1.69 17.40 20.77
C GLY A 11 -1.99 16.03 20.20
N GLY A 12 -2.72 15.22 20.95
CA GLY A 12 -3.05 13.88 20.50
C GLY A 12 -4.54 13.67 20.36
N PRO A 13 -5.09 13.84 19.15
CA PRO A 13 -6.50 13.63 18.88
C PRO A 13 -6.78 12.18 18.47
N THR A 14 -8.01 11.90 18.07
CA THR A 14 -8.38 10.56 17.64
C THR A 14 -7.75 10.22 16.28
N SER A 15 -6.75 9.36 16.32
CA SER A 15 -6.04 8.95 15.12
C SER A 15 -6.57 7.64 14.56
N SER A 16 -7.49 7.03 15.30
CA SER A 16 -8.10 5.76 14.91
C SER A 16 -8.66 5.80 13.49
N GLU A 17 -9.61 6.70 13.27
CA GLU A 17 -10.22 6.85 11.96
C GLU A 17 -9.31 7.61 11.01
N GLN A 18 -8.44 8.43 11.58
CA GLN A 18 -7.50 9.23 10.79
C GLN A 18 -6.56 8.33 9.99
N ILE A 19 -6.03 7.30 10.64
CA ILE A 19 -5.12 6.37 9.99
C ILE A 19 -5.82 5.72 8.79
N MET A 20 -7.08 5.36 8.99
CA MET A 20 -7.88 4.74 7.93
C MET A 20 -8.00 5.68 6.73
N LYS A 21 -8.34 6.94 7.00
CA LYS A 21 -8.48 7.93 5.95
C LYS A 21 -7.14 8.20 5.26
N THR A 22 -6.07 8.11 6.02
CA THR A 22 -4.72 8.34 5.49
C THR A 22 -4.37 7.25 4.47
N GLY A 23 -4.78 6.01 4.77
CA GLY A 23 -4.50 4.90 3.88
C GLY A 23 -5.15 5.09 2.52
N ALA A 24 -6.31 5.73 2.52
CA ALA A 24 -7.05 5.99 1.29
C ALA A 24 -6.30 6.98 0.40
N LEU A 25 -5.43 7.78 1.01
CA LEU A 25 -4.65 8.76 0.28
C LEU A 25 -3.32 8.15 -0.18
N LEU A 26 -2.73 7.31 0.68
CA LEU A 26 -1.47 6.65 0.36
C LEU A 26 -1.58 5.82 -0.92
N LEU A 27 -2.61 4.97 -0.96
CA LEU A 27 -2.83 4.12 -2.12
C LEU A 27 -3.24 4.97 -3.33
N GLN A 28 -3.97 6.04 -3.07
CA GLN A 28 -4.45 6.93 -4.12
C GLN A 28 -3.29 7.51 -4.92
N GLY A 29 -2.33 8.12 -4.20
CA GLY A 29 -1.19 8.72 -4.86
C GLY A 29 -0.33 7.70 -5.58
N PHE A 30 -0.06 6.58 -4.93
CA PHE A 30 0.76 5.53 -5.52
C PHE A 30 0.15 4.96 -6.80
N ILE A 31 -1.16 4.69 -6.77
CA ILE A 31 -1.86 4.15 -7.92
C ILE A 31 -1.90 5.16 -9.07
N GLN A 32 -2.24 6.40 -8.75
CA GLN A 32 -2.33 7.44 -9.77
C GLN A 32 -0.99 7.71 -10.44
N ASP A 33 0.08 7.65 -9.65
CA ASP A 33 1.43 7.88 -10.16
C ASP A 33 1.79 6.84 -11.22
N ARG A 34 1.35 5.61 -11.00
CA ARG A 34 1.63 4.54 -11.95
C ARG A 34 0.60 4.50 -13.07
N ALA A 35 -0.59 5.01 -12.80
CA ALA A 35 -1.66 5.04 -13.80
C ALA A 35 -1.35 6.09 -14.87
N GLY A 36 -0.63 7.14 -14.47
CA GLY A 36 -0.27 8.20 -15.39
C GLY A 36 0.70 7.74 -16.47
N ARG A 37 1.20 6.51 -16.32
CA ARG A 37 2.13 5.93 -17.27
C ARG A 37 1.39 5.38 -18.49
N MET A 38 0.06 5.42 -18.41
CA MET A 38 -0.77 4.91 -19.51
C MET A 38 -1.21 6.05 -20.41
N GLY A 39 -1.88 7.04 -19.83
CA GLY A 39 -2.35 8.17 -20.59
C GLY A 39 -3.60 8.79 -19.97
N GLY A 40 -4.11 9.82 -20.60
CA GLY A 40 -5.31 10.47 -20.09
C GLY A 40 -6.47 10.37 -21.06
N GLU A 41 -7.68 10.48 -20.54
CA GLU A 41 -8.88 10.40 -21.36
C GLU A 41 -9.33 11.79 -21.80
N ALA A 42 -8.45 12.48 -22.52
CA ALA A 42 -8.72 13.83 -23.02
C ALA A 42 -9.07 14.79 -21.88
N PRO A 43 -8.05 15.40 -21.26
CA PRO A 43 -8.22 16.34 -20.15
C PRO A 43 -8.92 17.63 -20.60
N GLU A 44 -10.24 17.64 -20.47
CA GLU A 44 -11.03 18.81 -20.84
C GLU A 44 -11.24 19.68 -19.61
N LEU A 45 -11.35 19.05 -18.45
CA LEU A 45 -11.54 19.74 -17.19
C LEU A 45 -10.67 19.12 -16.12
N ALA A 46 -10.97 17.87 -15.78
CA ALA A 46 -10.23 17.11 -14.77
C ALA A 46 -10.34 17.78 -13.40
N LEU A 47 -9.52 17.34 -12.46
CA LEU A 47 -9.52 17.90 -11.12
C LEU A 47 -8.09 18.09 -10.65
N ASP A 48 -7.80 19.26 -10.09
CA ASP A 48 -6.46 19.55 -9.59
C ASP A 48 -6.52 20.25 -8.24
N PRO A 49 -6.85 19.50 -7.17
CA PRO A 49 -6.93 20.05 -5.82
C PRO A 49 -5.54 20.37 -5.26
N VAL A 50 -4.53 19.67 -5.79
CA VAL A 50 -3.14 19.85 -5.40
C VAL A 50 -2.89 19.49 -3.93
N PRO A 51 -2.35 18.29 -3.68
CA PRO A 51 -2.04 17.84 -2.31
C PRO A 51 -0.96 18.70 -1.67
N GLN A 52 -1.38 19.54 -0.72
CA GLN A 52 -0.47 20.44 -0.03
C GLN A 52 0.38 19.70 0.99
N ASP A 53 -0.16 18.59 1.51
CA ASP A 53 0.55 17.80 2.51
C ASP A 53 1.81 17.17 1.95
N ALA A 54 2.91 17.37 2.66
CA ALA A 54 4.20 16.83 2.25
C ALA A 54 4.48 15.50 2.92
N SER A 55 3.71 15.18 3.96
CA SER A 55 3.89 13.94 4.71
C SER A 55 3.56 12.73 3.82
N THR A 56 2.36 12.71 3.27
CA THR A 56 1.92 11.63 2.40
C THR A 56 2.76 11.62 1.12
N LYS A 57 3.12 12.82 0.66
CA LYS A 57 3.93 12.97 -0.54
C LYS A 57 5.30 12.33 -0.34
N LYS A 58 5.87 12.55 0.84
CA LYS A 58 7.18 11.98 1.18
C LYS A 58 7.09 10.47 1.26
N LEU A 59 6.02 9.97 1.89
CA LEU A 59 5.79 8.55 2.02
C LEU A 59 5.67 7.88 0.66
N SER A 60 4.85 8.46 -0.21
CA SER A 60 4.66 7.93 -1.55
C SER A 60 5.98 7.96 -2.33
N GLU A 61 6.74 9.03 -2.14
CA GLU A 61 8.03 9.18 -2.81
C GLU A 61 8.99 8.06 -2.43
N CYS A 62 9.17 7.86 -1.12
CA CYS A 62 10.08 6.83 -0.65
C CYS A 62 9.61 5.43 -1.06
N LEU A 63 8.31 5.21 -1.05
CA LEU A 63 7.75 3.92 -1.43
C LEU A 63 7.96 3.66 -2.93
N LYS A 64 7.74 4.68 -3.74
CA LYS A 64 7.91 4.55 -5.18
C LYS A 64 9.37 4.33 -5.57
N ARG A 65 10.26 5.13 -4.99
CA ARG A 65 11.69 5.00 -5.29
C ARG A 65 12.23 3.63 -4.88
N ILE A 66 11.69 3.06 -3.81
CA ILE A 66 12.12 1.76 -3.34
C ILE A 66 11.47 0.66 -4.19
N GLY A 67 10.18 0.82 -4.46
CA GLY A 67 9.45 -0.15 -5.26
C GLY A 67 10.00 -0.27 -6.67
N ASP A 68 10.34 0.86 -7.27
CA ASP A 68 10.89 0.88 -8.62
C ASP A 68 12.24 0.20 -8.65
N GLU A 69 12.98 0.28 -7.54
CA GLU A 69 14.29 -0.35 -7.44
C GLU A 69 14.13 -1.87 -7.33
N LEU A 70 12.99 -2.30 -6.80
CA LEU A 70 12.69 -3.71 -6.64
C LEU A 70 12.17 -4.29 -7.96
N ASP A 71 12.16 -3.45 -8.99
CA ASP A 71 11.72 -3.86 -10.32
C ASP A 71 12.93 -4.01 -11.24
N SER A 72 14.10 -3.62 -10.73
CA SER A 72 15.34 -3.71 -11.48
C SER A 72 15.83 -5.14 -11.53
N ASN A 73 15.66 -5.85 -10.42
CA ASN A 73 16.07 -7.24 -10.33
C ASN A 73 15.12 -8.14 -11.12
N MET A 74 15.55 -8.47 -12.34
CA MET A 74 14.76 -9.31 -13.23
C MET A 74 14.41 -10.67 -12.61
N GLU A 75 15.24 -11.13 -11.68
CA GLU A 75 15.00 -12.42 -11.03
C GLU A 75 13.64 -12.41 -10.33
N LEU A 76 13.36 -11.34 -9.61
CA LEU A 76 12.11 -11.21 -8.87
C LEU A 76 10.95 -10.88 -9.82
N GLN A 77 11.19 -9.97 -10.75
CA GLN A 77 10.17 -9.56 -11.71
C GLN A 77 9.66 -10.75 -12.53
N ARG A 78 10.57 -11.62 -12.91
CA ARG A 78 10.23 -12.80 -13.69
C ARG A 78 9.33 -13.74 -12.90
N MET A 79 9.56 -13.80 -11.59
CA MET A 79 8.78 -14.66 -10.71
C MET A 79 7.35 -14.14 -10.62
N ILE A 80 7.20 -12.82 -10.65
CA ILE A 80 5.88 -12.20 -10.58
C ILE A 80 5.10 -12.54 -11.86
N ALA A 81 5.82 -12.66 -12.95
CA ALA A 81 5.21 -13.00 -14.23
C ALA A 81 4.99 -14.51 -14.36
N ALA A 82 5.20 -15.22 -13.26
CA ALA A 82 5.02 -16.66 -13.23
C ALA A 82 3.95 -17.08 -12.23
N VAL A 83 3.18 -16.11 -11.74
CA VAL A 83 2.13 -16.40 -10.78
C VAL A 83 0.78 -16.60 -11.47
N ASP A 84 0.12 -17.70 -11.14
CA ASP A 84 -1.18 -18.01 -11.72
C ASP A 84 -2.24 -17.12 -11.11
N THR A 85 -2.68 -16.13 -11.87
CA THR A 85 -3.68 -15.18 -11.38
C THR A 85 -5.10 -15.64 -11.71
N ASP A 86 -5.59 -16.62 -10.96
CA ASP A 86 -6.93 -17.13 -11.16
C ASP A 86 -7.84 -16.72 -10.00
N SER A 87 -7.32 -16.87 -8.79
CA SER A 87 -8.06 -16.51 -7.60
C SER A 87 -7.40 -15.31 -6.91
N PRO A 88 -7.80 -14.08 -7.30
CA PRO A 88 -7.21 -12.84 -6.76
C PRO A 88 -7.40 -12.69 -5.25
N ARG A 89 -8.63 -12.86 -4.77
CA ARG A 89 -8.90 -12.73 -3.34
C ARG A 89 -8.15 -13.77 -2.53
N GLU A 90 -8.19 -15.00 -3.01
CA GLU A 90 -7.52 -16.12 -2.35
C GLU A 90 -6.03 -15.89 -2.23
N VAL A 91 -5.38 -15.54 -3.33
CA VAL A 91 -3.95 -15.29 -3.33
C VAL A 91 -3.58 -14.15 -2.39
N PHE A 92 -4.31 -13.04 -2.51
CA PHE A 92 -4.07 -11.87 -1.68
C PHE A 92 -4.27 -12.17 -0.20
N PHE A 93 -5.34 -12.90 0.11
CA PHE A 93 -5.65 -13.26 1.49
C PHE A 93 -4.58 -14.21 2.03
N ARG A 94 -4.18 -15.16 1.19
CA ARG A 94 -3.17 -16.14 1.56
C ARG A 94 -1.84 -15.48 1.87
N VAL A 95 -1.36 -14.61 0.98
CA VAL A 95 -0.08 -13.93 1.19
C VAL A 95 -0.14 -12.98 2.38
N ALA A 96 -1.33 -12.44 2.65
CA ALA A 96 -1.52 -11.54 3.77
C ALA A 96 -1.31 -12.28 5.08
N ALA A 97 -1.81 -13.52 5.13
CA ALA A 97 -1.68 -14.36 6.31
C ALA A 97 -0.30 -15.03 6.33
N ASP A 98 0.24 -15.30 5.15
CA ASP A 98 1.55 -15.92 5.02
C ASP A 98 2.62 -15.10 5.70
N MET A 99 2.53 -13.78 5.53
CA MET A 99 3.49 -12.86 6.12
C MET A 99 3.09 -12.50 7.56
N PHE A 100 2.04 -13.14 8.04
CA PHE A 100 1.55 -12.88 9.39
C PHE A 100 1.54 -14.19 10.19
N SER A 101 2.17 -15.23 9.64
CA SER A 101 2.23 -16.53 10.29
C SER A 101 2.93 -16.42 11.64
N ASP A 102 4.20 -16.04 11.60
CA ASP A 102 5.00 -15.90 12.81
C ASP A 102 4.47 -14.76 13.66
N GLY A 103 3.97 -13.73 13.01
CA GLY A 103 3.45 -12.57 13.72
C GLY A 103 4.53 -11.56 14.00
N ASN A 104 5.73 -11.83 13.47
CA ASN A 104 6.87 -10.95 13.66
C ASN A 104 6.74 -9.70 12.81
N PHE A 105 6.71 -8.55 13.46
CA PHE A 105 6.59 -7.28 12.77
C PHE A 105 7.94 -6.80 12.29
N ASN A 106 8.44 -7.43 11.24
CA ASN A 106 9.75 -7.09 10.66
C ASN A 106 9.67 -5.85 9.78
N TRP A 107 8.46 -5.30 9.63
CA TRP A 107 8.22 -4.11 8.80
C TRP A 107 8.30 -4.42 7.30
N GLY A 108 9.24 -5.27 6.91
CA GLY A 108 9.41 -5.64 5.52
C GLY A 108 8.16 -6.24 4.92
N ARG A 109 7.37 -6.93 5.74
CA ARG A 109 6.14 -7.56 5.29
C ARG A 109 5.09 -6.53 4.87
N VAL A 110 5.37 -5.25 5.17
CA VAL A 110 4.45 -4.17 4.82
C VAL A 110 4.79 -3.65 3.43
N VAL A 111 6.05 -3.29 3.23
CA VAL A 111 6.51 -2.78 1.94
C VAL A 111 6.43 -3.86 0.86
N ALA A 112 6.67 -5.10 1.27
CA ALA A 112 6.60 -6.23 0.34
C ALA A 112 5.18 -6.40 -0.18
N LEU A 113 4.20 -6.20 0.69
CA LEU A 113 2.81 -6.31 0.33
C LEU A 113 2.44 -5.21 -0.66
N PHE A 114 3.00 -4.03 -0.46
CA PHE A 114 2.74 -2.89 -1.34
C PHE A 114 3.29 -3.17 -2.74
N TYR A 115 4.49 -3.75 -2.79
CA TYR A 115 5.11 -4.08 -4.06
C TYR A 115 4.31 -5.15 -4.81
N PHE A 116 3.81 -6.12 -4.05
CA PHE A 116 3.02 -7.20 -4.64
C PHE A 116 1.68 -6.66 -5.15
N ALA A 117 1.06 -5.82 -4.34
CA ALA A 117 -0.23 -5.23 -4.69
C ALA A 117 -0.13 -4.34 -5.92
N SER A 118 0.90 -3.52 -5.99
CA SER A 118 1.10 -2.61 -7.12
C SER A 118 1.27 -3.38 -8.43
N LYS A 119 2.00 -4.50 -8.37
CA LYS A 119 2.21 -5.33 -9.54
C LYS A 119 0.90 -5.93 -10.02
N LEU A 120 0.04 -6.28 -9.06
CA LEU A 120 -1.26 -6.85 -9.38
C LEU A 120 -2.18 -5.78 -9.98
N VAL A 121 -2.15 -4.59 -9.39
CA VAL A 121 -2.93 -3.47 -9.87
C VAL A 121 -2.52 -3.12 -11.29
N LEU A 122 -1.22 -3.07 -11.52
CA LEU A 122 -0.68 -2.76 -12.83
C LEU A 122 -1.14 -3.79 -13.86
N LYS A 123 -1.20 -5.05 -13.44
CA LYS A 123 -1.63 -6.13 -14.31
C LYS A 123 -3.09 -5.94 -14.70
N ALA A 124 -3.93 -5.64 -13.70
CA ALA A 124 -5.36 -5.43 -13.95
C ALA A 124 -5.59 -4.20 -14.81
N LEU A 125 -4.73 -3.20 -14.63
CA LEU A 125 -4.81 -1.97 -15.41
C LEU A 125 -4.59 -2.26 -16.88
N CYS A 126 -3.73 -3.24 -17.16
CA CYS A 126 -3.42 -3.63 -18.53
C CYS A 126 -4.60 -4.38 -19.15
N THR A 127 -5.50 -4.84 -18.29
CA THR A 127 -6.70 -5.54 -18.74
C THR A 127 -7.84 -4.54 -18.93
N LYS A 128 -7.58 -3.30 -18.53
CA LYS A 128 -8.55 -2.21 -18.65
C LYS A 128 -9.79 -2.45 -17.80
N VAL A 129 -9.59 -2.91 -16.58
CA VAL A 129 -10.70 -3.17 -15.68
C VAL A 129 -10.59 -2.34 -14.40
N PRO A 130 -11.17 -1.12 -14.42
CA PRO A 130 -11.15 -0.19 -13.27
C PRO A 130 -11.78 -0.79 -12.03
N GLU A 131 -12.83 -1.58 -12.22
CA GLU A 131 -13.53 -2.22 -11.12
C GLU A 131 -12.57 -3.07 -10.27
N LEU A 132 -11.79 -3.90 -10.94
CA LEU A 132 -10.83 -4.76 -10.24
C LEU A 132 -9.81 -3.91 -9.48
N ILE A 133 -9.43 -2.78 -10.05
CA ILE A 133 -8.48 -1.87 -9.43
C ILE A 133 -9.02 -1.41 -8.07
N ARG A 134 -10.27 -0.96 -8.07
CA ARG A 134 -10.91 -0.49 -6.84
C ARG A 134 -11.17 -1.65 -5.90
N THR A 135 -11.43 -2.83 -6.47
CA THR A 135 -11.69 -4.02 -5.68
C THR A 135 -10.44 -4.44 -4.90
N ILE A 136 -9.30 -4.43 -5.58
CA ILE A 136 -8.03 -4.78 -4.94
C ILE A 136 -7.73 -3.80 -3.82
N MET A 137 -7.99 -2.52 -4.09
CA MET A 137 -7.76 -1.46 -3.10
C MET A 137 -8.61 -1.71 -1.86
N GLY A 138 -9.82 -2.20 -2.07
CA GLY A 138 -10.72 -2.52 -0.97
C GLY A 138 -10.15 -3.62 -0.11
N TRP A 139 -9.48 -4.58 -0.76
CA TRP A 139 -8.87 -5.70 -0.05
C TRP A 139 -7.68 -5.22 0.76
N THR A 140 -6.97 -4.23 0.22
CA THR A 140 -5.81 -3.67 0.90
C THR A 140 -6.24 -3.00 2.20
N LEU A 141 -7.34 -2.27 2.14
CA LEU A 141 -7.88 -1.58 3.30
C LEU A 141 -8.55 -2.59 4.25
N ASP A 142 -9.10 -3.64 3.66
CA ASP A 142 -9.77 -4.70 4.43
C ASP A 142 -8.85 -5.28 5.49
N PHE A 143 -7.72 -5.82 5.04
CA PHE A 143 -6.74 -6.40 5.95
C PHE A 143 -6.11 -5.34 6.84
N LEU A 144 -6.08 -4.11 6.33
CA LEU A 144 -5.51 -2.98 7.07
C LEU A 144 -6.30 -2.73 8.35
N ARG A 145 -7.61 -2.64 8.22
CA ARG A 145 -8.48 -2.38 9.35
C ARG A 145 -8.52 -3.60 10.28
N GLU A 146 -8.47 -4.78 9.67
CA GLU A 146 -8.52 -6.03 10.42
C GLU A 146 -7.35 -6.22 11.38
N ARG A 147 -6.15 -5.81 10.99
CA ARG A 147 -4.99 -6.00 11.86
C ARG A 147 -4.04 -4.80 11.93
N LEU A 148 -3.57 -4.34 10.77
CA LEU A 148 -2.62 -3.23 10.69
C LEU A 148 -3.01 -2.01 11.54
N LEU A 149 -4.29 -1.67 11.56
CA LEU A 149 -4.79 -0.53 12.32
C LEU A 149 -4.31 -0.54 13.78
N GLY A 150 -4.39 -1.69 14.41
CA GLY A 150 -3.97 -1.83 15.80
C GLY A 150 -2.48 -1.60 16.00
N TRP A 151 -1.69 -2.04 15.04
CA TRP A 151 -0.25 -1.88 15.11
C TRP A 151 0.17 -0.44 14.82
N ILE A 152 -0.47 0.17 13.84
CA ILE A 152 -0.16 1.55 13.46
C ILE A 152 -0.55 2.52 14.58
N GLN A 153 -1.64 2.22 15.27
CA GLN A 153 -2.10 3.06 16.36
C GLN A 153 -1.18 2.92 17.57
N ASP A 154 -0.62 1.73 17.73
CA ASP A 154 0.28 1.44 18.84
C ASP A 154 1.56 2.26 18.76
N GLN A 155 2.13 2.34 17.57
CA GLN A 155 3.37 3.09 17.34
C GLN A 155 3.13 4.59 17.34
N GLY A 156 1.87 5.00 17.40
CA GLY A 156 1.53 6.41 17.42
C GLY A 156 1.46 7.03 16.04
N GLY A 157 0.92 6.30 15.08
CA GLY A 157 0.78 6.83 13.74
C GLY A 157 1.74 6.17 12.76
N TRP A 158 1.91 6.79 11.60
CA TRP A 158 2.80 6.26 10.57
C TRP A 158 4.25 6.67 10.82
N ASP A 159 4.51 7.15 12.04
CA ASP A 159 5.84 7.59 12.44
C ASP A 159 6.84 6.43 12.37
N GLY A 160 6.37 5.23 12.73
CA GLY A 160 7.22 4.06 12.69
C GLY A 160 7.69 3.75 11.28
N LEU A 161 6.82 3.98 10.30
CA LEU A 161 7.15 3.74 8.91
C LEU A 161 8.21 4.73 8.44
N LEU A 162 8.02 6.00 8.79
CA LEU A 162 8.96 7.05 8.41
C LEU A 162 10.31 6.82 9.08
N SER A 163 10.27 6.33 10.31
CA SER A 163 11.49 6.06 11.07
C SER A 163 12.15 4.76 10.63
N TYR A 164 11.56 4.08 9.64
CA TYR A 164 12.12 2.84 9.13
C TYR A 164 12.92 3.10 7.87
N PHE A 165 12.84 4.32 7.36
CA PHE A 165 13.55 4.69 6.15
C PHE A 165 15.04 4.90 6.44
N GLY A 166 15.83 3.89 6.17
CA GLY A 166 17.26 3.96 6.41
C GLY A 166 18.05 4.23 5.16
N THR A 167 19.35 4.03 5.24
CA THR A 167 20.24 4.27 4.10
C THR A 167 21.45 3.33 4.11
N PRO A 168 22.23 3.27 5.21
CA PRO A 168 23.39 2.39 5.31
C PRO A 168 22.99 0.92 5.15
N THR A 169 23.73 0.20 4.30
CA THR A 169 23.48 -1.22 4.06
C THR A 169 22.07 -1.43 3.49
N TRP A 170 21.61 -0.46 2.68
CA TRP A 170 20.29 -0.52 2.07
C TRP A 170 20.10 -1.74 1.18
N GLN A 171 21.20 -2.24 0.62
CA GLN A 171 21.14 -3.41 -0.26
C GLN A 171 20.59 -4.63 0.46
N THR A 172 20.97 -4.79 1.73
CA THR A 172 20.49 -5.91 2.52
C THR A 172 18.98 -5.83 2.68
N VAL A 173 18.48 -4.59 2.81
CA VAL A 173 17.05 -4.36 2.96
C VAL A 173 16.35 -4.70 1.65
N THR A 174 17.01 -4.40 0.52
CA THR A 174 16.45 -4.69 -0.79
C THR A 174 16.27 -6.19 -0.96
N ILE A 175 17.32 -6.94 -0.62
CA ILE A 175 17.28 -8.39 -0.74
C ILE A 175 16.30 -8.97 0.29
N PHE A 176 16.22 -8.34 1.45
CA PHE A 176 15.31 -8.76 2.50
C PHE A 176 13.87 -8.81 2.01
N VAL A 177 13.44 -7.73 1.37
CA VAL A 177 12.09 -7.64 0.83
C VAL A 177 11.85 -8.72 -0.21
N ALA A 178 12.83 -8.88 -1.10
CA ALA A 178 12.74 -9.88 -2.17
C ALA A 178 12.65 -11.28 -1.57
N GLY A 179 13.43 -11.52 -0.52
CA GLY A 179 13.44 -12.81 0.13
C GLY A 179 12.07 -13.18 0.70
N VAL A 180 11.41 -12.22 1.32
CA VAL A 180 10.09 -12.44 1.90
C VAL A 180 9.09 -12.78 0.80
N LEU A 181 9.16 -12.02 -0.29
CA LEU A 181 8.27 -12.24 -1.44
C LEU A 181 8.51 -13.61 -2.06
N THR A 182 9.79 -13.98 -2.18
CA THR A 182 10.17 -15.26 -2.75
C THR A 182 9.56 -16.41 -1.94
N ALA A 183 9.65 -16.30 -0.62
CA ALA A 183 9.13 -17.32 0.28
C ALA A 183 7.67 -17.65 -0.01
N SER A 184 6.79 -16.67 0.17
CA SER A 184 5.36 -16.84 -0.06
C SER A 184 5.05 -17.30 -1.49
N LEU A 185 5.76 -16.74 -2.45
CA LEU A 185 5.56 -17.08 -3.86
C LEU A 185 5.90 -18.53 -4.13
N THR A 186 7.00 -19.02 -3.55
CA THR A 186 7.42 -20.40 -3.73
C THR A 186 6.38 -21.36 -3.14
N ILE A 187 5.77 -20.95 -2.03
CA ILE A 187 4.75 -21.76 -1.38
C ILE A 187 3.51 -21.85 -2.26
N TRP A 188 3.20 -20.75 -2.93
CA TRP A 188 2.03 -20.69 -3.81
C TRP A 188 2.26 -21.52 -5.07
N LYS A 189 3.43 -21.38 -5.68
CA LYS A 189 3.76 -22.11 -6.89
C LYS A 189 4.23 -23.54 -6.55
N LYS A 190 3.33 -24.30 -5.96
CA LYS A 190 3.60 -25.68 -5.59
C LYS A 190 3.55 -26.62 -6.80
N MET A 191 4.47 -26.38 -7.73
CA MET A 191 4.57 -27.16 -8.98
C MET A 191 3.44 -26.83 -9.96
N GLY A 192 2.23 -26.79 -9.45
CA GLY A 192 1.08 -26.49 -10.27
C GLY A 192 0.44 -25.19 -9.86
N GLU B 1 -13.07 -8.83 5.59
CA GLU B 1 -13.61 -9.72 4.53
C GLU B 1 -14.24 -8.92 3.41
N ILE B 2 -14.79 -9.62 2.42
CA ILE B 2 -15.44 -9.00 1.26
C ILE B 2 -16.39 -7.86 1.63
N TRP B 3 -17.29 -8.12 2.58
CA TRP B 3 -18.25 -7.11 3.01
C TRP B 3 -17.54 -5.86 3.54
N ILE B 4 -16.50 -6.08 4.34
CA ILE B 4 -15.72 -4.99 4.91
C ILE B 4 -14.96 -4.24 3.81
N ALA B 5 -14.37 -5.00 2.90
CA ALA B 5 -13.61 -4.44 1.79
C ALA B 5 -14.47 -3.49 0.96
N GLN B 6 -15.76 -3.81 0.84
CA GLN B 6 -16.68 -2.99 0.08
C GLN B 6 -16.87 -1.62 0.72
N GLU B 7 -17.12 -1.61 2.03
CA GLU B 7 -17.31 -0.37 2.77
C GLU B 7 -16.00 0.42 2.82
N LEU B 8 -14.90 -0.28 3.01
CA LEU B 8 -13.60 0.36 3.07
C LEU B 8 -13.23 0.94 1.71
N ARG B 9 -13.65 0.28 0.64
CA ARG B 9 -13.37 0.76 -0.71
C ARG B 9 -14.05 2.11 -0.91
N ARG B 10 -15.23 2.26 -0.30
CA ARG B 10 -15.99 3.50 -0.38
C ARG B 10 -15.17 4.65 0.23
N ILE B 11 -14.39 4.31 1.26
CA ILE B 11 -13.54 5.30 1.92
C ILE B 11 -12.40 5.71 0.98
N GLY B 12 -11.84 4.73 0.29
CA GLY B 12 -10.77 5.00 -0.64
C GLY B 12 -11.25 5.82 -1.82
N ASP B 13 -12.52 5.61 -2.18
CA ASP B 13 -13.13 6.33 -3.29
C ASP B 13 -13.50 7.75 -2.89
N GLU B 14 -14.07 7.90 -1.69
CA GLU B 14 -14.46 9.21 -1.18
C GLU B 14 -13.24 10.11 -1.02
N PHE B 15 -12.13 9.51 -0.59
CA PHE B 15 -10.90 10.24 -0.39
C PHE B 15 -10.19 10.50 -1.71
N ASN B 16 -10.49 9.66 -2.71
CA ASN B 16 -9.89 9.79 -4.03
C ASN B 16 -10.31 11.10 -4.67
N ALA B 17 -11.63 11.32 -4.73
CA ALA B 17 -12.17 12.53 -5.35
C ALA B 17 -11.88 13.77 -4.50
N TYR B 18 -11.23 13.57 -3.37
CA TYR B 18 -10.88 14.66 -2.48
C TYR B 18 -9.49 15.21 -2.80
N TYR B 19 -8.68 14.40 -3.49
CA TYR B 19 -7.32 14.82 -3.84
C TYR B 19 -7.03 14.65 -5.33
N ALA B 20 -7.78 13.77 -6.00
CA ALA B 20 -7.60 13.54 -7.43
C ALA B 20 -8.92 13.16 -8.10
N MET A 1 -11.53 29.22 24.67
CA MET A 1 -11.27 28.90 26.10
C MET A 1 -10.53 27.56 26.23
N ASP A 2 -11.04 26.54 25.56
CA ASP A 2 -10.44 25.21 25.60
C ASP A 2 -9.00 25.21 25.06
N GLY A 3 -8.77 25.99 24.02
CA GLY A 3 -7.44 26.07 23.44
C GLY A 3 -6.60 27.14 24.11
N SER A 4 -7.20 27.82 25.08
CA SER A 4 -6.51 28.87 25.81
C SER A 4 -5.82 28.30 27.06
N GLY A 5 -5.89 26.99 27.19
CA GLY A 5 -5.27 26.33 28.31
C GLY A 5 -3.82 25.98 28.00
N GLU A 6 -3.22 25.11 28.78
CA GLU A 6 -1.85 24.73 28.56
C GLU A 6 -1.76 23.39 27.84
N GLN A 7 -1.47 23.46 26.55
CA GLN A 7 -1.34 22.27 25.73
C GLN A 7 0.13 21.93 25.56
N PRO A 8 0.50 20.66 25.72
CA PRO A 8 1.89 20.21 25.57
C PRO A 8 2.32 20.17 24.11
N ARG A 9 2.38 21.35 23.49
CA ARG A 9 2.77 21.52 22.09
C ARG A 9 1.65 21.10 21.14
N GLY A 10 1.06 19.94 21.41
CA GLY A 10 -0.02 19.45 20.58
C GLY A 10 -1.05 18.69 21.38
N GLY A 11 -2.22 18.48 20.81
CA GLY A 11 -3.28 17.78 21.49
C GLY A 11 -3.33 16.32 21.09
N GLY A 12 -4.07 15.53 21.85
CA GLY A 12 -4.18 14.11 21.55
C GLY A 12 -5.60 13.70 21.26
N PRO A 13 -6.04 13.80 19.99
CA PRO A 13 -7.39 13.44 19.59
C PRO A 13 -7.45 12.01 19.06
N THR A 14 -8.64 11.59 18.63
CA THR A 14 -8.84 10.26 18.08
C THR A 14 -7.99 10.06 16.82
N SER A 15 -7.05 9.14 16.91
CA SER A 15 -6.16 8.86 15.80
C SER A 15 -6.60 7.62 15.05
N SER A 16 -7.65 6.98 15.55
CA SER A 16 -8.18 5.75 14.96
C SER A 16 -8.55 5.96 13.49
N GLU A 17 -9.57 6.78 13.24
CA GLU A 17 -10.00 7.05 11.88
C GLU A 17 -9.04 7.99 11.18
N GLN A 18 -8.31 8.79 11.98
CA GLN A 18 -7.35 9.74 11.45
C GLN A 18 -6.27 9.02 10.66
N ILE A 19 -5.74 7.94 11.23
CA ILE A 19 -4.70 7.15 10.56
C ILE A 19 -5.27 6.47 9.32
N MET A 20 -6.53 6.04 9.41
CA MET A 20 -7.20 5.38 8.31
C MET A 20 -7.31 6.31 7.11
N LYS A 21 -7.60 7.58 7.37
CA LYS A 21 -7.71 8.57 6.31
C LYS A 21 -6.37 8.73 5.59
N THR A 22 -5.28 8.66 6.35
CA THR A 22 -3.95 8.78 5.79
C THR A 22 -3.67 7.58 4.88
N GLY A 23 -4.11 6.41 5.31
CA GLY A 23 -3.92 5.20 4.54
C GLY A 23 -4.68 5.23 3.22
N ALA A 24 -5.89 5.79 3.25
CA ALA A 24 -6.72 5.90 2.05
C ALA A 24 -6.02 6.75 1.00
N LEU A 25 -5.30 7.77 1.45
CA LEU A 25 -4.59 8.66 0.55
C LEU A 25 -3.30 7.99 0.05
N LEU A 26 -2.67 7.21 0.92
CA LEU A 26 -1.44 6.51 0.56
C LEU A 26 -1.69 5.56 -0.61
N LEU A 27 -2.75 4.78 -0.52
CA LEU A 27 -3.11 3.84 -1.58
C LEU A 27 -3.43 4.58 -2.87
N GLN A 28 -4.17 5.68 -2.73
CA GLN A 28 -4.56 6.49 -3.87
C GLN A 28 -3.32 7.05 -4.58
N GLY A 29 -2.47 7.73 -3.81
CA GLY A 29 -1.27 8.32 -4.38
C GLY A 29 -0.36 7.32 -5.04
N PHE A 30 -0.08 6.22 -4.35
CA PHE A 30 0.80 5.18 -4.86
C PHE A 30 0.30 4.61 -6.17
N ILE A 31 -1.01 4.35 -6.25
CA ILE A 31 -1.61 3.79 -7.45
C ILE A 31 -1.65 4.81 -8.59
N GLN A 32 -2.19 6.00 -8.31
CA GLN A 32 -2.30 7.06 -9.30
C GLN A 32 -0.96 7.48 -9.88
N ASP A 33 0.05 7.58 -9.03
CA ASP A 33 1.39 7.98 -9.46
C ASP A 33 1.98 7.00 -10.47
N ARG A 34 1.70 5.71 -10.29
CA ARG A 34 2.21 4.69 -11.20
C ARG A 34 1.29 4.48 -12.38
N ALA A 35 0.00 4.72 -12.19
CA ALA A 35 -0.99 4.56 -13.25
C ALA A 35 -0.76 5.60 -14.34
N GLY A 36 -0.30 6.78 -13.93
CA GLY A 36 -0.03 7.85 -14.88
C GLY A 36 1.06 7.51 -15.86
N ARG A 37 1.81 6.45 -15.57
CA ARG A 37 2.91 6.02 -16.43
C ARG A 37 2.38 5.30 -17.67
N MET A 38 1.07 5.07 -17.69
CA MET A 38 0.43 4.40 -18.81
C MET A 38 -0.09 5.41 -19.83
N GLY A 39 -0.50 6.57 -19.35
CA GLY A 39 -1.01 7.60 -20.23
C GLY A 39 -2.33 8.17 -19.73
N GLY A 40 -3.07 8.80 -20.64
CA GLY A 40 -4.35 9.37 -20.27
C GLY A 40 -5.28 9.46 -21.47
N GLU A 41 -6.56 9.30 -21.23
CA GLU A 41 -7.55 9.34 -22.31
C GLU A 41 -7.99 10.78 -22.61
N ALA A 42 -7.00 11.62 -22.91
CA ALA A 42 -7.23 13.03 -23.23
C ALA A 42 -7.97 13.76 -22.10
N PRO A 43 -7.22 14.29 -21.11
CA PRO A 43 -7.80 15.01 -19.99
C PRO A 43 -8.56 16.26 -20.44
N GLU A 44 -9.88 16.16 -20.44
CA GLU A 44 -10.73 17.25 -20.84
C GLU A 44 -10.73 18.33 -19.77
N LEU A 45 -11.19 17.97 -18.60
CA LEU A 45 -11.26 18.89 -17.47
C LEU A 45 -10.47 18.32 -16.30
N ALA A 46 -10.89 17.15 -15.82
CA ALA A 46 -10.25 16.47 -14.71
C ALA A 46 -10.34 17.27 -13.41
N LEU A 47 -9.87 16.68 -12.32
CA LEU A 47 -9.90 17.34 -11.02
C LEU A 47 -8.49 17.46 -10.47
N ASP A 48 -8.09 18.68 -10.13
CA ASP A 48 -6.77 18.92 -9.58
C ASP A 48 -6.82 19.93 -8.45
N PRO A 49 -7.15 19.46 -7.24
CA PRO A 49 -7.25 20.32 -6.05
C PRO A 49 -5.88 20.60 -5.44
N VAL A 50 -4.87 19.84 -5.88
CA VAL A 50 -3.49 19.99 -5.38
C VAL A 50 -3.36 19.61 -3.92
N PRO A 51 -2.68 18.49 -3.62
CA PRO A 51 -2.45 18.03 -2.25
C PRO A 51 -1.56 19.00 -1.48
N GLN A 52 -1.98 19.40 -0.29
CA GLN A 52 -1.22 20.33 0.52
C GLN A 52 -0.35 19.62 1.55
N ASP A 53 -0.68 18.36 1.83
CA ASP A 53 0.08 17.58 2.80
C ASP A 53 1.32 16.98 2.15
N ALA A 54 2.48 17.26 2.72
CA ALA A 54 3.73 16.75 2.20
C ALA A 54 4.11 15.42 2.83
N SER A 55 3.41 15.07 3.91
CA SER A 55 3.69 13.82 4.62
C SER A 55 3.36 12.63 3.72
N THR A 56 2.14 12.59 3.22
CA THR A 56 1.70 11.51 2.34
C THR A 56 2.54 11.50 1.06
N LYS A 57 2.86 12.69 0.56
CA LYS A 57 3.67 12.83 -0.63
C LYS A 57 5.03 12.17 -0.46
N LYS A 58 5.69 12.49 0.65
CA LYS A 58 7.01 11.94 0.94
C LYS A 58 6.94 10.42 1.09
N LEU A 59 5.91 9.94 1.77
CA LEU A 59 5.73 8.51 1.97
C LEU A 59 5.56 7.81 0.62
N SER A 60 4.76 8.42 -0.25
CA SER A 60 4.53 7.88 -1.58
C SER A 60 5.81 7.95 -2.41
N GLU A 61 6.60 9.00 -2.20
CA GLU A 61 7.85 9.20 -2.92
C GLU A 61 8.81 8.04 -2.65
N CYS A 62 9.07 7.76 -1.36
CA CYS A 62 9.97 6.69 -1.00
C CYS A 62 9.46 5.33 -1.49
N LEU A 63 8.16 5.10 -1.35
CA LEU A 63 7.56 3.85 -1.79
C LEU A 63 7.68 3.69 -3.30
N LYS A 64 7.46 4.78 -4.02
CA LYS A 64 7.55 4.80 -5.47
C LYS A 64 8.95 4.47 -5.96
N ARG A 65 9.96 5.15 -5.41
CA ARG A 65 11.33 4.92 -5.81
C ARG A 65 11.84 3.53 -5.42
N ILE A 66 11.41 3.03 -4.27
CA ILE A 66 11.83 1.71 -3.81
C ILE A 66 11.16 0.62 -4.66
N GLY A 67 9.88 0.82 -4.97
CA GLY A 67 9.14 -0.13 -5.77
C GLY A 67 9.76 -0.39 -7.13
N ASP A 68 10.11 0.69 -7.83
CA ASP A 68 10.72 0.58 -9.16
C ASP A 68 12.08 -0.09 -9.09
N GLU A 69 12.79 0.12 -7.99
CA GLU A 69 14.11 -0.48 -7.81
C GLU A 69 14.00 -2.00 -7.66
N LEU A 70 12.82 -2.45 -7.25
CA LEU A 70 12.55 -3.86 -7.09
C LEU A 70 12.06 -4.47 -8.40
N ASP A 71 12.08 -3.65 -9.45
CA ASP A 71 11.65 -4.09 -10.77
C ASP A 71 12.85 -4.31 -11.68
N SER A 72 13.97 -3.70 -11.31
CA SER A 72 15.21 -3.81 -12.08
C SER A 72 15.64 -5.27 -12.21
N ASN A 73 15.46 -6.04 -11.14
CA ASN A 73 15.81 -7.44 -11.14
C ASN A 73 14.80 -8.26 -11.92
N MET A 74 15.19 -8.70 -13.11
CA MET A 74 14.30 -9.48 -13.97
C MET A 74 13.95 -10.82 -13.33
N GLU A 75 14.81 -11.27 -12.42
CA GLU A 75 14.59 -12.53 -11.72
C GLU A 75 13.28 -12.50 -10.93
N LEU A 76 13.11 -11.46 -10.13
CA LEU A 76 11.91 -11.29 -9.33
C LEU A 76 10.72 -10.93 -10.20
N GLN A 77 10.97 -10.13 -11.23
CA GLN A 77 9.93 -9.70 -12.15
C GLN A 77 9.33 -10.89 -12.87
N ARG A 78 10.18 -11.82 -13.29
CA ARG A 78 9.75 -13.02 -13.99
C ARG A 78 8.84 -13.87 -13.10
N MET A 79 9.15 -13.88 -11.80
CA MET A 79 8.38 -14.65 -10.84
C MET A 79 6.94 -14.14 -10.77
N ILE A 80 6.77 -12.83 -10.89
CA ILE A 80 5.44 -12.22 -10.85
C ILE A 80 4.63 -12.64 -12.07
N ALA A 81 5.30 -12.82 -13.20
CA ALA A 81 4.64 -13.22 -14.44
C ALA A 81 4.39 -14.73 -14.46
N ALA A 82 4.98 -15.43 -13.52
CA ALA A 82 4.85 -16.88 -13.43
C ALA A 82 3.66 -17.28 -12.56
N VAL A 83 3.11 -16.31 -11.83
CA VAL A 83 1.97 -16.57 -10.96
C VAL A 83 0.68 -16.70 -11.78
N ASP A 84 -0.33 -17.34 -11.19
CA ASP A 84 -1.61 -17.51 -11.85
C ASP A 84 -2.62 -16.48 -11.38
N THR A 85 -3.14 -15.71 -12.31
CA THR A 85 -4.12 -14.69 -11.96
C THR A 85 -5.53 -15.26 -12.06
N ASP A 86 -5.74 -16.38 -11.37
CA ASP A 86 -7.03 -17.06 -11.38
C ASP A 86 -7.80 -16.81 -10.08
N SER A 87 -7.08 -16.78 -8.97
CA SER A 87 -7.70 -16.56 -7.66
C SER A 87 -7.26 -15.21 -7.07
N PRO A 88 -8.01 -14.13 -7.33
CA PRO A 88 -7.68 -12.79 -6.84
C PRO A 88 -7.63 -12.67 -5.31
N ARG A 89 -8.78 -12.86 -4.66
CA ARG A 89 -8.85 -12.75 -3.21
C ARG A 89 -7.99 -13.79 -2.50
N GLU A 90 -7.99 -15.01 -3.01
CA GLU A 90 -7.21 -16.10 -2.43
C GLU A 90 -5.72 -15.80 -2.43
N VAL A 91 -5.19 -15.36 -3.58
CA VAL A 91 -3.76 -15.05 -3.68
C VAL A 91 -3.39 -13.92 -2.72
N PHE A 92 -4.21 -12.88 -2.69
CA PHE A 92 -3.97 -11.72 -1.83
C PHE A 92 -4.07 -12.12 -0.35
N PHE A 93 -5.10 -12.88 -0.01
CA PHE A 93 -5.31 -13.31 1.37
C PHE A 93 -4.17 -14.22 1.83
N ARG A 94 -3.71 -15.08 0.92
CA ARG A 94 -2.64 -16.00 1.22
C ARG A 94 -1.36 -15.26 1.61
N VAL A 95 -0.88 -14.39 0.73
CA VAL A 95 0.34 -13.63 0.99
C VAL A 95 0.19 -12.72 2.21
N ALA A 96 -1.05 -12.35 2.51
CA ALA A 96 -1.33 -11.50 3.66
C ALA A 96 -1.08 -12.26 4.96
N ALA A 97 -1.54 -13.51 4.99
CA ALA A 97 -1.39 -14.36 6.15
C ALA A 97 -0.01 -15.02 6.18
N ASP A 98 0.53 -15.30 5.00
CA ASP A 98 1.85 -15.93 4.87
C ASP A 98 2.92 -15.14 5.62
N MET A 99 2.84 -13.82 5.56
CA MET A 99 3.80 -12.97 6.23
C MET A 99 3.28 -12.52 7.59
N PHE A 100 2.30 -13.24 8.11
CA PHE A 100 1.70 -12.89 9.41
C PHE A 100 1.60 -14.10 10.33
N SER A 101 1.84 -15.29 9.79
CA SER A 101 1.77 -16.52 10.58
C SER A 101 2.79 -16.50 11.71
N ASP A 102 3.96 -15.96 11.42
CA ASP A 102 5.03 -15.86 12.43
C ASP A 102 4.82 -14.65 13.31
N GLY A 103 4.00 -13.72 12.82
CA GLY A 103 3.73 -12.49 13.57
C GLY A 103 4.97 -11.64 13.74
N ASN A 104 5.95 -11.84 12.87
CA ASN A 104 7.19 -11.11 12.94
C ASN A 104 7.04 -9.70 12.36
N PHE A 105 7.19 -8.70 13.23
CA PHE A 105 7.07 -7.31 12.82
C PHE A 105 8.40 -6.78 12.30
N ASN A 106 8.74 -7.17 11.08
CA ASN A 106 9.98 -6.75 10.44
C ASN A 106 9.79 -5.50 9.60
N TRP A 107 8.54 -5.06 9.47
CA TRP A 107 8.19 -3.87 8.67
C TRP A 107 8.27 -4.13 7.16
N GLY A 108 9.31 -4.82 6.73
CA GLY A 108 9.50 -5.13 5.31
C GLY A 108 8.31 -5.83 4.69
N ARG A 109 7.63 -6.65 5.49
CA ARG A 109 6.45 -7.37 5.02
C ARG A 109 5.32 -6.43 4.58
N VAL A 110 5.42 -5.17 4.98
CA VAL A 110 4.42 -4.18 4.61
C VAL A 110 4.71 -3.62 3.22
N VAL A 111 5.95 -3.17 3.02
CA VAL A 111 6.35 -2.63 1.72
C VAL A 111 6.32 -3.71 0.65
N ALA A 112 6.62 -4.94 1.05
CA ALA A 112 6.60 -6.07 0.13
C ALA A 112 5.19 -6.30 -0.38
N LEU A 113 4.21 -6.11 0.51
CA LEU A 113 2.81 -6.28 0.16
C LEU A 113 2.39 -5.19 -0.82
N PHE A 114 2.89 -3.98 -0.59
CA PHE A 114 2.58 -2.85 -1.46
C PHE A 114 3.10 -3.10 -2.87
N TYR A 115 4.31 -3.65 -2.96
CA TYR A 115 4.91 -3.96 -4.25
C TYR A 115 4.10 -5.03 -4.98
N PHE A 116 3.66 -6.03 -4.24
CA PHE A 116 2.87 -7.11 -4.81
C PHE A 116 1.51 -6.61 -5.28
N ALA A 117 0.88 -5.78 -4.45
CA ALA A 117 -0.43 -5.22 -4.78
C ALA A 117 -0.38 -4.32 -6.01
N SER A 118 0.61 -3.43 -6.05
CA SER A 118 0.75 -2.51 -7.18
C SER A 118 0.98 -3.26 -8.48
N LYS A 119 1.74 -4.35 -8.40
CA LYS A 119 2.01 -5.17 -9.59
C LYS A 119 0.72 -5.77 -10.13
N LEU A 120 -0.17 -6.16 -9.23
CA LEU A 120 -1.45 -6.73 -9.61
C LEU A 120 -2.34 -5.66 -10.22
N VAL A 121 -2.30 -4.46 -9.62
CA VAL A 121 -3.08 -3.33 -10.10
C VAL A 121 -2.67 -2.98 -11.53
N LEU A 122 -1.37 -2.95 -11.76
CA LEU A 122 -0.84 -2.63 -13.09
C LEU A 122 -1.27 -3.70 -14.10
N LYS A 123 -1.26 -4.95 -13.66
CA LYS A 123 -1.65 -6.06 -14.50
C LYS A 123 -3.14 -5.95 -14.85
N ALA A 124 -3.95 -5.66 -13.84
CA ALA A 124 -5.39 -5.51 -14.02
C ALA A 124 -5.70 -4.33 -14.94
N LEU A 125 -4.93 -3.25 -14.80
CA LEU A 125 -5.10 -2.07 -15.62
C LEU A 125 -4.87 -2.42 -17.08
N CYS A 126 -3.89 -3.28 -17.32
CA CYS A 126 -3.54 -3.73 -18.67
C CYS A 126 -4.60 -4.69 -19.21
N THR A 127 -5.57 -5.03 -18.37
CA THR A 127 -6.66 -5.92 -18.75
C THR A 127 -7.93 -5.09 -18.98
N LYS A 128 -7.78 -3.78 -18.83
CA LYS A 128 -8.89 -2.83 -19.00
C LYS A 128 -10.04 -3.06 -18.03
N VAL A 129 -9.72 -3.50 -16.82
CA VAL A 129 -10.75 -3.72 -15.81
C VAL A 129 -10.57 -2.77 -14.62
N PRO A 130 -11.23 -1.60 -14.69
CA PRO A 130 -11.13 -0.55 -13.66
C PRO A 130 -11.79 -0.95 -12.34
N GLU A 131 -12.88 -1.72 -12.40
CA GLU A 131 -13.57 -2.14 -11.19
C GLU A 131 -12.67 -2.98 -10.31
N LEU A 132 -11.89 -3.88 -10.92
CA LEU A 132 -10.98 -4.74 -10.18
C LEU A 132 -9.96 -3.90 -9.41
N ILE A 133 -9.58 -2.76 -9.98
CA ILE A 133 -8.62 -1.87 -9.35
C ILE A 133 -9.18 -1.39 -8.01
N ARG A 134 -10.47 -1.06 -8.00
CA ARG A 134 -11.14 -0.59 -6.79
C ARG A 134 -11.30 -1.75 -5.81
N THR A 135 -11.52 -2.94 -6.34
CA THR A 135 -11.68 -4.12 -5.51
C THR A 135 -10.38 -4.44 -4.77
N ILE A 136 -9.26 -4.36 -5.50
CA ILE A 136 -7.95 -4.61 -4.91
C ILE A 136 -7.67 -3.56 -3.83
N MET A 137 -8.02 -2.32 -4.14
CA MET A 137 -7.83 -1.21 -3.20
C MET A 137 -8.61 -1.48 -1.92
N GLY A 138 -9.86 -1.91 -2.07
CA GLY A 138 -10.70 -2.21 -0.93
C GLY A 138 -10.14 -3.37 -0.12
N TRP A 139 -9.54 -4.33 -0.82
CA TRP A 139 -8.94 -5.50 -0.18
C TRP A 139 -7.69 -5.11 0.60
N THR A 140 -6.93 -4.17 0.04
CA THR A 140 -5.71 -3.70 0.68
C THR A 140 -6.06 -2.95 1.96
N LEU A 141 -7.08 -2.10 1.88
CA LEU A 141 -7.52 -1.34 3.04
C LEU A 141 -8.18 -2.26 4.05
N ASP A 142 -8.80 -3.32 3.55
CA ASP A 142 -9.49 -4.31 4.38
C ASP A 142 -8.52 -4.90 5.41
N PHE A 143 -7.42 -5.43 4.92
CA PHE A 143 -6.41 -6.04 5.78
C PHE A 143 -5.78 -4.98 6.70
N LEU A 144 -5.72 -3.75 6.21
CA LEU A 144 -5.16 -2.66 6.98
C LEU A 144 -6.04 -2.31 8.17
N ARG A 145 -7.32 -2.11 7.92
CA ARG A 145 -8.27 -1.76 8.98
C ARG A 145 -8.44 -2.91 9.97
N GLU A 146 -8.34 -4.12 9.46
CA GLU A 146 -8.49 -5.32 10.29
C GLU A 146 -7.31 -5.56 11.22
N ARG A 147 -6.09 -5.44 10.70
CA ARG A 147 -4.91 -5.72 11.51
C ARG A 147 -3.89 -4.57 11.59
N LEU A 148 -3.42 -4.12 10.43
CA LEU A 148 -2.39 -3.07 10.35
C LEU A 148 -2.68 -1.84 11.21
N LEU A 149 -3.95 -1.44 11.28
CA LEU A 149 -4.37 -0.27 12.05
C LEU A 149 -3.87 -0.33 13.49
N GLY A 150 -3.94 -1.51 14.09
CA GLY A 150 -3.51 -1.67 15.47
C GLY A 150 -2.03 -1.39 15.67
N TRP A 151 -1.21 -1.82 14.72
CA TRP A 151 0.23 -1.61 14.81
C TRP A 151 0.58 -0.14 14.57
N ILE A 152 -0.01 0.45 13.54
CA ILE A 152 0.25 1.86 13.20
C ILE A 152 -0.21 2.76 14.34
N GLN A 153 -1.28 2.37 15.01
CA GLN A 153 -1.83 3.13 16.11
C GLN A 153 -0.88 3.09 17.31
N ASP A 154 -0.29 1.92 17.57
CA ASP A 154 0.60 1.74 18.71
C ASP A 154 1.91 2.52 18.56
N GLN A 155 2.44 2.56 17.35
CA GLN A 155 3.70 3.27 17.09
C GLN A 155 3.49 4.78 17.07
N GLY A 156 2.23 5.19 17.01
CA GLY A 156 1.92 6.62 17.00
C GLY A 156 1.98 7.24 15.62
N GLY A 157 1.39 6.57 14.64
CA GLY A 157 1.38 7.09 13.28
C GLY A 157 2.29 6.32 12.36
N TRP A 158 2.60 6.92 11.21
CA TRP A 158 3.46 6.28 10.22
C TRP A 158 4.92 6.65 10.46
N ASP A 159 5.21 7.04 11.70
CA ASP A 159 6.56 7.44 12.09
C ASP A 159 7.53 6.26 11.97
N GLY A 160 7.01 5.06 12.23
CA GLY A 160 7.82 3.86 12.15
C GLY A 160 8.29 3.58 10.73
N LEU A 161 7.47 3.93 9.76
CA LEU A 161 7.83 3.72 8.36
C LEU A 161 9.06 4.55 7.98
N LEU A 162 9.05 5.81 8.36
CA LEU A 162 10.17 6.70 8.07
C LEU A 162 11.40 6.31 8.87
N SER A 163 11.17 5.76 10.06
CA SER A 163 12.27 5.33 10.91
C SER A 163 12.88 4.03 10.42
N TYR A 164 12.14 3.30 9.60
CA TYR A 164 12.61 2.04 9.04
C TYR A 164 13.42 2.31 7.78
N PHE A 165 13.06 3.39 7.09
CA PHE A 165 13.74 3.77 5.86
C PHE A 165 15.18 4.17 6.13
N GLY A 166 16.12 3.31 5.74
CA GLY A 166 17.52 3.59 5.95
C GLY A 166 18.31 3.49 4.66
N THR A 167 19.49 4.10 4.64
CA THR A 167 20.34 4.07 3.45
C THR A 167 21.49 3.06 3.57
N PRO A 168 22.31 3.12 4.66
CA PRO A 168 23.45 2.21 4.85
C PRO A 168 23.05 0.73 4.78
N THR A 169 23.87 -0.06 4.07
CA THR A 169 23.65 -1.49 3.91
C THR A 169 22.31 -1.77 3.20
N TRP A 170 21.98 -0.92 2.23
CA TRP A 170 20.74 -1.06 1.48
C TRP A 170 20.67 -2.40 0.74
N GLN A 171 21.83 -2.95 0.41
CA GLN A 171 21.92 -4.22 -0.30
C GLN A 171 21.14 -5.32 0.43
N THR A 172 21.37 -5.43 1.73
CA THR A 172 20.70 -6.45 2.53
C THR A 172 19.21 -6.16 2.67
N VAL A 173 18.82 -4.91 2.46
CA VAL A 173 17.42 -4.52 2.56
C VAL A 173 16.67 -4.97 1.31
N THR A 174 17.31 -4.79 0.15
CA THR A 174 16.71 -5.19 -1.12
C THR A 174 16.48 -6.70 -1.16
N ILE A 175 17.50 -7.45 -0.79
CA ILE A 175 17.43 -8.91 -0.77
C ILE A 175 16.42 -9.38 0.28
N PHE A 176 16.28 -8.62 1.35
CA PHE A 176 15.34 -8.96 2.42
C PHE A 176 13.92 -8.99 1.88
N VAL A 177 13.51 -7.90 1.25
CA VAL A 177 12.17 -7.78 0.68
C VAL A 177 11.94 -8.86 -0.39
N ALA A 178 12.90 -8.99 -1.29
CA ALA A 178 12.80 -9.99 -2.35
C ALA A 178 12.67 -11.39 -1.77
N GLY A 179 13.49 -11.69 -0.77
CA GLY A 179 13.48 -12.99 -0.12
C GLY A 179 12.12 -13.33 0.46
N VAL A 180 11.49 -12.35 1.10
CA VAL A 180 10.17 -12.56 1.70
C VAL A 180 9.15 -12.92 0.62
N LEU A 181 9.16 -12.17 -0.48
CA LEU A 181 8.25 -12.41 -1.59
C LEU A 181 8.53 -13.75 -2.24
N THR A 182 9.82 -14.09 -2.36
CA THR A 182 10.23 -15.34 -2.97
C THR A 182 9.68 -16.53 -2.19
N ALA A 183 9.72 -16.44 -0.86
CA ALA A 183 9.23 -17.51 0.00
C ALA A 183 7.77 -17.85 -0.28
N SER A 184 6.89 -16.86 -0.16
CA SER A 184 5.47 -17.05 -0.39
C SER A 184 5.17 -17.49 -1.83
N LEU A 185 5.87 -16.91 -2.79
CA LEU A 185 5.68 -17.26 -4.20
C LEU A 185 6.02 -18.72 -4.47
N THR A 186 7.08 -19.20 -3.84
CA THR A 186 7.50 -20.59 -4.02
C THR A 186 6.43 -21.55 -3.49
N ILE A 187 5.74 -21.13 -2.44
CA ILE A 187 4.69 -21.94 -1.84
C ILE A 187 3.45 -21.92 -2.73
N TRP A 188 3.24 -20.81 -3.43
CA TRP A 188 2.10 -20.68 -4.31
C TRP A 188 2.21 -21.59 -5.53
N LYS A 189 3.38 -21.57 -6.17
CA LYS A 189 3.61 -22.41 -7.33
C LYS A 189 4.05 -23.81 -6.94
N LYS A 190 3.17 -24.49 -6.20
CA LYS A 190 3.44 -25.85 -5.74
C LYS A 190 3.25 -26.84 -6.88
N MET A 191 4.23 -26.90 -7.77
CA MET A 191 4.23 -27.80 -8.93
C MET A 191 3.30 -27.30 -10.02
N GLY A 192 2.11 -26.84 -9.64
CA GLY A 192 1.16 -26.33 -10.58
C GLY A 192 0.37 -25.18 -10.00
N GLU B 1 -12.67 -8.24 5.99
CA GLU B 1 -14.10 -8.64 6.00
C GLU B 1 -14.86 -7.95 4.87
N ILE B 2 -15.96 -8.56 4.44
CA ILE B 2 -16.78 -8.01 3.36
C ILE B 2 -17.32 -6.63 3.73
N TRP B 3 -18.00 -6.55 4.87
CA TRP B 3 -18.57 -5.27 5.33
C TRP B 3 -17.48 -4.22 5.53
N ILE B 4 -16.33 -4.65 6.03
CA ILE B 4 -15.21 -3.75 6.27
C ILE B 4 -14.66 -3.18 4.96
N ALA B 5 -14.27 -4.07 4.05
CA ALA B 5 -13.73 -3.65 2.75
C ALA B 5 -14.72 -2.78 1.98
N GLN B 6 -16.01 -3.00 2.21
CA GLN B 6 -17.05 -2.22 1.54
C GLN B 6 -16.96 -0.75 1.92
N GLU B 7 -16.95 -0.47 3.22
CA GLU B 7 -16.86 0.90 3.71
C GLU B 7 -15.52 1.50 3.33
N LEU B 8 -14.48 0.68 3.36
CA LEU B 8 -13.14 1.11 3.01
C LEU B 8 -13.05 1.52 1.56
N ARG B 9 -13.84 0.85 0.71
CA ARG B 9 -13.87 1.17 -0.71
C ARG B 9 -14.36 2.61 -0.88
N ARG B 10 -15.27 3.02 0.00
CA ARG B 10 -15.80 4.37 -0.02
C ARG B 10 -14.76 5.34 0.51
N ILE B 11 -14.04 4.93 1.55
CA ILE B 11 -12.99 5.76 2.15
C ILE B 11 -11.89 6.01 1.12
N GLY B 12 -11.55 4.97 0.37
CA GLY B 12 -10.53 5.10 -0.65
C GLY B 12 -11.00 5.92 -1.82
N ASP B 13 -12.31 6.07 -1.95
CA ASP B 13 -12.90 6.85 -3.02
C ASP B 13 -13.06 8.31 -2.61
N GLU B 14 -13.42 8.53 -1.34
CA GLU B 14 -13.60 9.87 -0.81
C GLU B 14 -12.29 10.64 -0.84
N PHE B 15 -11.19 9.94 -0.58
CA PHE B 15 -9.88 10.57 -0.59
C PHE B 15 -9.31 10.63 -2.00
N ASN B 16 -9.87 9.82 -2.89
CA ASN B 16 -9.43 9.80 -4.27
C ASN B 16 -9.90 11.07 -4.96
N ALA B 17 -11.21 11.24 -5.02
CA ALA B 17 -11.82 12.41 -5.65
C ALA B 17 -11.74 13.63 -4.72
N TYR B 18 -10.61 13.76 -4.04
CA TYR B 18 -10.37 14.88 -3.14
C TYR B 18 -8.92 15.32 -3.26
N TYR B 19 -8.15 14.56 -4.04
CA TYR B 19 -6.74 14.87 -4.25
C TYR B 19 -6.31 14.63 -5.69
N ALA B 20 -6.97 13.70 -6.36
CA ALA B 20 -6.66 13.38 -7.75
C ALA B 20 -7.89 12.90 -8.49
N MET A 1 -11.56 28.46 26.04
CA MET A 1 -10.24 28.59 26.72
C MET A 1 -9.39 27.33 26.53
N ASP A 2 -9.79 26.48 25.60
CA ASP A 2 -9.05 25.24 25.34
C ASP A 2 -7.73 25.53 24.63
N GLY A 3 -7.73 26.56 23.78
CA GLY A 3 -6.53 26.93 23.06
C GLY A 3 -5.50 27.54 23.97
N SER A 4 -5.97 28.22 25.00
CA SER A 4 -5.11 28.85 25.98
C SER A 4 -4.90 27.94 27.19
N GLY A 5 -5.19 26.66 27.00
CA GLY A 5 -5.03 25.69 28.06
C GLY A 5 -3.62 25.14 28.13
N GLU A 6 -3.45 24.06 28.85
CA GLU A 6 -2.14 23.44 29.01
C GLU A 6 -1.92 22.38 27.92
N GLN A 7 -1.25 22.78 26.85
CA GLN A 7 -0.98 21.88 25.74
C GLN A 7 0.53 21.70 25.54
N PRO A 8 1.02 20.46 25.70
CA PRO A 8 2.45 20.16 25.54
C PRO A 8 2.82 19.95 24.08
N ARG A 9 3.08 21.06 23.38
CA ARG A 9 3.47 21.04 21.95
C ARG A 9 2.26 20.77 21.06
N GLY A 10 1.51 19.73 21.39
CA GLY A 10 0.34 19.37 20.62
C GLY A 10 -0.70 18.70 21.49
N GLY A 11 -1.82 18.32 20.90
CA GLY A 11 -2.87 17.67 21.65
C GLY A 11 -3.02 16.22 21.25
N GLY A 12 -3.90 15.50 21.94
CA GLY A 12 -4.13 14.11 21.63
C GLY A 12 -5.55 13.85 21.16
N PRO A 13 -5.78 13.87 19.84
CA PRO A 13 -7.10 13.64 19.27
C PRO A 13 -7.30 12.17 18.90
N THR A 14 -8.40 11.86 18.22
CA THR A 14 -8.67 10.50 17.82
C THR A 14 -7.83 10.13 16.60
N SER A 15 -7.11 9.03 16.69
CA SER A 15 -6.27 8.59 15.59
C SER A 15 -6.85 7.36 14.88
N SER A 16 -8.01 6.92 15.33
CA SER A 16 -8.67 5.76 14.74
C SER A 16 -9.01 5.97 13.26
N GLU A 17 -10.01 6.80 12.99
CA GLU A 17 -10.42 7.07 11.62
C GLU A 17 -9.43 8.04 10.96
N GLN A 18 -8.67 8.75 11.80
CA GLN A 18 -7.69 9.71 11.31
C GLN A 18 -6.64 9.01 10.47
N ILE A 19 -6.01 7.99 11.03
CA ILE A 19 -4.98 7.23 10.33
C ILE A 19 -5.59 6.49 9.14
N MET A 20 -6.84 6.07 9.30
CA MET A 20 -7.56 5.36 8.27
C MET A 20 -7.67 6.21 6.99
N LYS A 21 -8.05 7.47 7.17
CA LYS A 21 -8.17 8.38 6.04
C LYS A 21 -6.82 8.62 5.37
N THR A 22 -5.77 8.72 6.19
CA THR A 22 -4.42 8.93 5.67
C THR A 22 -4.01 7.76 4.77
N GLY A 23 -4.45 6.56 5.14
CA GLY A 23 -4.14 5.37 4.36
C GLY A 23 -4.74 5.43 2.98
N ALA A 24 -5.91 6.05 2.88
CA ALA A 24 -6.60 6.20 1.60
C ALA A 24 -5.88 7.20 0.70
N LEU A 25 -4.96 7.94 1.28
CA LEU A 25 -4.19 8.92 0.52
C LEU A 25 -2.90 8.28 -0.01
N LEU A 26 -2.31 7.40 0.80
CA LEU A 26 -1.09 6.71 0.41
C LEU A 26 -1.34 5.81 -0.80
N LEU A 27 -2.47 5.11 -0.79
CA LEU A 27 -2.84 4.23 -1.89
C LEU A 27 -3.03 5.03 -3.18
N GLN A 28 -3.54 6.25 -3.03
CA GLN A 28 -3.76 7.13 -4.17
C GLN A 28 -2.45 7.46 -4.87
N GLY A 29 -1.50 7.99 -4.09
CA GLY A 29 -0.21 8.37 -4.64
C GLY A 29 0.53 7.21 -5.26
N PHE A 30 0.55 6.07 -4.58
CA PHE A 30 1.25 4.89 -5.06
C PHE A 30 0.68 4.39 -6.39
N ILE A 31 -0.65 4.39 -6.50
CA ILE A 31 -1.30 3.93 -7.71
C ILE A 31 -1.21 4.96 -8.83
N GLN A 32 -1.54 6.21 -8.52
CA GLN A 32 -1.50 7.29 -9.51
C GLN A 32 -0.13 7.49 -10.12
N ASP A 33 0.92 7.27 -9.34
CA ASP A 33 2.28 7.42 -9.82
C ASP A 33 2.56 6.48 -10.98
N ARG A 34 2.25 5.20 -10.77
CA ARG A 34 2.48 4.20 -11.81
C ARG A 34 1.40 4.23 -12.88
N ALA A 35 0.21 4.70 -12.53
CA ALA A 35 -0.89 4.81 -13.48
C ALA A 35 -0.57 5.84 -14.55
N GLY A 36 0.19 6.86 -14.16
CA GLY A 36 0.57 7.90 -15.10
C GLY A 36 1.49 7.39 -16.18
N ARG A 37 2.09 6.23 -15.93
CA ARG A 37 3.01 5.61 -16.89
C ARG A 37 2.23 4.93 -18.01
N MET A 38 0.90 4.93 -17.88
CA MET A 38 0.04 4.31 -18.87
C MET A 38 -0.50 5.37 -19.85
N GLY A 39 -0.80 6.55 -19.31
CA GLY A 39 -1.30 7.61 -20.15
C GLY A 39 -2.55 8.26 -19.58
N GLY A 40 -3.30 8.92 -20.45
CA GLY A 40 -4.52 9.57 -20.02
C GLY A 40 -5.53 9.67 -21.14
N GLU A 41 -6.81 9.51 -20.81
CA GLU A 41 -7.89 9.58 -21.80
C GLU A 41 -8.30 11.02 -22.10
N ALA A 42 -7.34 11.78 -22.64
CA ALA A 42 -7.56 13.18 -23.01
C ALA A 42 -8.11 14.03 -21.86
N PRO A 43 -7.24 14.40 -20.90
CA PRO A 43 -7.62 15.21 -19.75
C PRO A 43 -7.65 16.69 -20.12
N GLU A 44 -8.85 17.19 -20.43
CA GLU A 44 -9.02 18.58 -20.80
C GLU A 44 -9.22 19.48 -19.59
N LEU A 45 -10.12 19.06 -18.71
CA LEU A 45 -10.41 19.83 -17.51
C LEU A 45 -9.72 19.22 -16.31
N ALA A 46 -10.08 17.98 -15.99
CA ALA A 46 -9.49 17.25 -14.86
C ALA A 46 -9.81 17.91 -13.53
N LEU A 47 -9.17 17.43 -12.47
CA LEU A 47 -9.37 17.95 -11.13
C LEU A 47 -8.14 17.70 -10.28
N ASP A 48 -7.61 18.76 -9.69
CA ASP A 48 -6.43 18.65 -8.84
C ASP A 48 -6.46 19.68 -7.73
N PRO A 49 -6.68 19.23 -6.48
CA PRO A 49 -6.74 20.11 -5.31
C PRO A 49 -5.35 20.53 -4.84
N VAL A 50 -4.32 19.98 -5.49
CA VAL A 50 -2.93 20.27 -5.15
C VAL A 50 -2.62 19.86 -3.71
N PRO A 51 -2.08 18.64 -3.54
CA PRO A 51 -1.73 18.10 -2.21
C PRO A 51 -0.79 19.02 -1.43
N GLN A 52 -1.34 19.65 -0.40
CA GLN A 52 -0.57 20.56 0.44
C GLN A 52 0.15 19.80 1.55
N ASP A 53 -0.18 18.53 1.69
CA ASP A 53 0.43 17.69 2.72
C ASP A 53 1.75 17.12 2.25
N ALA A 54 2.81 17.40 3.01
CA ALA A 54 4.15 16.92 2.68
C ALA A 54 4.39 15.53 3.26
N SER A 55 3.62 15.19 4.28
CA SER A 55 3.75 13.90 4.96
C SER A 55 3.53 12.73 4.00
N THR A 56 2.34 12.65 3.43
CA THR A 56 2.00 11.57 2.51
C THR A 56 2.82 11.66 1.23
N LYS A 57 3.13 12.88 0.82
CA LYS A 57 3.92 13.13 -0.37
C LYS A 57 5.31 12.50 -0.22
N LYS A 58 5.91 12.71 0.94
CA LYS A 58 7.23 12.18 1.22
C LYS A 58 7.18 10.65 1.34
N LEU A 59 6.11 10.16 1.96
CA LEU A 59 5.92 8.72 2.14
C LEU A 59 5.81 8.01 0.80
N SER A 60 5.02 8.58 -0.10
CA SER A 60 4.83 8.00 -1.42
C SER A 60 6.14 8.00 -2.21
N GLU A 61 6.93 9.06 -2.01
CA GLU A 61 8.22 9.21 -2.69
C GLU A 61 9.17 8.05 -2.33
N CYS A 62 9.36 7.82 -1.04
CA CYS A 62 10.26 6.77 -0.59
C CYS A 62 9.74 5.38 -0.98
N LEU A 63 8.44 5.17 -0.86
CA LEU A 63 7.85 3.88 -1.22
C LEU A 63 8.01 3.59 -2.70
N LYS A 64 7.77 4.61 -3.52
CA LYS A 64 7.88 4.48 -4.97
C LYS A 64 9.31 4.18 -5.42
N ARG A 65 10.27 4.92 -4.87
CA ARG A 65 11.67 4.71 -5.24
C ARG A 65 12.16 3.31 -4.91
N ILE A 66 11.69 2.75 -3.81
CA ILE A 66 12.08 1.40 -3.42
C ILE A 66 11.40 0.39 -4.35
N GLY A 67 10.14 0.65 -4.66
CA GLY A 67 9.37 -0.21 -5.53
C GLY A 67 9.99 -0.37 -6.91
N ASP A 68 10.50 0.73 -7.45
CA ASP A 68 11.14 0.71 -8.77
C ASP A 68 12.39 -0.15 -8.77
N GLU A 69 13.14 -0.08 -7.66
CA GLU A 69 14.36 -0.87 -7.51
C GLU A 69 14.00 -2.34 -7.40
N LEU A 70 12.85 -2.62 -6.79
CA LEU A 70 12.36 -3.98 -6.61
C LEU A 70 11.81 -4.52 -7.93
N ASP A 71 11.73 -3.65 -8.92
CA ASP A 71 11.24 -4.03 -10.24
C ASP A 71 12.42 -4.21 -11.19
N SER A 72 13.57 -3.69 -10.79
CA SER A 72 14.78 -3.80 -11.59
C SER A 72 15.29 -5.23 -11.62
N ASN A 73 15.26 -5.89 -10.45
CA ASN A 73 15.69 -7.28 -10.34
C ASN A 73 14.81 -8.20 -11.19
N MET A 74 15.36 -8.64 -12.31
CA MET A 74 14.65 -9.52 -13.25
C MET A 74 14.19 -10.81 -12.59
N GLU A 75 14.98 -11.32 -11.65
CA GLU A 75 14.65 -12.55 -10.94
C GLU A 75 13.26 -12.50 -10.33
N LEU A 76 13.01 -11.49 -9.51
CA LEU A 76 11.70 -11.35 -8.86
C LEU A 76 10.62 -10.95 -9.86
N GLN A 77 10.96 -10.08 -10.80
CA GLN A 77 10.01 -9.62 -11.81
C GLN A 77 9.48 -10.80 -12.63
N ARG A 78 10.38 -11.69 -13.02
CA ARG A 78 10.02 -12.86 -13.80
C ARG A 78 9.12 -13.80 -13.01
N MET A 79 9.37 -13.87 -11.70
CA MET A 79 8.57 -14.72 -10.82
C MET A 79 7.15 -14.19 -10.70
N ILE A 80 7.02 -12.87 -10.63
CA ILE A 80 5.72 -12.22 -10.53
C ILE A 80 4.91 -12.46 -11.80
N ALA A 81 5.59 -12.50 -12.93
CA ALA A 81 4.93 -12.72 -14.22
C ALA A 81 4.48 -14.16 -14.38
N ALA A 82 4.92 -15.02 -13.46
CA ALA A 82 4.56 -16.43 -13.50
C ALA A 82 3.48 -16.77 -12.47
N VAL A 83 2.90 -15.75 -11.86
CA VAL A 83 1.86 -15.96 -10.86
C VAL A 83 0.52 -16.24 -11.55
N ASP A 84 -0.29 -17.08 -10.94
CA ASP A 84 -1.59 -17.44 -11.50
C ASP A 84 -2.63 -16.38 -11.17
N THR A 85 -3.25 -15.83 -12.20
CA THR A 85 -4.28 -14.81 -12.02
C THR A 85 -5.67 -15.45 -12.09
N ASP A 86 -5.92 -16.38 -11.19
CA ASP A 86 -7.19 -17.09 -11.14
C ASP A 86 -8.06 -16.56 -10.00
N SER A 87 -7.62 -16.80 -8.78
CA SER A 87 -8.34 -16.35 -7.60
C SER A 87 -7.65 -15.12 -6.99
N PRO A 88 -8.19 -13.92 -7.23
CA PRO A 88 -7.62 -12.67 -6.73
C PRO A 88 -7.56 -12.58 -5.21
N ARG A 89 -8.72 -12.67 -4.57
CA ARG A 89 -8.79 -12.57 -3.11
C ARG A 89 -8.00 -13.67 -2.43
N GLU A 90 -8.09 -14.89 -2.96
CA GLU A 90 -7.39 -16.04 -2.40
C GLU A 90 -5.89 -15.79 -2.30
N VAL A 91 -5.27 -15.42 -3.41
CA VAL A 91 -3.84 -15.16 -3.45
C VAL A 91 -3.48 -13.97 -2.57
N PHE A 92 -4.24 -12.89 -2.69
CA PHE A 92 -3.99 -11.67 -1.93
C PHE A 92 -4.10 -11.91 -0.42
N PHE A 93 -5.16 -12.62 -0.02
CA PHE A 93 -5.37 -12.91 1.40
C PHE A 93 -4.32 -13.88 1.92
N ARG A 94 -3.93 -14.83 1.08
CA ARG A 94 -2.93 -15.81 1.45
C ARG A 94 -1.60 -15.14 1.78
N VAL A 95 -1.09 -14.33 0.85
CA VAL A 95 0.19 -13.65 1.08
C VAL A 95 0.10 -12.67 2.25
N ALA A 96 -1.10 -12.19 2.53
CA ALA A 96 -1.31 -11.27 3.64
C ALA A 96 -1.21 -12.02 4.96
N ALA A 97 -1.71 -13.26 4.98
CA ALA A 97 -1.69 -14.09 6.18
C ALA A 97 -0.35 -14.80 6.33
N ASP A 98 0.21 -15.23 5.20
CA ASP A 98 1.51 -15.94 5.19
C ASP A 98 2.59 -15.13 5.88
N MET A 99 2.57 -13.83 5.66
CA MET A 99 3.56 -12.93 6.26
C MET A 99 3.03 -12.35 7.57
N PHE A 100 1.99 -12.97 8.11
CA PHE A 100 1.39 -12.50 9.35
C PHE A 100 1.41 -13.59 10.43
N SER A 101 1.43 -14.85 10.00
CA SER A 101 1.45 -15.98 10.91
C SER A 101 2.75 -16.02 11.70
N ASP A 102 3.77 -15.35 11.19
CA ASP A 102 5.07 -15.31 11.84
C ASP A 102 5.01 -14.43 13.08
N GLY A 103 4.24 -13.36 13.01
CA GLY A 103 4.11 -12.45 14.13
C GLY A 103 5.22 -11.41 14.19
N ASN A 104 6.25 -11.63 13.39
CA ASN A 104 7.39 -10.72 13.34
C ASN A 104 7.08 -9.49 12.50
N PHE A 105 7.11 -8.33 13.13
CA PHE A 105 6.84 -7.07 12.44
C PHE A 105 8.13 -6.47 11.93
N ASN A 106 8.64 -7.02 10.83
CA ASN A 106 9.88 -6.55 10.22
C ASN A 106 9.67 -5.32 9.35
N TRP A 107 8.41 -4.90 9.21
CA TRP A 107 8.03 -3.74 8.40
C TRP A 107 8.14 -4.01 6.90
N GLY A 108 9.20 -4.72 6.50
CA GLY A 108 9.42 -5.06 5.10
C GLY A 108 8.25 -5.83 4.50
N ARG A 109 7.56 -6.59 5.32
CA ARG A 109 6.40 -7.38 4.86
C ARG A 109 5.28 -6.47 4.38
N VAL A 110 5.34 -5.19 4.74
CA VAL A 110 4.32 -4.23 4.34
C VAL A 110 4.65 -3.67 2.96
N VAL A 111 5.90 -3.22 2.78
CA VAL A 111 6.33 -2.67 1.50
C VAL A 111 6.30 -3.75 0.42
N ALA A 112 6.59 -4.99 0.82
CA ALA A 112 6.57 -6.11 -0.10
C ALA A 112 5.14 -6.34 -0.61
N LEU A 113 4.18 -6.20 0.31
CA LEU A 113 2.78 -6.36 -0.03
C LEU A 113 2.33 -5.24 -0.97
N PHE A 114 2.83 -4.04 -0.72
CA PHE A 114 2.51 -2.88 -1.55
C PHE A 114 3.01 -3.09 -2.97
N TYR A 115 4.22 -3.63 -3.09
CA TYR A 115 4.81 -3.91 -4.39
C TYR A 115 4.04 -5.00 -5.12
N PHE A 116 3.59 -5.99 -4.36
CA PHE A 116 2.82 -7.09 -4.91
C PHE A 116 1.45 -6.60 -5.40
N ALA A 117 0.80 -5.78 -4.56
CA ALA A 117 -0.51 -5.24 -4.88
C ALA A 117 -0.47 -4.35 -6.12
N SER A 118 0.53 -3.48 -6.19
CA SER A 118 0.67 -2.57 -7.32
C SER A 118 0.86 -3.33 -8.63
N LYS A 119 1.62 -4.42 -8.57
CA LYS A 119 1.86 -5.24 -9.75
C LYS A 119 0.56 -5.86 -10.24
N LEU A 120 -0.28 -6.25 -9.29
CA LEU A 120 -1.58 -6.84 -9.62
C LEU A 120 -2.49 -5.80 -10.24
N VAL A 121 -2.46 -4.59 -9.68
CA VAL A 121 -3.25 -3.48 -10.18
C VAL A 121 -2.86 -3.16 -11.61
N LEU A 122 -1.55 -3.10 -11.85
CA LEU A 122 -1.03 -2.80 -13.19
C LEU A 122 -1.45 -3.89 -14.18
N LYS A 123 -1.45 -5.14 -13.72
CA LYS A 123 -1.83 -6.27 -14.55
C LYS A 123 -3.31 -6.16 -14.94
N ALA A 124 -4.15 -5.88 -13.96
CA ALA A 124 -5.58 -5.75 -14.18
C ALA A 124 -5.90 -4.50 -15.02
N LEU A 125 -5.09 -3.46 -14.87
CA LEU A 125 -5.27 -2.23 -15.60
C LEU A 125 -5.09 -2.47 -17.10
N CYS A 126 -4.21 -3.39 -17.44
CA CYS A 126 -3.95 -3.74 -18.83
C CYS A 126 -5.16 -4.44 -19.45
N THR A 127 -5.90 -5.16 -18.62
CA THR A 127 -7.09 -5.87 -19.06
C THR A 127 -8.27 -4.92 -19.22
N LYS A 128 -8.08 -3.68 -18.75
CA LYS A 128 -9.10 -2.64 -18.83
C LYS A 128 -10.28 -2.91 -17.89
N VAL A 129 -9.98 -3.33 -16.67
CA VAL A 129 -11.03 -3.60 -15.70
C VAL A 129 -10.88 -2.72 -14.46
N PRO A 130 -11.53 -1.54 -14.48
CA PRO A 130 -11.48 -0.58 -13.37
C PRO A 130 -12.12 -1.13 -12.09
N GLU A 131 -13.13 -1.97 -12.25
CA GLU A 131 -13.82 -2.57 -11.11
C GLU A 131 -12.84 -3.34 -10.24
N LEU A 132 -12.01 -4.16 -10.88
CA LEU A 132 -11.02 -4.97 -10.17
C LEU A 132 -10.03 -4.06 -9.44
N ILE A 133 -9.70 -2.93 -10.05
CA ILE A 133 -8.78 -1.98 -9.45
C ILE A 133 -9.34 -1.47 -8.13
N ARG A 134 -10.61 -1.08 -8.16
CA ARG A 134 -11.27 -0.56 -6.95
C ARG A 134 -11.46 -1.69 -5.93
N THR A 135 -11.69 -2.89 -6.43
CA THR A 135 -11.87 -4.05 -5.57
C THR A 135 -10.58 -4.37 -4.81
N ILE A 136 -9.45 -4.37 -5.52
CA ILE A 136 -8.15 -4.64 -4.91
C ILE A 136 -7.84 -3.58 -3.87
N MET A 137 -8.14 -2.33 -4.20
CA MET A 137 -7.92 -1.21 -3.29
C MET A 137 -8.69 -1.41 -2.00
N GLY A 138 -9.95 -1.84 -2.14
CA GLY A 138 -10.79 -2.10 -0.98
C GLY A 138 -10.24 -3.25 -0.17
N TRP A 139 -9.69 -4.25 -0.86
CA TRP A 139 -9.12 -5.42 -0.21
C TRP A 139 -7.86 -5.04 0.55
N THR A 140 -7.11 -4.08 0.02
CA THR A 140 -5.89 -3.62 0.65
C THR A 140 -6.21 -2.89 1.95
N LEU A 141 -7.22 -2.03 1.89
CA LEU A 141 -7.64 -1.26 3.05
C LEU A 141 -8.33 -2.19 4.05
N ASP A 142 -8.88 -3.28 3.54
CA ASP A 142 -9.57 -4.26 4.37
C ASP A 142 -8.66 -4.83 5.43
N PHE A 143 -7.57 -5.45 5.00
CA PHE A 143 -6.60 -6.04 5.93
C PHE A 143 -6.00 -4.98 6.85
N LEU A 144 -5.98 -3.75 6.36
CA LEU A 144 -5.46 -2.63 7.15
C LEU A 144 -6.34 -2.37 8.36
N ARG A 145 -7.64 -2.27 8.13
CA ARG A 145 -8.59 -2.03 9.22
C ARG A 145 -8.69 -3.26 10.13
N GLU A 146 -8.47 -4.43 9.54
CA GLU A 146 -8.54 -5.69 10.27
C GLU A 146 -7.51 -5.77 11.40
N ARG A 147 -6.22 -5.60 11.08
CA ARG A 147 -5.18 -5.70 12.11
C ARG A 147 -4.10 -4.63 12.00
N LEU A 148 -3.80 -4.17 10.80
CA LEU A 148 -2.75 -3.18 10.59
C LEU A 148 -2.96 -1.88 11.37
N LEU A 149 -4.20 -1.41 11.42
CA LEU A 149 -4.53 -0.17 12.11
C LEU A 149 -4.02 -0.15 13.55
N GLY A 150 -4.21 -1.27 14.24
CA GLY A 150 -3.78 -1.37 15.63
C GLY A 150 -2.28 -1.20 15.78
N TRP A 151 -1.52 -1.79 14.86
CA TRP A 151 -0.07 -1.71 14.88
C TRP A 151 0.41 -0.33 14.48
N ILE A 152 -0.28 0.28 13.52
CA ILE A 152 0.08 1.61 13.04
C ILE A 152 -0.10 2.65 14.15
N GLN A 153 -1.23 2.59 14.85
CA GLN A 153 -1.50 3.52 15.94
C GLN A 153 -0.54 3.31 17.10
N ASP A 154 -0.04 2.09 17.23
CA ASP A 154 0.89 1.73 18.30
C ASP A 154 2.19 2.54 18.21
N GLN A 155 2.69 2.71 16.99
CA GLN A 155 3.93 3.44 16.79
C GLN A 155 3.70 4.94 16.62
N GLY A 156 2.45 5.37 16.74
CA GLY A 156 2.13 6.77 16.62
C GLY A 156 1.81 7.19 15.19
N GLY A 157 1.34 6.25 14.38
CA GLY A 157 0.98 6.56 13.01
C GLY A 157 1.96 5.99 12.01
N TRP A 158 2.17 6.71 10.92
CA TRP A 158 3.06 6.28 9.85
C TRP A 158 4.49 6.76 10.11
N ASP A 159 4.71 7.28 11.32
CA ASP A 159 6.02 7.78 11.72
C ASP A 159 7.05 6.66 11.68
N GLY A 160 6.60 5.44 12.00
CA GLY A 160 7.48 4.29 12.01
C GLY A 160 8.05 4.00 10.63
N LEU A 161 7.24 4.25 9.60
CA LEU A 161 7.67 4.01 8.23
C LEU A 161 8.77 4.99 7.83
N LEU A 162 8.61 6.25 8.26
CA LEU A 162 9.60 7.28 7.97
C LEU A 162 10.93 6.94 8.63
N SER A 163 10.86 6.38 9.83
CA SER A 163 12.05 6.00 10.55
C SER A 163 12.64 4.70 10.00
N TYR A 164 11.80 3.87 9.40
CA TYR A 164 12.24 2.60 8.84
C TYR A 164 13.08 2.81 7.59
N PHE A 165 12.73 3.85 6.83
CA PHE A 165 13.45 4.17 5.61
C PHE A 165 14.92 4.43 5.91
N GLY A 166 15.80 3.66 5.29
CA GLY A 166 17.22 3.81 5.51
C GLY A 166 17.99 3.89 4.21
N THR A 167 19.25 4.30 4.33
CA THR A 167 20.12 4.42 3.17
C THR A 167 21.34 3.49 3.26
N PRO A 168 22.12 3.54 4.37
CA PRO A 168 23.29 2.67 4.55
C PRO A 168 22.93 1.20 4.48
N THR A 169 23.64 0.48 3.60
CA THR A 169 23.44 -0.96 3.42
C THR A 169 22.04 -1.26 2.90
N TRP A 170 21.57 -0.44 1.96
CA TRP A 170 20.24 -0.62 1.38
C TRP A 170 20.18 -1.89 0.53
N GLN A 171 21.35 -2.38 0.12
CA GLN A 171 21.43 -3.60 -0.68
C GLN A 171 20.74 -4.76 0.01
N THR A 172 21.01 -4.90 1.31
CA THR A 172 20.41 -5.97 2.10
C THR A 172 18.91 -5.81 2.16
N VAL A 173 18.43 -4.57 2.17
CA VAL A 173 17.01 -4.29 2.22
C VAL A 173 16.32 -4.81 0.97
N THR A 174 16.88 -4.49 -0.19
CA THR A 174 16.34 -4.92 -1.46
C THR A 174 16.27 -6.45 -1.52
N ILE A 175 17.34 -7.11 -1.11
CA ILE A 175 17.41 -8.56 -1.12
C ILE A 175 16.42 -9.16 -0.11
N PHE A 176 16.28 -8.49 1.03
CA PHE A 176 15.37 -8.94 2.08
C PHE A 176 13.93 -8.92 1.59
N VAL A 177 13.49 -7.78 1.09
CA VAL A 177 12.11 -7.63 0.59
C VAL A 177 11.82 -8.64 -0.52
N ALA A 178 12.74 -8.75 -1.47
CA ALA A 178 12.59 -9.68 -2.57
C ALA A 178 12.52 -11.12 -2.06
N GLY A 179 13.32 -11.43 -1.06
CA GLY A 179 13.34 -12.77 -0.48
C GLY A 179 12.01 -13.14 0.15
N VAL A 180 11.42 -12.20 0.87
CA VAL A 180 10.12 -12.43 1.52
C VAL A 180 9.06 -12.81 0.49
N LEU A 181 8.99 -12.03 -0.59
CA LEU A 181 8.03 -12.29 -1.65
C LEU A 181 8.30 -13.63 -2.32
N THR A 182 9.57 -13.93 -2.54
CA THR A 182 9.99 -15.18 -3.16
C THR A 182 9.53 -16.37 -2.33
N ALA A 183 9.70 -16.26 -1.01
CA ALA A 183 9.32 -17.32 -0.09
C ALA A 183 7.85 -17.72 -0.24
N SER A 184 6.96 -16.74 -0.08
CA SER A 184 5.53 -16.98 -0.20
C SER A 184 5.14 -17.47 -1.58
N LEU A 185 5.74 -16.90 -2.61
CA LEU A 185 5.46 -17.27 -3.99
C LEU A 185 5.83 -18.73 -4.25
N THR A 186 6.92 -19.19 -3.63
CA THR A 186 7.36 -20.57 -3.79
C THR A 186 6.35 -21.52 -3.16
N ILE A 187 5.73 -21.08 -2.07
CA ILE A 187 4.74 -21.88 -1.38
C ILE A 187 3.47 -21.99 -2.23
N TRP A 188 3.12 -20.88 -2.88
CA TRP A 188 1.94 -20.84 -3.73
C TRP A 188 2.12 -21.74 -4.95
N LYS A 189 3.25 -21.57 -5.65
CA LYS A 189 3.54 -22.36 -6.83
C LYS A 189 4.18 -23.70 -6.44
N LYS A 190 3.42 -24.52 -5.73
CA LYS A 190 3.89 -25.81 -5.27
C LYS A 190 3.79 -26.87 -6.38
N MET A 191 4.50 -26.62 -7.48
CA MET A 191 4.51 -27.53 -8.63
C MET A 191 3.12 -27.60 -9.30
N GLY A 192 2.29 -26.63 -8.97
CA GLY A 192 0.95 -26.56 -9.51
C GLY A 192 0.04 -25.82 -8.57
N GLU B 1 -12.42 -8.43 6.03
CA GLU B 1 -13.42 -9.40 5.55
C GLU B 1 -14.23 -8.83 4.39
N ILE B 2 -15.17 -9.63 3.87
CA ILE B 2 -16.01 -9.21 2.73
C ILE B 2 -16.75 -7.90 3.00
N TRP B 3 -17.54 -7.87 4.07
CA TRP B 3 -18.31 -6.67 4.41
C TRP B 3 -17.40 -5.51 4.77
N ILE B 4 -16.28 -5.83 5.39
CA ILE B 4 -15.32 -4.81 5.80
C ILE B 4 -14.70 -4.15 4.57
N ALA B 5 -14.29 -4.96 3.60
CA ALA B 5 -13.69 -4.47 2.37
C ALA B 5 -14.66 -3.57 1.60
N GLN B 6 -15.95 -3.87 1.70
CA GLN B 6 -16.97 -3.09 1.02
C GLN B 6 -16.96 -1.66 1.55
N GLU B 7 -16.95 -1.52 2.87
CA GLU B 7 -16.94 -0.21 3.50
C GLU B 7 -15.63 0.51 3.19
N LEU B 8 -14.54 -0.23 3.27
CA LEU B 8 -13.22 0.33 3.01
C LEU B 8 -13.04 0.75 1.56
N ARG B 9 -13.70 0.05 0.63
CA ARG B 9 -13.63 0.40 -0.78
C ARG B 9 -14.24 1.78 -0.96
N ARG B 10 -15.27 2.05 -0.17
CA ARG B 10 -15.96 3.35 -0.20
C ARG B 10 -15.03 4.43 0.33
N ILE B 11 -14.31 4.11 1.41
CA ILE B 11 -13.37 5.05 2.02
C ILE B 11 -12.26 5.39 1.02
N GLY B 12 -11.80 4.37 0.30
CA GLY B 12 -10.76 4.56 -0.69
C GLY B 12 -11.26 5.29 -1.91
N ASP B 13 -12.58 5.41 -2.02
CA ASP B 13 -13.19 6.12 -3.13
C ASP B 13 -13.48 7.56 -2.77
N GLU B 14 -14.04 7.77 -1.58
CA GLU B 14 -14.36 9.11 -1.10
C GLU B 14 -13.11 9.98 -1.02
N PHE B 15 -12.01 9.39 -0.56
CA PHE B 15 -10.75 10.11 -0.44
C PHE B 15 -10.10 10.26 -1.81
N ASN B 16 -10.32 9.29 -2.69
CA ASN B 16 -9.75 9.29 -4.03
C ASN B 16 -10.27 10.48 -4.82
N ALA B 17 -11.59 10.64 -4.83
CA ALA B 17 -12.22 11.72 -5.57
C ALA B 17 -11.94 13.08 -4.94
N TYR B 18 -11.32 13.07 -3.75
CA TYR B 18 -11.01 14.31 -3.05
C TYR B 18 -9.61 14.81 -3.38
N TYR B 19 -8.75 13.92 -3.86
CA TYR B 19 -7.38 14.30 -4.20
C TYR B 19 -7.06 14.06 -5.67
N ALA B 20 -7.76 13.13 -6.30
CA ALA B 20 -7.51 12.83 -7.71
C ALA B 20 -8.78 12.28 -8.36
N MET A 1 -11.49 29.49 23.58
CA MET A 1 -11.05 29.24 24.97
C MET A 1 -10.17 28.00 25.08
N ASP A 2 -10.52 26.94 24.37
CA ASP A 2 -9.75 25.69 24.40
C ASP A 2 -8.38 25.87 23.74
N GLY A 3 -8.33 26.69 22.71
CA GLY A 3 -7.08 26.94 22.01
C GLY A 3 -6.17 27.84 22.81
N SER A 4 -6.70 28.40 23.89
CA SER A 4 -5.95 29.29 24.76
C SER A 4 -5.36 28.50 25.93
N GLY A 5 -5.65 27.20 25.96
CA GLY A 5 -5.16 26.36 27.03
C GLY A 5 -3.74 25.89 26.78
N GLU A 6 -3.23 25.06 27.69
CA GLU A 6 -1.89 24.53 27.58
C GLU A 6 -1.84 23.40 26.57
N GLN A 7 -1.23 23.65 25.44
CA GLN A 7 -1.11 22.66 24.38
C GLN A 7 0.34 22.46 23.99
N PRO A 8 0.87 21.26 24.20
CA PRO A 8 2.27 20.94 23.88
C PRO A 8 2.49 20.81 22.36
N ARG A 9 2.69 21.97 21.72
CA ARG A 9 2.91 22.05 20.27
C ARG A 9 1.64 21.79 19.47
N GLY A 10 1.01 20.66 19.72
CA GLY A 10 -0.20 20.30 19.01
C GLY A 10 -1.28 19.78 19.93
N GLY A 11 -1.94 18.72 19.51
CA GLY A 11 -3.00 18.13 20.31
C GLY A 11 -3.12 16.64 20.08
N GLY A 12 -4.15 16.05 20.66
CA GLY A 12 -4.36 14.62 20.50
C GLY A 12 -5.75 14.29 19.99
N PRO A 13 -5.98 14.33 18.67
CA PRO A 13 -7.27 14.02 18.07
C PRO A 13 -7.39 12.53 17.76
N THR A 14 -8.25 12.18 16.81
CA THR A 14 -8.44 10.80 16.41
C THR A 14 -7.27 10.33 15.55
N SER A 15 -6.73 9.17 15.89
CA SER A 15 -5.61 8.61 15.14
C SER A 15 -6.06 7.40 14.33
N SER A 16 -6.97 6.61 14.89
CA SER A 16 -7.48 5.41 14.24
C SER A 16 -8.09 5.71 12.87
N GLU A 17 -8.90 6.74 12.79
CA GLU A 17 -9.54 7.10 11.52
C GLU A 17 -8.56 7.89 10.64
N GLN A 18 -7.74 8.73 11.26
CA GLN A 18 -6.77 9.53 10.53
C GLN A 18 -5.80 8.65 9.75
N ILE A 19 -5.33 7.58 10.39
CA ILE A 19 -4.40 6.64 9.76
C ILE A 19 -5.04 5.99 8.54
N MET A 20 -6.32 5.65 8.68
CA MET A 20 -7.07 5.02 7.60
C MET A 20 -7.20 5.97 6.41
N LYS A 21 -7.49 7.23 6.71
CA LYS A 21 -7.62 8.26 5.69
C LYS A 21 -6.31 8.47 4.95
N THR A 22 -5.21 8.27 5.66
CA THR A 22 -3.88 8.43 5.09
C THR A 22 -3.65 7.35 4.03
N GLY A 23 -4.13 6.14 4.30
CA GLY A 23 -3.96 5.04 3.38
C GLY A 23 -4.70 5.28 2.07
N ALA A 24 -5.86 5.91 2.17
CA ALA A 24 -6.68 6.21 1.01
C ALA A 24 -6.03 7.27 0.12
N LEU A 25 -5.07 7.99 0.69
CA LEU A 25 -4.35 9.02 -0.05
C LEU A 25 -3.09 8.44 -0.68
N LEU A 26 -2.43 7.54 0.06
CA LEU A 26 -1.21 6.90 -0.42
C LEU A 26 -1.49 6.11 -1.69
N LEU A 27 -2.61 5.40 -1.70
CA LEU A 27 -2.99 4.60 -2.85
C LEU A 27 -3.25 5.49 -4.07
N GLN A 28 -3.81 6.68 -3.82
CA GLN A 28 -4.10 7.63 -4.89
C GLN A 28 -2.82 8.09 -5.57
N GLY A 29 -1.87 8.55 -4.77
CA GLY A 29 -0.61 9.02 -5.31
C GLY A 29 0.20 7.95 -6.01
N PHE A 30 0.26 6.77 -5.39
CA PHE A 30 1.01 5.65 -5.95
C PHE A 30 0.48 5.23 -7.32
N ILE A 31 -0.84 5.04 -7.41
CA ILE A 31 -1.45 4.61 -8.66
C ILE A 31 -1.40 5.73 -9.72
N GLN A 32 -1.81 6.93 -9.34
CA GLN A 32 -1.83 8.07 -10.26
C GLN A 32 -0.46 8.37 -10.86
N ASP A 33 0.58 8.23 -10.05
CA ASP A 33 1.94 8.49 -10.50
C ASP A 33 2.35 7.56 -11.65
N ARG A 34 2.21 6.26 -11.41
CA ARG A 34 2.58 5.28 -12.42
C ARG A 34 1.57 5.21 -13.57
N ALA A 35 0.34 5.60 -13.29
CA ALA A 35 -0.71 5.59 -14.31
C ALA A 35 -0.51 6.76 -15.27
N GLY A 36 0.17 7.80 -14.81
CA GLY A 36 0.43 8.96 -15.63
C GLY A 36 1.31 8.64 -16.84
N ARG A 37 2.00 7.51 -16.78
CA ARG A 37 2.88 7.10 -17.87
C ARG A 37 2.07 6.50 -19.01
N MET A 38 0.79 6.27 -18.78
CA MET A 38 -0.08 5.70 -19.80
C MET A 38 -0.48 6.79 -20.80
N GLY A 39 -0.79 7.96 -20.28
CA GLY A 39 -1.18 9.08 -21.12
C GLY A 39 -2.32 9.86 -20.52
N GLY A 40 -2.90 10.77 -21.30
CA GLY A 40 -4.00 11.57 -20.81
C GLY A 40 -5.19 11.51 -21.75
N GLU A 41 -6.37 11.32 -21.19
CA GLU A 41 -7.59 11.24 -21.99
C GLU A 41 -8.16 12.64 -22.24
N ALA A 42 -7.39 13.47 -22.92
CA ALA A 42 -7.79 14.84 -23.24
C ALA A 42 -8.10 15.63 -21.97
N PRO A 43 -7.08 16.21 -21.32
CA PRO A 43 -7.24 16.99 -20.10
C PRO A 43 -7.88 18.35 -20.35
N GLU A 44 -9.09 18.33 -20.87
CA GLU A 44 -9.83 19.55 -21.17
C GLU A 44 -10.31 20.23 -19.88
N LEU A 45 -10.70 19.41 -18.92
CA LEU A 45 -11.17 19.90 -17.64
C LEU A 45 -10.16 19.59 -16.54
N ALA A 46 -10.31 18.42 -15.91
CA ALA A 46 -9.41 17.96 -14.85
C ALA A 46 -9.56 18.78 -13.56
N LEU A 47 -9.51 18.09 -12.43
CA LEU A 47 -9.63 18.75 -11.14
C LEU A 47 -8.44 18.40 -10.26
N ASP A 48 -7.70 19.42 -9.84
CA ASP A 48 -6.53 19.23 -9.01
C ASP A 48 -6.62 20.13 -7.77
N PRO A 49 -6.90 19.53 -6.61
CA PRO A 49 -7.02 20.27 -5.35
C PRO A 49 -5.66 20.66 -4.78
N VAL A 50 -4.60 20.16 -5.41
CA VAL A 50 -3.23 20.44 -4.99
C VAL A 50 -2.91 19.80 -3.64
N PRO A 51 -2.11 18.71 -3.66
CA PRO A 51 -1.72 17.99 -2.44
C PRO A 51 -0.84 18.86 -1.54
N GLN A 52 -1.46 19.54 -0.60
CA GLN A 52 -0.76 20.42 0.32
C GLN A 52 0.06 19.61 1.34
N ASP A 53 -0.45 18.44 1.68
CA ASP A 53 0.23 17.57 2.64
C ASP A 53 1.52 17.01 2.04
N ALA A 54 2.62 17.20 2.75
CA ALA A 54 3.90 16.71 2.29
C ALA A 54 4.26 15.38 2.95
N SER A 55 3.53 15.03 4.00
CA SER A 55 3.77 13.80 4.72
C SER A 55 3.53 12.59 3.82
N THR A 56 2.37 12.55 3.18
CA THR A 56 2.01 11.46 2.29
C THR A 56 2.89 11.50 1.04
N LYS A 57 3.16 12.70 0.55
CA LYS A 57 3.97 12.89 -0.63
C LYS A 57 5.37 12.30 -0.41
N LYS A 58 5.94 12.58 0.75
CA LYS A 58 7.25 12.08 1.12
C LYS A 58 7.26 10.55 1.12
N LEU A 59 6.28 9.96 1.79
CA LEU A 59 6.16 8.52 1.88
C LEU A 59 6.00 7.89 0.50
N SER A 60 5.07 8.43 -0.29
CA SER A 60 4.80 7.92 -1.62
C SER A 60 6.06 7.97 -2.49
N GLU A 61 6.79 9.08 -2.42
CA GLU A 61 8.00 9.25 -3.21
C GLU A 61 9.06 8.20 -2.88
N CYS A 62 9.35 8.03 -1.60
CA CYS A 62 10.36 7.06 -1.18
C CYS A 62 9.96 5.62 -1.53
N LEU A 63 8.69 5.29 -1.30
CA LEU A 63 8.21 3.94 -1.60
C LEU A 63 8.19 3.68 -3.10
N LYS A 64 7.79 4.70 -3.86
CA LYS A 64 7.72 4.60 -5.31
C LYS A 64 9.07 4.26 -5.91
N ARG A 65 10.10 5.03 -5.57
CA ARG A 65 11.43 4.80 -6.11
C ARG A 65 12.00 3.44 -5.70
N ILE A 66 11.73 3.02 -4.47
CA ILE A 66 12.20 1.72 -3.99
C ILE A 66 11.52 0.60 -4.76
N GLY A 67 10.20 0.72 -4.90
CA GLY A 67 9.44 -0.28 -5.63
C GLY A 67 9.82 -0.31 -7.11
N ASP A 68 10.11 0.86 -7.64
CA ASP A 68 10.51 1.00 -9.04
C ASP A 68 11.84 0.30 -9.28
N GLU A 69 12.76 0.45 -8.33
CA GLU A 69 14.07 -0.18 -8.42
C GLU A 69 13.98 -1.68 -8.19
N LEU A 70 12.85 -2.13 -7.66
CA LEU A 70 12.62 -3.53 -7.38
C LEU A 70 12.15 -4.29 -8.62
N ASP A 71 12.15 -3.62 -9.77
CA ASP A 71 11.74 -4.25 -11.02
C ASP A 71 12.93 -4.48 -11.93
N SER A 72 14.05 -3.83 -11.60
CA SER A 72 15.27 -3.94 -12.37
C SER A 72 15.71 -5.41 -12.48
N ASN A 73 15.50 -6.15 -11.40
CA ASN A 73 15.85 -7.57 -11.37
C ASN A 73 14.85 -8.38 -12.18
N MET A 74 15.26 -8.81 -13.37
CA MET A 74 14.39 -9.59 -14.25
C MET A 74 13.92 -10.90 -13.59
N GLU A 75 14.68 -11.35 -12.60
CA GLU A 75 14.35 -12.57 -11.87
C GLU A 75 12.97 -12.46 -11.23
N LEU A 76 12.84 -11.54 -10.28
CA LEU A 76 11.58 -11.33 -9.58
C LEU A 76 10.46 -10.94 -10.55
N GLN A 77 10.82 -10.15 -11.55
CA GLN A 77 9.86 -9.72 -12.56
C GLN A 77 9.23 -10.91 -13.28
N ARG A 78 10.07 -11.81 -13.78
CA ARG A 78 9.61 -12.99 -14.48
C ARG A 78 8.84 -13.91 -13.55
N MET A 79 9.25 -13.95 -12.28
CA MET A 79 8.58 -14.77 -11.28
C MET A 79 7.15 -14.31 -11.05
N ILE A 80 6.96 -12.99 -10.95
CA ILE A 80 5.65 -12.42 -10.74
C ILE A 80 4.76 -12.65 -11.96
N ALA A 81 5.38 -12.64 -13.14
CA ALA A 81 4.65 -12.86 -14.39
C ALA A 81 4.21 -14.31 -14.54
N ALA A 82 4.65 -15.17 -13.63
CA ALA A 82 4.32 -16.59 -13.67
C ALA A 82 3.23 -16.93 -12.65
N VAL A 83 2.67 -15.90 -12.01
CA VAL A 83 1.62 -16.11 -11.02
C VAL A 83 0.26 -16.31 -11.70
N ASP A 84 -0.56 -17.18 -11.13
CA ASP A 84 -1.87 -17.46 -11.69
C ASP A 84 -2.92 -16.53 -11.07
N THR A 85 -3.54 -15.71 -11.91
CA THR A 85 -4.56 -14.78 -11.45
C THR A 85 -5.94 -15.44 -11.36
N ASP A 86 -5.94 -16.72 -11.00
CA ASP A 86 -7.17 -17.49 -10.89
C ASP A 86 -7.96 -17.11 -9.65
N SER A 87 -7.26 -16.89 -8.55
CA SER A 87 -7.90 -16.52 -7.29
C SER A 87 -7.28 -15.24 -6.71
N PRO A 88 -7.77 -14.07 -7.14
CA PRO A 88 -7.24 -12.77 -6.69
C PRO A 88 -7.28 -12.61 -5.17
N ARG A 89 -8.46 -12.78 -4.58
CA ARG A 89 -8.63 -12.65 -3.13
C ARG A 89 -7.84 -13.70 -2.37
N GLU A 90 -7.96 -14.96 -2.79
CA GLU A 90 -7.26 -16.06 -2.14
C GLU A 90 -5.75 -15.87 -2.16
N VAL A 91 -5.20 -15.46 -3.30
CA VAL A 91 -3.76 -15.25 -3.41
C VAL A 91 -3.31 -14.14 -2.46
N PHE A 92 -4.05 -13.03 -2.47
CA PHE A 92 -3.74 -11.90 -1.62
C PHE A 92 -3.89 -12.26 -0.14
N PHE A 93 -4.94 -13.01 0.18
CA PHE A 93 -5.18 -13.41 1.55
C PHE A 93 -4.10 -14.39 2.02
N ARG A 94 -3.70 -15.29 1.13
CA ARG A 94 -2.67 -16.27 1.44
C ARG A 94 -1.35 -15.62 1.79
N VAL A 95 -0.89 -14.68 0.96
CA VAL A 95 0.37 -14.00 1.21
C VAL A 95 0.28 -13.12 2.45
N ALA A 96 -0.92 -12.63 2.75
CA ALA A 96 -1.13 -11.79 3.91
C ALA A 96 -1.00 -12.63 5.18
N ALA A 97 -1.52 -13.85 5.12
CA ALA A 97 -1.47 -14.78 6.25
C ALA A 97 -0.12 -15.48 6.32
N ASP A 98 0.50 -15.68 5.15
CA ASP A 98 1.80 -16.35 5.07
C ASP A 98 2.85 -15.57 5.84
N MET A 99 2.85 -14.26 5.66
CA MET A 99 3.81 -13.41 6.34
C MET A 99 3.35 -13.12 7.77
N PHE A 100 2.29 -13.79 8.19
CA PHE A 100 1.73 -13.62 9.51
C PHE A 100 1.57 -14.96 10.20
N SER A 101 2.22 -15.98 9.65
CA SER A 101 2.14 -17.33 10.21
C SER A 101 2.86 -17.39 11.55
N ASP A 102 4.08 -16.86 11.58
CA ASP A 102 4.89 -16.83 12.78
C ASP A 102 4.59 -15.56 13.58
N GLY A 103 4.11 -14.54 12.87
CA GLY A 103 3.80 -13.27 13.50
C GLY A 103 5.02 -12.41 13.71
N ASN A 104 6.00 -12.57 12.83
CA ASN A 104 7.23 -11.81 12.91
C ASN A 104 7.05 -10.37 12.41
N PHE A 105 7.04 -9.42 13.34
CA PHE A 105 6.88 -8.03 12.99
C PHE A 105 8.22 -7.42 12.58
N ASN A 106 8.63 -7.72 11.37
CA ASN A 106 9.90 -7.22 10.84
C ASN A 106 9.71 -5.94 10.03
N TRP A 107 8.45 -5.50 9.92
CA TRP A 107 8.09 -4.29 9.17
C TRP A 107 8.20 -4.48 7.66
N GLY A 108 9.25 -5.18 7.22
CA GLY A 108 9.46 -5.43 5.81
C GLY A 108 8.29 -6.16 5.17
N ARG A 109 7.59 -6.96 5.96
CA ARG A 109 6.44 -7.72 5.46
C ARG A 109 5.30 -6.78 5.04
N VAL A 110 5.39 -5.52 5.44
CA VAL A 110 4.38 -4.53 5.10
C VAL A 110 4.69 -3.91 3.74
N VAL A 111 5.93 -3.46 3.57
CA VAL A 111 6.36 -2.85 2.31
C VAL A 111 6.35 -3.88 1.19
N ALA A 112 6.65 -5.13 1.54
CA ALA A 112 6.65 -6.22 0.56
C ALA A 112 5.23 -6.45 0.06
N LEU A 113 4.27 -6.37 0.97
CA LEU A 113 2.87 -6.55 0.63
C LEU A 113 2.40 -5.42 -0.27
N PHE A 114 2.89 -4.21 0.01
CA PHE A 114 2.54 -3.04 -0.78
C PHE A 114 3.05 -3.20 -2.22
N TYR A 115 4.26 -3.73 -2.35
CA TYR A 115 4.86 -3.96 -3.66
C TYR A 115 4.07 -5.00 -4.44
N PHE A 116 3.64 -6.05 -3.74
CA PHE A 116 2.85 -7.12 -4.35
C PHE A 116 1.50 -6.58 -4.79
N ALA A 117 0.88 -5.79 -3.92
CA ALA A 117 -0.43 -5.20 -4.21
C ALA A 117 -0.37 -4.27 -5.42
N SER A 118 0.60 -3.36 -5.42
CA SER A 118 0.76 -2.40 -6.50
C SER A 118 1.04 -3.11 -7.83
N LYS A 119 1.82 -4.19 -7.77
CA LYS A 119 2.15 -4.96 -8.95
C LYS A 119 0.90 -5.59 -9.56
N LEU A 120 -0.01 -6.02 -8.69
CA LEU A 120 -1.27 -6.61 -9.14
C LEU A 120 -2.18 -5.54 -9.70
N VAL A 121 -2.20 -4.38 -9.03
CA VAL A 121 -3.01 -3.24 -9.47
C VAL A 121 -2.57 -2.79 -10.86
N LEU A 122 -1.25 -2.71 -11.06
CA LEU A 122 -0.70 -2.31 -12.36
C LEU A 122 -1.12 -3.28 -13.45
N LYS A 123 -1.13 -4.57 -13.09
CA LYS A 123 -1.52 -5.62 -14.02
C LYS A 123 -2.99 -5.46 -14.42
N ALA A 124 -3.83 -5.27 -13.41
CA ALA A 124 -5.26 -5.09 -13.65
C ALA A 124 -5.53 -3.79 -14.41
N LEU A 125 -4.72 -2.77 -14.14
CA LEU A 125 -4.85 -1.49 -14.81
C LEU A 125 -4.57 -1.64 -16.30
N CYS A 126 -3.55 -2.43 -16.63
CA CYS A 126 -3.20 -2.68 -18.02
C CYS A 126 -4.28 -3.50 -18.70
N THR A 127 -5.09 -4.18 -17.89
CA THR A 127 -6.18 -4.99 -18.39
C THR A 127 -7.43 -4.12 -18.58
N LYS A 128 -7.29 -2.85 -18.17
CA LYS A 128 -8.35 -1.85 -18.31
C LYS A 128 -9.63 -2.19 -17.54
N VAL A 129 -9.46 -2.64 -16.31
CA VAL A 129 -10.61 -2.99 -15.47
C VAL A 129 -10.57 -2.22 -14.14
N PRO A 130 -11.18 -1.01 -14.13
CA PRO A 130 -11.23 -0.15 -12.92
C PRO A 130 -11.96 -0.81 -11.76
N GLU A 131 -12.98 -1.62 -12.07
CA GLU A 131 -13.75 -2.31 -11.05
C GLU A 131 -12.85 -3.16 -10.17
N LEU A 132 -12.02 -3.98 -10.80
CA LEU A 132 -11.10 -4.86 -10.08
C LEU A 132 -10.15 -4.04 -9.21
N ILE A 133 -9.72 -2.90 -9.74
CA ILE A 133 -8.81 -2.00 -9.01
C ILE A 133 -9.41 -1.61 -7.67
N ARG A 134 -10.68 -1.20 -7.70
CA ARG A 134 -11.37 -0.79 -6.49
C ARG A 134 -11.60 -1.97 -5.56
N THR A 135 -11.81 -3.15 -6.12
CA THR A 135 -12.02 -4.35 -5.32
C THR A 135 -10.74 -4.72 -4.57
N ILE A 136 -9.62 -4.70 -5.28
CA ILE A 136 -8.32 -5.01 -4.68
C ILE A 136 -7.99 -4.01 -3.58
N MET A 137 -8.32 -2.75 -3.83
CA MET A 137 -8.09 -1.69 -2.84
C MET A 137 -8.85 -1.99 -1.56
N GLY A 138 -10.10 -2.43 -1.70
CA GLY A 138 -10.92 -2.76 -0.55
C GLY A 138 -10.33 -3.92 0.23
N TRP A 139 -9.79 -4.90 -0.49
CA TRP A 139 -9.17 -6.07 0.14
C TRP A 139 -7.92 -5.68 0.90
N THR A 140 -7.16 -4.74 0.32
CA THR A 140 -5.93 -4.27 0.94
C THR A 140 -6.22 -3.52 2.25
N LEU A 141 -7.22 -2.65 2.19
CA LEU A 141 -7.61 -1.87 3.36
C LEU A 141 -8.28 -2.77 4.40
N ASP A 142 -8.95 -3.81 3.91
CA ASP A 142 -9.64 -4.78 4.76
C ASP A 142 -8.70 -5.38 5.80
N PHE A 143 -7.64 -6.04 5.32
CA PHE A 143 -6.67 -6.67 6.20
C PHE A 143 -5.99 -5.64 7.10
N LEU A 144 -5.89 -4.40 6.62
CA LEU A 144 -5.28 -3.33 7.37
C LEU A 144 -6.12 -3.00 8.60
N ARG A 145 -7.41 -2.78 8.39
CA ARG A 145 -8.32 -2.44 9.48
C ARG A 145 -8.50 -3.63 10.42
N GLU A 146 -8.35 -4.83 9.88
CA GLU A 146 -8.50 -6.06 10.66
C GLU A 146 -7.46 -6.15 11.79
N ARG A 147 -6.19 -5.95 11.46
CA ARG A 147 -5.13 -6.05 12.47
C ARG A 147 -4.06 -4.97 12.38
N LEU A 148 -3.62 -4.67 11.16
CA LEU A 148 -2.56 -3.69 10.94
C LEU A 148 -2.81 -2.35 11.64
N LEU A 149 -4.06 -1.89 11.63
CA LEU A 149 -4.44 -0.63 12.25
C LEU A 149 -3.97 -0.52 13.70
N GLY A 150 -4.15 -1.61 14.45
CA GLY A 150 -3.74 -1.62 15.84
C GLY A 150 -2.25 -1.48 16.02
N TRP A 151 -1.49 -2.20 15.20
CA TRP A 151 -0.03 -2.17 15.28
C TRP A 151 0.52 -0.79 14.88
N ILE A 152 -0.09 -0.19 13.86
CA ILE A 152 0.32 1.14 13.41
C ILE A 152 0.05 2.19 14.48
N GLN A 153 -1.16 2.17 15.02
CA GLN A 153 -1.56 3.12 16.05
C GLN A 153 -0.74 2.92 17.33
N ASP A 154 -0.34 1.68 17.57
CA ASP A 154 0.46 1.32 18.75
C ASP A 154 1.81 2.02 18.77
N GLN A 155 2.43 2.15 17.60
CA GLN A 155 3.74 2.79 17.51
C GLN A 155 3.67 4.29 17.27
N GLY A 156 2.49 4.87 17.44
CA GLY A 156 2.35 6.30 17.25
C GLY A 156 1.98 6.71 15.84
N GLY A 157 1.57 5.75 15.03
CA GLY A 157 1.19 6.08 13.66
C GLY A 157 2.19 5.59 12.63
N TRP A 158 2.33 6.36 11.56
CA TRP A 158 3.25 6.01 10.48
C TRP A 158 4.70 6.34 10.80
N ASP A 159 4.94 6.83 12.01
CA ASP A 159 6.29 7.17 12.45
C ASP A 159 7.20 5.96 12.40
N GLY A 160 6.62 4.78 12.68
CA GLY A 160 7.39 3.55 12.64
C GLY A 160 7.97 3.30 11.27
N LEU A 161 7.19 3.58 10.23
CA LEU A 161 7.63 3.39 8.86
C LEU A 161 8.71 4.40 8.51
N LEU A 162 8.53 5.63 8.98
CA LEU A 162 9.50 6.70 8.74
C LEU A 162 10.83 6.39 9.41
N SER A 163 10.75 5.77 10.57
CA SER A 163 11.95 5.40 11.33
C SER A 163 12.59 4.15 10.74
N TYR A 164 11.78 3.31 10.12
CA TYR A 164 12.26 2.07 9.51
C TYR A 164 13.09 2.38 8.27
N PHE A 165 12.73 3.47 7.59
CA PHE A 165 13.44 3.90 6.39
C PHE A 165 14.89 4.24 6.73
N GLY A 166 15.82 3.48 6.18
CA GLY A 166 17.22 3.73 6.45
C GLY A 166 18.01 4.00 5.20
N THR A 167 19.31 3.77 5.28
CA THR A 167 20.21 4.00 4.15
C THR A 167 21.38 3.01 4.15
N PRO A 168 22.14 2.90 5.27
CA PRO A 168 23.27 1.97 5.36
C PRO A 168 22.80 0.52 5.29
N THR A 169 23.56 -0.30 4.57
CA THR A 169 23.25 -1.72 4.40
C THR A 169 21.90 -1.92 3.68
N TRP A 170 21.56 -0.96 2.82
CA TRP A 170 20.31 -1.02 2.06
C TRP A 170 20.29 -2.20 1.11
N GLN A 171 21.47 -2.68 0.73
CA GLN A 171 21.59 -3.81 -0.18
C GLN A 171 20.95 -5.03 0.45
N THR A 172 21.30 -5.31 1.69
CA THR A 172 20.75 -6.44 2.42
C THR A 172 19.25 -6.27 2.63
N VAL A 173 18.83 -5.03 2.86
CA VAL A 173 17.42 -4.73 3.05
C VAL A 173 16.63 -5.10 1.80
N THR A 174 17.21 -4.80 0.64
CA THR A 174 16.59 -5.11 -0.64
C THR A 174 16.43 -6.63 -0.80
N ILE A 175 17.47 -7.36 -0.40
CA ILE A 175 17.46 -8.82 -0.48
C ILE A 175 16.43 -9.39 0.50
N PHE A 176 16.35 -8.75 1.67
CA PHE A 176 15.41 -9.18 2.71
C PHE A 176 13.98 -9.14 2.19
N VAL A 177 13.59 -8.02 1.60
CA VAL A 177 12.25 -7.85 1.05
C VAL A 177 11.98 -8.88 -0.04
N ALA A 178 12.95 -9.04 -0.94
CA ALA A 178 12.82 -9.99 -2.05
C ALA A 178 12.70 -11.42 -1.53
N GLY A 179 13.48 -11.74 -0.50
CA GLY A 179 13.46 -13.06 0.08
C GLY A 179 12.09 -13.43 0.64
N VAL A 180 11.45 -12.47 1.30
CA VAL A 180 10.12 -12.69 1.87
C VAL A 180 9.11 -12.97 0.77
N LEU A 181 9.12 -12.14 -0.27
CA LEU A 181 8.21 -12.29 -1.39
C LEU A 181 8.43 -13.62 -2.10
N THR A 182 9.70 -13.98 -2.30
CA THR A 182 10.05 -15.22 -2.95
C THR A 182 9.53 -16.42 -2.16
N ALA A 183 9.64 -16.36 -0.84
CA ALA A 183 9.19 -17.44 0.03
C ALA A 183 7.71 -17.76 -0.21
N SER A 184 6.86 -16.76 -0.07
CA SER A 184 5.42 -16.94 -0.25
C SER A 184 5.08 -17.42 -1.66
N LEU A 185 5.77 -16.87 -2.65
CA LEU A 185 5.54 -17.24 -4.05
C LEU A 185 5.93 -18.69 -4.31
N THR A 186 6.98 -19.16 -3.64
CA THR A 186 7.47 -20.53 -3.80
C THR A 186 6.42 -21.52 -3.29
N ILE A 187 5.71 -21.16 -2.23
CA ILE A 187 4.69 -22.02 -1.66
C ILE A 187 3.42 -21.99 -2.51
N TRP A 188 3.21 -20.88 -3.20
CA TRP A 188 2.03 -20.74 -4.06
C TRP A 188 2.16 -21.62 -5.30
N LYS A 189 3.30 -21.51 -5.97
CA LYS A 189 3.55 -22.30 -7.16
C LYS A 189 4.06 -23.69 -6.79
N LYS A 190 3.20 -24.47 -6.18
CA LYS A 190 3.54 -25.82 -5.73
C LYS A 190 3.41 -26.85 -6.87
N MET A 191 4.10 -26.57 -7.97
CA MET A 191 4.08 -27.45 -9.15
C MET A 191 2.65 -27.64 -9.65
N GLY A 192 1.90 -26.56 -9.64
CA GLY A 192 0.53 -26.59 -10.08
C GLY A 192 -0.32 -25.74 -9.17
N GLU B 1 -11.92 -9.40 6.37
CA GLU B 1 -13.29 -9.95 6.24
C GLU B 1 -13.85 -9.65 4.84
N ILE B 2 -15.17 -9.73 4.70
CA ILE B 2 -15.82 -9.46 3.43
C ILE B 2 -16.57 -8.12 3.53
N TRP B 3 -17.43 -8.01 4.53
CA TRP B 3 -18.20 -6.79 4.74
C TRP B 3 -17.31 -5.64 5.16
N ILE B 4 -16.22 -5.95 5.86
CA ILE B 4 -15.27 -4.93 6.31
C ILE B 4 -14.63 -4.25 5.11
N ALA B 5 -14.27 -5.04 4.10
CA ALA B 5 -13.66 -4.53 2.88
C ALA B 5 -14.61 -3.58 2.15
N GLN B 6 -15.91 -3.82 2.31
CA GLN B 6 -16.93 -2.98 1.68
C GLN B 6 -16.90 -1.58 2.28
N GLU B 7 -16.81 -1.51 3.61
CA GLU B 7 -16.76 -0.23 4.30
C GLU B 7 -15.47 0.51 3.94
N LEU B 8 -14.38 -0.21 3.93
CA LEU B 8 -13.09 0.36 3.59
C LEU B 8 -13.03 0.79 2.13
N ARG B 9 -13.78 0.09 1.29
CA ARG B 9 -13.87 0.42 -0.13
C ARG B 9 -14.52 1.79 -0.26
N ARG B 10 -15.39 2.09 0.69
CA ARG B 10 -16.09 3.37 0.74
C ARG B 10 -15.13 4.45 1.25
N ILE B 11 -14.32 4.08 2.24
CA ILE B 11 -13.34 5.00 2.81
C ILE B 11 -12.32 5.41 1.75
N GLY B 12 -11.84 4.43 1.00
CA GLY B 12 -10.88 4.70 -0.05
C GLY B 12 -11.52 5.44 -1.22
N ASP B 13 -12.84 5.32 -1.32
CA ASP B 13 -13.59 5.98 -2.38
C ASP B 13 -13.86 7.43 -2.02
N GLU B 14 -14.27 7.66 -0.78
CA GLU B 14 -14.57 9.00 -0.31
C GLU B 14 -13.34 9.89 -0.35
N PHE B 15 -12.19 9.33 0.00
CA PHE B 15 -10.96 10.10 -0.03
C PHE B 15 -10.48 10.29 -1.46
N ASN B 16 -10.85 9.36 -2.32
CA ASN B 16 -10.46 9.44 -3.73
C ASN B 16 -11.27 10.55 -4.40
N ALA B 17 -12.52 10.67 -4.00
CA ALA B 17 -13.41 11.71 -4.54
C ALA B 17 -13.11 13.04 -3.86
N TYR B 18 -12.34 12.95 -2.77
CA TYR B 18 -11.94 14.12 -2.01
C TYR B 18 -10.71 14.77 -2.64
N TYR B 19 -9.93 13.95 -3.35
CA TYR B 19 -8.72 14.45 -3.99
C TYR B 19 -8.83 14.41 -5.51
N ALA B 20 -8.61 13.25 -6.11
CA ALA B 20 -8.66 13.10 -7.56
C ALA B 20 -9.94 12.42 -8.02
N MET A 1 -12.03 27.95 24.78
CA MET A 1 -11.10 28.10 25.93
C MET A 1 -10.19 26.87 26.07
N ASP A 2 -10.49 25.81 25.34
CA ASP A 2 -9.68 24.59 25.42
C ASP A 2 -8.28 24.81 24.85
N GLY A 3 -8.19 25.62 23.80
CA GLY A 3 -6.91 25.92 23.19
C GLY A 3 -6.12 26.93 24.00
N SER A 4 -6.71 27.40 25.08
CA SER A 4 -6.07 28.36 25.95
C SER A 4 -5.57 27.68 27.22
N GLY A 5 -5.69 26.35 27.25
CA GLY A 5 -5.25 25.59 28.41
C GLY A 5 -3.78 25.23 28.32
N GLU A 6 -3.32 24.43 29.27
CA GLU A 6 -1.93 24.02 29.31
C GLU A 6 -1.68 22.85 28.36
N GLN A 7 -1.61 23.13 27.07
CA GLN A 7 -1.38 22.11 26.07
C GLN A 7 0.07 22.13 25.60
N PRO A 8 0.77 20.99 25.70
CA PRO A 8 2.16 20.87 25.29
C PRO A 8 2.29 20.73 23.77
N ARG A 9 2.13 21.84 23.07
CA ARG A 9 2.22 21.92 21.60
C ARG A 9 1.02 21.29 20.90
N GLY A 10 0.68 20.07 21.28
CA GLY A 10 -0.46 19.38 20.68
C GLY A 10 -1.21 18.55 21.70
N GLY A 11 -2.42 18.17 21.36
CA GLY A 11 -3.23 17.37 22.25
C GLY A 11 -3.34 15.94 21.78
N GLY A 12 -4.54 15.37 21.93
CA GLY A 12 -4.76 14.00 21.51
C GLY A 12 -5.92 13.88 20.54
N PRO A 13 -5.65 13.95 19.23
CA PRO A 13 -6.69 13.87 18.20
C PRO A 13 -7.17 12.44 17.99
N THR A 14 -8.31 12.28 17.32
CA THR A 14 -8.87 10.97 17.05
C THR A 14 -8.09 10.26 15.93
N SER A 15 -6.98 9.65 16.30
CA SER A 15 -6.14 8.94 15.35
C SER A 15 -6.82 7.67 14.84
N SER A 16 -7.83 7.20 15.56
CA SER A 16 -8.58 6.00 15.21
C SER A 16 -9.06 6.03 13.76
N GLU A 17 -9.74 7.11 13.38
CA GLU A 17 -10.25 7.25 12.03
C GLU A 17 -9.29 8.08 11.18
N GLN A 18 -8.50 8.91 11.86
CA GLN A 18 -7.53 9.78 11.20
C GLN A 18 -6.52 8.98 10.39
N ILE A 19 -5.90 7.98 11.03
CA ILE A 19 -4.91 7.14 10.37
C ILE A 19 -5.53 6.43 9.16
N MET A 20 -6.78 6.01 9.31
CA MET A 20 -7.49 5.32 8.24
C MET A 20 -7.58 6.20 7.00
N LYS A 21 -8.00 7.45 7.20
CA LYS A 21 -8.12 8.39 6.09
C LYS A 21 -6.75 8.68 5.46
N THR A 22 -5.72 8.68 6.30
CA THR A 22 -4.37 8.92 5.83
C THR A 22 -3.90 7.78 4.91
N GLY A 23 -4.28 6.57 5.28
CA GLY A 23 -3.90 5.41 4.49
C GLY A 23 -4.53 5.42 3.11
N ALA A 24 -5.76 5.93 3.03
CA ALA A 24 -6.49 6.00 1.77
C ALA A 24 -5.76 6.90 0.78
N LEU A 25 -5.07 7.91 1.30
CA LEU A 25 -4.33 8.85 0.47
C LEU A 25 -3.03 8.22 -0.01
N LEU A 26 -2.39 7.44 0.87
CA LEU A 26 -1.14 6.78 0.55
C LEU A 26 -1.31 5.81 -0.62
N LEU A 27 -2.37 5.00 -0.55
CA LEU A 27 -2.66 4.04 -1.60
C LEU A 27 -2.91 4.76 -2.93
N GLN A 28 -3.62 5.88 -2.86
CA GLN A 28 -3.93 6.66 -4.05
C GLN A 28 -2.65 7.20 -4.69
N GLY A 29 -1.81 7.85 -3.88
CA GLY A 29 -0.58 8.41 -4.38
C GLY A 29 0.32 7.38 -5.03
N PHE A 30 0.50 6.26 -4.36
CA PHE A 30 1.35 5.18 -4.86
C PHE A 30 0.84 4.66 -6.22
N ILE A 31 -0.47 4.44 -6.30
CA ILE A 31 -1.07 3.96 -7.53
C ILE A 31 -1.04 5.01 -8.63
N GLN A 32 -1.44 6.24 -8.29
CA GLN A 32 -1.47 7.34 -9.25
C GLN A 32 -0.10 7.61 -9.87
N ASP A 33 0.94 7.51 -9.06
CA ASP A 33 2.30 7.75 -9.54
C ASP A 33 2.73 6.71 -10.56
N ARG A 34 2.31 5.47 -10.38
CA ARG A 34 2.67 4.41 -11.29
C ARG A 34 1.69 4.28 -12.45
N ALA A 35 0.45 4.70 -12.22
CA ALA A 35 -0.59 4.64 -13.25
C ALA A 35 -0.28 5.60 -14.39
N GLY A 36 0.42 6.68 -14.06
CA GLY A 36 0.78 7.67 -15.07
C GLY A 36 1.71 7.11 -16.13
N ARG A 37 2.30 5.96 -15.84
CA ARG A 37 3.22 5.30 -16.77
C ARG A 37 2.44 4.66 -17.92
N MET A 38 1.14 4.46 -17.72
CA MET A 38 0.29 3.86 -18.74
C MET A 38 -0.34 4.93 -19.63
N GLY A 39 -0.49 6.13 -19.09
CA GLY A 39 -1.06 7.22 -19.86
C GLY A 39 -2.51 7.49 -19.50
N GLY A 40 -3.10 8.46 -20.17
CA GLY A 40 -4.48 8.80 -19.92
C GLY A 40 -5.27 8.93 -21.20
N GLU A 41 -6.59 9.01 -21.09
CA GLU A 41 -7.46 9.12 -22.26
C GLU A 41 -7.70 10.58 -22.66
N ALA A 42 -6.61 11.36 -22.64
CA ALA A 42 -6.66 12.79 -22.99
C ALA A 42 -7.50 13.60 -22.00
N PRO A 43 -6.86 14.14 -20.95
CA PRO A 43 -7.54 14.94 -19.94
C PRO A 43 -7.89 16.33 -20.45
N GLU A 44 -9.12 16.47 -20.95
CA GLU A 44 -9.59 17.74 -21.47
C GLU A 44 -9.78 18.73 -20.32
N LEU A 45 -10.45 18.28 -19.28
CA LEU A 45 -10.71 19.12 -18.11
C LEU A 45 -9.81 18.73 -16.96
N ALA A 46 -10.04 17.53 -16.42
CA ALA A 46 -9.27 17.00 -15.29
C ALA A 46 -9.52 17.78 -14.00
N LEU A 47 -9.21 17.16 -12.87
CA LEU A 47 -9.40 17.80 -11.58
C LEU A 47 -8.12 17.70 -10.74
N ASP A 48 -7.79 18.79 -10.07
CA ASP A 48 -6.61 18.84 -9.22
C ASP A 48 -6.86 19.69 -7.98
N PRO A 49 -6.95 19.05 -6.81
CA PRO A 49 -7.18 19.75 -5.54
C PRO A 49 -5.90 20.33 -4.96
N VAL A 50 -4.78 20.08 -5.64
CA VAL A 50 -3.46 20.55 -5.21
C VAL A 50 -3.02 19.94 -3.89
N PRO A 51 -2.23 18.84 -3.95
CA PRO A 51 -1.74 18.15 -2.76
C PRO A 51 -0.70 18.98 -2.01
N GLN A 52 -1.16 19.75 -1.03
CA GLN A 52 -0.28 20.60 -0.23
C GLN A 52 0.28 19.85 0.98
N ASP A 53 0.20 18.53 0.95
CA ASP A 53 0.71 17.72 2.04
C ASP A 53 2.06 17.12 1.70
N ALA A 54 3.04 17.33 2.58
CA ALA A 54 4.39 16.82 2.37
C ALA A 54 4.58 15.47 3.06
N SER A 55 3.73 15.19 4.03
CA SER A 55 3.80 13.93 4.78
C SER A 55 3.59 12.74 3.86
N THR A 56 2.45 12.71 3.17
CA THR A 56 2.13 11.63 2.27
C THR A 56 3.04 11.66 1.04
N LYS A 57 3.46 12.87 0.66
CA LYS A 57 4.33 13.04 -0.49
C LYS A 57 5.68 12.39 -0.24
N LYS A 58 6.21 12.58 0.97
CA LYS A 58 7.48 12.00 1.34
C LYS A 58 7.35 10.48 1.46
N LEU A 59 6.23 10.03 2.00
CA LEU A 59 5.96 8.60 2.15
C LEU A 59 5.89 7.92 0.79
N SER A 60 5.14 8.52 -0.13
CA SER A 60 4.98 7.97 -1.47
C SER A 60 6.32 7.96 -2.19
N GLU A 61 7.16 8.96 -1.90
CA GLU A 61 8.48 9.06 -2.51
C GLU A 61 9.34 7.85 -2.16
N CYS A 62 9.54 7.62 -0.87
CA CYS A 62 10.36 6.50 -0.42
C CYS A 62 9.79 5.17 -0.86
N LEU A 63 8.47 5.02 -0.77
CA LEU A 63 7.81 3.79 -1.19
C LEU A 63 8.03 3.52 -2.68
N LYS A 64 7.89 4.57 -3.49
CA LYS A 64 8.07 4.45 -4.93
C LYS A 64 9.50 4.12 -5.30
N ARG A 65 10.46 4.85 -4.73
CA ARG A 65 11.87 4.61 -5.04
C ARG A 65 12.33 3.22 -4.61
N ILE A 66 11.69 2.67 -3.58
CA ILE A 66 12.03 1.33 -3.12
C ILE A 66 11.43 0.31 -4.07
N GLY A 67 10.17 0.52 -4.42
CA GLY A 67 9.49 -0.37 -5.34
C GLY A 67 10.14 -0.38 -6.71
N ASP A 68 10.66 0.79 -7.10
CA ASP A 68 11.34 0.94 -8.38
C ASP A 68 12.54 0.00 -8.44
N GLU A 69 13.24 -0.13 -7.32
CA GLU A 69 14.40 -1.01 -7.23
C GLU A 69 13.96 -2.46 -7.34
N LEU A 70 12.78 -2.74 -6.79
CA LEU A 70 12.22 -4.09 -6.80
C LEU A 70 11.72 -4.48 -8.18
N ASP A 71 11.66 -3.50 -9.08
CA ASP A 71 11.22 -3.76 -10.45
C ASP A 71 12.43 -3.78 -11.37
N SER A 72 13.60 -3.58 -10.78
CA SER A 72 14.85 -3.57 -11.54
C SER A 72 15.41 -4.99 -11.66
N ASN A 73 15.14 -5.81 -10.67
CA ASN A 73 15.62 -7.19 -10.67
C ASN A 73 14.66 -8.12 -11.40
N MET A 74 15.12 -8.66 -12.52
CA MET A 74 14.31 -9.55 -13.35
C MET A 74 14.00 -10.85 -12.63
N GLU A 75 14.84 -11.21 -11.66
CA GLU A 75 14.64 -12.44 -10.88
C GLU A 75 13.26 -12.45 -10.24
N LEU A 76 12.94 -11.36 -9.55
CA LEU A 76 11.65 -11.22 -8.89
C LEU A 76 10.56 -10.83 -9.87
N GLN A 77 10.93 -10.02 -10.86
CA GLN A 77 9.99 -9.55 -11.87
C GLN A 77 9.38 -10.73 -12.65
N ARG A 78 10.21 -11.72 -12.95
CA ARG A 78 9.76 -12.90 -13.68
C ARG A 78 8.80 -13.75 -12.84
N MET A 79 9.01 -13.76 -11.53
CA MET A 79 8.15 -14.52 -10.63
C MET A 79 6.74 -13.94 -10.63
N ILE A 80 6.65 -12.61 -10.72
CA ILE A 80 5.36 -11.94 -10.73
C ILE A 80 4.64 -12.23 -12.06
N ALA A 81 5.42 -12.46 -13.10
CA ALA A 81 4.87 -12.77 -14.42
C ALA A 81 4.52 -14.25 -14.53
N ALA A 82 4.86 -15.00 -13.50
CA ALA A 82 4.60 -16.43 -13.47
C ALA A 82 3.56 -16.77 -12.40
N VAL A 83 3.02 -15.73 -11.77
CA VAL A 83 2.00 -15.92 -10.74
C VAL A 83 0.64 -16.17 -11.38
N ASP A 84 -0.15 -17.04 -10.78
CA ASP A 84 -1.45 -17.37 -11.32
C ASP A 84 -2.50 -16.36 -10.91
N THR A 85 -2.95 -15.57 -11.88
CA THR A 85 -3.96 -14.56 -11.62
C THR A 85 -5.34 -15.19 -11.80
N ASP A 86 -5.59 -16.24 -11.03
CA ASP A 86 -6.86 -16.98 -11.10
C ASP A 86 -7.82 -16.58 -9.97
N SER A 87 -7.32 -16.60 -8.74
CA SER A 87 -8.13 -16.25 -7.58
C SER A 87 -7.55 -15.00 -6.89
N PRO A 88 -7.97 -13.81 -7.33
CA PRO A 88 -7.48 -12.52 -6.78
C PRO A 88 -7.61 -12.40 -5.26
N ARG A 89 -8.83 -12.53 -4.74
CA ARG A 89 -9.08 -12.41 -3.31
C ARG A 89 -8.32 -13.47 -2.52
N GLU A 90 -8.36 -14.70 -3.00
CA GLU A 90 -7.69 -15.82 -2.35
C GLU A 90 -6.18 -15.61 -2.26
N VAL A 91 -5.57 -15.25 -3.39
CA VAL A 91 -4.12 -15.01 -3.44
C VAL A 91 -3.74 -13.87 -2.50
N PHE A 92 -4.51 -12.79 -2.54
CA PHE A 92 -4.25 -11.62 -1.71
C PHE A 92 -4.34 -11.97 -0.23
N PHE A 93 -5.41 -12.67 0.13
CA PHE A 93 -5.63 -13.08 1.52
C PHE A 93 -4.53 -14.03 1.98
N ARG A 94 -4.12 -14.93 1.10
CA ARG A 94 -3.08 -15.90 1.42
C ARG A 94 -1.76 -15.22 1.75
N VAL A 95 -1.30 -14.34 0.86
CA VAL A 95 -0.03 -13.65 1.08
C VAL A 95 -0.08 -12.72 2.29
N ALA A 96 -1.26 -12.18 2.57
CA ALA A 96 -1.45 -11.30 3.71
C ALA A 96 -1.29 -12.07 5.01
N ALA A 97 -1.86 -13.27 5.05
CA ALA A 97 -1.78 -14.13 6.23
C ALA A 97 -0.44 -14.86 6.29
N ASP A 98 0.14 -15.15 5.13
CA ASP A 98 1.42 -15.85 5.04
C ASP A 98 2.50 -15.08 5.79
N MET A 99 2.59 -13.78 5.50
CA MET A 99 3.57 -12.92 6.14
C MET A 99 3.11 -12.52 7.55
N PHE A 100 2.07 -13.17 8.03
CA PHE A 100 1.54 -12.89 9.36
C PHE A 100 1.45 -14.18 10.17
N SER A 101 1.96 -15.26 9.60
CA SER A 101 1.93 -16.55 10.26
C SER A 101 2.82 -16.56 11.49
N ASP A 102 4.02 -16.04 11.33
CA ASP A 102 4.98 -15.97 12.43
C ASP A 102 4.64 -14.80 13.35
N GLY A 103 3.92 -13.83 12.81
CA GLY A 103 3.53 -12.67 13.58
C GLY A 103 4.70 -11.76 13.88
N ASN A 104 5.67 -11.73 12.99
CA ASN A 104 6.85 -10.90 13.16
C ASN A 104 6.74 -9.63 12.32
N PHE A 105 6.87 -8.48 12.99
CA PHE A 105 6.80 -7.20 12.30
C PHE A 105 8.18 -6.75 11.83
N ASN A 106 8.64 -7.36 10.75
CA ASN A 106 9.95 -7.04 10.18
C ASN A 106 9.90 -5.76 9.35
N TRP A 107 8.72 -5.17 9.25
CA TRP A 107 8.48 -3.93 8.49
C TRP A 107 8.49 -4.16 6.98
N GLY A 108 9.46 -4.95 6.51
CA GLY A 108 9.58 -5.25 5.08
C GLY A 108 8.33 -5.89 4.50
N ARG A 109 7.61 -6.65 5.32
CA ARG A 109 6.39 -7.32 4.86
C ARG A 109 5.30 -6.33 4.47
N VAL A 110 5.49 -5.06 4.82
CA VAL A 110 4.52 -4.02 4.48
C VAL A 110 4.78 -3.50 3.06
N VAL A 111 6.03 -3.09 2.81
CA VAL A 111 6.41 -2.58 1.49
C VAL A 111 6.32 -3.69 0.44
N ALA A 112 6.56 -4.93 0.87
CA ALA A 112 6.49 -6.08 -0.02
C ALA A 112 5.05 -6.24 -0.53
N LEU A 113 4.11 -6.07 0.38
CA LEU A 113 2.69 -6.19 0.04
C LEU A 113 2.29 -5.07 -0.91
N PHE A 114 2.85 -3.88 -0.68
CA PHE A 114 2.58 -2.72 -1.52
C PHE A 114 3.03 -2.97 -2.95
N TYR A 115 4.22 -3.53 -3.10
CA TYR A 115 4.78 -3.86 -4.41
C TYR A 115 3.94 -4.92 -5.11
N PHE A 116 3.49 -5.91 -4.35
CA PHE A 116 2.68 -6.98 -4.90
C PHE A 116 1.32 -6.44 -5.35
N ALA A 117 0.71 -5.60 -4.52
CA ALA A 117 -0.59 -5.02 -4.80
C ALA A 117 -0.53 -4.14 -6.05
N SER A 118 0.50 -3.30 -6.13
CA SER A 118 0.65 -2.41 -7.28
C SER A 118 0.84 -3.18 -8.57
N LYS A 119 1.58 -4.29 -8.51
CA LYS A 119 1.81 -5.12 -9.68
C LYS A 119 0.50 -5.75 -10.13
N LEU A 120 -0.36 -6.10 -9.19
CA LEU A 120 -1.65 -6.69 -9.50
C LEU A 120 -2.54 -5.63 -10.15
N VAL A 121 -2.44 -4.39 -9.64
CA VAL A 121 -3.20 -3.27 -10.18
C VAL A 121 -2.78 -3.02 -11.62
N LEU A 122 -1.48 -3.09 -11.88
CA LEU A 122 -0.94 -2.88 -13.21
C LEU A 122 -1.51 -3.90 -14.19
N LYS A 123 -1.69 -5.13 -13.72
CA LYS A 123 -2.26 -6.20 -14.54
C LYS A 123 -3.69 -5.86 -14.93
N ALA A 124 -4.50 -5.53 -13.92
CA ALA A 124 -5.89 -5.20 -14.13
C ALA A 124 -6.05 -3.95 -14.98
N LEU A 125 -5.11 -3.01 -14.85
CA LEU A 125 -5.14 -1.78 -15.61
C LEU A 125 -4.97 -2.08 -17.10
N CYS A 126 -4.23 -3.15 -17.39
CA CYS A 126 -4.00 -3.57 -18.77
C CYS A 126 -5.25 -4.24 -19.32
N THR A 127 -6.09 -4.75 -18.42
CA THR A 127 -7.33 -5.41 -18.80
C THR A 127 -8.43 -4.37 -18.96
N LYS A 128 -8.13 -3.14 -18.55
CA LYS A 128 -9.06 -2.03 -18.64
C LYS A 128 -10.27 -2.24 -17.74
N VAL A 129 -10.05 -2.83 -16.57
CA VAL A 129 -11.13 -3.07 -15.62
C VAL A 129 -10.96 -2.19 -14.37
N PRO A 130 -11.63 -1.03 -14.36
CA PRO A 130 -11.55 -0.05 -13.26
C PRO A 130 -12.08 -0.60 -11.95
N GLU A 131 -13.16 -1.39 -12.03
CA GLU A 131 -13.76 -1.98 -10.83
C GLU A 131 -12.77 -2.82 -10.05
N LEU A 132 -11.99 -3.64 -10.75
CA LEU A 132 -11.00 -4.49 -10.09
C LEU A 132 -9.96 -3.63 -9.39
N ILE A 133 -9.56 -2.53 -10.04
CA ILE A 133 -8.58 -1.61 -9.48
C ILE A 133 -9.07 -1.06 -8.14
N ARG A 134 -10.35 -0.76 -8.08
CA ARG A 134 -10.95 -0.22 -6.87
C ARG A 134 -11.17 -1.31 -5.83
N THR A 135 -11.58 -2.48 -6.29
CA THR A 135 -11.82 -3.61 -5.41
C THR A 135 -10.55 -4.05 -4.70
N ILE A 136 -9.43 -4.04 -5.42
CA ILE A 136 -8.13 -4.42 -4.85
C ILE A 136 -7.77 -3.49 -3.69
N MET A 137 -8.06 -2.20 -3.87
CA MET A 137 -7.77 -1.19 -2.84
C MET A 137 -8.57 -1.49 -1.58
N GLY A 138 -9.79 -1.98 -1.76
CA GLY A 138 -10.63 -2.31 -0.64
C GLY A 138 -10.07 -3.50 0.13
N TRP A 139 -9.37 -4.37 -0.58
CA TRP A 139 -8.76 -5.55 0.02
C TRP A 139 -7.56 -5.16 0.85
N THR A 140 -6.79 -4.18 0.36
CA THR A 140 -5.62 -3.71 1.07
C THR A 140 -6.02 -3.08 2.40
N LEU A 141 -7.13 -2.34 2.36
CA LEU A 141 -7.62 -1.68 3.55
C LEU A 141 -8.32 -2.67 4.48
N ASP A 142 -8.81 -3.77 3.91
CA ASP A 142 -9.51 -4.81 4.68
C ASP A 142 -8.60 -5.35 5.78
N PHE A 143 -7.39 -5.73 5.38
CA PHE A 143 -6.41 -6.27 6.31
C PHE A 143 -5.84 -5.15 7.18
N LEU A 144 -5.86 -3.94 6.65
CA LEU A 144 -5.35 -2.77 7.36
C LEU A 144 -6.23 -2.44 8.57
N ARG A 145 -7.52 -2.32 8.34
CA ARG A 145 -8.48 -2.00 9.40
C ARG A 145 -8.57 -3.13 10.42
N GLU A 146 -8.34 -4.35 9.96
CA GLU A 146 -8.42 -5.52 10.82
C GLU A 146 -7.29 -5.58 11.85
N ARG A 147 -6.04 -5.43 11.40
CA ARG A 147 -4.91 -5.51 12.34
C ARG A 147 -3.88 -4.39 12.18
N LEU A 148 -3.52 -4.08 10.94
CA LEU A 148 -2.51 -3.05 10.66
C LEU A 148 -2.76 -1.73 11.39
N LEU A 149 -4.02 -1.35 11.51
CA LEU A 149 -4.41 -0.11 12.18
C LEU A 149 -3.85 -0.04 13.61
N GLY A 150 -3.94 -1.16 14.32
CA GLY A 150 -3.45 -1.21 15.69
C GLY A 150 -1.94 -1.06 15.76
N TRP A 151 -1.25 -1.62 14.79
CA TRP A 151 0.20 -1.56 14.72
C TRP A 151 0.68 -0.15 14.37
N ILE A 152 -0.05 0.50 13.47
CA ILE A 152 0.28 1.85 13.04
C ILE A 152 -0.01 2.85 14.17
N GLN A 153 -1.12 2.65 14.86
CA GLN A 153 -1.51 3.52 15.96
C GLN A 153 -0.51 3.41 17.11
N ASP A 154 -0.07 2.18 17.36
CA ASP A 154 0.88 1.90 18.45
C ASP A 154 2.19 2.65 18.27
N GLN A 155 2.69 2.72 17.05
CA GLN A 155 3.95 3.40 16.76
C GLN A 155 3.77 4.91 16.71
N GLY A 156 2.53 5.37 16.71
CA GLY A 156 2.27 6.80 16.67
C GLY A 156 2.01 7.34 15.28
N GLY A 157 1.72 6.45 14.35
CA GLY A 157 1.45 6.88 12.99
C GLY A 157 2.38 6.23 11.99
N TRP A 158 2.67 6.94 10.91
CA TRP A 158 3.54 6.43 9.87
C TRP A 158 4.98 6.88 10.06
N ASP A 159 5.24 7.53 11.20
CA ASP A 159 6.58 8.01 11.52
C ASP A 159 7.55 6.86 11.67
N GLY A 160 7.07 5.75 12.22
CA GLY A 160 7.90 4.58 12.41
C GLY A 160 8.42 4.05 11.09
N LEU A 161 7.56 4.05 10.08
CA LEU A 161 7.91 3.58 8.75
C LEU A 161 8.94 4.53 8.13
N LEU A 162 8.71 5.83 8.30
CA LEU A 162 9.62 6.84 7.77
C LEU A 162 11.00 6.74 8.41
N SER A 163 11.02 6.43 9.70
CA SER A 163 12.27 6.29 10.43
C SER A 163 12.97 4.96 10.13
N TYR A 164 12.27 4.08 9.44
CA TYR A 164 12.82 2.78 9.09
C TYR A 164 13.58 2.88 7.77
N PHE A 165 13.17 3.82 6.93
CA PHE A 165 13.80 4.03 5.64
C PHE A 165 15.24 4.49 5.82
N GLY A 166 16.17 3.69 5.31
CA GLY A 166 17.58 4.03 5.44
C GLY A 166 18.26 4.13 4.09
N THR A 167 19.58 4.06 4.09
CA THR A 167 20.38 4.14 2.88
C THR A 167 21.64 3.28 2.94
N PRO A 168 22.49 3.43 4.00
CA PRO A 168 23.72 2.65 4.14
C PRO A 168 23.47 1.15 4.04
N THR A 169 24.06 0.53 3.02
CA THR A 169 23.91 -0.89 2.76
C THR A 169 22.44 -1.27 2.53
N TRP A 170 21.78 -0.52 1.64
CA TRP A 170 20.37 -0.76 1.32
C TRP A 170 20.17 -2.08 0.56
N GLN A 171 21.27 -2.64 0.04
CA GLN A 171 21.21 -3.89 -0.73
C GLN A 171 20.59 -5.01 0.11
N THR A 172 20.93 -5.05 1.39
CA THR A 172 20.41 -6.07 2.29
C THR A 172 18.88 -5.97 2.37
N VAL A 173 18.39 -4.74 2.27
CA VAL A 173 16.94 -4.49 2.32
C VAL A 173 16.29 -4.97 1.04
N THR A 174 16.93 -4.69 -0.09
CA THR A 174 16.42 -5.11 -1.39
C THR A 174 16.30 -6.62 -1.46
N ILE A 175 17.36 -7.31 -1.04
CA ILE A 175 17.38 -8.76 -1.05
C ILE A 175 16.34 -9.30 -0.06
N PHE A 176 16.21 -8.62 1.07
CA PHE A 176 15.25 -9.02 2.10
C PHE A 176 13.83 -9.01 1.56
N VAL A 177 13.41 -7.88 0.99
CA VAL A 177 12.08 -7.74 0.44
C VAL A 177 11.83 -8.76 -0.68
N ALA A 178 12.82 -8.91 -1.56
CA ALA A 178 12.73 -9.85 -2.66
C ALA A 178 12.59 -11.27 -2.13
N GLY A 179 13.39 -11.60 -1.12
CA GLY A 179 13.36 -12.92 -0.53
C GLY A 179 12.01 -13.25 0.07
N VAL A 180 11.40 -12.27 0.73
CA VAL A 180 10.09 -12.47 1.35
C VAL A 180 9.03 -12.74 0.29
N LEU A 181 9.01 -11.90 -0.75
CA LEU A 181 8.05 -12.04 -1.84
C LEU A 181 8.22 -13.38 -2.56
N THR A 182 9.47 -13.72 -2.85
CA THR A 182 9.77 -14.97 -3.55
C THR A 182 9.35 -16.18 -2.70
N ALA A 183 9.50 -16.05 -1.39
CA ALA A 183 9.14 -17.13 -0.48
C ALA A 183 7.67 -17.50 -0.61
N SER A 184 6.79 -16.51 -0.44
CA SER A 184 5.35 -16.73 -0.53
C SER A 184 4.95 -17.23 -1.92
N LEU A 185 5.54 -16.65 -2.96
CA LEU A 185 5.24 -17.04 -4.33
C LEU A 185 5.63 -18.49 -4.61
N THR A 186 6.80 -18.88 -4.13
CA THR A 186 7.29 -20.26 -4.31
C THR A 186 6.39 -21.25 -3.58
N ILE A 187 5.83 -20.81 -2.45
CA ILE A 187 4.95 -21.66 -1.66
C ILE A 187 3.58 -21.75 -2.35
N TRP A 188 3.15 -20.64 -2.92
CA TRP A 188 1.87 -20.58 -3.62
C TRP A 188 1.86 -21.50 -4.84
N LYS A 189 2.79 -21.25 -5.76
CA LYS A 189 2.86 -22.04 -6.97
C LYS A 189 3.65 -23.33 -6.76
N LYS A 190 3.01 -24.26 -6.06
CA LYS A 190 3.61 -25.55 -5.77
C LYS A 190 3.34 -26.53 -6.91
N MET A 191 3.86 -26.20 -8.09
CA MET A 191 3.71 -27.03 -9.29
C MET A 191 2.25 -27.03 -9.76
N GLY A 192 1.52 -25.98 -9.40
CA GLY A 192 0.14 -25.85 -9.79
C GLY A 192 -0.71 -25.29 -8.68
N GLU B 1 -12.93 -8.79 5.91
CA GLU B 1 -14.07 -9.60 5.42
C GLU B 1 -14.77 -8.90 4.27
N ILE B 2 -15.77 -9.56 3.69
CA ILE B 2 -16.52 -9.01 2.57
C ILE B 2 -17.18 -7.69 2.92
N TRP B 3 -17.92 -7.66 4.02
CA TRP B 3 -18.62 -6.45 4.44
C TRP B 3 -17.63 -5.37 4.88
N ILE B 4 -16.52 -5.79 5.49
CA ILE B 4 -15.50 -4.86 5.95
C ILE B 4 -14.83 -4.18 4.76
N ALA B 5 -14.36 -5.00 3.82
CA ALA B 5 -13.70 -4.50 2.62
C ALA B 5 -14.62 -3.59 1.81
N GLN B 6 -15.92 -3.84 1.93
CA GLN B 6 -16.92 -3.05 1.23
C GLN B 6 -16.84 -1.59 1.68
N GLU B 7 -16.93 -1.38 2.99
CA GLU B 7 -16.86 -0.04 3.55
C GLU B 7 -15.48 0.57 3.30
N LEU B 8 -14.46 -0.27 3.45
CA LEU B 8 -13.09 0.16 3.23
C LEU B 8 -12.85 0.58 1.79
N ARG B 9 -13.47 -0.14 0.86
CA ARG B 9 -13.35 0.21 -0.56
C ARG B 9 -13.96 1.58 -0.77
N ARG B 10 -15.03 1.86 -0.04
CA ARG B 10 -15.70 3.14 -0.12
C ARG B 10 -14.78 4.22 0.45
N ILE B 11 -14.08 3.91 1.54
CA ILE B 11 -13.14 4.85 2.14
C ILE B 11 -12.05 5.16 1.13
N GLY B 12 -11.61 4.12 0.43
CA GLY B 12 -10.59 4.27 -0.59
C GLY B 12 -11.08 5.14 -1.72
N ASP B 13 -12.33 4.94 -2.13
CA ASP B 13 -12.93 5.72 -3.20
C ASP B 13 -13.23 7.13 -2.73
N GLU B 14 -13.57 7.25 -1.45
CA GLU B 14 -13.86 8.52 -0.82
C GLU B 14 -12.67 9.47 -0.99
N PHE B 15 -11.50 8.98 -0.60
CA PHE B 15 -10.28 9.77 -0.72
C PHE B 15 -9.84 9.85 -2.19
N ASN B 16 -10.14 8.79 -2.94
CA ASN B 16 -9.79 8.72 -4.35
C ASN B 16 -10.43 9.88 -5.11
N ALA B 17 -11.68 10.16 -4.80
CA ALA B 17 -12.41 11.24 -5.45
C ALA B 17 -12.35 12.52 -4.62
N TYR B 18 -11.43 12.56 -3.65
CA TYR B 18 -11.28 13.72 -2.80
C TYR B 18 -9.96 14.44 -3.09
N TYR B 19 -8.98 13.70 -3.60
CA TYR B 19 -7.69 14.29 -3.91
C TYR B 19 -7.25 13.96 -5.34
N ALA B 20 -8.21 13.61 -6.18
CA ALA B 20 -7.93 13.28 -7.57
C ALA B 20 -9.18 13.48 -8.41
N MET A 1 -12.74 28.00 24.40
CA MET A 1 -11.70 28.37 25.38
C MET A 1 -10.70 27.23 25.60
N ASP A 2 -10.96 26.07 25.02
CA ASP A 2 -10.08 24.91 25.17
C ASP A 2 -8.72 25.15 24.53
N GLY A 3 -8.68 26.01 23.52
CA GLY A 3 -7.43 26.32 22.84
C GLY A 3 -6.60 27.30 23.64
N SER A 4 -7.24 27.97 24.59
CA SER A 4 -6.58 28.94 25.44
C SER A 4 -6.18 28.31 26.78
N GLY A 5 -6.37 27.00 26.88
CA GLY A 5 -6.03 26.30 28.09
C GLY A 5 -4.65 25.68 28.01
N GLU A 6 -4.44 24.61 28.78
CA GLU A 6 -3.15 23.92 28.80
C GLU A 6 -3.06 22.90 27.67
N GLN A 7 -2.26 23.22 26.66
CA GLN A 7 -2.09 22.33 25.53
C GLN A 7 -0.61 22.08 25.26
N PRO A 8 -0.11 20.88 25.59
CA PRO A 8 1.29 20.52 25.37
C PRO A 8 1.56 20.20 23.89
N ARG A 9 1.77 21.24 23.10
CA ARG A 9 2.03 21.12 21.66
C ARG A 9 0.77 20.68 20.93
N GLY A 10 0.45 19.40 21.04
CA GLY A 10 -0.72 18.88 20.37
C GLY A 10 -1.79 18.49 21.37
N GLY A 11 -2.92 18.05 20.87
CA GLY A 11 -4.00 17.66 21.73
C GLY A 11 -4.10 16.15 21.86
N GLY A 12 -5.29 15.63 21.65
CA GLY A 12 -5.51 14.20 21.72
C GLY A 12 -6.86 13.80 21.16
N PRO A 13 -7.02 13.85 19.83
CA PRO A 13 -8.28 13.48 19.17
C PRO A 13 -8.33 12.01 18.81
N THR A 14 -9.41 11.59 18.15
CA THR A 14 -9.58 10.20 17.75
C THR A 14 -8.49 9.79 16.76
N SER A 15 -7.56 8.98 17.24
CA SER A 15 -6.45 8.52 16.43
C SER A 15 -6.83 7.25 15.68
N SER A 16 -7.84 6.56 16.18
CA SER A 16 -8.32 5.31 15.59
C SER A 16 -8.71 5.48 14.12
N GLU A 17 -9.62 6.42 13.87
CA GLU A 17 -10.08 6.66 12.51
C GLU A 17 -9.12 7.54 11.72
N GLN A 18 -8.49 8.50 12.40
CA GLN A 18 -7.55 9.42 11.76
C GLN A 18 -6.40 8.67 11.09
N ILE A 19 -5.82 7.71 11.80
CA ILE A 19 -4.71 6.92 11.27
C ILE A 19 -5.15 6.13 10.05
N MET A 20 -6.36 5.57 10.11
CA MET A 20 -6.90 4.77 9.01
C MET A 20 -7.15 5.63 7.78
N LYS A 21 -7.64 6.85 8.00
CA LYS A 21 -7.94 7.77 6.89
C LYS A 21 -6.71 8.00 6.02
N THR A 22 -5.56 8.13 6.67
CA THR A 22 -4.30 8.36 5.96
C THR A 22 -3.96 7.18 5.06
N GLY A 23 -4.39 5.99 5.47
CA GLY A 23 -4.12 4.79 4.69
C GLY A 23 -4.81 4.82 3.34
N ALA A 24 -6.02 5.36 3.30
CA ALA A 24 -6.79 5.45 2.06
C ALA A 24 -6.12 6.42 1.10
N LEU A 25 -5.43 7.41 1.63
CA LEU A 25 -4.75 8.39 0.83
C LEU A 25 -3.42 7.85 0.30
N LEU A 26 -2.73 7.08 1.14
CA LEU A 26 -1.44 6.49 0.77
C LEU A 26 -1.59 5.57 -0.44
N LEU A 27 -2.60 4.71 -0.41
CA LEU A 27 -2.85 3.79 -1.49
C LEU A 27 -3.17 4.54 -2.78
N GLN A 28 -3.92 5.63 -2.64
CA GLN A 28 -4.31 6.45 -3.79
C GLN A 28 -3.08 7.03 -4.48
N GLY A 29 -2.24 7.69 -3.70
CA GLY A 29 -1.04 8.32 -4.24
C GLY A 29 -0.10 7.33 -4.92
N PHE A 30 0.12 6.20 -4.29
CA PHE A 30 1.00 5.17 -4.83
C PHE A 30 0.48 4.61 -6.16
N ILE A 31 -0.82 4.37 -6.23
CA ILE A 31 -1.44 3.83 -7.44
C ILE A 31 -1.47 4.85 -8.58
N GLN A 32 -1.93 6.06 -8.28
CA GLN A 32 -2.02 7.12 -9.28
C GLN A 32 -0.66 7.47 -9.88
N ASP A 33 0.35 7.54 -9.04
CA ASP A 33 1.70 7.88 -9.50
C ASP A 33 2.26 6.84 -10.46
N ARG A 34 2.01 5.58 -10.17
CA ARG A 34 2.50 4.50 -11.03
C ARG A 34 1.61 4.30 -12.25
N ALA A 35 0.39 4.80 -12.18
CA ALA A 35 -0.55 4.69 -13.30
C ALA A 35 -0.12 5.58 -14.46
N GLY A 36 0.73 6.56 -14.16
CA GLY A 36 1.21 7.47 -15.17
C GLY A 36 2.16 6.80 -16.16
N ARG A 37 2.50 5.55 -15.89
CA ARG A 37 3.39 4.78 -16.75
C ARG A 37 2.63 4.27 -17.98
N MET A 38 1.33 4.53 -18.03
CA MET A 38 0.51 4.10 -19.14
C MET A 38 0.11 5.27 -20.05
N GLY A 39 -0.62 6.22 -19.49
CA GLY A 39 -1.04 7.37 -20.27
C GLY A 39 -2.25 8.05 -19.64
N GLY A 40 -3.18 8.48 -20.49
CA GLY A 40 -4.37 9.15 -20.01
C GLY A 40 -5.49 9.14 -21.03
N GLU A 41 -6.71 9.12 -20.55
CA GLU A 41 -7.88 9.09 -21.42
C GLU A 41 -8.42 10.49 -21.69
N ALA A 42 -7.77 11.20 -22.62
CA ALA A 42 -8.15 12.55 -23.01
C ALA A 42 -8.29 13.50 -21.81
N PRO A 43 -7.19 14.13 -21.38
CA PRO A 43 -7.18 15.05 -20.24
C PRO A 43 -7.80 16.41 -20.60
N GLU A 44 -9.09 16.40 -20.88
CA GLU A 44 -9.81 17.62 -21.23
C GLU A 44 -10.28 18.32 -19.95
N LEU A 45 -10.80 17.53 -19.02
CA LEU A 45 -11.28 18.06 -17.77
C LEU A 45 -10.26 17.84 -16.66
N ALA A 46 -10.23 16.61 -16.14
CA ALA A 46 -9.31 16.24 -15.06
C ALA A 46 -9.56 17.04 -13.78
N LEU A 47 -8.77 16.78 -12.76
CA LEU A 47 -8.90 17.48 -11.50
C LEU A 47 -7.55 17.61 -10.82
N ASP A 48 -7.26 18.80 -10.33
CA ASP A 48 -5.99 19.06 -9.64
C ASP A 48 -6.24 19.83 -8.35
N PRO A 49 -6.59 19.11 -7.27
CA PRO A 49 -6.85 19.72 -5.96
C PRO A 49 -5.56 20.23 -5.30
N VAL A 50 -4.44 19.71 -5.79
CA VAL A 50 -3.11 20.07 -5.29
C VAL A 50 -2.89 19.58 -3.86
N PRO A 51 -2.12 18.50 -3.70
CA PRO A 51 -1.81 17.93 -2.39
C PRO A 51 -1.01 18.91 -1.52
N GLN A 52 -1.63 19.41 -0.47
CA GLN A 52 -0.99 20.37 0.41
C GLN A 52 -0.13 19.68 1.46
N ASP A 53 -0.32 18.38 1.62
CA ASP A 53 0.45 17.62 2.60
C ASP A 53 1.75 17.11 1.99
N ALA A 54 2.85 17.30 2.71
CA ALA A 54 4.15 16.86 2.26
C ALA A 54 4.47 15.46 2.76
N SER A 55 3.80 15.05 3.84
CA SER A 55 4.01 13.74 4.43
C SER A 55 3.67 12.63 3.44
N THR A 56 2.46 12.69 2.88
CA THR A 56 2.02 11.70 1.92
C THR A 56 2.86 11.76 0.65
N LYS A 57 3.26 12.96 0.29
CA LYS A 57 4.08 13.18 -0.90
C LYS A 57 5.44 12.51 -0.76
N LYS A 58 6.09 12.73 0.38
CA LYS A 58 7.39 12.14 0.65
C LYS A 58 7.29 10.62 0.73
N LEU A 59 6.25 10.13 1.40
CA LEU A 59 6.03 8.70 1.54
C LEU A 59 5.84 8.04 0.19
N SER A 60 5.06 8.67 -0.68
CA SER A 60 4.82 8.13 -2.00
C SER A 60 6.10 8.10 -2.83
N GLU A 61 6.96 9.10 -2.62
CA GLU A 61 8.23 9.18 -3.34
C GLU A 61 9.16 8.03 -2.96
N CYS A 62 9.36 7.83 -1.65
CA CYS A 62 10.25 6.77 -1.19
C CYS A 62 9.75 5.40 -1.63
N LEU A 63 8.44 5.18 -1.59
CA LEU A 63 7.87 3.91 -2.01
C LEU A 63 8.03 3.74 -3.51
N LYS A 64 7.88 4.84 -4.24
CA LYS A 64 8.00 4.86 -5.68
C LYS A 64 9.37 4.37 -6.13
N ARG A 65 10.42 4.94 -5.53
CA ARG A 65 11.78 4.57 -5.89
C ARG A 65 12.10 3.12 -5.48
N ILE A 66 11.55 2.69 -4.35
CA ILE A 66 11.76 1.32 -3.89
C ILE A 66 11.09 0.32 -4.84
N GLY A 67 9.88 0.64 -5.25
CA GLY A 67 9.14 -0.21 -6.16
C GLY A 67 9.85 -0.40 -7.48
N ASP A 68 10.38 0.69 -8.03
CA ASP A 68 11.10 0.65 -9.30
C ASP A 68 12.45 -0.05 -9.15
N GLU A 69 13.03 0.00 -7.95
CA GLU A 69 14.30 -0.66 -7.70
C GLU A 69 14.11 -2.16 -7.61
N LEU A 70 12.92 -2.57 -7.20
CA LEU A 70 12.59 -3.99 -7.07
C LEU A 70 12.14 -4.55 -8.42
N ASP A 71 12.35 -3.79 -9.48
CA ASP A 71 11.97 -4.22 -10.82
C ASP A 71 13.20 -4.43 -11.69
N SER A 72 14.37 -4.15 -11.12
CA SER A 72 15.62 -4.32 -11.84
C SER A 72 16.00 -5.80 -11.91
N ASN A 73 15.48 -6.57 -10.97
CA ASN A 73 15.74 -8.01 -10.91
C ASN A 73 14.79 -8.78 -11.82
N MET A 74 15.35 -9.43 -12.83
CA MET A 74 14.55 -10.20 -13.78
C MET A 74 13.94 -11.44 -13.14
N GLU A 75 14.59 -11.98 -12.12
CA GLU A 75 14.10 -13.17 -11.42
C GLU A 75 12.74 -12.91 -10.78
N LEU A 76 12.65 -11.82 -10.03
CA LEU A 76 11.43 -11.46 -9.35
C LEU A 76 10.34 -11.08 -10.35
N GLN A 77 10.72 -10.37 -11.41
CA GLN A 77 9.77 -9.94 -12.43
C GLN A 77 9.18 -11.15 -13.15
N ARG A 78 10.03 -12.14 -13.41
CA ARG A 78 9.60 -13.36 -14.08
C ARG A 78 8.55 -14.09 -13.26
N MET A 79 8.77 -14.15 -11.95
CA MET A 79 7.84 -14.83 -11.05
C MET A 79 6.47 -14.16 -11.04
N ILE A 80 6.46 -12.84 -11.19
CA ILE A 80 5.20 -12.09 -11.20
C ILE A 80 4.39 -12.47 -12.44
N ALA A 81 5.08 -12.63 -13.56
CA ALA A 81 4.42 -12.98 -14.82
C ALA A 81 3.99 -14.44 -14.82
N ALA A 82 4.51 -15.21 -13.87
CA ALA A 82 4.18 -16.63 -13.76
C ALA A 82 3.15 -16.88 -12.66
N VAL A 83 2.64 -15.82 -12.06
CA VAL A 83 1.65 -15.95 -11.00
C VAL A 83 0.29 -16.37 -11.56
N ASP A 84 -0.42 -17.20 -10.81
CA ASP A 84 -1.72 -17.69 -11.20
C ASP A 84 -2.78 -16.61 -11.00
N THR A 85 -3.03 -15.84 -12.05
CA THR A 85 -4.03 -14.77 -11.98
C THR A 85 -5.43 -15.35 -12.18
N ASP A 86 -5.84 -16.16 -11.22
CA ASP A 86 -7.13 -16.80 -11.27
C ASP A 86 -7.97 -16.44 -10.04
N SER A 87 -7.41 -16.68 -8.87
CA SER A 87 -8.10 -16.38 -7.62
C SER A 87 -7.55 -15.09 -7.00
N PRO A 88 -8.30 -13.99 -7.10
CA PRO A 88 -7.89 -12.68 -6.59
C PRO A 88 -7.78 -12.60 -5.07
N ARG A 89 -8.92 -12.61 -4.38
CA ARG A 89 -8.94 -12.51 -2.92
C ARG A 89 -8.22 -13.68 -2.26
N GLU A 90 -8.34 -14.85 -2.86
CA GLU A 90 -7.71 -16.06 -2.34
C GLU A 90 -6.20 -15.88 -2.19
N VAL A 91 -5.52 -15.58 -3.29
CA VAL A 91 -4.08 -15.40 -3.29
C VAL A 91 -3.69 -14.17 -2.46
N PHE A 92 -4.45 -13.08 -2.62
CA PHE A 92 -4.18 -11.85 -1.89
C PHE A 92 -4.24 -12.06 -0.38
N PHE A 93 -5.31 -12.71 0.08
CA PHE A 93 -5.48 -12.98 1.50
C PHE A 93 -4.43 -13.96 2.00
N ARG A 94 -4.09 -14.94 1.15
CA ARG A 94 -3.09 -15.93 1.52
C ARG A 94 -1.74 -15.29 1.78
N VAL A 95 -1.25 -14.48 0.83
CA VAL A 95 0.05 -13.84 0.99
C VAL A 95 0.03 -12.81 2.13
N ALA A 96 -1.14 -12.23 2.37
CA ALA A 96 -1.29 -11.26 3.44
C ALA A 96 -1.15 -11.93 4.80
N ALA A 97 -1.73 -13.12 4.90
CA ALA A 97 -1.68 -13.89 6.15
C ALA A 97 -0.38 -14.68 6.28
N ASP A 98 0.15 -15.11 5.13
CA ASP A 98 1.40 -15.89 5.10
C ASP A 98 2.57 -15.11 5.70
N MET A 99 2.49 -13.79 5.61
CA MET A 99 3.54 -12.94 6.15
C MET A 99 3.14 -12.42 7.53
N PHE A 100 2.12 -13.03 8.11
CA PHE A 100 1.62 -12.64 9.43
C PHE A 100 1.49 -13.85 10.35
N SER A 101 1.58 -15.04 9.79
CA SER A 101 1.46 -16.28 10.55
C SER A 101 2.46 -16.35 11.70
N ASP A 102 3.73 -16.08 11.40
CA ASP A 102 4.78 -16.12 12.40
C ASP A 102 4.65 -14.96 13.38
N GLY A 103 4.04 -13.87 12.92
CA GLY A 103 3.86 -12.70 13.75
C GLY A 103 5.12 -11.85 13.79
N ASN A 104 5.95 -12.00 12.76
CA ASN A 104 7.20 -11.27 12.67
C ASN A 104 6.98 -9.88 12.08
N PHE A 105 7.21 -8.87 12.89
CA PHE A 105 7.07 -7.49 12.44
C PHE A 105 8.41 -6.98 11.93
N ASN A 106 8.85 -7.55 10.82
CA ASN A 106 10.12 -7.22 10.20
C ASN A 106 10.03 -5.97 9.33
N TRP A 107 8.84 -5.36 9.30
CA TRP A 107 8.58 -4.15 8.51
C TRP A 107 8.55 -4.41 7.01
N GLY A 108 9.51 -5.18 6.52
CA GLY A 108 9.59 -5.52 5.12
C GLY A 108 8.33 -6.18 4.59
N ARG A 109 7.64 -6.92 5.45
CA ARG A 109 6.41 -7.60 5.06
C ARG A 109 5.33 -6.62 4.59
N VAL A 110 5.50 -5.35 4.94
CA VAL A 110 4.55 -4.31 4.56
C VAL A 110 4.87 -3.80 3.16
N VAL A 111 6.12 -3.41 2.95
CA VAL A 111 6.55 -2.91 1.66
C VAL A 111 6.48 -4.01 0.58
N ALA A 112 6.72 -5.24 1.00
CA ALA A 112 6.66 -6.38 0.09
C ALA A 112 5.23 -6.54 -0.43
N LEU A 113 4.27 -6.36 0.46
CA LEU A 113 2.87 -6.46 0.10
C LEU A 113 2.49 -5.33 -0.83
N PHE A 114 3.06 -4.14 -0.59
CA PHE A 114 2.80 -2.97 -1.41
C PHE A 114 3.28 -3.21 -2.85
N TYR A 115 4.44 -3.82 -2.98
CA TYR A 115 5.01 -4.12 -4.28
C TYR A 115 4.14 -5.14 -5.02
N PHE A 116 3.67 -6.14 -4.28
CA PHE A 116 2.82 -7.17 -4.87
C PHE A 116 1.48 -6.58 -5.30
N ALA A 117 0.91 -5.73 -4.45
CA ALA A 117 -0.37 -5.10 -4.74
C ALA A 117 -0.28 -4.21 -5.97
N SER A 118 0.74 -3.38 -6.04
CA SER A 118 0.92 -2.48 -7.18
C SER A 118 1.09 -3.26 -8.48
N LYS A 119 1.83 -4.37 -8.43
CA LYS A 119 2.04 -5.18 -9.62
C LYS A 119 0.72 -5.77 -10.10
N LEU A 120 -0.13 -6.17 -9.15
CA LEU A 120 -1.43 -6.72 -9.46
C LEU A 120 -2.32 -5.63 -10.06
N VAL A 121 -2.25 -4.44 -9.48
CA VAL A 121 -3.02 -3.30 -9.95
C VAL A 121 -2.65 -2.97 -11.39
N LEU A 122 -1.35 -2.92 -11.67
CA LEU A 122 -0.87 -2.61 -13.01
C LEU A 122 -1.32 -3.69 -14.00
N LYS A 123 -1.29 -4.93 -13.55
CA LYS A 123 -1.73 -6.05 -14.37
C LYS A 123 -3.21 -5.94 -14.70
N ALA A 124 -4.01 -5.68 -13.66
CA ALA A 124 -5.45 -5.54 -13.81
C ALA A 124 -5.79 -4.33 -14.68
N LEU A 125 -4.99 -3.28 -14.55
CA LEU A 125 -5.19 -2.06 -15.31
C LEU A 125 -5.05 -2.33 -16.81
N CYS A 126 -4.16 -3.26 -17.16
CA CYS A 126 -3.93 -3.62 -18.56
C CYS A 126 -5.16 -4.32 -19.14
N THR A 127 -5.97 -4.90 -18.26
CA THR A 127 -7.18 -5.60 -18.68
C THR A 127 -8.34 -4.61 -18.85
N LYS A 128 -8.04 -3.32 -18.63
CA LYS A 128 -9.03 -2.25 -18.75
C LYS A 128 -10.22 -2.43 -17.81
N VAL A 129 -9.92 -2.82 -16.57
CA VAL A 129 -10.96 -3.00 -15.58
C VAL A 129 -10.68 -2.19 -14.31
N PRO A 130 -11.11 -0.91 -14.32
CA PRO A 130 -10.91 0.01 -13.20
C PRO A 130 -11.61 -0.46 -11.92
N GLU A 131 -12.75 -1.10 -12.09
CA GLU A 131 -13.51 -1.61 -10.96
C GLU A 131 -12.68 -2.59 -10.13
N LEU A 132 -11.93 -3.45 -10.81
CA LEU A 132 -11.08 -4.43 -10.14
C LEU A 132 -10.00 -3.71 -9.33
N ILE A 133 -9.51 -2.60 -9.88
CA ILE A 133 -8.49 -1.80 -9.20
C ILE A 133 -9.03 -1.31 -7.87
N ARG A 134 -10.25 -0.79 -7.89
CA ARG A 134 -10.89 -0.28 -6.68
C ARG A 134 -11.18 -1.43 -5.73
N THR A 135 -11.42 -2.61 -6.29
CA THR A 135 -11.70 -3.80 -5.49
C THR A 135 -10.46 -4.20 -4.70
N ILE A 136 -9.31 -4.23 -5.39
CA ILE A 136 -8.04 -4.57 -4.74
C ILE A 136 -7.72 -3.55 -3.66
N MET A 137 -7.95 -2.28 -3.96
CA MET A 137 -7.70 -1.20 -3.02
C MET A 137 -8.51 -1.41 -1.74
N GLY A 138 -9.79 -1.73 -1.91
CA GLY A 138 -10.65 -1.98 -0.77
C GLY A 138 -10.19 -3.17 0.04
N TRP A 139 -9.71 -4.20 -0.65
CA TRP A 139 -9.21 -5.40 -0.01
C TRP A 139 -7.94 -5.10 0.79
N THR A 140 -7.11 -4.22 0.25
CA THR A 140 -5.87 -3.85 0.92
C THR A 140 -6.16 -3.13 2.24
N LEU A 141 -7.15 -2.24 2.20
CA LEU A 141 -7.55 -1.49 3.38
C LEU A 141 -8.23 -2.40 4.39
N ASP A 142 -8.95 -3.40 3.88
CA ASP A 142 -9.67 -4.37 4.70
C ASP A 142 -8.73 -5.05 5.69
N PHE A 143 -7.62 -5.59 5.17
CA PHE A 143 -6.64 -6.26 6.01
C PHE A 143 -5.95 -5.28 6.95
N LEU A 144 -5.81 -4.04 6.49
CA LEU A 144 -5.18 -3.00 7.28
C LEU A 144 -6.02 -2.71 8.53
N ARG A 145 -7.32 -2.55 8.32
CA ARG A 145 -8.25 -2.27 9.41
C ARG A 145 -8.32 -3.46 10.37
N GLU A 146 -8.14 -4.65 9.83
CA GLU A 146 -8.18 -5.88 10.63
C GLU A 146 -7.17 -5.88 11.76
N ARG A 147 -5.89 -5.75 11.45
CA ARG A 147 -4.85 -5.78 12.47
C ARG A 147 -3.76 -4.72 12.29
N LEU A 148 -3.45 -4.36 11.05
CA LEU A 148 -2.40 -3.39 10.76
C LEU A 148 -2.62 -2.05 11.47
N LEU A 149 -3.88 -1.64 11.59
CA LEU A 149 -4.23 -0.38 12.24
C LEU A 149 -3.65 -0.29 13.66
N GLY A 150 -3.78 -1.37 14.42
CA GLY A 150 -3.27 -1.40 15.77
C GLY A 150 -1.76 -1.25 15.82
N TRP A 151 -1.08 -1.84 14.84
CA TRP A 151 0.38 -1.77 14.76
C TRP A 151 0.85 -0.35 14.48
N ILE A 152 0.08 0.37 13.67
CA ILE A 152 0.42 1.75 13.33
C ILE A 152 0.23 2.65 14.54
N GLN A 153 -0.78 2.36 15.34
CA GLN A 153 -1.06 3.15 16.54
C GLN A 153 0.04 2.90 17.58
N ASP A 154 0.50 1.67 17.64
CA ASP A 154 1.55 1.28 18.58
C ASP A 154 2.85 2.03 18.31
N GLN A 155 3.15 2.27 17.04
CA GLN A 155 4.37 2.98 16.66
C GLN A 155 4.19 4.49 16.73
N GLY A 156 2.97 4.92 17.02
CA GLY A 156 2.68 6.34 17.12
C GLY A 156 2.44 7.00 15.78
N GLY A 157 1.88 6.26 14.84
CA GLY A 157 1.60 6.80 13.54
C GLY A 157 2.47 6.18 12.46
N TRP A 158 2.34 6.68 11.24
CA TRP A 158 3.12 6.16 10.12
C TRP A 158 4.57 6.63 10.18
N ASP A 159 4.90 7.38 11.22
CA ASP A 159 6.25 7.89 11.40
C ASP A 159 7.23 6.74 11.61
N GLY A 160 6.73 5.66 12.18
CA GLY A 160 7.57 4.49 12.42
C GLY A 160 8.11 3.91 11.14
N LEU A 161 7.22 3.76 10.16
CA LEU A 161 7.60 3.22 8.86
C LEU A 161 8.54 4.18 8.15
N LEU A 162 8.28 5.48 8.29
CA LEU A 162 9.11 6.51 7.69
C LEU A 162 10.53 6.48 8.23
N SER A 163 10.65 6.20 9.53
CA SER A 163 11.95 6.14 10.18
C SER A 163 12.72 4.87 9.82
N TYR A 164 12.00 3.86 9.34
CA TYR A 164 12.63 2.60 8.94
C TYR A 164 13.38 2.77 7.62
N PHE A 165 12.99 3.79 6.85
CA PHE A 165 13.62 4.07 5.58
C PHE A 165 15.03 4.64 5.81
N GLY A 166 16.02 3.77 5.74
CA GLY A 166 17.38 4.19 5.94
C GLY A 166 18.11 4.44 4.64
N THR A 167 19.43 4.27 4.66
CA THR A 167 20.25 4.48 3.48
C THR A 167 21.48 3.56 3.47
N PRO A 168 22.29 3.54 4.56
CA PRO A 168 23.48 2.68 4.66
C PRO A 168 23.16 1.22 4.35
N THR A 169 23.87 0.66 3.37
CA THR A 169 23.68 -0.71 2.96
C THR A 169 22.23 -1.01 2.57
N TRP A 170 21.70 -0.17 1.68
CA TRP A 170 20.32 -0.33 1.22
C TRP A 170 20.13 -1.66 0.48
N GLN A 171 21.25 -2.21 0.03
CA GLN A 171 21.26 -3.48 -0.68
C GLN A 171 20.63 -4.59 0.16
N THR A 172 20.88 -4.55 1.47
CA THR A 172 20.33 -5.53 2.39
C THR A 172 18.80 -5.44 2.43
N VAL A 173 18.27 -4.26 2.16
CA VAL A 173 16.84 -4.03 2.17
C VAL A 173 16.22 -4.59 0.90
N THR A 174 16.87 -4.31 -0.23
CA THR A 174 16.40 -4.79 -1.52
C THR A 174 16.29 -6.32 -1.54
N ILE A 175 17.35 -6.98 -1.11
CA ILE A 175 17.38 -8.45 -1.07
C ILE A 175 16.37 -8.98 -0.04
N PHE A 176 16.22 -8.25 1.06
CA PHE A 176 15.28 -8.65 2.11
C PHE A 176 13.86 -8.70 1.59
N VAL A 177 13.43 -7.62 0.93
CA VAL A 177 12.09 -7.55 0.38
C VAL A 177 11.88 -8.63 -0.69
N ALA A 178 12.86 -8.76 -1.58
CA ALA A 178 12.81 -9.75 -2.64
C ALA A 178 12.71 -11.17 -2.07
N GLY A 179 13.51 -11.43 -1.04
CA GLY A 179 13.52 -12.74 -0.40
C GLY A 179 12.16 -13.10 0.16
N VAL A 180 11.55 -12.17 0.87
CA VAL A 180 10.24 -12.41 1.47
C VAL A 180 9.20 -12.69 0.39
N LEU A 181 9.21 -11.89 -0.67
CA LEU A 181 8.28 -12.06 -1.77
C LEU A 181 8.49 -13.40 -2.47
N THR A 182 9.73 -13.72 -2.78
CA THR A 182 10.06 -14.97 -3.45
C THR A 182 9.61 -16.17 -2.63
N ALA A 183 9.70 -16.05 -1.31
CA ALA A 183 9.29 -17.13 -0.40
C ALA A 183 7.83 -17.48 -0.60
N SER A 184 6.94 -16.51 -0.35
CA SER A 184 5.51 -16.72 -0.49
C SER A 184 5.13 -17.12 -1.92
N LEU A 185 5.81 -16.53 -2.90
CA LEU A 185 5.55 -16.83 -4.30
C LEU A 185 5.89 -18.29 -4.63
N THR A 186 7.05 -18.74 -4.18
CA THR A 186 7.48 -20.10 -4.44
C THR A 186 6.60 -21.10 -3.69
N ILE A 187 6.08 -20.68 -2.54
CA ILE A 187 5.20 -21.53 -1.74
C ILE A 187 3.89 -21.75 -2.48
N TRP A 188 3.36 -20.69 -3.06
CA TRP A 188 2.11 -20.76 -3.81
C TRP A 188 2.26 -21.58 -5.09
N LYS A 189 3.43 -21.49 -5.73
CA LYS A 189 3.68 -22.24 -6.95
C LYS A 189 4.05 -23.69 -6.64
N LYS A 190 3.14 -24.40 -6.00
CA LYS A 190 3.34 -25.80 -5.65
C LYS A 190 3.23 -26.70 -6.86
N MET A 191 4.27 -26.68 -7.69
CA MET A 191 4.34 -27.48 -8.93
C MET A 191 3.45 -26.90 -10.03
N GLY A 192 2.19 -26.66 -9.69
CA GLY A 192 1.24 -26.11 -10.64
C GLY A 192 -0.04 -25.71 -9.94
N GLU B 1 -13.03 -8.30 6.11
CA GLU B 1 -14.39 -8.78 5.84
C GLU B 1 -14.99 -8.04 4.65
N ILE B 2 -16.19 -8.44 4.23
CA ILE B 2 -16.85 -7.82 3.10
C ILE B 2 -17.26 -6.39 3.41
N TRP B 3 -17.94 -6.20 4.55
CA TRP B 3 -18.39 -4.87 4.95
C TRP B 3 -17.23 -3.93 5.20
N ILE B 4 -16.18 -4.43 5.86
CA ILE B 4 -15.01 -3.63 6.15
C ILE B 4 -14.37 -3.11 4.86
N ALA B 5 -14.13 -4.02 3.92
CA ALA B 5 -13.55 -3.65 2.63
C ALA B 5 -14.49 -2.69 1.88
N GLN B 6 -15.79 -2.86 2.08
CA GLN B 6 -16.79 -2.02 1.44
C GLN B 6 -16.71 -0.58 1.95
N GLU B 7 -16.80 -0.41 3.27
CA GLU B 7 -16.74 0.91 3.88
C GLU B 7 -15.40 1.57 3.60
N LEU B 8 -14.33 0.80 3.70
CA LEU B 8 -12.99 1.33 3.46
C LEU B 8 -12.79 1.68 1.99
N ARG B 9 -13.43 0.93 1.11
CA ARG B 9 -13.33 1.20 -0.32
C ARG B 9 -13.95 2.57 -0.61
N ARG B 10 -15.00 2.89 0.15
CA ARG B 10 -15.68 4.17 0.02
C ARG B 10 -14.72 5.27 0.44
N ILE B 11 -13.98 5.02 1.53
CA ILE B 11 -13.00 5.98 2.03
C ILE B 11 -11.89 6.15 1.00
N GLY B 12 -11.64 5.09 0.24
CA GLY B 12 -10.63 5.13 -0.80
C GLY B 12 -10.99 6.16 -1.85
N ASP B 13 -12.27 6.22 -2.22
CA ASP B 13 -12.75 7.18 -3.20
C ASP B 13 -12.87 8.55 -2.53
N GLU B 14 -13.24 8.52 -1.25
CA GLU B 14 -13.38 9.72 -0.44
C GLU B 14 -12.08 10.54 -0.46
N PHE B 15 -10.95 9.83 -0.39
CA PHE B 15 -9.65 10.48 -0.41
C PHE B 15 -9.13 10.61 -1.84
N ASN B 16 -9.61 9.74 -2.72
CA ASN B 16 -9.22 9.77 -4.12
C ASN B 16 -9.67 11.08 -4.74
N ALA B 17 -10.96 11.33 -4.68
CA ALA B 17 -11.55 12.54 -5.23
C ALA B 17 -11.43 13.69 -4.24
N TYR B 18 -10.19 13.92 -3.81
CA TYR B 18 -9.88 14.98 -2.86
C TYR B 18 -8.44 15.42 -3.05
N TYR B 19 -7.60 14.48 -3.47
CA TYR B 19 -6.19 14.77 -3.70
C TYR B 19 -5.80 14.39 -5.13
N ALA B 20 -6.83 14.11 -5.95
CA ALA B 20 -6.63 13.73 -7.34
C ALA B 20 -7.98 13.68 -8.04
N MET A 1 -10.68 28.38 24.92
CA MET A 1 -10.61 27.76 26.27
C MET A 1 -9.68 26.55 26.28
N ASP A 2 -10.03 25.52 25.51
CA ASP A 2 -9.22 24.31 25.44
C ASP A 2 -7.89 24.56 24.75
N GLY A 3 -7.90 25.42 23.73
CA GLY A 3 -6.69 25.75 23.02
C GLY A 3 -5.84 26.71 23.81
N SER A 4 -6.48 27.34 24.80
CA SER A 4 -5.81 28.29 25.67
C SER A 4 -5.31 27.58 26.93
N GLY A 5 -5.37 26.24 26.89
CA GLY A 5 -4.93 25.44 28.01
C GLY A 5 -3.48 25.04 27.90
N GLU A 6 -3.14 23.90 28.48
CA GLU A 6 -1.77 23.41 28.43
C GLU A 6 -1.61 22.31 27.39
N GLN A 7 -1.04 22.68 26.25
CA GLN A 7 -0.83 21.74 25.17
C GLN A 7 0.62 21.80 24.68
N PRO A 8 1.39 20.72 24.92
CA PRO A 8 2.79 20.65 24.50
C PRO A 8 2.93 20.31 23.03
N ARG A 9 3.15 21.34 22.21
CA ARG A 9 3.29 21.20 20.76
C ARG A 9 1.96 20.87 20.08
N GLY A 10 1.36 19.75 20.45
CA GLY A 10 0.10 19.34 19.86
C GLY A 10 -0.55 18.24 20.65
N GLY A 11 -1.88 18.21 20.62
CA GLY A 11 -2.61 17.19 21.35
C GLY A 11 -2.86 15.97 20.50
N GLY A 12 -3.38 14.92 21.10
CA GLY A 12 -3.65 13.70 20.37
C GLY A 12 -5.13 13.39 20.30
N PRO A 13 -5.76 13.57 19.12
CA PRO A 13 -7.18 13.30 18.93
C PRO A 13 -7.41 11.85 18.51
N THR A 14 -8.59 11.58 17.96
CA THR A 14 -8.93 10.24 17.50
C THR A 14 -7.99 9.84 16.35
N SER A 15 -7.37 8.68 16.48
CA SER A 15 -6.45 8.19 15.46
C SER A 15 -7.03 6.99 14.72
N SER A 16 -8.13 6.44 15.24
CA SER A 16 -8.77 5.27 14.64
C SER A 16 -9.10 5.48 13.16
N GLU A 17 -9.99 6.42 12.87
CA GLU A 17 -10.38 6.69 11.49
C GLU A 17 -9.36 7.60 10.82
N GLN A 18 -8.57 8.29 11.63
CA GLN A 18 -7.55 9.21 11.13
C GLN A 18 -6.51 8.47 10.28
N ILE A 19 -5.98 7.38 10.83
CA ILE A 19 -4.98 6.57 10.13
C ILE A 19 -5.59 5.93 8.88
N MET A 20 -6.87 5.60 8.97
CA MET A 20 -7.58 4.98 7.86
C MET A 20 -7.62 5.92 6.65
N LYS A 21 -7.90 7.20 6.91
CA LYS A 21 -7.94 8.20 5.84
C LYS A 21 -6.59 8.33 5.16
N THR A 22 -5.52 8.15 5.94
CA THR A 22 -4.17 8.23 5.41
C THR A 22 -3.94 7.14 4.37
N GLY A 23 -4.41 5.93 4.68
CA GLY A 23 -4.25 4.82 3.76
C GLY A 23 -5.03 5.03 2.48
N ALA A 24 -6.18 5.70 2.61
CA ALA A 24 -7.02 5.99 1.46
C ALA A 24 -6.45 7.13 0.61
N LEU A 25 -5.32 7.68 1.05
CA LEU A 25 -4.67 8.77 0.35
C LEU A 25 -3.33 8.31 -0.21
N LEU A 26 -2.63 7.46 0.55
CA LEU A 26 -1.33 6.94 0.14
C LEU A 26 -1.41 6.19 -1.19
N LEU A 27 -2.46 5.38 -1.35
CA LEU A 27 -2.66 4.60 -2.56
C LEU A 27 -2.91 5.49 -3.77
N GLN A 28 -3.49 6.67 -3.54
CA GLN A 28 -3.81 7.60 -4.62
C GLN A 28 -2.54 8.04 -5.35
N GLY A 29 -1.60 8.60 -4.58
CA GLY A 29 -0.37 9.08 -5.15
C GLY A 29 0.47 7.99 -5.78
N PHE A 30 0.61 6.88 -5.08
CA PHE A 30 1.40 5.75 -5.56
C PHE A 30 0.87 5.21 -6.90
N ILE A 31 -0.45 5.06 -6.99
CA ILE A 31 -1.05 4.53 -8.22
C ILE A 31 -1.05 5.57 -9.34
N GLN A 32 -1.49 6.78 -9.04
CA GLN A 32 -1.56 7.84 -10.05
C GLN A 32 -0.20 8.19 -10.66
N ASP A 33 0.85 8.15 -9.85
CA ASP A 33 2.19 8.45 -10.33
C ASP A 33 2.64 7.42 -11.36
N ARG A 34 2.43 6.15 -11.06
CA ARG A 34 2.82 5.08 -11.97
C ARG A 34 1.84 4.94 -13.13
N ALA A 35 0.63 5.46 -12.95
CA ALA A 35 -0.40 5.42 -13.98
C ALA A 35 -0.05 6.36 -15.12
N GLY A 36 0.87 7.29 -14.84
CA GLY A 36 1.31 8.25 -15.84
C GLY A 36 2.17 7.61 -16.91
N ARG A 37 2.51 6.33 -16.69
CA ARG A 37 3.33 5.58 -17.63
C ARG A 37 2.43 4.88 -18.67
N MET A 38 1.14 5.20 -18.63
CA MET A 38 0.19 4.62 -19.56
C MET A 38 -0.31 5.65 -20.56
N GLY A 39 -0.91 6.73 -20.06
CA GLY A 39 -1.42 7.78 -20.91
C GLY A 39 -2.45 8.65 -20.22
N GLY A 40 -3.32 9.29 -20.98
CA GLY A 40 -4.34 10.14 -20.40
C GLY A 40 -5.59 10.17 -21.26
N GLU A 41 -6.75 10.11 -20.62
CA GLU A 41 -8.03 10.13 -21.33
C GLU A 41 -8.41 11.54 -21.73
N ALA A 42 -7.67 12.10 -22.69
CA ALA A 42 -7.92 13.45 -23.20
C ALA A 42 -7.89 14.50 -22.08
N PRO A 43 -6.70 15.02 -21.77
CA PRO A 43 -6.52 16.04 -20.72
C PRO A 43 -7.09 17.41 -21.14
N GLU A 44 -8.38 17.42 -21.46
CA GLU A 44 -9.05 18.64 -21.88
C GLU A 44 -9.48 19.43 -20.65
N LEU A 45 -10.27 18.79 -19.80
CA LEU A 45 -10.75 19.44 -18.58
C LEU A 45 -9.93 18.98 -17.38
N ALA A 46 -10.12 17.72 -16.99
CA ALA A 46 -9.40 17.14 -15.85
C ALA A 46 -9.64 17.92 -14.55
N LEU A 47 -8.87 17.60 -13.52
CA LEU A 47 -9.00 18.26 -12.23
C LEU A 47 -7.74 18.01 -11.40
N ASP A 48 -7.40 18.98 -10.56
CA ASP A 48 -6.24 18.86 -9.69
C ASP A 48 -6.49 19.57 -8.38
N PRO A 49 -6.46 18.84 -7.26
CA PRO A 49 -6.70 19.41 -5.93
C PRO A 49 -5.47 20.12 -5.36
N VAL A 50 -4.35 20.01 -6.08
CA VAL A 50 -3.09 20.61 -5.66
C VAL A 50 -2.68 20.14 -4.27
N PRO A 51 -2.07 18.94 -4.19
CA PRO A 51 -1.62 18.37 -2.91
C PRO A 51 -0.54 19.25 -2.28
N GLN A 52 -0.88 19.89 -1.17
CA GLN A 52 0.05 20.76 -0.49
C GLN A 52 0.79 20.03 0.62
N ASP A 53 0.33 18.83 0.94
CA ASP A 53 0.96 18.03 1.97
C ASP A 53 2.24 17.39 1.47
N ALA A 54 3.33 17.62 2.18
CA ALA A 54 4.62 17.08 1.80
C ALA A 54 4.81 15.66 2.33
N SER A 55 4.01 15.29 3.32
CA SER A 55 4.11 13.97 3.93
C SER A 55 3.78 12.88 2.91
N THR A 56 2.59 12.97 2.31
CA THR A 56 2.16 11.99 1.33
C THR A 56 3.07 12.02 0.10
N LYS A 57 3.49 13.22 -0.29
CA LYS A 57 4.37 13.41 -1.42
C LYS A 57 5.71 12.71 -1.20
N LYS A 58 6.32 12.97 -0.06
CA LYS A 58 7.60 12.38 0.29
C LYS A 58 7.50 10.86 0.38
N LEU A 59 6.42 10.38 0.97
CA LEU A 59 6.20 8.94 1.11
C LEU A 59 6.03 8.25 -0.25
N SER A 60 5.23 8.85 -1.12
CA SER A 60 5.01 8.29 -2.45
C SER A 60 6.30 8.27 -3.26
N GLU A 61 7.17 9.23 -3.02
CA GLU A 61 8.45 9.32 -3.72
C GLU A 61 9.32 8.12 -3.37
N CYS A 62 9.52 7.88 -2.08
CA CYS A 62 10.34 6.77 -1.63
C CYS A 62 9.75 5.42 -2.05
N LEU A 63 8.43 5.32 -2.01
CA LEU A 63 7.75 4.09 -2.40
C LEU A 63 7.96 3.82 -3.89
N LYS A 64 7.82 4.86 -4.69
CA LYS A 64 7.99 4.75 -6.14
C LYS A 64 9.41 4.37 -6.53
N ARG A 65 10.40 5.05 -5.95
CA ARG A 65 11.80 4.78 -6.25
C ARG A 65 12.20 3.35 -5.92
N ILE A 66 11.69 2.83 -4.81
CA ILE A 66 11.99 1.46 -4.39
C ILE A 66 11.23 0.45 -5.25
N GLY A 67 9.94 0.74 -5.46
CA GLY A 67 9.10 -0.14 -6.26
C GLY A 67 9.59 -0.29 -7.69
N ASP A 68 9.92 0.83 -8.33
CA ASP A 68 10.40 0.82 -9.70
C ASP A 68 11.75 0.11 -9.81
N GLU A 69 12.61 0.34 -8.82
CA GLU A 69 13.93 -0.29 -8.80
C GLU A 69 13.81 -1.79 -8.59
N LEU A 70 12.77 -2.20 -7.86
CA LEU A 70 12.52 -3.61 -7.59
C LEU A 70 12.05 -4.34 -8.84
N ASP A 71 11.85 -3.59 -9.92
CA ASP A 71 11.42 -4.16 -11.19
C ASP A 71 12.60 -4.22 -12.17
N SER A 72 13.70 -3.59 -11.77
CA SER A 72 14.92 -3.55 -12.59
C SER A 72 15.51 -4.95 -12.76
N ASN A 73 15.26 -5.82 -11.79
CA ASN A 73 15.77 -7.18 -11.87
C ASN A 73 14.74 -8.12 -12.47
N MET A 74 15.04 -8.62 -13.67
CA MET A 74 14.13 -9.54 -14.36
C MET A 74 13.96 -10.84 -13.59
N GLU A 75 14.92 -11.15 -12.74
CA GLU A 75 14.89 -12.36 -11.92
C GLU A 75 13.61 -12.41 -11.07
N LEU A 76 13.26 -11.29 -10.48
CA LEU A 76 12.07 -11.20 -9.65
C LEU A 76 10.84 -10.87 -10.51
N GLN A 77 11.05 -10.06 -11.54
CA GLN A 77 9.97 -9.66 -12.43
C GLN A 77 9.35 -10.87 -13.13
N ARG A 78 10.20 -11.78 -13.60
CA ARG A 78 9.73 -12.98 -14.29
C ARG A 78 8.83 -13.81 -13.37
N MET A 79 9.11 -13.77 -12.08
CA MET A 79 8.33 -14.52 -11.10
C MET A 79 6.93 -13.94 -10.99
N ILE A 80 6.83 -12.63 -11.19
CA ILE A 80 5.54 -11.93 -11.12
C ILE A 80 4.76 -12.17 -12.42
N ALA A 81 5.45 -12.71 -13.42
CA ALA A 81 4.84 -13.01 -14.70
C ALA A 81 4.41 -14.48 -14.75
N ALA A 82 4.81 -15.23 -13.73
CA ALA A 82 4.49 -16.65 -13.65
C ALA A 82 3.47 -16.90 -12.54
N VAL A 83 2.83 -15.85 -12.07
CA VAL A 83 1.84 -15.97 -11.01
C VAL A 83 0.46 -16.25 -11.60
N ASP A 84 -0.20 -17.28 -11.08
CA ASP A 84 -1.53 -17.65 -11.56
C ASP A 84 -2.56 -16.61 -11.21
N THR A 85 -3.01 -15.86 -12.22
CA THR A 85 -4.01 -14.83 -12.03
C THR A 85 -5.41 -15.44 -12.02
N ASP A 86 -5.65 -16.31 -11.06
CA ASP A 86 -6.93 -17.00 -10.94
C ASP A 86 -7.86 -16.29 -9.95
N SER A 87 -7.59 -16.45 -8.67
CA SER A 87 -8.41 -15.85 -7.63
C SER A 87 -7.60 -14.81 -6.85
N PRO A 88 -7.82 -13.51 -7.13
CA PRO A 88 -7.10 -12.41 -6.49
C PRO A 88 -7.29 -12.33 -4.97
N ARG A 89 -8.52 -12.52 -4.50
CA ARG A 89 -8.80 -12.44 -3.06
C ARG A 89 -8.02 -13.49 -2.29
N GLU A 90 -8.11 -14.74 -2.74
CA GLU A 90 -7.41 -15.84 -2.10
C GLU A 90 -5.90 -15.64 -2.14
N VAL A 91 -5.40 -15.17 -3.28
CA VAL A 91 -3.96 -14.93 -3.44
C VAL A 91 -3.47 -13.85 -2.48
N PHE A 92 -4.20 -12.74 -2.44
CA PHE A 92 -3.86 -11.61 -1.58
C PHE A 92 -3.98 -11.99 -0.11
N PHE A 93 -5.06 -12.68 0.23
CA PHE A 93 -5.29 -13.10 1.61
C PHE A 93 -4.22 -14.08 2.06
N ARG A 94 -3.80 -14.95 1.14
CA ARG A 94 -2.78 -15.95 1.43
C ARG A 94 -1.46 -15.29 1.82
N VAL A 95 -0.95 -14.42 0.95
CA VAL A 95 0.32 -13.74 1.22
C VAL A 95 0.22 -12.84 2.45
N ALA A 96 -0.95 -12.27 2.68
CA ALA A 96 -1.17 -11.40 3.82
C ALA A 96 -1.06 -12.19 5.12
N ALA A 97 -1.58 -13.42 5.08
CA ALA A 97 -1.54 -14.30 6.24
C ALA A 97 -0.18 -14.99 6.38
N ASP A 98 0.42 -15.32 5.25
CA ASP A 98 1.73 -15.98 5.23
C ASP A 98 2.75 -15.18 6.01
N MET A 99 2.75 -13.87 5.80
CA MET A 99 3.70 -12.99 6.48
C MET A 99 3.17 -12.59 7.86
N PHE A 100 2.12 -13.25 8.31
CA PHE A 100 1.52 -12.95 9.60
C PHE A 100 1.53 -14.18 10.50
N SER A 101 1.86 -15.34 9.92
CA SER A 101 1.90 -16.60 10.66
C SER A 101 2.87 -16.52 11.83
N ASP A 102 4.10 -16.13 11.53
CA ASP A 102 5.14 -16.01 12.54
C ASP A 102 4.77 -14.97 13.59
N GLY A 103 4.12 -13.90 13.14
CA GLY A 103 3.72 -12.84 14.06
C GLY A 103 4.84 -11.86 14.34
N ASN A 104 5.89 -11.91 13.53
CA ASN A 104 7.02 -11.01 13.69
C ASN A 104 6.85 -9.78 12.83
N PHE A 105 6.67 -8.63 13.48
CA PHE A 105 6.50 -7.37 12.78
C PHE A 105 7.85 -6.78 12.39
N ASN A 106 8.47 -7.40 11.38
CA ASN A 106 9.77 -6.98 10.89
C ASN A 106 9.70 -5.74 10.01
N TRP A 107 8.49 -5.21 9.83
CA TRP A 107 8.24 -4.02 9.01
C TRP A 107 8.36 -4.31 7.51
N GLY A 108 9.33 -5.13 7.14
CA GLY A 108 9.55 -5.48 5.74
C GLY A 108 8.33 -6.13 5.12
N ARG A 109 7.56 -6.85 5.93
CA ARG A 109 6.36 -7.53 5.45
C ARG A 109 5.28 -6.52 5.03
N VAL A 110 5.50 -5.25 5.35
CA VAL A 110 4.56 -4.20 4.99
C VAL A 110 4.90 -3.64 3.62
N VAL A 111 6.17 -3.26 3.44
CA VAL A 111 6.63 -2.72 2.17
C VAL A 111 6.56 -3.78 1.07
N ALA A 112 6.80 -5.03 1.44
CA ALA A 112 6.74 -6.15 0.49
C ALA A 112 5.31 -6.31 -0.01
N LEU A 113 4.36 -6.13 0.89
CA LEU A 113 2.94 -6.24 0.55
C LEU A 113 2.54 -5.11 -0.38
N PHE A 114 3.11 -3.93 -0.15
CA PHE A 114 2.83 -2.77 -0.97
C PHE A 114 3.31 -2.99 -2.41
N TYR A 115 4.47 -3.60 -2.55
CA TYR A 115 5.04 -3.88 -3.86
C TYR A 115 4.20 -4.92 -4.59
N PHE A 116 3.72 -5.90 -3.84
CA PHE A 116 2.89 -6.96 -4.39
C PHE A 116 1.55 -6.41 -4.85
N ALA A 117 0.96 -5.57 -4.02
CA ALA A 117 -0.33 -4.96 -4.32
C ALA A 117 -0.26 -4.07 -5.56
N SER A 118 0.78 -3.25 -5.65
CA SER A 118 0.96 -2.36 -6.79
C SER A 118 1.14 -3.15 -8.08
N LYS A 119 1.86 -4.27 -8.00
CA LYS A 119 2.10 -5.12 -9.16
C LYS A 119 0.78 -5.73 -9.65
N LEU A 120 -0.10 -6.06 -8.71
CA LEU A 120 -1.39 -6.62 -9.03
C LEU A 120 -2.25 -5.56 -9.69
N VAL A 121 -2.22 -4.35 -9.12
CA VAL A 121 -2.97 -3.22 -9.65
C VAL A 121 -2.51 -2.90 -11.07
N LEU A 122 -1.19 -2.99 -11.28
CA LEU A 122 -0.61 -2.74 -12.58
C LEU A 122 -1.18 -3.69 -13.62
N LYS A 123 -1.30 -4.97 -13.25
CA LYS A 123 -1.85 -5.98 -14.14
C LYS A 123 -3.30 -5.64 -14.48
N ALA A 124 -4.07 -5.32 -13.46
CA ALA A 124 -5.48 -4.97 -13.63
C ALA A 124 -5.63 -3.74 -14.52
N LEU A 125 -4.72 -2.78 -14.34
CA LEU A 125 -4.73 -1.55 -15.13
C LEU A 125 -4.53 -1.88 -16.60
N CYS A 126 -3.62 -2.80 -16.87
CA CYS A 126 -3.33 -3.22 -18.24
C CYS A 126 -4.53 -3.98 -18.83
N THR A 127 -5.27 -4.64 -17.96
CA THR A 127 -6.44 -5.41 -18.37
C THR A 127 -7.64 -4.48 -18.59
N LYS A 128 -7.45 -3.20 -18.30
CA LYS A 128 -8.48 -2.18 -18.47
C LYS A 128 -9.71 -2.47 -17.61
N VAL A 129 -9.47 -2.88 -16.37
CA VAL A 129 -10.57 -3.18 -15.46
C VAL A 129 -10.51 -2.28 -14.21
N PRO A 130 -11.17 -1.12 -14.27
CA PRO A 130 -11.20 -0.15 -13.17
C PRO A 130 -11.83 -0.70 -11.89
N GLU A 131 -12.85 -1.55 -12.05
CA GLU A 131 -13.53 -2.15 -10.90
C GLU A 131 -12.56 -2.96 -10.05
N LEU A 132 -11.76 -3.80 -10.72
CA LEU A 132 -10.79 -4.65 -10.02
C LEU A 132 -9.81 -3.80 -9.22
N ILE A 133 -9.43 -2.64 -9.77
CA ILE A 133 -8.51 -1.73 -9.10
C ILE A 133 -9.07 -1.35 -7.73
N ARG A 134 -10.34 -0.94 -7.71
CA ARG A 134 -11.01 -0.56 -6.49
C ARG A 134 -11.24 -1.77 -5.59
N THR A 135 -11.48 -2.92 -6.22
CA THR A 135 -11.71 -4.15 -5.49
C THR A 135 -10.47 -4.53 -4.67
N ILE A 136 -9.31 -4.50 -5.33
CA ILE A 136 -8.05 -4.82 -4.67
C ILE A 136 -7.77 -3.83 -3.54
N MET A 137 -8.10 -2.55 -3.79
CA MET A 137 -7.92 -1.51 -2.79
C MET A 137 -8.76 -1.81 -1.55
N GLY A 138 -10.01 -2.19 -1.77
CA GLY A 138 -10.90 -2.52 -0.67
C GLY A 138 -10.37 -3.68 0.14
N TRP A 139 -9.79 -4.67 -0.56
CA TRP A 139 -9.23 -5.84 0.09
C TRP A 139 -8.00 -5.48 0.90
N THR A 140 -7.20 -4.56 0.37
CA THR A 140 -5.99 -4.11 1.05
C THR A 140 -6.37 -3.36 2.33
N LEU A 141 -7.39 -2.53 2.23
CA LEU A 141 -7.85 -1.75 3.37
C LEU A 141 -8.49 -2.67 4.41
N ASP A 142 -9.11 -3.74 3.92
CA ASP A 142 -9.77 -4.72 4.78
C ASP A 142 -8.80 -5.27 5.82
N PHE A 143 -7.71 -5.87 5.37
CA PHE A 143 -6.70 -6.44 6.25
C PHE A 143 -6.08 -5.36 7.13
N LEU A 144 -6.07 -4.12 6.61
CA LEU A 144 -5.51 -2.99 7.33
C LEU A 144 -6.30 -2.71 8.59
N ARG A 145 -7.61 -2.54 8.46
CA ARG A 145 -8.46 -2.26 9.61
C ARG A 145 -8.55 -3.46 10.55
N GLU A 146 -8.54 -4.65 9.97
CA GLU A 146 -8.64 -5.89 10.74
C GLU A 146 -7.52 -6.06 11.78
N ARG A 147 -6.27 -5.75 11.41
CA ARG A 147 -5.16 -5.93 12.35
C ARG A 147 -4.06 -4.86 12.25
N LEU A 148 -3.77 -4.39 11.05
CA LEU A 148 -2.71 -3.40 10.84
C LEU A 148 -2.96 -2.08 11.57
N LEU A 149 -4.21 -1.63 11.56
CA LEU A 149 -4.58 -0.36 12.20
C LEU A 149 -4.14 -0.31 13.66
N GLY A 150 -4.36 -1.40 14.38
CA GLY A 150 -3.98 -1.45 15.78
C GLY A 150 -2.49 -1.29 15.98
N TRP A 151 -1.72 -1.99 15.16
CA TRP A 151 -0.26 -1.94 15.23
C TRP A 151 0.25 -0.53 14.96
N ILE A 152 -0.37 0.15 14.01
CA ILE A 152 0.03 1.50 13.66
C ILE A 152 -0.41 2.49 14.74
N GLN A 153 -1.59 2.25 15.31
CA GLN A 153 -2.12 3.11 16.34
C GLN A 153 -1.33 3.01 17.65
N ASP A 154 -1.01 1.78 18.05
CA ASP A 154 -0.29 1.57 19.30
C ASP A 154 1.15 2.08 19.27
N GLN A 155 1.69 2.29 18.07
CA GLN A 155 3.05 2.80 17.95
C GLN A 155 3.08 4.32 17.82
N GLY A 156 1.92 4.93 17.69
CA GLY A 156 1.86 6.37 17.59
C GLY A 156 1.79 6.91 16.16
N GLY A 157 1.21 6.14 15.26
CA GLY A 157 1.08 6.60 13.89
C GLY A 157 2.08 5.96 12.95
N TRP A 158 2.35 6.63 11.84
CA TRP A 158 3.27 6.13 10.83
C TRP A 158 4.71 6.48 11.16
N ASP A 159 4.97 6.78 12.43
CA ASP A 159 6.32 7.12 12.89
C ASP A 159 7.28 5.97 12.63
N GLY A 160 6.79 4.75 12.82
CA GLY A 160 7.62 3.57 12.61
C GLY A 160 8.07 3.45 11.17
N LEU A 161 7.19 3.83 10.24
CA LEU A 161 7.50 3.77 8.82
C LEU A 161 8.57 4.79 8.47
N LEU A 162 8.46 5.97 9.06
CA LEU A 162 9.42 7.04 8.82
C LEU A 162 10.80 6.67 9.37
N SER A 163 10.79 5.85 10.41
CA SER A 163 12.02 5.40 11.04
C SER A 163 12.62 4.21 10.30
N TYR A 164 11.76 3.43 9.65
CA TYR A 164 12.19 2.25 8.92
C TYR A 164 12.93 2.63 7.64
N PHE A 165 12.73 3.85 7.17
CA PHE A 165 13.38 4.33 5.97
C PHE A 165 14.87 4.63 6.23
N GLY A 166 15.67 3.57 6.25
CA GLY A 166 17.09 3.72 6.48
C GLY A 166 17.86 4.09 5.23
N THR A 167 19.17 4.00 5.29
CA THR A 167 20.01 4.32 4.15
C THR A 167 21.25 3.41 4.04
N PRO A 168 22.10 3.35 5.10
CA PRO A 168 23.29 2.50 5.08
C PRO A 168 22.92 1.01 5.03
N THR A 169 23.62 0.27 4.19
CA THR A 169 23.39 -1.17 4.05
C THR A 169 21.99 -1.45 3.51
N TRP A 170 21.50 -0.56 2.65
CA TRP A 170 20.17 -0.69 2.06
C TRP A 170 20.10 -1.94 1.17
N GLN A 171 21.25 -2.39 0.69
CA GLN A 171 21.34 -3.57 -0.16
C GLN A 171 20.68 -4.77 0.50
N THR A 172 21.05 -5.04 1.76
CA THR A 172 20.50 -6.16 2.50
C THR A 172 18.99 -5.99 2.69
N VAL A 173 18.55 -4.75 2.83
CA VAL A 173 17.13 -4.45 3.00
C VAL A 173 16.36 -4.85 1.74
N THR A 174 16.95 -4.56 0.59
CA THR A 174 16.33 -4.89 -0.68
C THR A 174 16.22 -6.41 -0.83
N ILE A 175 17.28 -7.10 -0.43
CA ILE A 175 17.32 -8.55 -0.49
C ILE A 175 16.29 -9.16 0.46
N PHE A 176 16.19 -8.58 1.65
CA PHE A 176 15.23 -9.04 2.66
C PHE A 176 13.80 -8.98 2.14
N VAL A 177 13.44 -7.83 1.56
CA VAL A 177 12.10 -7.65 1.01
C VAL A 177 11.80 -8.68 -0.07
N ALA A 178 12.73 -8.85 -0.99
CA ALA A 178 12.57 -9.79 -2.08
C ALA A 178 12.54 -11.24 -1.57
N GLY A 179 13.31 -11.49 -0.51
CA GLY A 179 13.35 -12.81 0.07
C GLY A 179 11.99 -13.26 0.59
N VAL A 180 11.34 -12.38 1.36
CA VAL A 180 10.03 -12.68 1.92
C VAL A 180 9.03 -12.97 0.80
N LEU A 181 9.07 -12.16 -0.25
CA LEU A 181 8.19 -12.33 -1.40
C LEU A 181 8.45 -13.67 -2.08
N THR A 182 9.72 -14.04 -2.18
CA THR A 182 10.10 -15.30 -2.80
C THR A 182 9.55 -16.48 -2.01
N ALA A 183 9.63 -16.38 -0.69
CA ALA A 183 9.14 -17.45 0.19
C ALA A 183 7.65 -17.72 -0.02
N SER A 184 6.83 -16.68 0.08
CA SER A 184 5.38 -16.82 -0.10
C SER A 184 5.02 -17.31 -1.49
N LEU A 185 5.72 -16.79 -2.50
CA LEU A 185 5.45 -17.18 -3.89
C LEU A 185 5.78 -18.66 -4.12
N THR A 186 6.80 -19.15 -3.43
CA THR A 186 7.20 -20.55 -3.57
C THR A 186 6.11 -21.47 -3.04
N ILE A 187 5.40 -21.02 -2.00
CA ILE A 187 4.31 -21.80 -1.42
C ILE A 187 3.08 -21.77 -2.34
N TRP A 188 3.02 -20.74 -3.17
CA TRP A 188 1.92 -20.59 -4.10
C TRP A 188 2.11 -21.48 -5.33
N LYS A 189 3.26 -21.34 -5.97
CA LYS A 189 3.58 -22.13 -7.16
C LYS A 189 4.11 -23.51 -6.78
N LYS A 190 3.29 -24.27 -6.08
CA LYS A 190 3.66 -25.62 -5.64
C LYS A 190 3.52 -26.62 -6.78
N MET A 191 4.39 -26.49 -7.77
CA MET A 191 4.40 -27.38 -8.94
C MET A 191 3.26 -27.04 -9.91
N GLY A 192 2.08 -26.80 -9.37
CA GLY A 192 0.92 -26.46 -10.17
C GLY A 192 0.25 -25.23 -9.62
N GLU B 1 -12.63 -8.85 6.70
CA GLU B 1 -14.01 -9.34 6.46
C GLU B 1 -14.62 -8.63 5.26
N ILE B 2 -15.45 -9.34 4.50
CA ILE B 2 -16.11 -8.78 3.33
C ILE B 2 -16.94 -7.55 3.70
N TRP B 3 -17.68 -7.63 4.80
CA TRP B 3 -18.50 -6.51 5.25
C TRP B 3 -17.62 -5.31 5.59
N ILE B 4 -16.49 -5.56 6.24
CA ILE B 4 -15.59 -4.49 6.62
C ILE B 4 -14.96 -3.87 5.37
N ALA B 5 -14.50 -4.73 4.45
CA ALA B 5 -13.87 -4.28 3.21
C ALA B 5 -14.80 -3.33 2.43
N GLN B 6 -16.10 -3.56 2.53
CA GLN B 6 -17.09 -2.73 1.85
C GLN B 6 -17.02 -1.29 2.36
N GLU B 7 -17.13 -1.13 3.68
CA GLU B 7 -17.08 0.18 4.31
C GLU B 7 -15.71 0.81 4.08
N LEU B 8 -14.68 -0.01 4.15
CA LEU B 8 -13.32 0.47 3.94
C LEU B 8 -13.11 0.96 2.51
N ARG B 9 -13.66 0.22 1.55
CA ARG B 9 -13.54 0.62 0.16
C ARG B 9 -14.27 1.93 -0.05
N ARG B 10 -15.37 2.10 0.68
CA ARG B 10 -16.14 3.33 0.61
C ARG B 10 -15.26 4.50 1.05
N ILE B 11 -14.49 4.28 2.11
CA ILE B 11 -13.57 5.29 2.62
C ILE B 11 -12.50 5.59 1.58
N GLY B 12 -11.97 4.54 0.97
CA GLY B 12 -10.95 4.69 -0.04
C GLY B 12 -11.47 5.49 -1.21
N ASP B 13 -12.72 5.28 -1.57
CA ASP B 13 -13.36 5.98 -2.67
C ASP B 13 -13.72 7.39 -2.25
N GLU B 14 -14.21 7.52 -1.02
CA GLU B 14 -14.61 8.79 -0.44
C GLU B 14 -13.43 9.77 -0.43
N PHE B 15 -12.27 9.28 0.00
CA PHE B 15 -11.07 10.10 0.04
C PHE B 15 -10.51 10.32 -1.35
N ASN B 16 -10.68 9.33 -2.22
CA ASN B 16 -10.19 9.42 -3.59
C ASN B 16 -10.94 10.48 -4.38
N ALA B 17 -12.25 10.51 -4.20
CA ALA B 17 -13.11 11.46 -4.90
C ALA B 17 -12.92 12.88 -4.35
N TYR B 18 -12.25 12.97 -3.21
CA TYR B 18 -11.99 14.25 -2.57
C TYR B 18 -10.72 14.88 -3.16
N TYR B 19 -10.02 14.11 -3.99
CA TYR B 19 -8.79 14.58 -4.61
C TYR B 19 -8.86 14.46 -6.12
N ALA B 20 -9.07 13.23 -6.61
CA ALA B 20 -9.15 12.99 -8.04
C ALA B 20 -10.31 12.06 -8.37
N MET A 1 -9.86 29.12 24.23
CA MET A 1 -9.75 28.78 25.68
C MET A 1 -8.97 27.48 25.88
N ASP A 2 -9.51 26.39 25.35
CA ASP A 2 -8.87 25.07 25.48
C ASP A 2 -7.58 25.02 24.67
N GLY A 3 -7.60 25.62 23.48
CA GLY A 3 -6.42 25.65 22.64
C GLY A 3 -5.38 26.59 23.18
N SER A 4 -5.82 27.50 24.05
CA SER A 4 -4.95 28.48 24.67
C SER A 4 -4.31 27.89 25.93
N GLY A 5 -4.59 26.61 26.20
CA GLY A 5 -4.05 25.96 27.37
C GLY A 5 -2.71 25.29 27.09
N GLU A 6 -2.32 24.38 27.96
CA GLU A 6 -1.06 23.67 27.83
C GLU A 6 -1.07 22.78 26.58
N GLN A 7 -0.29 23.16 25.58
CA GLN A 7 -0.22 22.40 24.35
C GLN A 7 1.18 21.84 24.14
N PRO A 8 1.33 20.51 24.22
CA PRO A 8 2.61 19.84 24.05
C PRO A 8 2.96 19.69 22.56
N ARG A 9 3.05 20.83 21.88
CA ARG A 9 3.37 20.89 20.45
C ARG A 9 2.19 20.45 19.56
N GLY A 10 1.57 19.34 19.93
CA GLY A 10 0.44 18.84 19.18
C GLY A 10 -0.30 17.76 19.93
N GLY A 11 -1.59 17.97 20.14
CA GLY A 11 -2.40 17.00 20.85
C GLY A 11 -2.75 15.79 19.99
N GLY A 12 -3.10 14.69 20.62
CA GLY A 12 -3.45 13.49 19.88
C GLY A 12 -4.90 13.10 20.03
N PRO A 13 -5.73 13.30 19.00
CA PRO A 13 -7.15 12.95 19.03
C PRO A 13 -7.35 11.51 18.55
N THR A 14 -8.45 11.24 17.86
CA THR A 14 -8.74 9.91 17.35
C THR A 14 -7.81 9.57 16.19
N SER A 15 -6.95 8.59 16.40
CA SER A 15 -6.01 8.16 15.38
C SER A 15 -6.56 6.99 14.58
N SER A 16 -7.58 6.35 15.13
CA SER A 16 -8.21 5.19 14.50
C SER A 16 -8.66 5.49 13.06
N GLU A 17 -9.61 6.41 12.91
CA GLU A 17 -10.12 6.75 11.60
C GLU A 17 -9.14 7.66 10.86
N GLN A 18 -8.30 8.37 11.61
CA GLN A 18 -7.31 9.27 11.03
C GLN A 18 -6.36 8.50 10.13
N ILE A 19 -5.86 7.37 10.64
CA ILE A 19 -4.94 6.53 9.89
C ILE A 19 -5.66 5.87 8.73
N MET A 20 -6.93 5.55 8.96
CA MET A 20 -7.76 4.92 7.94
C MET A 20 -7.86 5.81 6.70
N LYS A 21 -8.09 7.10 6.93
CA LYS A 21 -8.21 8.06 5.83
C LYS A 21 -6.89 8.20 5.07
N THR A 22 -5.79 7.98 5.77
CA THR A 22 -4.47 8.08 5.15
C THR A 22 -4.27 6.98 4.10
N GLY A 23 -4.80 5.80 4.38
CA GLY A 23 -4.68 4.69 3.45
C GLY A 23 -5.40 4.98 2.14
N ALA A 24 -6.50 5.72 2.23
CA ALA A 24 -7.28 6.08 1.06
C ALA A 24 -6.59 7.16 0.24
N LEU A 25 -5.54 7.75 0.81
CA LEU A 25 -4.78 8.79 0.14
C LEU A 25 -3.49 8.23 -0.43
N LEU A 26 -2.83 7.37 0.35
CA LEU A 26 -1.58 6.75 -0.07
C LEU A 26 -1.75 5.97 -1.36
N LEU A 27 -2.83 5.20 -1.44
CA LEU A 27 -3.12 4.41 -2.63
C LEU A 27 -3.34 5.31 -3.84
N GLN A 28 -3.99 6.45 -3.60
CA GLN A 28 -4.26 7.40 -4.67
C GLN A 28 -2.97 7.91 -5.30
N GLY A 29 -2.07 8.41 -4.45
CA GLY A 29 -0.81 8.93 -4.93
C GLY A 29 0.04 7.88 -5.61
N PHE A 30 0.14 6.70 -5.00
CA PHE A 30 0.94 5.62 -5.54
C PHE A 30 0.41 5.14 -6.89
N ILE A 31 -0.90 4.97 -6.99
CA ILE A 31 -1.51 4.51 -8.23
C ILE A 31 -1.40 5.56 -9.32
N GLN A 32 -1.74 6.81 -8.98
CA GLN A 32 -1.69 7.92 -9.95
C GLN A 32 -0.27 8.12 -10.48
N ASP A 33 0.72 7.90 -9.64
CA ASP A 33 2.12 8.06 -10.01
C ASP A 33 2.51 7.08 -11.11
N ARG A 34 2.11 5.83 -10.95
CA ARG A 34 2.43 4.80 -11.93
C ARG A 34 1.48 4.84 -13.12
N ALA A 35 0.25 5.28 -12.89
CA ALA A 35 -0.75 5.37 -13.95
C ALA A 35 -0.35 6.43 -14.97
N GLY A 36 0.45 7.40 -14.52
CA GLY A 36 0.91 8.46 -15.40
C GLY A 36 1.81 7.93 -16.50
N ARG A 37 2.29 6.71 -16.34
CA ARG A 37 3.17 6.09 -17.33
C ARG A 37 2.35 5.57 -18.52
N MET A 38 1.03 5.61 -18.38
CA MET A 38 0.14 5.15 -19.44
C MET A 38 -0.26 6.31 -20.35
N GLY A 39 -0.24 7.52 -19.80
CA GLY A 39 -0.60 8.69 -20.56
C GLY A 39 -1.93 9.28 -20.11
N GLY A 40 -2.95 9.15 -20.93
CA GLY A 40 -4.26 9.67 -20.59
C GLY A 40 -5.15 9.79 -21.81
N GLU A 41 -6.38 10.24 -21.59
CA GLU A 41 -7.34 10.42 -22.68
C GLU A 41 -7.54 11.91 -22.97
N ALA A 42 -6.43 12.63 -23.09
CA ALA A 42 -6.45 14.07 -23.35
C ALA A 42 -7.12 14.85 -22.22
N PRO A 43 -6.37 15.15 -21.15
CA PRO A 43 -6.91 15.88 -19.99
C PRO A 43 -7.15 17.35 -20.31
N GLU A 44 -8.32 17.65 -20.86
CA GLU A 44 -8.69 19.01 -21.20
C GLU A 44 -8.96 19.82 -19.93
N LEU A 45 -9.76 19.25 -19.04
CA LEU A 45 -10.10 19.91 -17.79
C LEU A 45 -8.95 19.81 -16.80
N ALA A 46 -8.56 18.58 -16.48
CA ALA A 46 -7.47 18.32 -15.55
C ALA A 46 -7.77 18.87 -14.15
N LEU A 47 -8.49 18.09 -13.36
CA LEU A 47 -8.84 18.49 -12.01
C LEU A 47 -7.73 18.10 -11.04
N ASP A 48 -7.10 19.12 -10.44
CA ASP A 48 -6.03 18.89 -9.49
C ASP A 48 -6.31 19.62 -8.19
N PRO A 49 -6.26 18.91 -7.06
CA PRO A 49 -6.52 19.49 -5.73
C PRO A 49 -5.28 20.18 -5.16
N VAL A 50 -4.14 19.98 -5.83
CA VAL A 50 -2.87 20.55 -5.40
C VAL A 50 -2.51 20.08 -3.99
N PRO A 51 -1.92 18.86 -3.89
CA PRO A 51 -1.53 18.28 -2.61
C PRO A 51 -0.43 19.08 -1.92
N GLN A 52 -0.76 19.72 -0.81
CA GLN A 52 0.20 20.51 -0.06
C GLN A 52 0.88 19.68 1.03
N ASP A 53 0.39 18.45 1.21
CA ASP A 53 0.95 17.56 2.21
C ASP A 53 2.24 16.93 1.69
N ALA A 54 3.34 17.19 2.38
CA ALA A 54 4.63 16.66 1.98
C ALA A 54 4.88 15.29 2.61
N SER A 55 4.08 14.95 3.62
CA SER A 55 4.21 13.68 4.31
C SER A 55 3.90 12.51 3.38
N THR A 56 2.69 12.51 2.83
CA THR A 56 2.26 11.46 1.93
C THR A 56 3.05 11.49 0.63
N LYS A 57 3.42 12.69 0.20
CA LYS A 57 4.19 12.85 -1.02
C LYS A 57 5.57 12.22 -0.88
N LYS A 58 6.18 12.40 0.29
CA LYS A 58 7.49 11.82 0.56
C LYS A 58 7.37 10.30 0.62
N LEU A 59 6.30 9.82 1.23
CA LEU A 59 6.05 8.39 1.35
C LEU A 59 5.92 7.78 -0.04
N SER A 60 5.15 8.43 -0.89
CA SER A 60 4.96 7.97 -2.26
C SER A 60 6.28 8.04 -3.02
N GLU A 61 7.09 9.04 -2.70
CA GLU A 61 8.39 9.23 -3.35
C GLU A 61 9.32 8.05 -3.04
N CYS A 62 9.55 7.81 -1.75
CA CYS A 62 10.42 6.72 -1.32
C CYS A 62 9.89 5.36 -1.76
N LEU A 63 8.59 5.16 -1.64
CA LEU A 63 7.98 3.90 -2.06
C LEU A 63 8.15 3.68 -3.55
N LYS A 64 7.99 4.74 -4.32
CA LYS A 64 8.12 4.67 -5.76
C LYS A 64 9.57 4.36 -6.17
N ARG A 65 10.51 5.10 -5.59
CA ARG A 65 11.92 4.90 -5.92
C ARG A 65 12.43 3.52 -5.51
N ILE A 66 11.89 2.98 -4.42
CA ILE A 66 12.29 1.65 -3.96
C ILE A 66 11.59 0.58 -4.80
N GLY A 67 10.28 0.79 -5.03
CA GLY A 67 9.51 -0.15 -5.82
C GLY A 67 9.99 -0.25 -7.25
N ASP A 68 10.33 0.89 -7.84
CA ASP A 68 10.81 0.92 -9.22
C ASP A 68 12.16 0.23 -9.35
N GLU A 69 12.94 0.24 -8.26
CA GLU A 69 14.24 -0.41 -8.24
C GLU A 69 14.05 -1.92 -8.12
N LEU A 70 12.92 -2.31 -7.53
CA LEU A 70 12.60 -3.72 -7.36
C LEU A 70 12.08 -4.32 -8.67
N ASP A 71 12.21 -3.56 -9.74
CA ASP A 71 11.78 -4.00 -11.06
C ASP A 71 13.00 -4.29 -11.92
N SER A 72 14.18 -3.88 -11.43
CA SER A 72 15.43 -4.10 -12.14
C SER A 72 15.79 -5.57 -12.16
N ASN A 73 15.46 -6.27 -11.08
CA ASN A 73 15.74 -7.70 -10.97
C ASN A 73 14.83 -8.51 -11.88
N MET A 74 15.35 -8.89 -13.04
CA MET A 74 14.59 -9.64 -14.02
C MET A 74 14.14 -11.01 -13.50
N GLU A 75 14.96 -11.61 -12.65
CA GLU A 75 14.65 -12.92 -12.08
C GLU A 75 13.37 -12.86 -11.25
N LEU A 76 13.27 -11.86 -10.39
CA LEU A 76 12.10 -11.69 -9.54
C LEU A 76 10.90 -11.20 -10.36
N GLN A 77 11.16 -10.27 -11.27
CA GLN A 77 10.12 -9.71 -12.13
C GLN A 77 9.46 -10.81 -12.97
N ARG A 78 10.28 -11.72 -13.48
CA ARG A 78 9.79 -12.83 -14.29
C ARG A 78 8.97 -13.79 -13.45
N MET A 79 9.35 -13.93 -12.17
CA MET A 79 8.65 -14.82 -11.26
C MET A 79 7.23 -14.33 -11.01
N ILE A 80 7.05 -13.02 -11.02
CA ILE A 80 5.74 -12.42 -10.81
C ILE A 80 4.82 -12.76 -11.99
N ALA A 81 5.42 -12.95 -13.15
CA ALA A 81 4.68 -13.26 -14.37
C ALA A 81 4.37 -14.76 -14.45
N ALA A 82 4.77 -15.50 -13.42
CA ALA A 82 4.53 -16.92 -13.36
C ALA A 82 3.44 -17.25 -12.35
N VAL A 83 2.75 -16.21 -11.87
CA VAL A 83 1.69 -16.40 -10.90
C VAL A 83 0.34 -16.58 -11.60
N ASP A 84 -0.42 -17.56 -11.13
CA ASP A 84 -1.73 -17.84 -11.70
C ASP A 84 -2.74 -16.82 -11.20
N THR A 85 -3.10 -15.87 -12.06
CA THR A 85 -4.06 -14.84 -11.68
C THR A 85 -5.48 -15.38 -11.76
N ASP A 86 -5.74 -16.41 -10.98
CA ASP A 86 -7.05 -17.04 -10.95
C ASP A 86 -7.95 -16.41 -9.89
N SER A 87 -7.68 -16.72 -8.63
CA SER A 87 -8.45 -16.19 -7.52
C SER A 87 -7.69 -15.05 -6.82
N PRO A 88 -8.09 -13.80 -7.09
CA PRO A 88 -7.44 -12.62 -6.52
C PRO A 88 -7.52 -12.56 -5.00
N ARG A 89 -8.73 -12.73 -4.45
CA ARG A 89 -8.91 -12.69 -3.00
C ARG A 89 -8.08 -13.74 -2.29
N GLU A 90 -8.16 -14.97 -2.78
CA GLU A 90 -7.41 -16.09 -2.20
C GLU A 90 -5.91 -15.83 -2.13
N VAL A 91 -5.32 -15.45 -3.25
CA VAL A 91 -3.88 -15.17 -3.32
C VAL A 91 -3.50 -14.02 -2.40
N PHE A 92 -4.26 -12.93 -2.48
CA PHE A 92 -3.99 -11.75 -1.66
C PHE A 92 -4.16 -12.07 -0.18
N PHE A 93 -5.20 -12.80 0.16
CA PHE A 93 -5.47 -13.18 1.54
C PHE A 93 -4.35 -14.08 2.07
N ARG A 94 -3.88 -14.98 1.22
CA ARG A 94 -2.82 -15.89 1.60
C ARG A 94 -1.54 -15.13 1.94
N VAL A 95 -1.03 -14.35 1.01
CA VAL A 95 0.20 -13.59 1.23
C VAL A 95 0.08 -12.63 2.41
N ALA A 96 -1.13 -12.16 2.68
CA ALA A 96 -1.36 -11.25 3.79
C ALA A 96 -1.23 -11.99 5.12
N ALA A 97 -1.73 -13.22 5.15
CA ALA A 97 -1.69 -14.04 6.34
C ALA A 97 -0.37 -14.80 6.47
N ASP A 98 0.19 -15.19 5.33
CA ASP A 98 1.45 -15.94 5.29
C ASP A 98 2.56 -15.20 6.02
N MET A 99 2.66 -13.90 5.79
CA MET A 99 3.67 -13.07 6.44
C MET A 99 3.24 -12.68 7.85
N PHE A 100 2.13 -13.23 8.30
CA PHE A 100 1.60 -12.93 9.63
C PHE A 100 1.63 -14.19 10.51
N SER A 101 1.78 -15.35 9.86
CA SER A 101 1.81 -16.63 10.57
C SER A 101 2.96 -16.70 11.59
N ASP A 102 4.03 -15.97 11.33
CA ASP A 102 5.18 -15.98 12.22
C ASP A 102 4.98 -15.00 13.38
N GLY A 103 4.02 -14.11 13.24
CA GLY A 103 3.73 -13.13 14.29
C GLY A 103 4.87 -12.15 14.53
N ASN A 104 5.79 -12.08 13.58
CA ASN A 104 6.93 -11.18 13.71
C ASN A 104 6.77 -9.95 12.83
N PHE A 105 6.85 -8.78 13.43
CA PHE A 105 6.73 -7.53 12.71
C PHE A 105 8.10 -7.00 12.30
N ASN A 106 8.64 -7.58 11.24
CA ASN A 106 9.95 -7.18 10.73
C ASN A 106 9.89 -5.92 9.86
N TRP A 107 8.69 -5.35 9.75
CA TRP A 107 8.47 -4.13 8.94
C TRP A 107 8.54 -4.40 7.43
N GLY A 108 9.51 -5.19 7.00
CA GLY A 108 9.67 -5.52 5.60
C GLY A 108 8.43 -6.14 4.98
N ARG A 109 7.69 -6.89 5.80
CA ARG A 109 6.47 -7.54 5.34
C ARG A 109 5.38 -6.53 4.96
N VAL A 110 5.59 -5.27 5.32
CA VAL A 110 4.64 -4.22 5.00
C VAL A 110 4.95 -3.64 3.62
N VAL A 111 6.20 -3.24 3.41
CA VAL A 111 6.62 -2.68 2.13
C VAL A 111 6.52 -3.73 1.03
N ALA A 112 6.80 -4.98 1.38
CA ALA A 112 6.73 -6.08 0.41
C ALA A 112 5.30 -6.24 -0.09
N LEU A 113 4.35 -6.07 0.82
CA LEU A 113 2.94 -6.19 0.49
C LEU A 113 2.52 -5.07 -0.47
N PHE A 114 3.08 -3.88 -0.25
CA PHE A 114 2.79 -2.72 -1.09
C PHE A 114 3.23 -2.98 -2.52
N TYR A 115 4.42 -3.57 -2.68
CA TYR A 115 4.95 -3.88 -4.01
C TYR A 115 4.10 -4.94 -4.70
N PHE A 116 3.64 -5.91 -3.92
CA PHE A 116 2.80 -6.97 -4.45
C PHE A 116 1.45 -6.41 -4.91
N ALA A 117 0.87 -5.56 -4.07
CA ALA A 117 -0.42 -4.94 -4.38
C ALA A 117 -0.34 -4.05 -5.62
N SER A 118 0.69 -3.23 -5.69
CA SER A 118 0.87 -2.33 -6.83
C SER A 118 1.06 -3.10 -8.13
N LYS A 119 1.74 -4.23 -8.05
CA LYS A 119 1.97 -5.07 -9.22
C LYS A 119 0.63 -5.61 -9.74
N LEU A 120 -0.23 -6.00 -8.81
CA LEU A 120 -1.54 -6.53 -9.17
C LEU A 120 -2.41 -5.42 -9.75
N VAL A 121 -2.35 -4.25 -9.13
CA VAL A 121 -3.12 -3.10 -9.60
C VAL A 121 -2.69 -2.72 -11.02
N LEU A 122 -1.39 -2.72 -11.26
CA LEU A 122 -0.84 -2.41 -12.57
C LEU A 122 -1.32 -3.40 -13.61
N LYS A 123 -1.41 -4.67 -13.21
CA LYS A 123 -1.87 -5.73 -14.09
C LYS A 123 -3.33 -5.51 -14.46
N ALA A 124 -4.15 -5.24 -13.44
CA ALA A 124 -5.57 -5.01 -13.64
C ALA A 124 -5.81 -3.75 -14.47
N LEU A 125 -4.92 -2.78 -14.32
CA LEU A 125 -5.01 -1.54 -15.07
C LEU A 125 -4.81 -1.81 -16.55
N CYS A 126 -3.93 -2.76 -16.86
CA CYS A 126 -3.65 -3.14 -18.24
C CYS A 126 -4.83 -3.90 -18.83
N THR A 127 -5.69 -4.42 -17.97
CA THR A 127 -6.86 -5.15 -18.40
C THR A 127 -8.03 -4.18 -18.62
N LYS A 128 -7.75 -2.90 -18.31
CA LYS A 128 -8.72 -1.82 -18.46
C LYS A 128 -9.99 -2.06 -17.63
N VAL A 129 -9.82 -2.60 -16.44
CA VAL A 129 -10.94 -2.87 -15.54
C VAL A 129 -10.79 -2.11 -14.21
N PRO A 130 -11.32 -0.88 -14.16
CA PRO A 130 -11.26 -0.02 -12.96
C PRO A 130 -11.95 -0.61 -11.74
N GLU A 131 -13.01 -1.41 -11.98
CA GLU A 131 -13.75 -2.03 -10.88
C GLU A 131 -12.84 -2.89 -10.03
N LEU A 132 -12.02 -3.72 -10.68
CA LEU A 132 -11.08 -4.60 -9.99
C LEU A 132 -10.11 -3.80 -9.14
N ILE A 133 -9.72 -2.63 -9.63
CA ILE A 133 -8.81 -1.76 -8.91
C ILE A 133 -9.40 -1.37 -7.57
N ARG A 134 -10.68 -1.01 -7.58
CA ARG A 134 -11.37 -0.62 -6.36
C ARG A 134 -11.59 -1.83 -5.44
N THR A 135 -11.83 -2.98 -6.05
CA THR A 135 -12.04 -4.21 -5.28
C THR A 135 -10.76 -4.60 -4.55
N ILE A 136 -9.63 -4.56 -5.25
CA ILE A 136 -8.35 -4.88 -4.66
C ILE A 136 -8.05 -3.93 -3.51
N MET A 137 -8.33 -2.65 -3.72
CA MET A 137 -8.12 -1.63 -2.69
C MET A 137 -8.96 -1.95 -1.46
N GLY A 138 -10.21 -2.35 -1.69
CA GLY A 138 -11.09 -2.69 -0.59
C GLY A 138 -10.56 -3.86 0.21
N TRP A 139 -9.92 -4.80 -0.49
CA TRP A 139 -9.33 -5.97 0.15
C TRP A 139 -8.06 -5.60 0.92
N THR A 140 -7.35 -4.60 0.40
CA THR A 140 -6.13 -4.13 1.04
C THR A 140 -6.48 -3.40 2.33
N LEU A 141 -7.52 -2.57 2.25
CA LEU A 141 -7.98 -1.83 3.41
C LEU A 141 -8.62 -2.78 4.42
N ASP A 142 -9.15 -3.88 3.91
CA ASP A 142 -9.80 -4.90 4.72
C ASP A 142 -8.85 -5.40 5.79
N PHE A 143 -7.76 -6.02 5.36
CA PHE A 143 -6.75 -6.55 6.28
C PHE A 143 -6.15 -5.45 7.14
N LEU A 144 -6.14 -4.23 6.60
CA LEU A 144 -5.61 -3.08 7.32
C LEU A 144 -6.44 -2.78 8.57
N ARG A 145 -7.76 -2.63 8.39
CA ARG A 145 -8.64 -2.34 9.52
C ARG A 145 -8.83 -3.57 10.40
N GLU A 146 -8.58 -4.75 9.85
CA GLU A 146 -8.73 -5.99 10.60
C GLU A 146 -7.76 -6.08 11.76
N ARG A 147 -6.46 -5.94 11.48
CA ARG A 147 -5.45 -6.03 12.53
C ARG A 147 -4.34 -4.99 12.43
N LEU A 148 -3.92 -4.68 11.20
CA LEU A 148 -2.84 -3.71 10.97
C LEU A 148 -3.07 -2.37 11.65
N LEU A 149 -4.31 -1.89 11.62
CA LEU A 149 -4.67 -0.60 12.21
C LEU A 149 -4.23 -0.47 13.67
N GLY A 150 -4.39 -1.56 14.44
CA GLY A 150 -4.00 -1.54 15.83
C GLY A 150 -2.51 -1.34 16.03
N TRP A 151 -1.72 -2.08 15.27
CA TRP A 151 -0.26 -2.01 15.34
C TRP A 151 0.25 -0.65 14.91
N ILE A 152 -0.46 -0.02 13.98
CA ILE A 152 -0.07 1.29 13.47
C ILE A 152 -0.52 2.40 14.43
N GLN A 153 -1.61 2.16 15.14
CA GLN A 153 -2.14 3.16 16.06
C GLN A 153 -1.28 3.31 17.32
N ASP A 154 -0.94 2.20 17.96
CA ASP A 154 -0.15 2.25 19.20
C ASP A 154 1.25 2.80 19.00
N GLN A 155 1.80 2.67 17.79
CA GLN A 155 3.15 3.17 17.52
C GLN A 155 3.17 4.69 17.34
N GLY A 156 2.00 5.29 17.18
CA GLY A 156 1.92 6.72 17.01
C GLY A 156 1.65 7.15 15.59
N GLY A 157 1.05 6.25 14.81
CA GLY A 157 0.73 6.54 13.43
C GLY A 157 1.74 5.95 12.48
N TRP A 158 2.21 6.77 11.55
CA TRP A 158 3.18 6.32 10.55
C TRP A 158 4.59 6.68 10.99
N ASP A 159 4.73 6.98 12.28
CA ASP A 159 6.01 7.34 12.87
C ASP A 159 7.03 6.23 12.68
N GLY A 160 6.60 4.99 12.90
CA GLY A 160 7.47 3.85 12.74
C GLY A 160 7.88 3.65 11.29
N LEU A 161 6.95 3.91 10.38
CA LEU A 161 7.22 3.75 8.96
C LEU A 161 8.26 4.77 8.50
N LEU A 162 8.13 6.00 8.97
CA LEU A 162 9.06 7.06 8.63
C LEU A 162 10.44 6.78 9.21
N SER A 163 10.47 6.13 10.36
CA SER A 163 11.71 5.78 11.04
C SER A 163 12.37 4.56 10.39
N TYR A 164 11.55 3.67 9.84
CA TYR A 164 12.04 2.46 9.20
C TYR A 164 12.86 2.79 7.97
N PHE A 165 12.44 3.81 7.24
CA PHE A 165 13.13 4.24 6.03
C PHE A 165 14.51 4.79 6.35
N GLY A 166 15.53 4.04 5.95
CA GLY A 166 16.90 4.44 6.19
C GLY A 166 17.65 4.57 4.88
N THR A 167 18.91 4.98 4.95
CA THR A 167 19.72 5.14 3.75
C THR A 167 20.91 4.16 3.70
N PRO A 168 21.79 4.13 4.73
CA PRO A 168 22.93 3.22 4.74
C PRO A 168 22.48 1.77 4.92
N THR A 169 23.15 0.85 4.24
CA THR A 169 22.82 -0.58 4.31
C THR A 169 21.44 -0.86 3.71
N TRP A 170 21.07 -0.04 2.72
CA TRP A 170 19.79 -0.16 2.04
C TRP A 170 19.73 -1.40 1.15
N GLN A 171 20.90 -1.84 0.66
CA GLN A 171 20.97 -2.99 -0.21
C GLN A 171 20.40 -4.24 0.47
N THR A 172 20.74 -4.40 1.74
CA THR A 172 20.26 -5.53 2.52
C THR A 172 18.74 -5.49 2.64
N VAL A 173 18.19 -4.28 2.68
CA VAL A 173 16.74 -4.10 2.78
C VAL A 173 16.07 -4.61 1.50
N THR A 174 16.62 -4.20 0.36
CA THR A 174 16.11 -4.62 -0.93
C THR A 174 16.12 -6.14 -1.04
N ILE A 175 17.22 -6.75 -0.61
CA ILE A 175 17.35 -8.21 -0.65
C ILE A 175 16.33 -8.85 0.29
N PHE A 176 16.15 -8.26 1.47
CA PHE A 176 15.21 -8.77 2.45
C PHE A 176 13.79 -8.78 1.90
N VAL A 177 13.39 -7.67 1.28
CA VAL A 177 12.06 -7.54 0.70
C VAL A 177 11.84 -8.61 -0.37
N ALA A 178 12.84 -8.77 -1.24
CA ALA A 178 12.78 -9.75 -2.30
C ALA A 178 12.69 -11.16 -1.73
N GLY A 179 13.46 -11.41 -0.69
CA GLY A 179 13.46 -12.73 -0.05
C GLY A 179 12.11 -13.10 0.51
N VAL A 180 11.43 -12.15 1.15
CA VAL A 180 10.12 -12.38 1.72
C VAL A 180 9.12 -12.74 0.61
N LEU A 181 9.14 -11.97 -0.46
CA LEU A 181 8.25 -12.20 -1.59
C LEU A 181 8.54 -13.54 -2.25
N THR A 182 9.83 -13.86 -2.39
CA THR A 182 10.26 -15.11 -2.99
C THR A 182 9.73 -16.30 -2.21
N ALA A 183 9.74 -16.20 -0.89
CA ALA A 183 9.26 -17.27 -0.03
C ALA A 183 7.80 -17.59 -0.33
N SER A 184 6.93 -16.60 -0.24
CA SER A 184 5.51 -16.77 -0.50
C SER A 184 5.26 -17.25 -1.94
N LEU A 185 6.03 -16.74 -2.88
CA LEU A 185 5.90 -17.11 -4.28
C LEU A 185 6.24 -18.59 -4.48
N THR A 186 7.27 -19.05 -3.80
CA THR A 186 7.70 -20.45 -3.91
C THR A 186 6.67 -21.36 -3.25
N ILE A 187 5.99 -20.85 -2.24
CA ILE A 187 4.97 -21.61 -1.54
C ILE A 187 3.73 -21.78 -2.42
N TRP A 188 3.34 -20.70 -3.09
CA TRP A 188 2.18 -20.72 -3.97
C TRP A 188 2.41 -21.63 -5.19
N LYS A 189 3.51 -21.38 -5.90
CA LYS A 189 3.84 -22.18 -7.08
C LYS A 189 4.60 -23.44 -6.69
N LYS A 190 3.92 -24.32 -5.99
CA LYS A 190 4.50 -25.58 -5.55
C LYS A 190 4.45 -26.64 -6.66
N MET A 191 5.06 -26.31 -7.79
CA MET A 191 5.10 -27.20 -8.95
C MET A 191 3.69 -27.43 -9.49
N GLY A 192 2.86 -26.42 -9.38
CA GLY A 192 1.50 -26.51 -9.85
C GLY A 192 0.56 -25.79 -8.90
N GLU B 1 -12.87 -8.72 6.69
CA GLU B 1 -13.55 -9.69 5.80
C GLU B 1 -14.39 -8.96 4.76
N ILE B 2 -15.04 -9.71 3.87
CA ILE B 2 -15.88 -9.14 2.80
C ILE B 2 -16.82 -8.05 3.31
N TRP B 3 -17.54 -8.34 4.39
CA TRP B 3 -18.48 -7.39 4.97
C TRP B 3 -17.78 -6.09 5.38
N ILE B 4 -16.56 -6.22 5.89
CA ILE B 4 -15.78 -5.06 6.34
C ILE B 4 -15.20 -4.32 5.14
N ALA B 5 -14.72 -5.07 4.15
CA ALA B 5 -14.14 -4.50 2.94
C ALA B 5 -15.17 -3.63 2.21
N GLN B 6 -16.44 -3.97 2.36
CA GLN B 6 -17.52 -3.22 1.75
C GLN B 6 -17.54 -1.78 2.28
N GLU B 7 -17.35 -1.66 3.58
CA GLU B 7 -17.33 -0.34 4.23
C GLU B 7 -16.01 0.35 3.90
N LEU B 8 -14.93 -0.43 3.91
CA LEU B 8 -13.60 0.09 3.63
C LEU B 8 -13.47 0.64 2.22
N ARG B 9 -14.07 -0.03 1.25
CA ARG B 9 -14.03 0.43 -0.13
C ARG B 9 -14.67 1.81 -0.21
N ARG B 10 -15.71 2.01 0.60
CA ARG B 10 -16.41 3.29 0.65
C ARG B 10 -15.48 4.36 1.20
N ILE B 11 -14.73 4.02 2.25
CA ILE B 11 -13.80 4.96 2.86
C ILE B 11 -12.74 5.35 1.85
N GLY B 12 -12.28 4.38 1.07
CA GLY B 12 -11.28 4.64 0.06
C GLY B 12 -11.79 5.58 -1.01
N ASP B 13 -13.04 5.39 -1.41
CA ASP B 13 -13.68 6.22 -2.42
C ASP B 13 -14.02 7.60 -1.86
N GLU B 14 -14.35 7.63 -0.58
CA GLU B 14 -14.70 8.86 0.12
C GLU B 14 -13.56 9.85 0.04
N PHE B 15 -12.34 9.36 0.22
CA PHE B 15 -11.16 10.21 0.15
C PHE B 15 -10.70 10.37 -1.29
N ASN B 16 -11.08 9.41 -2.13
CA ASN B 16 -10.71 9.43 -3.54
C ASN B 16 -11.37 10.60 -4.25
N ALA B 17 -12.66 10.78 -4.01
CA ALA B 17 -13.43 11.86 -4.61
C ALA B 17 -13.05 13.22 -4.05
N TYR B 18 -12.35 13.22 -2.92
CA TYR B 18 -11.92 14.46 -2.28
C TYR B 18 -10.63 14.97 -2.91
N TYR B 19 -9.90 14.10 -3.59
CA TYR B 19 -8.65 14.48 -4.23
C TYR B 19 -8.76 14.43 -5.76
N ALA B 20 -9.29 13.35 -6.28
CA ALA B 20 -9.43 13.20 -7.72
C ALA B 20 -10.90 13.02 -8.09
#